data_2DAW
#
_entry.id   2DAW
#
_entity_poly.entity_id   1
_entity_poly.type   'polypeptide(L)'
_entity_poly.pdbx_seq_one_letter_code
;GSSGSSGMSASVKESLQLQLLEMEMLFSMFPNQGEVKLEDVNALTNIKRYLEGTREALPPKIEFVITLQIEEPKVKIDLQ
VTMPHSYPYLALQLFGRSSELDRHQQLLLNKGLTSYIGTFDPGELCVCAAIQWLQDNSASYFLNRKLVSGPSSG
;
_entity_poly.pdbx_strand_id   A
#
# COMPACT_ATOMS: atom_id res chain seq x y z
N GLY A 1 -12.89 -29.26 -8.89
CA GLY A 1 -13.70 -30.30 -8.29
C GLY A 1 -14.48 -29.81 -7.09
N SER A 2 -14.98 -30.74 -6.28
CA SER A 2 -15.75 -30.40 -5.09
C SER A 2 -15.64 -31.49 -4.03
N SER A 3 -15.69 -31.08 -2.77
CA SER A 3 -15.59 -32.02 -1.66
C SER A 3 -16.91 -32.10 -0.89
N GLY A 4 -16.98 -33.04 0.04
CA GLY A 4 -18.19 -33.19 0.83
C GLY A 4 -18.39 -32.07 1.84
N SER A 5 -17.35 -31.80 2.64
CA SER A 5 -17.42 -30.75 3.64
C SER A 5 -16.27 -29.76 3.47
N SER A 6 -16.38 -28.60 4.12
CA SER A 6 -15.35 -27.58 4.03
C SER A 6 -15.68 -26.41 4.95
N GLY A 7 -14.69 -26.00 5.75
CA GLY A 7 -14.89 -24.89 6.67
C GLY A 7 -14.90 -23.55 5.97
N MET A 8 -14.06 -22.63 6.43
CA MET A 8 -13.97 -21.30 5.85
C MET A 8 -12.59 -21.05 5.26
N SER A 9 -12.55 -20.72 3.98
CA SER A 9 -11.28 -20.45 3.30
C SER A 9 -11.54 -19.89 1.90
N ALA A 10 -10.49 -19.31 1.31
CA ALA A 10 -10.59 -18.72 -0.03
C ALA A 10 -9.43 -19.18 -0.90
N SER A 11 -9.68 -19.28 -2.20
CA SER A 11 -8.65 -19.70 -3.15
C SER A 11 -7.82 -18.51 -3.61
N VAL A 12 -6.50 -18.62 -3.45
CA VAL A 12 -5.59 -17.56 -3.84
C VAL A 12 -6.06 -16.88 -5.13
N LYS A 13 -6.53 -17.69 -6.07
CA LYS A 13 -7.02 -17.16 -7.34
C LYS A 13 -7.73 -15.83 -7.16
N GLU A 14 -8.80 -15.84 -6.36
CA GLU A 14 -9.56 -14.62 -6.09
C GLU A 14 -8.64 -13.50 -5.60
N SER A 15 -7.97 -13.76 -4.48
CA SER A 15 -7.07 -12.77 -3.89
C SER A 15 -6.26 -12.06 -4.97
N LEU A 16 -5.46 -12.82 -5.70
CA LEU A 16 -4.63 -12.26 -6.76
C LEU A 16 -5.46 -11.39 -7.69
N GLN A 17 -6.66 -11.86 -8.03
CA GLN A 17 -7.56 -11.12 -8.91
C GLN A 17 -7.81 -9.72 -8.38
N LEU A 18 -8.14 -9.63 -7.09
CA LEU A 18 -8.40 -8.34 -6.45
C LEU A 18 -7.12 -7.53 -6.31
N GLN A 19 -5.98 -8.20 -6.40
CA GLN A 19 -4.69 -7.54 -6.28
C GLN A 19 -4.28 -6.91 -7.61
N LEU A 20 -4.88 -7.38 -8.70
CA LEU A 20 -4.58 -6.86 -10.03
C LEU A 20 -5.53 -5.75 -10.41
N LEU A 21 -6.80 -5.88 -10.01
CA LEU A 21 -7.82 -4.88 -10.31
C LEU A 21 -7.51 -3.57 -9.59
N GLU A 22 -7.07 -3.68 -8.34
CA GLU A 22 -6.75 -2.49 -7.54
C GLU A 22 -5.64 -1.67 -8.21
N MET A 23 -4.84 -2.33 -9.04
CA MET A 23 -3.75 -1.67 -9.75
C MET A 23 -4.29 -0.59 -10.67
N GLU A 24 -5.35 -0.93 -11.41
CA GLU A 24 -5.96 0.01 -12.35
C GLU A 24 -6.50 1.23 -11.61
N MET A 25 -6.97 1.02 -10.39
CA MET A 25 -7.51 2.10 -9.58
C MET A 25 -6.40 3.00 -9.04
N LEU A 26 -5.32 2.37 -8.57
CA LEU A 26 -4.19 3.12 -8.03
C LEU A 26 -3.55 3.99 -9.10
N PHE A 27 -3.37 3.42 -10.29
CA PHE A 27 -2.77 4.15 -11.40
C PHE A 27 -3.57 5.39 -11.74
N SER A 28 -4.89 5.28 -11.62
CA SER A 28 -5.78 6.40 -11.93
C SER A 28 -5.61 7.52 -10.91
N MET A 29 -5.59 7.15 -9.63
CA MET A 29 -5.42 8.13 -8.56
C MET A 29 -4.02 8.73 -8.58
N PHE A 30 -3.14 8.15 -9.38
CA PHE A 30 -1.77 8.63 -9.49
C PHE A 30 -1.40 8.88 -10.95
N PRO A 31 -1.66 10.11 -11.42
CA PRO A 31 -1.37 10.50 -12.81
C PRO A 31 0.13 10.62 -13.07
N ASN A 32 0.88 11.00 -12.04
CA ASN A 32 2.33 11.15 -12.16
C ASN A 32 2.99 9.80 -12.35
N GLN A 33 3.95 9.74 -13.26
CA GLN A 33 4.68 8.50 -13.53
C GLN A 33 5.64 8.16 -12.39
N GLY A 34 6.13 9.20 -11.71
CA GLY A 34 7.04 8.99 -10.60
C GLY A 34 6.33 8.80 -9.28
N GLU A 35 5.23 8.05 -9.30
CA GLU A 35 4.45 7.80 -8.10
C GLU A 35 4.55 6.34 -7.69
N VAL A 36 3.84 5.48 -8.42
CA VAL A 36 3.86 4.05 -8.13
C VAL A 36 5.06 3.37 -8.76
N LYS A 37 5.97 2.89 -7.92
CA LYS A 37 7.17 2.21 -8.38
C LYS A 37 7.04 0.70 -8.23
N LEU A 38 6.77 0.02 -9.33
CA LEU A 38 6.62 -1.44 -9.31
C LEU A 38 7.96 -2.12 -9.55
N GLU A 39 8.38 -2.93 -8.58
CA GLU A 39 9.65 -3.65 -8.68
C GLU A 39 9.81 -4.26 -10.07
N ASP A 40 8.71 -4.67 -10.67
CA ASP A 40 8.74 -5.27 -12.00
C ASP A 40 7.37 -5.17 -12.66
N VAL A 41 7.33 -4.57 -13.84
CA VAL A 41 6.09 -4.41 -14.58
C VAL A 41 5.50 -5.75 -14.98
N ASN A 42 6.33 -6.80 -14.91
CA ASN A 42 5.91 -8.14 -15.27
C ASN A 42 5.37 -8.89 -14.04
N ALA A 43 5.29 -8.18 -12.92
CA ALA A 43 4.81 -8.77 -11.68
C ALA A 43 3.31 -9.07 -11.76
N LEU A 44 2.61 -8.31 -12.60
CA LEU A 44 1.17 -8.49 -12.76
C LEU A 44 0.88 -9.59 -13.77
N THR A 45 1.72 -9.69 -14.80
CA THR A 45 1.55 -10.71 -15.83
C THR A 45 1.70 -12.11 -15.26
N ASN A 46 2.89 -12.40 -14.72
CA ASN A 46 3.16 -13.71 -14.13
C ASN A 46 1.94 -14.23 -13.37
N ILE A 47 1.23 -13.32 -12.71
CA ILE A 47 0.05 -13.68 -11.95
C ILE A 47 -1.09 -14.12 -12.87
N LYS A 48 -1.50 -13.22 -13.75
CA LYS A 48 -2.57 -13.51 -14.70
C LYS A 48 -2.43 -14.92 -15.28
N ARG A 49 -1.19 -15.39 -15.35
CA ARG A 49 -0.92 -16.72 -15.88
C ARG A 49 -1.29 -17.80 -14.87
N TYR A 50 -1.02 -17.54 -13.60
CA TYR A 50 -1.33 -18.48 -12.54
C TYR A 50 -2.83 -18.74 -12.45
N LEU A 51 -3.61 -17.72 -12.78
CA LEU A 51 -5.08 -17.82 -12.74
C LEU A 51 -5.57 -18.89 -13.73
N GLU A 52 -4.85 -19.03 -14.84
CA GLU A 52 -5.21 -20.00 -15.86
C GLU A 52 -4.92 -21.42 -15.38
N GLY A 53 -3.91 -21.56 -14.53
CA GLY A 53 -3.54 -22.87 -14.01
C GLY A 53 -2.36 -23.47 -14.74
N THR A 54 -1.92 -22.81 -15.81
CA THR A 54 -0.79 -23.28 -16.59
C THR A 54 0.50 -23.22 -15.79
N ARG A 55 0.63 -22.19 -14.96
CA ARG A 55 1.82 -22.02 -14.13
C ARG A 55 1.56 -22.46 -12.70
N GLU A 56 1.91 -23.70 -12.39
CA GLU A 56 1.71 -24.24 -11.06
C GLU A 56 2.51 -23.47 -10.02
N ALA A 57 3.66 -22.94 -10.46
CA ALA A 57 4.54 -22.17 -9.58
C ALA A 57 3.87 -20.86 -9.15
N LEU A 58 3.82 -20.64 -7.84
CA LEU A 58 3.22 -19.42 -7.30
C LEU A 58 3.98 -18.18 -7.75
N PRO A 59 3.28 -17.27 -8.45
CA PRO A 59 3.87 -16.02 -8.94
C PRO A 59 4.21 -15.05 -7.82
N PRO A 60 5.09 -14.09 -8.11
CA PRO A 60 5.51 -13.07 -7.14
C PRO A 60 4.40 -12.09 -6.81
N LYS A 61 4.17 -11.87 -5.52
CA LYS A 61 3.14 -10.95 -5.07
C LYS A 61 3.34 -9.57 -5.67
N ILE A 62 2.35 -8.69 -5.48
CA ILE A 62 2.42 -7.34 -6.00
C ILE A 62 2.93 -6.37 -4.95
N GLU A 63 4.24 -6.14 -4.95
CA GLU A 63 4.86 -5.23 -3.99
C GLU A 63 5.42 -3.99 -4.68
N PHE A 64 5.11 -2.82 -4.13
CA PHE A 64 5.57 -1.56 -4.70
C PHE A 64 5.59 -0.46 -3.65
N VAL A 65 6.08 0.71 -4.03
CA VAL A 65 6.16 1.85 -3.12
C VAL A 65 5.39 3.04 -3.67
N ILE A 66 4.46 3.55 -2.87
CA ILE A 66 3.66 4.70 -3.28
C ILE A 66 4.08 5.97 -2.53
N THR A 67 4.32 7.03 -3.27
CA THR A 67 4.74 8.30 -2.68
C THR A 67 3.53 9.16 -2.31
N LEU A 68 3.47 9.60 -1.06
CA LEU A 68 2.36 10.43 -0.59
C LEU A 68 2.65 11.91 -0.85
N GLN A 69 2.02 12.45 -1.88
CA GLN A 69 2.20 13.85 -2.24
C GLN A 69 1.37 14.76 -1.33
N ILE A 70 1.81 14.89 -0.09
CA ILE A 70 1.11 15.73 0.89
C ILE A 70 1.01 17.17 0.40
N GLU A 71 -0.21 17.67 0.29
CA GLU A 71 -0.44 19.04 -0.16
C GLU A 71 0.04 20.04 0.88
N GLU A 72 -0.16 19.72 2.16
CA GLU A 72 0.26 20.58 3.24
C GLU A 72 0.26 19.83 4.57
N PRO A 73 1.42 19.85 5.25
CA PRO A 73 2.62 20.56 4.77
C PRO A 73 3.23 19.88 3.55
N LYS A 74 3.58 20.68 2.55
CA LYS A 74 4.18 20.15 1.33
C LYS A 74 5.39 19.28 1.65
N VAL A 75 5.15 17.98 1.83
CA VAL A 75 6.22 17.03 2.13
C VAL A 75 6.03 15.73 1.38
N LYS A 76 7.02 14.84 1.49
CA LYS A 76 6.96 13.55 0.82
C LYS A 76 7.13 12.41 1.81
N ILE A 77 6.24 11.44 1.76
CA ILE A 77 6.30 10.28 2.66
C ILE A 77 6.28 8.98 1.87
N ASP A 78 7.42 8.31 1.81
CA ASP A 78 7.53 7.04 1.10
C ASP A 78 6.71 5.96 1.79
N LEU A 79 5.72 5.43 1.07
CA LEU A 79 4.86 4.38 1.62
C LEU A 79 5.13 3.04 0.94
N GLN A 80 5.70 2.11 1.70
CA GLN A 80 6.01 0.79 1.17
C GLN A 80 4.83 -0.17 1.37
N VAL A 81 4.09 -0.42 0.30
CA VAL A 81 2.94 -1.31 0.36
C VAL A 81 3.31 -2.71 -0.12
N THR A 82 2.82 -3.72 0.61
CA THR A 82 3.11 -5.11 0.26
C THR A 82 1.86 -5.96 0.37
N MET A 83 1.33 -6.38 -0.77
CA MET A 83 0.13 -7.21 -0.80
C MET A 83 0.48 -8.66 -1.14
N PRO A 84 0.51 -9.51 -0.10
CA PRO A 84 0.83 -10.93 -0.27
C PRO A 84 -0.28 -11.70 -1.00
N HIS A 85 -0.15 -13.02 -1.03
CA HIS A 85 -1.14 -13.87 -1.70
C HIS A 85 -2.39 -14.01 -0.85
N SER A 86 -2.42 -13.30 0.28
CA SER A 86 -3.56 -13.35 1.19
C SER A 86 -4.43 -12.11 1.03
N TYR A 87 -3.86 -10.95 1.34
CA TYR A 87 -4.59 -9.69 1.24
C TYR A 87 -5.53 -9.70 0.04
N PRO A 88 -6.64 -8.96 0.15
CA PRO A 88 -6.95 -8.18 1.36
C PRO A 88 -7.30 -9.07 2.54
N TYR A 89 -7.76 -10.28 2.26
CA TYR A 89 -8.13 -11.23 3.30
C TYR A 89 -7.23 -11.09 4.52
N LEU A 90 -5.92 -10.97 4.26
CA LEU A 90 -4.95 -10.82 5.34
C LEU A 90 -4.52 -9.37 5.49
N ALA A 91 -4.08 -9.01 6.70
CA ALA A 91 -3.64 -7.65 6.98
C ALA A 91 -2.30 -7.36 6.33
N LEU A 92 -2.33 -6.67 5.19
CA LEU A 92 -1.10 -6.34 4.47
C LEU A 92 -0.12 -5.61 5.37
N GLN A 93 1.06 -5.32 4.84
CA GLN A 93 2.09 -4.63 5.60
C GLN A 93 2.51 -3.34 4.91
N LEU A 94 2.43 -2.22 5.64
CA LEU A 94 2.80 -0.93 5.09
C LEU A 94 3.89 -0.27 5.93
N PHE A 95 4.66 0.61 5.31
CA PHE A 95 5.74 1.31 5.99
C PHE A 95 5.79 2.78 5.57
N GLY A 96 5.46 3.67 6.50
CA GLY A 96 5.47 5.09 6.21
C GLY A 96 6.59 5.82 6.93
N ARG A 97 7.56 6.29 6.17
CA ARG A 97 8.70 7.01 6.75
C ARG A 97 9.15 8.14 5.83
N SER A 98 9.59 9.25 6.42
CA SER A 98 10.05 10.40 5.66
C SER A 98 11.28 11.03 6.31
N SER A 99 12.14 11.60 5.49
CA SER A 99 13.37 12.23 5.98
C SER A 99 13.06 13.19 7.13
N GLU A 100 12.01 13.98 6.97
CA GLU A 100 11.61 14.93 7.99
C GLU A 100 11.17 14.21 9.27
N LEU A 101 10.12 13.41 9.15
CA LEU A 101 9.60 12.65 10.29
C LEU A 101 10.74 12.12 11.15
N ASP A 102 10.45 11.87 12.42
CA ASP A 102 11.45 11.35 13.35
C ASP A 102 11.09 9.94 13.80
N ARG A 103 11.95 9.34 14.61
CA ARG A 103 11.72 7.98 15.11
C ARG A 103 10.41 7.91 15.89
N HIS A 104 10.31 8.72 16.94
CA HIS A 104 9.13 8.75 17.77
C HIS A 104 7.88 9.05 16.94
N GLN A 105 7.97 10.06 16.09
CA GLN A 105 6.86 10.45 15.22
C GLN A 105 6.37 9.26 14.40
N GLN A 106 7.25 8.72 13.57
CA GLN A 106 6.92 7.59 12.72
C GLN A 106 6.05 6.59 13.48
N LEU A 107 6.59 6.03 14.56
CA LEU A 107 5.87 5.06 15.36
C LEU A 107 4.39 5.44 15.49
N LEU A 108 4.14 6.65 15.95
CA LEU A 108 2.77 7.15 16.10
C LEU A 108 1.99 7.01 14.80
N LEU A 109 2.57 7.50 13.72
CA LEU A 109 1.93 7.44 12.40
C LEU A 109 1.64 5.98 12.02
N ASN A 110 2.70 5.21 11.81
CA ASN A 110 2.57 3.80 11.44
C ASN A 110 1.50 3.12 12.28
N LYS A 111 1.66 3.19 13.60
CA LYS A 111 0.71 2.57 14.53
C LYS A 111 -0.72 2.97 14.19
N GLY A 112 -0.96 4.28 14.16
CA GLY A 112 -2.29 4.78 13.85
C GLY A 112 -2.83 4.22 12.54
N LEU A 113 -1.94 3.97 11.59
CA LEU A 113 -2.32 3.44 10.30
C LEU A 113 -2.62 1.94 10.39
N THR A 114 -1.60 1.15 10.73
CA THR A 114 -1.76 -0.29 10.87
C THR A 114 -3.14 -0.64 11.42
N SER A 115 -3.52 0.02 12.51
CA SER A 115 -4.81 -0.23 13.14
C SER A 115 -5.95 0.08 12.18
N TYR A 116 -5.87 1.24 11.52
CA TYR A 116 -6.90 1.65 10.58
C TYR A 116 -7.12 0.59 9.51
N ILE A 117 -6.02 0.03 8.99
CA ILE A 117 -6.10 -1.00 7.96
C ILE A 117 -6.50 -2.34 8.56
N GLY A 118 -6.27 -2.51 9.86
CA GLY A 118 -6.62 -3.74 10.52
C GLY A 118 -8.08 -3.77 10.97
N THR A 119 -8.85 -2.80 10.49
CA THR A 119 -10.26 -2.71 10.84
C THR A 119 -11.14 -2.91 9.62
N PHE A 120 -10.56 -3.48 8.56
CA PHE A 120 -11.30 -3.72 7.32
C PHE A 120 -11.71 -5.18 7.22
N ASP A 121 -12.72 -5.44 6.40
CA ASP A 121 -13.21 -6.81 6.21
C ASP A 121 -12.43 -7.52 5.10
N PRO A 122 -12.22 -8.83 5.27
CA PRO A 122 -11.49 -9.65 4.31
C PRO A 122 -12.27 -9.84 3.01
N GLY A 123 -11.99 -8.99 2.02
CA GLY A 123 -12.67 -9.08 0.75
C GLY A 123 -12.48 -7.85 -0.11
N GLU A 124 -12.38 -6.69 0.55
CA GLU A 124 -12.20 -5.43 -0.17
C GLU A 124 -10.77 -4.93 -0.02
N LEU A 125 -10.43 -3.90 -0.79
CA LEU A 125 -9.08 -3.32 -0.74
C LEU A 125 -8.91 -2.44 0.49
N CYS A 126 -7.67 -2.29 0.93
CA CYS A 126 -7.36 -1.46 2.09
C CYS A 126 -6.34 -0.39 1.75
N VAL A 127 -5.39 -0.74 0.89
CA VAL A 127 -4.34 0.19 0.48
C VAL A 127 -4.94 1.46 -0.12
N CYS A 128 -6.12 1.33 -0.70
CA CYS A 128 -6.79 2.47 -1.32
C CYS A 128 -7.26 3.46 -0.26
N ALA A 129 -7.45 2.96 0.96
CA ALA A 129 -7.90 3.80 2.07
C ALA A 129 -6.72 4.35 2.86
N ALA A 130 -5.63 3.58 2.88
CA ALA A 130 -4.43 3.99 3.60
C ALA A 130 -3.87 5.30 3.05
N ILE A 131 -3.97 5.48 1.73
CA ILE A 131 -3.48 6.68 1.08
C ILE A 131 -4.19 7.91 1.61
N GLN A 132 -5.50 7.94 1.46
CA GLN A 132 -6.31 9.08 1.92
C GLN A 132 -6.14 9.28 3.43
N TRP A 133 -6.22 8.18 4.18
CA TRP A 133 -6.08 8.24 5.63
C TRP A 133 -4.85 9.04 6.03
N LEU A 134 -3.69 8.63 5.52
CA LEU A 134 -2.43 9.30 5.83
C LEU A 134 -2.54 10.79 5.52
N GLN A 135 -2.86 11.11 4.27
CA GLN A 135 -3.00 12.50 3.85
C GLN A 135 -3.80 13.30 4.86
N ASP A 136 -5.06 12.92 5.06
CA ASP A 136 -5.93 13.60 5.99
C ASP A 136 -5.30 13.66 7.38
N ASN A 137 -4.67 12.58 7.79
CA ASN A 137 -4.02 12.50 9.10
C ASN A 137 -2.50 12.44 8.95
N SER A 138 -1.95 13.37 8.18
CA SER A 138 -0.51 13.41 7.94
C SER A 138 0.12 14.56 8.71
N ALA A 139 -0.53 15.72 8.67
CA ALA A 139 -0.04 16.91 9.37
C ALA A 139 -0.26 16.79 10.87
N SER A 140 -1.38 16.20 11.26
CA SER A 140 -1.72 16.04 12.67
C SER A 140 -0.51 15.57 13.46
N TYR A 141 0.29 14.69 12.84
CA TYR A 141 1.48 14.15 13.49
C TYR A 141 2.62 15.17 13.46
N PHE A 142 2.96 15.64 12.27
CA PHE A 142 4.03 16.62 12.11
C PHE A 142 3.89 17.75 13.12
N LEU A 143 2.70 18.36 13.16
CA LEU A 143 2.44 19.45 14.08
C LEU A 143 3.11 19.20 15.43
N ASN A 144 4.18 19.94 15.70
CA ASN A 144 4.90 19.80 16.96
C ASN A 144 5.38 21.16 17.46
N ARG A 145 5.77 21.20 18.74
CA ARG A 145 6.25 22.44 19.34
C ARG A 145 7.77 22.48 19.36
N LYS A 146 8.36 23.13 18.35
CA LYS A 146 9.80 23.24 18.25
C LYS A 146 10.20 24.62 17.74
N LEU A 147 11.07 25.30 18.48
CA LEU A 147 11.53 26.63 18.10
C LEU A 147 12.59 26.54 17.00
N VAL A 148 12.17 26.72 15.76
CA VAL A 148 13.07 26.66 14.62
C VAL A 148 13.13 28.00 13.89
N SER A 149 12.04 28.76 13.99
CA SER A 149 11.96 30.07 13.34
C SER A 149 12.97 31.04 13.96
N GLY A 150 13.67 31.79 13.11
CA GLY A 150 14.65 32.75 13.60
C GLY A 150 15.22 33.60 12.48
N PRO A 151 15.68 34.80 12.83
CA PRO A 151 16.28 35.74 11.87
C PRO A 151 17.63 35.27 11.34
N SER A 152 18.09 35.88 10.27
CA SER A 152 19.37 35.52 9.66
C SER A 152 20.30 36.73 9.58
N SER A 153 21.58 36.47 9.39
CA SER A 153 22.57 37.53 9.30
C SER A 153 23.52 37.30 8.13
N GLY A 154 23.56 38.26 7.20
CA GLY A 154 24.43 38.13 6.04
C GLY A 154 24.47 36.71 5.51
N GLY A 1 -30.02 -26.84 -11.42
CA GLY A 1 -29.65 -27.13 -10.04
C GLY A 1 -28.30 -26.55 -9.66
N SER A 2 -28.09 -26.31 -8.38
CA SER A 2 -26.84 -25.74 -7.90
C SER A 2 -26.74 -25.87 -6.38
N SER A 3 -25.52 -26.07 -5.89
CA SER A 3 -25.28 -26.21 -4.45
C SER A 3 -24.89 -24.86 -3.84
N GLY A 4 -24.99 -23.80 -4.63
CA GLY A 4 -24.65 -22.48 -4.15
C GLY A 4 -23.22 -22.39 -3.67
N SER A 5 -23.04 -21.91 -2.45
CA SER A 5 -21.71 -21.77 -1.86
C SER A 5 -21.39 -22.94 -0.94
N SER A 6 -20.10 -23.15 -0.68
CA SER A 6 -19.67 -24.24 0.19
C SER A 6 -18.82 -23.72 1.34
N GLY A 7 -18.57 -24.58 2.32
CA GLY A 7 -17.77 -24.19 3.46
C GLY A 7 -16.31 -24.56 3.31
N MET A 8 -15.63 -23.92 2.37
CA MET A 8 -14.22 -24.18 2.12
C MET A 8 -13.43 -22.87 2.02
N SER A 9 -12.11 -23.00 1.93
CA SER A 9 -11.24 -21.83 1.83
C SER A 9 -11.19 -21.31 0.40
N ALA A 10 -11.15 -19.99 0.25
CA ALA A 10 -11.10 -19.37 -1.06
C ALA A 10 -9.77 -19.66 -1.75
N SER A 11 -9.82 -19.79 -3.08
CA SER A 11 -8.62 -20.08 -3.86
C SER A 11 -7.81 -18.81 -4.10
N VAL A 12 -6.51 -18.88 -3.81
CA VAL A 12 -5.62 -17.74 -4.00
C VAL A 12 -6.02 -16.93 -5.23
N LYS A 13 -6.36 -17.63 -6.30
CA LYS A 13 -6.77 -16.98 -7.54
C LYS A 13 -7.57 -15.71 -7.25
N GLU A 14 -8.60 -15.84 -6.43
CA GLU A 14 -9.43 -14.70 -6.07
C GLU A 14 -8.62 -13.60 -5.41
N SER A 15 -7.83 -13.99 -4.41
CA SER A 15 -7.00 -13.04 -3.69
C SER A 15 -6.12 -12.24 -4.65
N LEU A 16 -5.39 -12.96 -5.50
CA LEU A 16 -4.51 -12.33 -6.47
C LEU A 16 -5.29 -11.39 -7.39
N GLN A 17 -6.53 -11.77 -7.71
CA GLN A 17 -7.37 -10.95 -8.57
C GLN A 17 -7.59 -9.57 -7.97
N LEU A 18 -7.92 -9.53 -6.69
CA LEU A 18 -8.17 -8.27 -5.99
C LEU A 18 -6.92 -7.39 -6.01
N GLN A 19 -5.75 -8.03 -6.13
CA GLN A 19 -4.49 -7.31 -6.15
C GLN A 19 -4.22 -6.76 -7.55
N LEU A 20 -4.95 -7.24 -8.54
CA LEU A 20 -4.78 -6.79 -9.91
C LEU A 20 -5.71 -5.62 -10.21
N LEU A 21 -7.00 -5.81 -9.99
CA LEU A 21 -7.99 -4.77 -10.23
C LEU A 21 -7.61 -3.48 -9.51
N GLU A 22 -6.93 -3.61 -8.37
CA GLU A 22 -6.52 -2.46 -7.58
C GLU A 22 -5.44 -1.68 -8.32
N MET A 23 -4.65 -2.37 -9.13
CA MET A 23 -3.58 -1.72 -9.89
C MET A 23 -4.15 -0.73 -10.89
N GLU A 24 -5.15 -1.18 -11.66
CA GLU A 24 -5.78 -0.33 -12.66
C GLU A 24 -6.47 0.86 -12.01
N MET A 25 -6.82 0.71 -10.73
CA MET A 25 -7.49 1.78 -10.00
C MET A 25 -6.47 2.71 -9.36
N LEU A 26 -5.35 2.16 -8.91
CA LEU A 26 -4.30 2.94 -8.28
C LEU A 26 -3.57 3.80 -9.31
N PHE A 27 -3.23 3.20 -10.43
CA PHE A 27 -2.52 3.91 -11.49
C PHE A 27 -3.27 5.19 -11.88
N SER A 28 -4.58 5.09 -12.01
CA SER A 28 -5.41 6.24 -12.37
C SER A 28 -5.33 7.32 -11.29
N MET A 29 -5.47 6.90 -10.04
CA MET A 29 -5.42 7.82 -8.91
C MET A 29 -4.07 8.55 -8.87
N PHE A 30 -3.07 7.97 -9.52
CA PHE A 30 -1.74 8.56 -9.55
C PHE A 30 -1.34 8.93 -10.98
N PRO A 31 -1.66 10.17 -11.39
CA PRO A 31 -1.36 10.66 -12.72
C PRO A 31 0.14 10.90 -12.93
N ASN A 32 0.87 10.98 -11.81
CA ASN A 32 2.32 11.20 -11.87
C ASN A 32 3.01 10.08 -12.64
N GLN A 33 2.33 8.93 -12.77
CA GLN A 33 2.87 7.79 -13.49
C GLN A 33 4.34 7.59 -13.14
N GLY A 34 4.64 7.52 -11.84
CA GLY A 34 6.01 7.32 -11.41
C GLY A 34 6.10 7.00 -9.93
N GLU A 35 5.31 7.68 -9.11
CA GLU A 35 5.31 7.45 -7.67
C GLU A 35 5.22 5.96 -7.36
N VAL A 36 4.31 5.27 -8.05
CA VAL A 36 4.12 3.84 -7.85
C VAL A 36 5.29 3.05 -8.41
N LYS A 37 6.29 2.79 -7.56
CA LYS A 37 7.48 2.04 -7.97
C LYS A 37 7.23 0.54 -7.84
N LEU A 38 7.14 -0.14 -8.97
CA LEU A 38 6.92 -1.58 -8.97
C LEU A 38 8.23 -2.34 -9.19
N GLU A 39 8.71 -2.99 -8.13
CA GLU A 39 9.95 -3.75 -8.22
C GLU A 39 10.09 -4.43 -9.57
N ASP A 40 9.01 -5.08 -10.01
CA ASP A 40 9.01 -5.78 -11.30
C ASP A 40 7.70 -5.53 -12.04
N VAL A 41 7.82 -5.14 -13.31
CA VAL A 41 6.65 -4.87 -14.13
C VAL A 41 5.96 -6.16 -14.55
N ASN A 42 6.68 -7.28 -14.41
CA ASN A 42 6.14 -8.58 -14.78
C ASN A 42 5.39 -9.22 -13.61
N ALA A 43 5.33 -8.49 -12.49
CA ALA A 43 4.64 -8.97 -11.30
C ALA A 43 3.14 -9.06 -11.53
N LEU A 44 2.60 -8.09 -12.27
CA LEU A 44 1.17 -8.07 -12.56
C LEU A 44 0.81 -9.08 -13.64
N THR A 45 1.63 -9.14 -14.69
CA THR A 45 1.40 -10.07 -15.78
C THR A 45 1.44 -11.51 -15.30
N ASN A 46 2.47 -11.85 -14.53
CA ASN A 46 2.63 -13.20 -14.00
C ASN A 46 1.35 -13.66 -13.32
N ILE A 47 0.81 -12.81 -12.44
CA ILE A 47 -0.41 -13.13 -11.71
C ILE A 47 -1.49 -13.64 -12.66
N LYS A 48 -1.83 -12.83 -13.65
CA LYS A 48 -2.85 -13.20 -14.62
C LYS A 48 -2.66 -14.63 -15.09
N ARG A 49 -1.41 -15.03 -15.30
CA ARG A 49 -1.10 -16.38 -15.75
C ARG A 49 -1.61 -17.41 -14.75
N TYR A 50 -1.51 -17.08 -13.47
CA TYR A 50 -1.96 -17.99 -12.42
C TYR A 50 -3.44 -18.31 -12.55
N LEU A 51 -4.24 -17.27 -12.73
CA LEU A 51 -5.68 -17.42 -12.88
C LEU A 51 -6.00 -18.50 -13.92
N GLU A 52 -5.16 -18.61 -14.93
CA GLU A 52 -5.35 -19.61 -15.99
C GLU A 52 -5.00 -21.00 -15.48
N GLY A 53 -4.06 -21.07 -14.54
CA GLY A 53 -3.66 -22.35 -14.00
C GLY A 53 -2.61 -23.03 -14.84
N THR A 54 -2.45 -22.57 -16.07
CA THR A 54 -1.47 -23.15 -17.00
C THR A 54 -0.06 -23.03 -16.43
N ARG A 55 0.10 -22.21 -15.41
CA ARG A 55 1.40 -22.01 -14.78
C ARG A 55 1.33 -22.30 -13.28
N GLU A 56 1.73 -23.52 -12.90
CA GLU A 56 1.71 -23.93 -11.51
C GLU A 56 2.60 -23.02 -10.66
N ALA A 57 3.69 -22.54 -11.27
CA ALA A 57 4.63 -21.67 -10.58
C ALA A 57 3.92 -20.44 -10.01
N LEU A 58 3.97 -20.29 -8.69
CA LEU A 58 3.33 -19.16 -8.03
C LEU A 58 4.00 -17.85 -8.41
N PRO A 59 3.22 -16.90 -8.94
CA PRO A 59 3.72 -15.59 -9.35
C PRO A 59 4.13 -14.73 -8.16
N PRO A 60 5.04 -13.78 -8.40
CA PRO A 60 5.53 -12.86 -7.36
C PRO A 60 4.47 -11.87 -6.91
N LYS A 61 4.25 -11.79 -5.60
CA LYS A 61 3.26 -10.89 -5.04
C LYS A 61 3.48 -9.46 -5.55
N ILE A 62 2.41 -8.66 -5.51
CA ILE A 62 2.49 -7.28 -5.97
C ILE A 62 3.05 -6.37 -4.87
N GLU A 63 4.31 -6.00 -5.00
CA GLU A 63 4.97 -5.14 -4.02
C GLU A 63 5.48 -3.86 -4.68
N PHE A 64 5.20 -2.72 -4.05
CA PHE A 64 5.65 -1.44 -4.57
C PHE A 64 5.61 -0.36 -3.49
N VAL A 65 5.98 0.86 -3.86
CA VAL A 65 5.99 1.97 -2.92
C VAL A 65 5.29 3.19 -3.50
N ILE A 66 4.35 3.75 -2.74
CA ILE A 66 3.60 4.92 -3.19
C ILE A 66 4.04 6.16 -2.44
N THR A 67 4.44 7.19 -3.18
CA THR A 67 4.89 8.44 -2.59
C THR A 67 3.71 9.34 -2.26
N LEU A 68 3.39 9.46 -0.97
CA LEU A 68 2.29 10.30 -0.53
C LEU A 68 2.67 11.77 -0.55
N GLN A 69 2.36 12.44 -1.65
CA GLN A 69 2.67 13.86 -1.80
C GLN A 69 1.71 14.71 -0.99
N ILE A 70 1.97 14.82 0.31
CA ILE A 70 1.12 15.61 1.19
C ILE A 70 1.12 17.08 0.78
N GLU A 71 -0.06 17.58 0.38
CA GLU A 71 -0.19 18.96 -0.04
C GLU A 71 0.09 19.92 1.11
N GLU A 72 -0.75 19.85 2.15
CA GLU A 72 -0.58 20.70 3.32
C GLU A 72 -0.43 19.87 4.59
N PRO A 73 0.78 19.88 5.17
CA PRO A 73 1.91 20.65 4.63
C PRO A 73 2.42 20.07 3.32
N LYS A 74 3.50 20.65 2.81
CA LYS A 74 4.10 20.18 1.56
C LYS A 74 5.36 19.35 1.83
N VAL A 75 5.18 18.04 1.89
CA VAL A 75 6.29 17.13 2.15
C VAL A 75 6.14 15.84 1.36
N LYS A 76 7.07 14.92 1.56
CA LYS A 76 7.04 13.63 0.86
C LYS A 76 7.16 12.47 1.87
N ILE A 77 6.38 11.43 1.63
CA ILE A 77 6.40 10.26 2.51
C ILE A 77 6.36 8.96 1.70
N ASP A 78 7.48 8.25 1.69
CA ASP A 78 7.57 6.99 0.95
C ASP A 78 6.82 5.88 1.68
N LEU A 79 5.73 5.43 1.08
CA LEU A 79 4.93 4.37 1.67
C LEU A 79 5.20 3.02 1.00
N GLN A 80 5.65 2.05 1.78
CA GLN A 80 5.95 0.72 1.27
C GLN A 80 4.76 -0.21 1.45
N VAL A 81 4.15 -0.60 0.33
CA VAL A 81 3.00 -1.49 0.37
C VAL A 81 3.39 -2.91 -0.04
N THR A 82 2.76 -3.90 0.58
CA THR A 82 3.04 -5.30 0.29
C THR A 82 1.77 -6.12 0.26
N MET A 83 1.37 -6.55 -0.94
CA MET A 83 0.16 -7.35 -1.10
C MET A 83 0.51 -8.79 -1.46
N PRO A 84 0.49 -9.67 -0.44
CA PRO A 84 0.80 -11.09 -0.63
C PRO A 84 -0.27 -11.82 -1.42
N HIS A 85 -0.18 -13.14 -1.45
CA HIS A 85 -1.15 -13.96 -2.16
C HIS A 85 -2.45 -14.10 -1.37
N SER A 86 -2.43 -13.62 -0.13
CA SER A 86 -3.60 -13.68 0.73
C SER A 86 -4.47 -12.44 0.56
N TYR A 87 -3.91 -11.28 0.91
CA TYR A 87 -4.64 -10.02 0.79
C TYR A 87 -5.54 -10.02 -0.44
N PRO A 88 -6.67 -9.31 -0.33
CA PRO A 88 -7.03 -8.57 0.87
C PRO A 88 -7.40 -9.49 2.04
N TYR A 89 -7.83 -10.71 1.71
CA TYR A 89 -8.21 -11.68 2.72
C TYR A 89 -7.34 -11.54 3.97
N LEU A 90 -6.03 -11.36 3.76
CA LEU A 90 -5.10 -11.21 4.86
C LEU A 90 -4.72 -9.75 5.06
N ALA A 91 -4.31 -9.41 6.28
CA ALA A 91 -3.91 -8.04 6.59
C ALA A 91 -2.56 -7.71 5.97
N LEU A 92 -2.57 -6.90 4.92
CA LEU A 92 -1.34 -6.50 4.24
C LEU A 92 -0.41 -5.75 5.19
N GLN A 93 0.75 -5.36 4.68
CA GLN A 93 1.73 -4.63 5.48
C GLN A 93 2.09 -3.30 4.84
N LEU A 94 2.19 -2.26 5.64
CA LEU A 94 2.53 -0.92 5.15
C LEU A 94 3.54 -0.24 6.06
N PHE A 95 4.43 0.54 5.47
CA PHE A 95 5.45 1.26 6.24
C PHE A 95 5.73 2.62 5.62
N GLY A 96 5.56 3.67 6.41
CA GLY A 96 5.80 5.02 5.93
C GLY A 96 6.95 5.69 6.64
N ARG A 97 7.89 6.24 5.86
CA ARG A 97 9.05 6.91 6.43
C ARG A 97 9.36 8.19 5.66
N SER A 98 9.77 9.22 6.40
CA SER A 98 10.09 10.51 5.79
C SER A 98 11.33 11.13 6.45
N SER A 99 12.33 11.43 5.63
CA SER A 99 13.57 12.03 6.13
C SER A 99 13.27 13.13 7.14
N GLU A 100 12.27 13.93 6.84
CA GLU A 100 11.87 15.03 7.73
C GLU A 100 11.33 14.50 9.05
N LEU A 101 10.44 13.50 8.96
CA LEU A 101 9.84 12.90 10.14
C LEU A 101 10.92 12.38 11.10
N ASP A 102 10.48 11.81 12.21
CA ASP A 102 11.40 11.26 13.20
C ASP A 102 10.95 9.88 13.65
N ARG A 103 11.71 9.29 14.57
CA ARG A 103 11.39 7.96 15.08
C ARG A 103 10.12 7.99 15.93
N HIS A 104 10.07 8.91 16.88
CA HIS A 104 8.90 9.04 17.75
C HIS A 104 7.64 9.28 16.93
N GLN A 105 7.70 10.25 16.03
CA GLN A 105 6.56 10.59 15.18
C GLN A 105 6.18 9.41 14.28
N GLN A 106 7.16 8.90 13.54
CA GLN A 106 6.93 7.78 12.65
C GLN A 106 6.08 6.71 13.33
N LEU A 107 6.53 6.24 14.49
CA LEU A 107 5.80 5.22 15.24
C LEU A 107 4.32 5.57 15.33
N LEU A 108 4.02 6.67 16.00
CA LEU A 108 2.64 7.12 16.17
C LEU A 108 1.87 7.03 14.85
N LEU A 109 2.49 7.53 13.79
CA LEU A 109 1.87 7.51 12.46
C LEU A 109 1.58 6.07 12.02
N ASN A 110 2.64 5.33 11.73
CA ASN A 110 2.50 3.94 11.30
C ASN A 110 1.54 3.18 12.20
N LYS A 111 1.86 3.13 13.49
CA LYS A 111 1.02 2.45 14.47
C LYS A 111 -0.45 2.72 14.20
N GLY A 112 -0.81 3.99 14.14
CA GLY A 112 -2.19 4.36 13.89
C GLY A 112 -2.72 3.81 12.58
N LEU A 113 -1.84 3.72 11.58
CA LEU A 113 -2.22 3.21 10.28
C LEU A 113 -2.44 1.71 10.32
N THR A 114 -1.42 0.97 10.78
CA THR A 114 -1.51 -0.48 10.86
C THR A 114 -2.90 -0.92 11.33
N SER A 115 -3.32 -0.43 12.48
CA SER A 115 -4.62 -0.77 13.03
C SER A 115 -5.74 -0.40 12.06
N TYR A 116 -5.69 0.83 11.57
CA TYR A 116 -6.70 1.32 10.63
C TYR A 116 -6.83 0.38 9.45
N ILE A 117 -5.72 -0.19 9.03
CA ILE A 117 -5.71 -1.12 7.90
C ILE A 117 -6.09 -2.53 8.33
N GLY A 118 -5.86 -2.83 9.61
CA GLY A 118 -6.19 -4.14 10.14
C GLY A 118 -7.65 -4.29 10.48
N THR A 119 -8.39 -3.18 10.42
CA THR A 119 -9.81 -3.18 10.73
C THR A 119 -10.62 -3.71 9.54
N PHE A 120 -10.24 -3.30 8.34
CA PHE A 120 -10.92 -3.72 7.13
C PHE A 120 -11.19 -5.23 7.16
N ASP A 121 -12.18 -5.66 6.38
CA ASP A 121 -12.54 -7.07 6.32
C ASP A 121 -11.92 -7.74 5.09
N PRO A 122 -11.80 -9.09 5.15
CA PRO A 122 -11.23 -9.87 4.04
C PRO A 122 -12.13 -9.90 2.83
N GLY A 123 -11.66 -9.34 1.72
CA GLY A 123 -12.43 -9.31 0.49
C GLY A 123 -12.35 -7.98 -0.21
N GLU A 124 -12.23 -6.90 0.56
CA GLU A 124 -12.14 -5.56 -0.01
C GLU A 124 -10.70 -5.05 0.02
N LEU A 125 -10.47 -3.95 -0.67
CA LEU A 125 -9.13 -3.35 -0.73
C LEU A 125 -8.86 -2.51 0.51
N CYS A 126 -7.59 -2.39 0.86
CA CYS A 126 -7.19 -1.62 2.04
C CYS A 126 -6.20 -0.51 1.66
N VAL A 127 -5.32 -0.81 0.71
CA VAL A 127 -4.33 0.15 0.26
C VAL A 127 -5.00 1.46 -0.15
N CYS A 128 -6.09 1.37 -0.89
CA CYS A 128 -6.82 2.56 -1.33
C CYS A 128 -7.17 3.45 -0.15
N ALA A 129 -7.35 2.85 1.02
CA ALA A 129 -7.70 3.59 2.22
C ALA A 129 -6.45 4.16 2.89
N ALA A 130 -5.43 3.33 3.06
CA ALA A 130 -4.18 3.75 3.68
C ALA A 130 -3.75 5.12 3.16
N ILE A 131 -3.94 5.33 1.86
CA ILE A 131 -3.56 6.60 1.25
C ILE A 131 -4.34 7.76 1.87
N GLN A 132 -5.62 7.87 1.51
CA GLN A 132 -6.47 8.93 2.03
C GLN A 132 -6.28 9.09 3.53
N TRP A 133 -6.36 7.98 4.26
CA TRP A 133 -6.20 8.00 5.71
C TRP A 133 -4.96 8.80 6.11
N LEU A 134 -3.82 8.47 5.50
CA LEU A 134 -2.56 9.14 5.79
C LEU A 134 -2.65 10.62 5.44
N GLN A 135 -3.01 10.90 4.18
CA GLN A 135 -3.14 12.28 3.71
C GLN A 135 -3.92 13.12 4.71
N ASP A 136 -5.08 12.62 5.13
CA ASP A 136 -5.92 13.33 6.08
C ASP A 136 -5.32 13.27 7.48
N ASN A 137 -4.56 12.22 7.75
CA ASN A 137 -3.93 12.04 9.05
C ASN A 137 -2.42 12.19 8.95
N SER A 138 -1.98 13.27 8.32
CA SER A 138 -0.55 13.53 8.16
C SER A 138 -0.14 14.82 8.88
N ALA A 139 -0.85 15.90 8.59
CA ALA A 139 -0.56 17.19 9.21
C ALA A 139 -0.57 17.08 10.73
N SER A 140 -1.67 16.55 11.27
CA SER A 140 -1.80 16.39 12.71
C SER A 140 -0.46 16.04 13.35
N TYR A 141 0.22 15.06 12.78
CA TYR A 141 1.52 14.63 13.30
C TYR A 141 2.62 15.61 12.88
N PHE A 142 2.64 15.94 11.60
CA PHE A 142 3.64 16.87 11.07
C PHE A 142 3.46 18.26 11.66
N LEU A 143 2.36 18.92 11.28
CA LEU A 143 2.07 20.26 11.77
C LEU A 143 3.33 21.12 11.80
N ASN A 144 4.03 21.19 10.66
CA ASN A 144 5.25 21.97 10.57
C ASN A 144 4.95 23.46 10.68
N ARG A 145 5.59 24.11 11.65
CA ARG A 145 5.39 25.53 11.88
C ARG A 145 6.16 26.36 10.86
N LYS A 146 5.46 27.23 10.15
CA LYS A 146 6.07 28.08 9.14
C LYS A 146 7.21 27.35 8.42
N LEU A 147 6.95 26.11 8.04
CA LEU A 147 7.95 25.30 7.35
C LEU A 147 8.40 25.96 6.06
N VAL A 148 9.63 26.49 6.07
CA VAL A 148 10.17 27.15 4.89
C VAL A 148 10.62 26.14 3.84
N SER A 149 9.70 25.77 2.96
CA SER A 149 9.99 24.81 1.91
C SER A 149 9.20 25.12 0.64
N GLY A 150 9.88 25.10 -0.50
CA GLY A 150 9.22 25.38 -1.76
C GLY A 150 9.60 24.40 -2.85
N PRO A 151 8.91 24.48 -4.00
CA PRO A 151 9.15 23.59 -5.13
C PRO A 151 10.49 23.88 -5.80
N SER A 152 11.37 22.88 -5.81
CA SER A 152 12.69 23.02 -6.42
C SER A 152 12.72 22.40 -7.81
N SER A 153 11.65 22.60 -8.57
CA SER A 153 11.55 22.06 -9.91
C SER A 153 12.55 22.71 -10.85
N GLY A 154 13.55 21.94 -11.27
CA GLY A 154 14.57 22.47 -12.16
C GLY A 154 14.03 22.77 -13.55
N GLY A 1 -27.51 -16.69 -5.83
CA GLY A 1 -27.72 -16.58 -7.26
C GLY A 1 -27.34 -15.21 -7.79
N SER A 2 -28.34 -14.38 -8.07
CA SER A 2 -28.10 -13.05 -8.59
C SER A 2 -27.07 -12.30 -7.75
N SER A 3 -27.29 -12.31 -6.43
CA SER A 3 -26.38 -11.64 -5.51
C SER A 3 -26.16 -12.48 -4.26
N GLY A 4 -24.92 -12.91 -4.06
CA GLY A 4 -24.59 -13.71 -2.89
C GLY A 4 -23.34 -14.55 -3.09
N SER A 5 -22.54 -14.68 -2.04
CA SER A 5 -21.31 -15.45 -2.12
C SER A 5 -21.04 -16.16 -0.80
N SER A 6 -20.19 -17.19 -0.84
CA SER A 6 -19.85 -17.96 0.35
C SER A 6 -18.58 -18.78 0.12
N GLY A 7 -18.10 -19.42 1.18
CA GLY A 7 -16.89 -20.22 1.08
C GLY A 7 -15.81 -19.77 2.03
N MET A 8 -15.55 -20.58 3.05
CA MET A 8 -14.52 -20.26 4.04
C MET A 8 -13.13 -20.43 3.45
N SER A 9 -12.91 -21.52 2.74
CA SER A 9 -11.62 -21.80 2.13
C SER A 9 -11.59 -21.32 0.68
N ALA A 10 -11.12 -20.08 0.49
CA ALA A 10 -11.03 -19.50 -0.84
C ALA A 10 -9.73 -19.90 -1.53
N SER A 11 -9.66 -19.65 -2.84
CA SER A 11 -8.47 -19.99 -3.61
C SER A 11 -7.68 -18.72 -3.97
N VAL A 12 -6.36 -18.80 -3.83
CA VAL A 12 -5.49 -17.67 -4.13
C VAL A 12 -6.00 -16.90 -5.35
N LYS A 13 -6.37 -17.64 -6.39
CA LYS A 13 -6.87 -17.03 -7.61
C LYS A 13 -7.74 -15.83 -7.30
N GLU A 14 -8.92 -16.08 -6.74
CA GLU A 14 -9.85 -15.00 -6.39
C GLU A 14 -9.11 -13.80 -5.83
N SER A 15 -8.30 -14.04 -4.80
CA SER A 15 -7.54 -12.97 -4.16
C SER A 15 -6.71 -12.20 -5.19
N LEU A 16 -5.74 -12.88 -5.79
CA LEU A 16 -4.88 -12.25 -6.79
C LEU A 16 -5.71 -11.40 -7.76
N GLN A 17 -6.78 -12.00 -8.28
CA GLN A 17 -7.65 -11.29 -9.22
C GLN A 17 -7.80 -9.83 -8.82
N LEU A 18 -8.04 -9.59 -7.54
CA LEU A 18 -8.21 -8.23 -7.03
C LEU A 18 -6.89 -7.46 -7.07
N GLN A 19 -5.81 -8.13 -6.69
CA GLN A 19 -4.49 -7.51 -6.68
C GLN A 19 -4.17 -6.90 -8.05
N LEU A 20 -4.91 -7.33 -9.06
CA LEU A 20 -4.71 -6.82 -10.42
C LEU A 20 -5.60 -5.62 -10.69
N LEU A 21 -6.90 -5.81 -10.54
CA LEU A 21 -7.86 -4.74 -10.77
C LEU A 21 -7.56 -3.54 -9.88
N GLU A 22 -6.99 -3.81 -8.72
CA GLU A 22 -6.64 -2.74 -7.78
C GLU A 22 -5.55 -1.84 -8.35
N MET A 23 -4.69 -2.41 -9.18
CA MET A 23 -3.60 -1.67 -9.79
C MET A 23 -4.14 -0.51 -10.62
N GLU A 24 -5.15 -0.79 -11.43
CA GLU A 24 -5.76 0.24 -12.27
C GLU A 24 -6.28 1.40 -11.44
N MET A 25 -6.76 1.08 -10.23
CA MET A 25 -7.30 2.10 -9.33
C MET A 25 -6.17 2.96 -8.77
N LEU A 26 -5.04 2.33 -8.46
CA LEU A 26 -3.88 3.05 -7.91
C LEU A 26 -3.23 3.93 -8.98
N PHE A 27 -3.05 3.37 -10.16
CA PHE A 27 -2.44 4.10 -11.26
C PHE A 27 -3.28 5.31 -11.65
N SER A 28 -4.58 5.09 -11.84
CA SER A 28 -5.49 6.16 -12.21
C SER A 28 -5.35 7.36 -11.27
N MET A 29 -5.14 7.07 -10.00
CA MET A 29 -4.98 8.12 -8.99
C MET A 29 -3.63 8.81 -9.14
N PHE A 30 -2.62 8.03 -9.53
CA PHE A 30 -1.27 8.57 -9.70
C PHE A 30 -0.82 8.46 -11.16
N PRO A 31 -1.36 9.35 -12.01
CA PRO A 31 -1.04 9.38 -13.43
C PRO A 31 0.39 9.84 -13.70
N ASN A 32 0.97 10.55 -12.73
CA ASN A 32 2.34 11.05 -12.85
C ASN A 32 3.35 9.95 -12.56
N GLN A 33 4.05 9.51 -13.60
CA GLN A 33 5.04 8.46 -13.47
C GLN A 33 6.15 8.88 -12.50
N GLY A 34 6.13 8.31 -11.29
CA GLY A 34 7.13 8.64 -10.30
C GLY A 34 6.65 8.37 -8.89
N GLU A 35 5.34 8.24 -8.73
CA GLU A 35 4.76 7.98 -7.41
C GLU A 35 4.84 6.50 -7.07
N VAL A 36 4.25 5.66 -7.92
CA VAL A 36 4.25 4.22 -7.71
C VAL A 36 5.42 3.56 -8.43
N LYS A 37 6.30 2.93 -7.67
CA LYS A 37 7.46 2.25 -8.23
C LYS A 37 7.32 0.74 -8.11
N LEU A 38 7.17 0.06 -9.24
CA LEU A 38 7.03 -1.39 -9.26
C LEU A 38 8.38 -2.06 -9.53
N GLU A 39 8.93 -2.68 -8.50
CA GLU A 39 10.22 -3.37 -8.62
C GLU A 39 10.26 -4.21 -9.90
N ASP A 40 9.09 -4.59 -10.39
CA ASP A 40 8.99 -5.40 -11.61
C ASP A 40 7.55 -5.43 -12.12
N VAL A 41 7.35 -4.84 -13.30
CA VAL A 41 6.02 -4.80 -13.90
C VAL A 41 5.50 -6.21 -14.17
N ASN A 42 6.39 -7.19 -14.07
CA ASN A 42 6.02 -8.59 -14.31
C ASN A 42 5.21 -9.13 -13.13
N ALA A 43 5.22 -8.40 -12.02
CA ALA A 43 4.50 -8.81 -10.83
C ALA A 43 3.02 -9.02 -11.13
N LEU A 44 2.51 -8.29 -12.11
CA LEU A 44 1.10 -8.39 -12.49
C LEU A 44 0.90 -9.51 -13.51
N THR A 45 1.84 -9.63 -14.44
CA THR A 45 1.77 -10.66 -15.48
C THR A 45 1.86 -12.05 -14.87
N ASN A 46 2.99 -12.33 -14.21
CA ASN A 46 3.21 -13.62 -13.58
C ASN A 46 1.91 -14.17 -13.00
N ILE A 47 1.11 -13.28 -12.41
CA ILE A 47 -0.16 -13.68 -11.81
C ILE A 47 -1.12 -14.21 -12.87
N LYS A 48 -1.45 -13.37 -13.84
CA LYS A 48 -2.36 -13.75 -14.91
C LYS A 48 -2.13 -15.21 -15.33
N ARG A 49 -0.88 -15.65 -15.25
CA ARG A 49 -0.52 -17.01 -15.62
C ARG A 49 -1.04 -18.01 -14.59
N TYR A 50 -0.77 -17.72 -13.31
CA TYR A 50 -1.21 -18.59 -12.23
C TYR A 50 -2.72 -18.60 -12.12
N LEU A 51 -3.33 -17.42 -12.16
CA LEU A 51 -4.77 -17.29 -12.07
C LEU A 51 -5.47 -18.37 -12.89
N GLU A 52 -4.83 -18.77 -13.99
CA GLU A 52 -5.39 -19.80 -14.86
C GLU A 52 -4.93 -21.18 -14.43
N GLY A 53 -3.73 -21.26 -13.85
CA GLY A 53 -3.20 -22.52 -13.41
C GLY A 53 -2.08 -23.02 -14.29
N THR A 54 -1.44 -22.11 -15.01
CA THR A 54 -0.33 -22.46 -15.90
C THR A 54 1.01 -22.16 -15.26
N ARG A 55 1.04 -22.14 -13.93
CA ARG A 55 2.27 -21.87 -13.19
C ARG A 55 2.67 -23.07 -12.35
N GLU A 56 3.95 -23.45 -12.44
CA GLU A 56 4.46 -24.59 -11.68
C GLU A 56 4.82 -24.18 -10.27
N ALA A 57 5.10 -22.90 -10.08
CA ALA A 57 5.45 -22.38 -8.76
C ALA A 57 4.71 -21.08 -8.46
N LEU A 58 4.36 -20.89 -7.20
CA LEU A 58 3.64 -19.69 -6.78
C LEU A 58 4.42 -18.43 -7.14
N PRO A 59 3.84 -17.59 -8.01
CA PRO A 59 4.46 -16.33 -8.44
C PRO A 59 4.53 -15.30 -7.34
N PRO A 60 5.33 -14.25 -7.55
CA PRO A 60 5.50 -13.16 -6.58
C PRO A 60 4.24 -12.30 -6.44
N LYS A 61 4.19 -11.51 -5.38
CA LYS A 61 3.04 -10.64 -5.14
C LYS A 61 3.29 -9.24 -5.72
N ILE A 62 2.34 -8.34 -5.50
CA ILE A 62 2.46 -6.98 -6.00
C ILE A 62 2.99 -6.04 -4.92
N GLU A 63 4.30 -5.86 -4.89
CA GLU A 63 4.93 -4.99 -3.91
C GLU A 63 5.45 -3.71 -4.57
N PHE A 64 5.01 -2.56 -4.05
CA PHE A 64 5.43 -1.27 -4.59
C PHE A 64 5.38 -0.19 -3.51
N VAL A 65 5.75 1.03 -3.87
CA VAL A 65 5.74 2.14 -2.94
C VAL A 65 4.98 3.33 -3.51
N ILE A 66 4.08 3.88 -2.71
CA ILE A 66 3.29 5.03 -3.13
C ILE A 66 3.74 6.31 -2.43
N THR A 67 3.97 7.35 -3.23
CA THR A 67 4.42 8.63 -2.68
C THR A 67 3.23 9.50 -2.26
N LEU A 68 3.15 9.79 -0.97
CA LEU A 68 2.06 10.60 -0.43
C LEU A 68 2.44 12.07 -0.40
N GLN A 69 2.01 12.82 -1.41
CA GLN A 69 2.31 14.24 -1.50
C GLN A 69 1.41 15.05 -0.57
N ILE A 70 1.67 14.98 0.72
CA ILE A 70 0.88 15.71 1.70
C ILE A 70 0.62 17.14 1.26
N GLU A 71 -0.59 17.40 0.80
CA GLU A 71 -0.97 18.74 0.33
C GLU A 71 -0.31 19.81 1.20
N GLU A 72 -0.57 19.74 2.50
CA GLU A 72 0.00 20.71 3.43
C GLU A 72 0.23 20.08 4.80
N PRO A 73 1.46 20.19 5.30
CA PRO A 73 2.55 20.87 4.59
C PRO A 73 3.01 20.09 3.36
N LYS A 74 3.63 20.80 2.42
CA LYS A 74 4.11 20.19 1.19
C LYS A 74 5.35 19.34 1.47
N VAL A 75 5.15 18.04 1.63
CA VAL A 75 6.26 17.12 1.90
C VAL A 75 6.07 15.81 1.14
N LYS A 76 7.07 14.95 1.21
CA LYS A 76 7.03 13.66 0.53
C LYS A 76 7.15 12.51 1.53
N ILE A 77 6.29 11.51 1.38
CA ILE A 77 6.30 10.36 2.27
C ILE A 77 6.20 9.06 1.48
N ASP A 78 7.24 8.25 1.54
CA ASP A 78 7.28 6.97 0.84
C ASP A 78 6.48 5.91 1.60
N LEU A 79 5.37 5.47 1.00
CA LEU A 79 4.53 4.46 1.62
C LEU A 79 4.80 3.08 1.04
N GLN A 80 5.40 2.22 1.84
CA GLN A 80 5.73 0.86 1.40
C GLN A 80 4.53 -0.07 1.57
N VAL A 81 3.86 -0.37 0.47
CA VAL A 81 2.70 -1.25 0.50
C VAL A 81 3.07 -2.67 0.08
N THR A 82 2.46 -3.65 0.75
CA THR A 82 2.73 -5.05 0.46
C THR A 82 1.45 -5.88 0.53
N MET A 83 0.96 -6.32 -0.62
CA MET A 83 -0.25 -7.12 -0.68
C MET A 83 0.09 -8.58 -0.94
N PRO A 84 0.01 -9.41 0.12
CA PRO A 84 0.30 -10.84 0.03
C PRO A 84 -0.76 -11.59 -0.77
N HIS A 85 -0.41 -12.79 -1.22
CA HIS A 85 -1.33 -13.62 -1.99
C HIS A 85 -2.68 -13.73 -1.29
N SER A 86 -2.69 -13.42 0.00
CA SER A 86 -3.93 -13.49 0.78
C SER A 86 -4.75 -12.22 0.61
N TYR A 87 -4.13 -11.07 0.91
CA TYR A 87 -4.82 -9.79 0.79
C TYR A 87 -5.75 -9.77 -0.41
N PRO A 88 -6.85 -9.02 -0.29
CA PRO A 88 -7.15 -8.24 0.91
C PRO A 88 -7.51 -9.12 2.09
N TYR A 89 -8.01 -10.32 1.80
CA TYR A 89 -8.40 -11.26 2.84
C TYR A 89 -7.50 -11.13 4.07
N LEU A 90 -6.20 -11.00 3.83
CA LEU A 90 -5.24 -10.85 4.92
C LEU A 90 -4.85 -9.40 5.11
N ALA A 91 -4.39 -9.06 6.31
CA ALA A 91 -3.97 -7.70 6.63
C ALA A 91 -2.60 -7.39 6.04
N LEU A 92 -2.58 -6.61 4.96
CA LEU A 92 -1.34 -6.23 4.30
C LEU A 92 -0.38 -5.57 5.29
N GLN A 93 0.79 -5.17 4.78
CA GLN A 93 1.80 -4.52 5.62
C GLN A 93 2.23 -3.20 5.01
N LEU A 94 1.93 -2.10 5.70
CA LEU A 94 2.29 -0.77 5.23
C LEU A 94 3.34 -0.13 6.13
N PHE A 95 4.20 0.69 5.54
CA PHE A 95 5.25 1.36 6.30
C PHE A 95 5.62 2.69 5.65
N GLY A 96 5.24 3.79 6.31
CA GLY A 96 5.53 5.11 5.78
C GLY A 96 6.66 5.80 6.53
N ARG A 97 7.61 6.34 5.80
CA ARG A 97 8.75 7.03 6.40
C ARG A 97 9.19 8.21 5.54
N SER A 98 9.51 9.32 6.19
CA SER A 98 9.95 10.52 5.47
C SER A 98 11.09 11.21 6.22
N SER A 99 12.01 11.80 5.47
CA SER A 99 13.15 12.49 6.05
C SER A 99 12.70 13.44 7.16
N GLU A 100 11.61 14.17 6.91
CA GLU A 100 11.08 15.11 7.89
C GLU A 100 10.67 14.38 9.17
N LEU A 101 9.88 13.32 9.01
CA LEU A 101 9.41 12.54 10.16
C LEU A 101 10.58 11.92 10.91
N ASP A 102 10.45 11.82 12.23
CA ASP A 102 11.49 11.23 13.05
C ASP A 102 11.12 9.80 13.47
N ARG A 103 12.06 9.11 14.10
CA ARG A 103 11.83 7.74 14.54
C ARG A 103 10.55 7.65 15.38
N HIS A 104 10.54 8.34 16.51
CA HIS A 104 9.37 8.33 17.39
C HIS A 104 8.10 8.67 16.62
N GLN A 105 8.09 9.83 15.99
CA GLN A 105 6.94 10.27 15.21
C GLN A 105 6.43 9.15 14.31
N GLN A 106 7.32 8.60 13.50
CA GLN A 106 6.96 7.51 12.59
C GLN A 106 6.16 6.45 13.31
N LEU A 107 6.72 5.89 14.37
CA LEU A 107 6.05 4.86 15.14
C LEU A 107 4.55 5.15 15.28
N LEU A 108 4.23 6.39 15.61
CA LEU A 108 2.84 6.80 15.77
C LEU A 108 2.09 6.65 14.45
N LEU A 109 2.68 7.15 13.36
CA LEU A 109 2.07 7.08 12.04
C LEU A 109 1.90 5.62 11.60
N ASN A 110 3.01 4.90 11.55
CA ASN A 110 2.98 3.49 11.15
C ASN A 110 1.88 2.73 11.88
N LYS A 111 2.04 2.58 13.19
CA LYS A 111 1.05 1.88 14.00
C LYS A 111 -0.35 2.38 13.70
N GLY A 112 -0.61 3.65 14.01
CA GLY A 112 -1.92 4.23 13.77
C GLY A 112 -2.52 3.77 12.44
N LEU A 113 -1.68 3.68 11.42
CA LEU A 113 -2.12 3.26 10.10
C LEU A 113 -2.40 1.76 10.07
N THR A 114 -1.35 0.96 10.26
CA THR A 114 -1.48 -0.49 10.26
C THR A 114 -2.72 -0.93 11.03
N SER A 115 -2.96 -0.29 12.17
CA SER A 115 -4.11 -0.62 13.01
C SER A 115 -5.41 -0.17 12.35
N TYR A 116 -5.38 1.01 11.73
CA TYR A 116 -6.56 1.54 11.06
C TYR A 116 -7.02 0.62 9.94
N ILE A 117 -6.06 0.10 9.17
CA ILE A 117 -6.38 -0.80 8.07
C ILE A 117 -6.83 -2.16 8.59
N GLY A 118 -6.27 -2.57 9.72
CA GLY A 118 -6.63 -3.86 10.30
C GLY A 118 -8.13 -4.02 10.47
N THR A 119 -8.85 -2.90 10.47
CA THR A 119 -10.28 -2.91 10.62
C THR A 119 -10.97 -3.46 9.37
N PHE A 120 -10.47 -3.07 8.21
CA PHE A 120 -11.03 -3.52 6.94
C PHE A 120 -11.38 -5.00 7.00
N ASP A 121 -12.31 -5.41 6.15
CA ASP A 121 -12.74 -6.80 6.11
C ASP A 121 -12.09 -7.54 4.93
N PRO A 122 -11.97 -8.87 5.04
CA PRO A 122 -11.36 -9.70 4.01
C PRO A 122 -12.24 -9.79 2.75
N GLY A 123 -11.84 -9.06 1.71
CA GLY A 123 -12.60 -9.08 0.47
C GLY A 123 -12.50 -7.76 -0.27
N GLU A 124 -12.53 -6.66 0.47
CA GLU A 124 -12.45 -5.33 -0.13
C GLU A 124 -11.05 -4.75 0.00
N LEU A 125 -10.69 -3.87 -0.92
CA LEU A 125 -9.37 -3.24 -0.91
C LEU A 125 -9.17 -2.41 0.35
N CYS A 126 -7.91 -2.24 0.74
CA CYS A 126 -7.60 -1.46 1.94
C CYS A 126 -6.57 -0.37 1.62
N VAL A 127 -5.64 -0.69 0.72
CA VAL A 127 -4.60 0.26 0.33
C VAL A 127 -5.21 1.55 -0.21
N CYS A 128 -6.42 1.44 -0.77
CA CYS A 128 -7.11 2.59 -1.31
C CYS A 128 -7.45 3.60 -0.22
N ALA A 129 -7.71 3.11 0.98
CA ALA A 129 -8.04 3.97 2.11
C ALA A 129 -6.79 4.49 2.79
N ALA A 130 -5.82 3.60 3.02
CA ALA A 130 -4.58 3.98 3.66
C ALA A 130 -4.07 5.33 3.15
N ILE A 131 -4.11 5.50 1.83
CA ILE A 131 -3.66 6.74 1.21
C ILE A 131 -4.38 7.95 1.82
N GLN A 132 -5.68 8.06 1.53
CA GLN A 132 -6.48 9.16 2.04
C GLN A 132 -6.28 9.32 3.54
N TRP A 133 -6.53 8.25 4.28
CA TRP A 133 -6.38 8.28 5.73
C TRP A 133 -5.11 9.00 6.14
N LEU A 134 -4.01 8.65 5.48
CA LEU A 134 -2.71 9.27 5.76
C LEU A 134 -2.77 10.78 5.54
N GLN A 135 -3.01 11.18 4.31
CA GLN A 135 -3.09 12.59 3.96
C GLN A 135 -3.70 13.40 5.11
N ASP A 136 -4.89 13.00 5.54
CA ASP A 136 -5.58 13.69 6.62
C ASP A 136 -4.85 13.49 7.94
N ASN A 137 -4.35 12.28 8.16
CA ASN A 137 -3.63 11.95 9.39
C ASN A 137 -2.12 12.15 9.19
N SER A 138 -1.74 13.28 8.64
CA SER A 138 -0.33 13.59 8.39
C SER A 138 0.07 14.89 9.08
N ALA A 139 -0.67 15.96 8.79
CA ALA A 139 -0.38 17.26 9.39
C ALA A 139 -0.43 17.19 10.91
N SER A 140 -1.40 16.45 11.43
CA SER A 140 -1.55 16.31 12.88
C SER A 140 -0.29 15.72 13.50
N TYR A 141 0.45 14.96 12.71
CA TYR A 141 1.67 14.33 13.19
C TYR A 141 2.86 15.29 13.09
N PHE A 142 2.94 16.00 11.97
CA PHE A 142 4.01 16.96 11.75
C PHE A 142 3.91 18.13 12.73
N LEU A 143 2.71 18.68 12.86
CA LEU A 143 2.48 19.80 13.76
C LEU A 143 3.34 19.69 15.02
N ASN A 144 4.38 20.50 15.09
CA ASN A 144 5.28 20.49 16.24
C ASN A 144 5.34 21.86 16.90
N ARG A 145 5.69 21.88 18.18
CA ARG A 145 5.79 23.13 18.92
C ARG A 145 7.22 23.64 18.93
N LYS A 146 7.79 23.82 17.74
CA LYS A 146 9.16 24.30 17.62
C LYS A 146 9.36 25.04 16.29
N LEU A 147 10.35 25.91 16.25
CA LEU A 147 10.64 26.69 15.04
C LEU A 147 12.14 26.91 14.89
N VAL A 148 12.62 26.78 13.65
CA VAL A 148 14.04 26.97 13.37
C VAL A 148 14.44 28.44 13.49
N SER A 149 15.72 28.71 13.30
CA SER A 149 16.23 30.08 13.41
C SER A 149 17.60 30.20 12.74
N GLY A 150 17.79 31.28 11.99
CA GLY A 150 19.06 31.49 11.31
C GLY A 150 19.63 32.87 11.57
N PRO A 151 20.96 32.96 11.61
CA PRO A 151 21.67 34.22 11.86
C PRO A 151 21.54 35.19 10.69
N SER A 152 22.13 36.38 10.83
CA SER A 152 22.08 37.39 9.79
C SER A 152 23.36 38.22 9.78
N SER A 153 23.59 38.92 8.67
CA SER A 153 24.78 39.75 8.53
C SER A 153 24.52 41.18 9.02
N GLY A 154 25.58 41.98 9.09
CA GLY A 154 25.44 43.36 9.53
C GLY A 154 24.55 44.18 8.61
N GLY A 1 -27.97 -24.56 -10.09
CA GLY A 1 -28.52 -23.45 -9.33
C GLY A 1 -28.90 -23.86 -7.92
N SER A 2 -27.90 -24.15 -7.10
CA SER A 2 -28.12 -24.56 -5.72
C SER A 2 -28.52 -23.37 -4.86
N SER A 3 -29.72 -23.42 -4.28
CA SER A 3 -30.21 -22.34 -3.45
C SER A 3 -29.74 -22.51 -2.01
N GLY A 4 -28.55 -21.99 -1.72
CA GLY A 4 -28.00 -22.10 -0.38
C GLY A 4 -26.71 -21.32 -0.22
N SER A 5 -25.58 -22.00 -0.41
CA SER A 5 -24.28 -21.37 -0.28
C SER A 5 -23.40 -21.69 -1.49
N SER A 6 -23.07 -20.66 -2.27
CA SER A 6 -22.24 -20.83 -3.45
C SER A 6 -21.03 -21.70 -3.13
N GLY A 7 -20.21 -21.25 -2.18
CA GLY A 7 -19.03 -22.00 -1.80
C GLY A 7 -18.47 -21.56 -0.47
N MET A 8 -17.54 -22.34 0.07
CA MET A 8 -16.92 -22.03 1.35
C MET A 8 -15.43 -21.76 1.19
N SER A 9 -14.75 -22.66 0.47
CA SER A 9 -13.31 -22.51 0.25
C SER A 9 -13.04 -21.62 -0.95
N ALA A 10 -11.92 -20.90 -0.91
CA ALA A 10 -11.54 -20.00 -1.99
C ALA A 10 -10.21 -20.41 -2.60
N SER A 11 -9.96 -19.95 -3.83
CA SER A 11 -8.73 -20.29 -4.53
C SER A 11 -7.83 -19.06 -4.67
N VAL A 12 -6.54 -19.24 -4.42
CA VAL A 12 -5.59 -18.14 -4.51
C VAL A 12 -5.93 -17.21 -5.67
N LYS A 13 -6.42 -17.78 -6.76
CA LYS A 13 -6.79 -17.00 -7.93
C LYS A 13 -7.56 -15.75 -7.54
N GLU A 14 -8.63 -15.93 -6.76
CA GLU A 14 -9.45 -14.81 -6.32
C GLU A 14 -8.59 -13.75 -5.64
N SER A 15 -8.06 -14.08 -4.47
CA SER A 15 -7.21 -13.15 -3.72
C SER A 15 -6.35 -12.31 -4.66
N LEU A 16 -5.58 -13.01 -5.49
CA LEU A 16 -4.70 -12.33 -6.45
C LEU A 16 -5.52 -11.54 -7.48
N GLN A 17 -6.69 -12.08 -7.83
CA GLN A 17 -7.56 -11.42 -8.80
C GLN A 17 -7.83 -9.97 -8.40
N LEU A 18 -8.10 -9.77 -7.11
CA LEU A 18 -8.39 -8.43 -6.60
C LEU A 18 -7.11 -7.61 -6.50
N GLN A 19 -5.97 -8.27 -6.63
CA GLN A 19 -4.68 -7.59 -6.55
C GLN A 19 -4.30 -7.00 -7.91
N LEU A 20 -4.82 -7.59 -8.97
CA LEU A 20 -4.53 -7.12 -10.32
C LEU A 20 -5.47 -5.99 -10.71
N LEU A 21 -6.69 -6.02 -10.20
CA LEU A 21 -7.68 -4.99 -10.49
C LEU A 21 -7.39 -3.73 -9.68
N GLU A 22 -7.03 -3.90 -8.42
CA GLU A 22 -6.73 -2.76 -7.55
C GLU A 22 -5.68 -1.86 -8.18
N MET A 23 -4.70 -2.47 -8.84
CA MET A 23 -3.63 -1.72 -9.49
C MET A 23 -4.21 -0.58 -10.34
N GLU A 24 -5.26 -0.89 -11.08
CA GLU A 24 -5.91 0.11 -11.94
C GLU A 24 -6.44 1.28 -11.12
N MET A 25 -7.14 0.96 -10.03
CA MET A 25 -7.70 1.98 -9.17
C MET A 25 -6.60 2.87 -8.59
N LEU A 26 -5.54 2.25 -8.10
CA LEU A 26 -4.42 2.98 -7.52
C LEU A 26 -3.79 3.92 -8.55
N PHE A 27 -3.56 3.39 -9.74
CA PHE A 27 -2.97 4.18 -10.82
C PHE A 27 -3.87 5.36 -11.19
N SER A 28 -5.17 5.16 -11.09
CA SER A 28 -6.14 6.20 -11.41
C SER A 28 -6.07 7.34 -10.41
N MET A 29 -5.98 6.99 -9.13
CA MET A 29 -5.91 7.98 -8.06
C MET A 29 -4.61 8.78 -8.17
N PHE A 30 -3.70 8.34 -9.03
CA PHE A 30 -2.42 9.01 -9.21
C PHE A 30 -2.24 9.43 -10.67
N PRO A 31 -2.60 10.68 -10.98
CA PRO A 31 -2.49 11.24 -12.33
C PRO A 31 -1.03 11.45 -12.74
N ASN A 32 -0.24 11.99 -11.83
CA ASN A 32 1.17 12.25 -12.10
C ASN A 32 1.87 10.99 -12.59
N GLN A 33 2.49 11.07 -13.76
CA GLN A 33 3.20 9.93 -14.34
C GLN A 33 4.54 9.71 -13.63
N GLY A 34 4.48 9.15 -12.43
CA GLY A 34 5.70 8.90 -11.68
C GLY A 34 5.46 8.90 -10.17
N GLU A 35 4.48 8.12 -9.73
CA GLU A 35 4.16 8.04 -8.31
C GLU A 35 4.38 6.63 -7.77
N VAL A 36 3.64 5.67 -8.32
CA VAL A 36 3.75 4.29 -7.91
C VAL A 36 5.09 3.69 -8.32
N LYS A 37 5.87 3.25 -7.35
CA LYS A 37 7.18 2.66 -7.60
C LYS A 37 7.13 1.15 -7.46
N LEU A 38 7.08 0.44 -8.58
CA LEU A 38 7.03 -1.02 -8.57
C LEU A 38 8.43 -1.61 -8.66
N GLU A 39 8.61 -2.79 -8.06
CA GLU A 39 9.90 -3.46 -8.06
C GLU A 39 10.07 -4.30 -9.32
N ASP A 40 8.96 -4.82 -9.83
CA ASP A 40 8.98 -5.64 -11.03
C ASP A 40 7.78 -5.35 -11.92
N VAL A 41 8.04 -4.84 -13.12
CA VAL A 41 6.97 -4.50 -14.06
C VAL A 41 6.21 -5.76 -14.48
N ASN A 42 6.78 -6.92 -14.19
CA ASN A 42 6.14 -8.19 -14.54
C ASN A 42 5.50 -8.83 -13.31
N ALA A 43 5.49 -8.08 -12.21
CA ALA A 43 4.91 -8.58 -10.97
C ALA A 43 3.42 -8.84 -11.12
N LEU A 44 2.72 -7.89 -11.73
CA LEU A 44 1.28 -8.02 -11.94
C LEU A 44 0.97 -9.10 -12.97
N THR A 45 1.67 -9.04 -14.11
CA THR A 45 1.47 -10.02 -15.17
C THR A 45 1.76 -11.43 -14.68
N ASN A 46 2.83 -11.59 -13.93
CA ASN A 46 3.22 -12.90 -13.39
C ASN A 46 2.02 -13.61 -12.79
N ILE A 47 1.03 -12.83 -12.35
CA ILE A 47 -0.18 -13.40 -11.75
C ILE A 47 -1.19 -13.76 -12.83
N LYS A 48 -1.16 -13.04 -13.94
CA LYS A 48 -2.08 -13.29 -15.05
C LYS A 48 -1.96 -14.72 -15.54
N ARG A 49 -0.72 -15.23 -15.59
CA ARG A 49 -0.47 -16.58 -16.05
C ARG A 49 -1.01 -17.60 -15.05
N TYR A 50 -1.07 -17.20 -13.78
CA TYR A 50 -1.56 -18.07 -12.72
C TYR A 50 -3.06 -18.32 -12.87
N LEU A 51 -3.81 -17.24 -13.10
CA LEU A 51 -5.25 -17.32 -13.26
C LEU A 51 -5.62 -18.36 -14.32
N GLU A 52 -4.82 -18.43 -15.37
CA GLU A 52 -5.06 -19.39 -16.45
C GLU A 52 -4.55 -20.77 -16.08
N GLY A 53 -3.57 -20.82 -15.18
CA GLY A 53 -3.00 -22.08 -14.76
C GLY A 53 -1.67 -22.38 -15.43
N THR A 54 -1.52 -21.92 -16.67
CA THR A 54 -0.30 -22.14 -17.42
C THR A 54 0.92 -22.07 -16.52
N ARG A 55 0.89 -21.16 -15.56
CA ARG A 55 2.01 -21.00 -14.62
C ARG A 55 2.15 -22.23 -13.74
N GLU A 56 3.39 -22.54 -13.37
CA GLU A 56 3.67 -23.69 -12.52
C GLU A 56 4.12 -23.25 -11.13
N ALA A 57 4.94 -22.20 -11.09
CA ALA A 57 5.46 -21.68 -9.83
C ALA A 57 4.71 -20.42 -9.42
N LEU A 58 4.43 -20.30 -8.12
CA LEU A 58 3.71 -19.14 -7.60
C LEU A 58 4.44 -17.84 -7.94
N PRO A 59 3.73 -16.91 -8.56
CA PRO A 59 4.29 -15.61 -8.95
C PRO A 59 4.59 -14.72 -7.75
N PRO A 60 5.48 -13.74 -7.96
CA PRO A 60 5.88 -12.81 -6.90
C PRO A 60 4.75 -11.84 -6.52
N LYS A 61 4.32 -11.91 -5.27
CA LYS A 61 3.26 -11.05 -4.77
C LYS A 61 3.44 -9.61 -5.27
N ILE A 62 2.35 -8.87 -5.32
CA ILE A 62 2.38 -7.49 -5.77
C ILE A 62 2.93 -6.56 -4.69
N GLU A 63 4.23 -6.29 -4.74
CA GLU A 63 4.88 -5.43 -3.77
C GLU A 63 5.48 -4.20 -4.44
N PHE A 64 5.16 -3.03 -3.90
CA PHE A 64 5.65 -1.77 -4.45
C PHE A 64 5.57 -0.65 -3.41
N VAL A 65 6.11 0.51 -3.77
CA VAL A 65 6.10 1.67 -2.87
C VAL A 65 5.42 2.86 -3.52
N ILE A 66 4.45 3.43 -2.83
CA ILE A 66 3.72 4.59 -3.34
C ILE A 66 4.13 5.86 -2.61
N THR A 67 4.55 6.87 -3.37
CA THR A 67 4.98 8.13 -2.80
C THR A 67 3.77 9.05 -2.55
N LEU A 68 3.51 9.33 -1.28
CA LEU A 68 2.38 10.19 -0.91
C LEU A 68 2.77 11.67 -1.05
N GLN A 69 2.41 12.26 -2.18
CA GLN A 69 2.71 13.67 -2.44
C GLN A 69 1.78 14.58 -1.64
N ILE A 70 1.96 14.60 -0.33
CA ILE A 70 1.13 15.42 0.55
C ILE A 70 1.02 16.84 0.01
N GLU A 71 -0.19 17.39 0.05
CA GLU A 71 -0.45 18.74 -0.44
C GLU A 71 0.09 19.77 0.54
N GLU A 72 -0.28 19.62 1.81
CA GLU A 72 0.16 20.55 2.85
C GLU A 72 0.23 19.85 4.21
N PRO A 73 1.41 19.88 4.83
CA PRO A 73 2.60 20.53 4.25
C PRO A 73 3.13 19.79 3.04
N LYS A 74 3.62 20.54 2.06
CA LYS A 74 4.17 19.96 0.84
C LYS A 74 5.40 19.11 1.14
N VAL A 75 5.18 17.87 1.56
CA VAL A 75 6.28 16.97 1.89
C VAL A 75 6.13 15.64 1.17
N LYS A 76 7.16 14.81 1.25
CA LYS A 76 7.13 13.49 0.60
C LYS A 76 7.21 12.38 1.64
N ILE A 77 6.44 11.32 1.42
CA ILE A 77 6.42 10.18 2.33
C ILE A 77 6.34 8.87 1.57
N ASP A 78 7.37 8.04 1.72
CA ASP A 78 7.42 6.74 1.05
C ASP A 78 6.57 5.72 1.79
N LEU A 79 5.55 5.20 1.11
CA LEU A 79 4.66 4.20 1.71
C LEU A 79 4.83 2.85 1.03
N GLN A 80 5.49 1.93 1.72
CA GLN A 80 5.71 0.59 1.18
C GLN A 80 4.48 -0.28 1.36
N VAL A 81 3.84 -0.63 0.25
CA VAL A 81 2.64 -1.46 0.29
C VAL A 81 2.96 -2.90 -0.14
N THR A 82 2.68 -3.85 0.75
CA THR A 82 2.94 -5.24 0.47
C THR A 82 1.66 -6.06 0.53
N MET A 83 1.25 -6.60 -0.62
CA MET A 83 0.04 -7.41 -0.70
C MET A 83 0.36 -8.85 -1.03
N PRO A 84 0.16 -9.74 -0.05
CA PRO A 84 0.43 -11.17 -0.21
C PRO A 84 -0.56 -11.85 -1.15
N HIS A 85 -0.53 -13.18 -1.19
CA HIS A 85 -1.43 -13.94 -2.05
C HIS A 85 -2.78 -14.15 -1.38
N SER A 86 -2.97 -13.50 -0.23
CA SER A 86 -4.22 -13.61 0.51
C SER A 86 -5.05 -12.34 0.39
N TYR A 87 -4.46 -11.22 0.80
CA TYR A 87 -5.15 -9.94 0.75
C TYR A 87 -6.06 -9.86 -0.47
N PRO A 88 -7.15 -9.08 -0.34
CA PRO A 88 -7.46 -8.35 0.89
C PRO A 88 -7.86 -9.28 2.04
N TYR A 89 -8.03 -10.56 1.72
CA TYR A 89 -8.42 -11.54 2.71
C TYR A 89 -7.80 -11.22 4.07
N LEU A 90 -6.49 -11.00 4.07
CA LEU A 90 -5.78 -10.68 5.30
C LEU A 90 -5.43 -9.20 5.35
N ALA A 91 -4.69 -8.81 6.39
CA ALA A 91 -4.28 -7.41 6.56
C ALA A 91 -2.89 -7.18 5.99
N LEU A 92 -2.83 -6.57 4.81
CA LEU A 92 -1.56 -6.29 4.16
C LEU A 92 -0.60 -5.59 5.12
N GLN A 93 0.66 -5.44 4.69
CA GLN A 93 1.66 -4.78 5.51
C GLN A 93 2.11 -3.47 4.88
N LEU A 94 1.85 -2.36 5.56
CA LEU A 94 2.23 -1.04 5.06
C LEU A 94 3.27 -0.39 5.97
N PHE A 95 4.06 0.49 5.39
CA PHE A 95 5.11 1.19 6.15
C PHE A 95 5.35 2.59 5.58
N GLY A 96 4.94 3.59 6.34
CA GLY A 96 5.12 4.98 5.90
C GLY A 96 6.13 5.72 6.74
N ARG A 97 7.24 6.13 6.12
CA ARG A 97 8.29 6.86 6.82
C ARG A 97 8.92 7.91 5.91
N SER A 98 9.34 9.03 6.50
CA SER A 98 9.96 10.10 5.75
C SER A 98 11.15 10.69 6.51
N SER A 99 12.20 11.02 5.78
CA SER A 99 13.40 11.59 6.37
C SER A 99 13.05 12.70 7.36
N GLU A 100 12.05 13.50 6.99
CA GLU A 100 11.62 14.61 7.84
C GLU A 100 11.13 14.09 9.18
N LEU A 101 10.15 13.20 9.15
CA LEU A 101 9.59 12.63 10.38
C LEU A 101 10.67 11.93 11.19
N ASP A 102 10.60 12.08 12.51
CA ASP A 102 11.56 11.45 13.40
C ASP A 102 11.12 10.04 13.78
N ARG A 103 12.05 9.26 14.31
CA ARG A 103 11.77 7.88 14.71
C ARG A 103 10.49 7.81 15.54
N HIS A 104 10.52 8.46 16.70
CA HIS A 104 9.37 8.47 17.61
C HIS A 104 8.10 8.83 16.84
N GLN A 105 8.22 9.77 15.92
CA GLN A 105 7.07 10.21 15.12
C GLN A 105 6.57 9.08 14.23
N GLN A 106 7.47 8.44 13.51
CA GLN A 106 7.12 7.34 12.62
C GLN A 106 6.24 6.32 13.34
N LEU A 107 6.70 5.90 14.52
CA LEU A 107 5.96 4.92 15.31
C LEU A 107 4.53 5.40 15.59
N LEU A 108 4.38 6.71 15.76
CA LEU A 108 3.08 7.30 16.04
C LEU A 108 2.19 7.24 14.80
N LEU A 109 2.77 7.56 13.64
CA LEU A 109 2.03 7.53 12.38
C LEU A 109 1.64 6.10 12.00
N ASN A 110 2.65 5.25 11.84
CA ASN A 110 2.42 3.86 11.47
C ASN A 110 1.36 3.23 12.38
N LYS A 111 1.65 3.20 13.67
CA LYS A 111 0.73 2.63 14.65
C LYS A 111 -0.71 2.99 14.30
N GLY A 112 -0.95 4.27 14.03
CA GLY A 112 -2.28 4.72 13.68
C GLY A 112 -2.80 4.10 12.40
N LEU A 113 -1.95 4.06 11.38
CA LEU A 113 -2.31 3.49 10.09
C LEU A 113 -2.48 1.98 10.19
N THR A 114 -1.40 1.29 10.53
CA THR A 114 -1.42 -0.17 10.65
C THR A 114 -2.76 -0.64 11.21
N SER A 115 -3.14 -0.12 12.37
CA SER A 115 -4.40 -0.49 13.01
C SER A 115 -5.59 -0.09 12.14
N TYR A 116 -5.55 1.14 11.63
CA TYR A 116 -6.63 1.66 10.80
C TYR A 116 -6.94 0.68 9.66
N ILE A 117 -5.91 0.04 9.14
CA ILE A 117 -6.08 -0.92 8.05
C ILE A 117 -6.52 -2.28 8.59
N GLY A 118 -6.07 -2.62 9.79
CA GLY A 118 -6.43 -3.89 10.39
C GLY A 118 -7.92 -4.00 10.67
N THR A 119 -8.60 -2.86 10.62
CA THR A 119 -10.05 -2.83 10.88
C THR A 119 -10.83 -3.23 9.63
N PHE A 120 -10.35 -2.81 8.47
CA PHE A 120 -11.01 -3.13 7.21
C PHE A 120 -11.37 -4.60 7.14
N ASP A 121 -12.49 -4.90 6.48
CA ASP A 121 -12.95 -6.27 6.34
C ASP A 121 -12.38 -6.92 5.08
N PRO A 122 -12.28 -8.26 5.10
CA PRO A 122 -11.74 -9.02 3.97
C PRO A 122 -12.68 -9.01 2.76
N GLY A 123 -12.09 -9.02 1.57
CA GLY A 123 -12.88 -9.00 0.35
C GLY A 123 -12.76 -7.69 -0.41
N GLU A 124 -12.68 -6.59 0.32
CA GLU A 124 -12.55 -5.27 -0.29
C GLU A 124 -11.10 -4.78 -0.25
N LEU A 125 -10.84 -3.68 -0.94
CA LEU A 125 -9.49 -3.11 -0.99
C LEU A 125 -9.20 -2.30 0.27
N CYS A 126 -7.92 -2.16 0.59
CA CYS A 126 -7.51 -1.40 1.77
C CYS A 126 -6.51 -0.32 1.40
N VAL A 127 -5.48 -0.71 0.63
CA VAL A 127 -4.46 0.23 0.20
C VAL A 127 -5.06 1.55 -0.27
N CYS A 128 -6.16 1.45 -1.02
CA CYS A 128 -6.84 2.63 -1.54
C CYS A 128 -7.21 3.58 -0.40
N ALA A 129 -7.61 3.02 0.73
CA ALA A 129 -8.00 3.81 1.88
C ALA A 129 -6.77 4.35 2.62
N ALA A 130 -5.82 3.47 2.90
CA ALA A 130 -4.59 3.86 3.59
C ALA A 130 -4.11 5.23 3.11
N ILE A 131 -4.13 5.44 1.80
CA ILE A 131 -3.70 6.72 1.23
C ILE A 131 -4.51 7.87 1.80
N GLN A 132 -5.76 7.99 1.35
CA GLN A 132 -6.63 9.07 1.81
C GLN A 132 -6.49 9.28 3.31
N TRP A 133 -6.64 8.20 4.07
CA TRP A 133 -6.53 8.27 5.53
C TRP A 133 -5.25 8.98 5.95
N LEU A 134 -4.13 8.58 5.35
CA LEU A 134 -2.84 9.19 5.67
C LEU A 134 -2.88 10.69 5.43
N GLN A 135 -3.12 11.08 4.18
CA GLN A 135 -3.18 12.49 3.83
C GLN A 135 -3.79 13.31 4.96
N ASP A 136 -4.99 12.94 5.37
CA ASP A 136 -5.68 13.65 6.45
C ASP A 136 -4.98 13.41 7.79
N ASN A 137 -4.46 12.21 7.98
CA ASN A 137 -3.77 11.86 9.21
C ASN A 137 -2.25 11.86 9.00
N SER A 138 -1.74 12.99 8.50
CA SER A 138 -0.30 13.13 8.25
C SER A 138 0.21 14.46 8.79
N ALA A 139 -0.42 15.55 8.35
CA ALA A 139 -0.03 16.88 8.80
C ALA A 139 -0.08 17.00 10.31
N SER A 140 -1.15 16.48 10.91
CA SER A 140 -1.31 16.54 12.35
C SER A 140 0.03 16.35 13.06
N TYR A 141 0.79 15.34 12.64
CA TYR A 141 2.08 15.06 13.23
C TYR A 141 3.09 16.16 12.90
N PHE A 142 3.32 16.36 11.60
CA PHE A 142 4.26 17.38 11.15
C PHE A 142 4.08 18.67 11.94
N LEU A 143 2.84 19.17 11.99
CA LEU A 143 2.53 20.40 12.70
C LEU A 143 3.30 20.46 14.02
N ASN A 144 4.25 21.38 14.11
CA ASN A 144 5.05 21.55 15.32
C ASN A 144 6.01 20.39 15.49
N ARG A 145 6.59 19.93 14.39
CA ARG A 145 7.53 18.82 14.41
C ARG A 145 8.52 18.92 13.25
N LYS A 146 9.61 18.16 13.35
CA LYS A 146 10.63 18.15 12.30
C LYS A 146 10.00 18.34 10.93
N LEU A 147 10.43 19.39 10.23
CA LEU A 147 9.91 19.68 8.90
C LEU A 147 10.76 20.72 8.19
N VAL A 148 10.61 20.82 6.88
CA VAL A 148 11.37 21.79 6.09
C VAL A 148 10.48 22.44 5.04
N SER A 149 10.61 23.76 4.91
CA SER A 149 9.82 24.52 3.95
C SER A 149 10.66 24.89 2.73
N GLY A 150 11.71 25.68 2.96
CA GLY A 150 12.57 26.11 1.88
C GLY A 150 13.78 26.88 2.36
N PRO A 151 14.83 26.16 2.76
CA PRO A 151 16.07 26.76 3.26
C PRO A 151 16.85 27.48 2.17
N SER A 152 16.68 27.00 0.93
CA SER A 152 17.38 27.58 -0.21
C SER A 152 16.57 28.73 -0.82
N SER A 153 17.26 29.72 -1.36
CA SER A 153 16.60 30.87 -1.97
C SER A 153 16.42 30.65 -3.47
N GLY A 154 15.23 31.00 -3.97
CA GLY A 154 14.97 30.84 -5.39
C GLY A 154 13.48 30.70 -5.67
N GLY A 1 -13.08 -26.33 -4.14
CA GLY A 1 -14.03 -25.67 -5.02
C GLY A 1 -13.48 -25.46 -6.41
N SER A 2 -13.57 -26.49 -7.25
CA SER A 2 -13.08 -26.41 -8.62
C SER A 2 -13.45 -25.08 -9.26
N SER A 3 -14.74 -24.79 -9.31
CA SER A 3 -15.23 -23.54 -9.90
C SER A 3 -16.50 -23.07 -9.20
N GLY A 4 -16.42 -21.91 -8.56
CA GLY A 4 -17.56 -21.36 -7.86
C GLY A 4 -18.31 -22.42 -7.07
N SER A 5 -17.86 -22.67 -5.84
CA SER A 5 -18.49 -23.67 -4.98
C SER A 5 -18.73 -23.10 -3.59
N SER A 6 -19.55 -23.80 -2.81
CA SER A 6 -19.87 -23.37 -1.45
C SER A 6 -18.78 -23.80 -0.47
N GLY A 7 -17.81 -22.94 -0.25
CA GLY A 7 -16.72 -23.24 0.66
C GLY A 7 -16.41 -22.09 1.60
N MET A 8 -15.44 -22.31 2.48
CA MET A 8 -15.05 -21.29 3.44
C MET A 8 -13.71 -20.66 3.05
N SER A 9 -12.70 -21.51 2.87
CA SER A 9 -11.37 -21.03 2.50
C SER A 9 -11.33 -20.63 1.03
N ALA A 10 -11.29 -19.32 0.79
CA ALA A 10 -11.25 -18.80 -0.57
C ALA A 10 -10.03 -19.32 -1.32
N SER A 11 -10.02 -19.12 -2.63
CA SER A 11 -8.91 -19.58 -3.46
C SER A 11 -7.97 -18.43 -3.79
N VAL A 12 -6.66 -18.66 -3.64
CA VAL A 12 -5.66 -17.65 -3.92
C VAL A 12 -6.04 -16.82 -5.14
N LYS A 13 -6.58 -17.49 -6.15
CA LYS A 13 -7.00 -16.82 -7.38
C LYS A 13 -7.52 -15.42 -7.08
N GLU A 14 -8.65 -15.35 -6.38
CA GLU A 14 -9.26 -14.07 -6.04
C GLU A 14 -8.25 -13.16 -5.33
N SER A 15 -7.64 -13.67 -4.27
CA SER A 15 -6.65 -12.90 -3.51
C SER A 15 -5.83 -12.02 -4.44
N LEU A 16 -5.18 -12.65 -5.42
CA LEU A 16 -4.34 -11.93 -6.37
C LEU A 16 -5.20 -11.19 -7.40
N GLN A 17 -6.33 -11.80 -7.75
CA GLN A 17 -7.24 -11.20 -8.72
C GLN A 17 -7.61 -9.78 -8.33
N LEU A 18 -8.09 -9.62 -7.09
CA LEU A 18 -8.48 -8.30 -6.59
C LEU A 18 -7.26 -7.40 -6.43
N GLN A 19 -6.07 -8.00 -6.47
CA GLN A 19 -4.84 -7.25 -6.34
C GLN A 19 -4.37 -6.72 -7.69
N LEU A 20 -4.91 -7.29 -8.76
CA LEU A 20 -4.55 -6.87 -10.11
C LEU A 20 -5.38 -5.68 -10.56
N LEU A 21 -6.64 -5.66 -10.15
CA LEU A 21 -7.53 -4.56 -10.50
C LEU A 21 -7.24 -3.32 -9.66
N GLU A 22 -6.89 -3.53 -8.40
CA GLU A 22 -6.58 -2.44 -7.50
C GLU A 22 -5.32 -1.70 -7.96
N MET A 23 -4.53 -2.36 -8.80
CA MET A 23 -3.30 -1.77 -9.31
C MET A 23 -3.61 -0.70 -10.35
N GLU A 24 -4.57 -0.98 -11.22
CA GLU A 24 -4.96 -0.04 -12.27
C GLU A 24 -5.64 1.19 -11.67
N MET A 25 -6.60 0.95 -10.79
CA MET A 25 -7.34 2.04 -10.15
C MET A 25 -6.37 2.99 -9.44
N LEU A 26 -5.26 2.46 -8.97
CA LEU A 26 -4.25 3.25 -8.27
C LEU A 26 -3.52 4.17 -9.24
N PHE A 27 -3.04 3.61 -10.34
CA PHE A 27 -2.31 4.38 -11.34
C PHE A 27 -3.11 5.62 -11.75
N SER A 28 -4.42 5.44 -11.95
CA SER A 28 -5.29 6.54 -12.35
C SER A 28 -5.17 7.71 -11.37
N MET A 29 -5.13 7.38 -10.08
CA MET A 29 -5.02 8.40 -9.03
C MET A 29 -3.73 9.20 -9.20
N PHE A 30 -2.62 8.49 -9.37
CA PHE A 30 -1.31 9.13 -9.54
C PHE A 30 -0.90 9.15 -11.01
N PRO A 31 -0.84 10.36 -11.58
CA PRO A 31 -0.45 10.55 -12.98
C PRO A 31 1.02 10.25 -13.22
N ASN A 32 1.86 10.66 -12.28
CA ASN A 32 3.30 10.44 -12.39
C ASN A 32 3.66 9.03 -11.95
N GLN A 33 3.92 8.16 -12.92
CA GLN A 33 4.28 6.77 -12.63
C GLN A 33 5.32 6.70 -11.50
N GLY A 34 6.23 7.67 -11.48
CA GLY A 34 7.26 7.69 -10.45
C GLY A 34 6.71 7.32 -9.09
N GLU A 35 5.59 7.92 -8.71
CA GLU A 35 4.98 7.64 -7.42
C GLU A 35 4.95 6.14 -7.14
N VAL A 36 4.19 5.40 -7.95
CA VAL A 36 4.07 3.96 -7.79
C VAL A 36 5.29 3.25 -8.38
N LYS A 37 6.21 2.85 -7.50
CA LYS A 37 7.42 2.16 -7.93
C LYS A 37 7.25 0.65 -7.81
N LEU A 38 7.25 -0.04 -8.95
CA LEU A 38 7.09 -1.49 -8.97
C LEU A 38 8.45 -2.18 -9.12
N GLU A 39 8.76 -3.06 -8.17
CA GLU A 39 10.03 -3.78 -8.19
C GLU A 39 10.22 -4.50 -9.53
N ASP A 40 9.11 -4.98 -10.10
CA ASP A 40 9.16 -5.69 -11.37
C ASP A 40 7.83 -5.56 -12.11
N VAL A 41 7.91 -5.15 -13.37
CA VAL A 41 6.71 -4.97 -14.19
C VAL A 41 6.09 -6.31 -14.54
N ASN A 42 6.85 -7.39 -14.37
CA ASN A 42 6.38 -8.73 -14.67
C ASN A 42 5.63 -9.31 -13.48
N ALA A 43 5.41 -8.49 -12.45
CA ALA A 43 4.70 -8.93 -11.26
C ALA A 43 3.21 -9.14 -11.55
N LEU A 44 2.61 -8.19 -12.28
CA LEU A 44 1.20 -8.26 -12.63
C LEU A 44 0.95 -9.39 -13.62
N THR A 45 1.85 -9.53 -14.60
CA THR A 45 1.71 -10.56 -15.62
C THR A 45 1.79 -11.95 -15.01
N ASN A 46 2.92 -12.25 -14.37
CA ASN A 46 3.12 -13.55 -13.73
C ASN A 46 1.85 -14.00 -13.01
N ILE A 47 1.16 -13.04 -12.40
CA ILE A 47 -0.07 -13.33 -11.67
C ILE A 47 -1.16 -13.84 -12.61
N LYS A 48 -1.40 -13.09 -13.67
CA LYS A 48 -2.42 -13.46 -14.65
C LYS A 48 -2.20 -14.88 -15.16
N ARG A 49 -0.97 -15.35 -15.06
CA ARG A 49 -0.62 -16.70 -15.51
C ARG A 49 -1.09 -17.74 -14.50
N TYR A 50 -0.85 -17.47 -13.23
CA TYR A 50 -1.25 -18.39 -12.16
C TYR A 50 -2.76 -18.59 -12.16
N LEU A 51 -3.50 -17.58 -12.60
CA LEU A 51 -4.95 -17.65 -12.65
C LEU A 51 -5.41 -18.78 -13.57
N GLU A 52 -4.91 -18.77 -14.80
CA GLU A 52 -5.27 -19.80 -15.77
C GLU A 52 -4.79 -21.17 -15.31
N GLY A 53 -3.89 -21.18 -14.34
CA GLY A 53 -3.36 -22.43 -13.83
C GLY A 53 -2.19 -22.94 -14.65
N THR A 54 -1.53 -22.04 -15.38
CA THR A 54 -0.40 -22.42 -16.21
C THR A 54 0.91 -22.18 -15.48
N ARG A 55 0.85 -22.18 -14.15
CA ARG A 55 2.04 -21.96 -13.33
C ARG A 55 2.28 -23.16 -12.41
N GLU A 56 3.55 -23.41 -12.11
CA GLU A 56 3.92 -24.53 -11.24
C GLU A 56 4.24 -24.03 -9.84
N ALA A 57 4.92 -22.89 -9.75
CA ALA A 57 5.29 -22.31 -8.46
C ALA A 57 4.50 -21.03 -8.20
N LEU A 58 4.39 -20.67 -6.93
CA LEU A 58 3.66 -19.47 -6.53
C LEU A 58 4.34 -18.22 -7.08
N PRO A 59 3.56 -17.39 -7.80
CA PRO A 59 4.07 -16.15 -8.39
C PRO A 59 4.39 -15.09 -7.34
N PRO A 60 5.20 -14.09 -7.74
CA PRO A 60 5.60 -13.00 -6.84
C PRO A 60 4.44 -12.07 -6.50
N LYS A 61 4.36 -11.67 -5.24
CA LYS A 61 3.29 -10.78 -4.78
C LYS A 61 3.50 -9.37 -5.33
N ILE A 62 2.42 -8.60 -5.36
CA ILE A 62 2.49 -7.22 -5.86
C ILE A 62 2.96 -6.27 -4.77
N GLU A 63 4.27 -6.14 -4.63
CA GLU A 63 4.86 -5.26 -3.63
C GLU A 63 5.47 -4.02 -4.28
N PHE A 64 5.02 -2.85 -3.84
CA PHE A 64 5.52 -1.59 -4.37
C PHE A 64 5.43 -0.49 -3.33
N VAL A 65 5.84 0.72 -3.73
CA VAL A 65 5.80 1.87 -2.83
C VAL A 65 5.14 3.08 -3.49
N ILE A 66 4.19 3.68 -2.79
CA ILE A 66 3.48 4.85 -3.32
C ILE A 66 3.92 6.13 -2.60
N THR A 67 4.34 7.11 -3.37
CA THR A 67 4.79 8.39 -2.81
C THR A 67 3.62 9.34 -2.62
N LEU A 68 3.10 9.39 -1.41
CA LEU A 68 1.96 10.26 -1.08
C LEU A 68 2.43 11.70 -0.89
N GLN A 69 1.65 12.64 -1.41
CA GLN A 69 1.97 14.06 -1.30
C GLN A 69 0.97 14.78 -0.41
N ILE A 70 1.45 15.35 0.70
CA ILE A 70 0.59 16.07 1.62
C ILE A 70 0.45 17.54 1.21
N GLU A 71 -0.73 17.88 0.69
CA GLU A 71 -1.00 19.25 0.25
C GLU A 71 -0.27 20.26 1.14
N GLU A 72 -0.37 20.06 2.46
CA GLU A 72 0.27 20.95 3.42
C GLU A 72 0.42 20.27 4.77
N PRO A 73 1.67 20.18 5.26
CA PRO A 73 2.83 20.71 4.53
C PRO A 73 3.16 19.91 3.29
N LYS A 74 3.70 20.59 2.28
CA LYS A 74 4.06 19.93 1.03
C LYS A 74 5.29 19.05 1.21
N VAL A 75 5.08 17.84 1.69
CA VAL A 75 6.18 16.89 1.90
C VAL A 75 5.92 15.57 1.18
N LYS A 76 6.95 14.74 1.09
CA LYS A 76 6.84 13.45 0.43
C LYS A 76 6.86 12.31 1.45
N ILE A 77 5.98 11.33 1.26
CA ILE A 77 5.90 10.20 2.16
C ILE A 77 5.89 8.88 1.39
N ASP A 78 6.96 8.11 1.53
CA ASP A 78 7.07 6.82 0.85
C ASP A 78 6.24 5.76 1.55
N LEU A 79 5.07 5.45 0.99
CA LEU A 79 4.18 4.45 1.57
C LEU A 79 4.49 3.06 1.01
N GLN A 80 5.27 2.28 1.76
CA GLN A 80 5.63 0.94 1.35
C GLN A 80 4.47 -0.02 1.53
N VAL A 81 3.81 -0.37 0.42
CA VAL A 81 2.67 -1.28 0.46
C VAL A 81 3.10 -2.69 0.09
N THR A 82 2.48 -3.68 0.75
CA THR A 82 2.79 -5.08 0.49
C THR A 82 1.53 -5.94 0.50
N MET A 83 1.10 -6.34 -0.70
CA MET A 83 -0.10 -7.16 -0.82
C MET A 83 0.27 -8.62 -1.05
N PRO A 84 0.14 -9.44 0.01
CA PRO A 84 0.45 -10.87 -0.05
C PRO A 84 -0.55 -11.65 -0.89
N HIS A 85 -0.48 -12.97 -0.80
CA HIS A 85 -1.37 -13.83 -1.56
C HIS A 85 -2.69 -14.04 -0.81
N SER A 86 -2.90 -13.24 0.23
CA SER A 86 -4.12 -13.33 1.03
C SER A 86 -5.00 -12.10 0.83
N TYR A 87 -4.45 -10.93 1.17
CA TYR A 87 -5.18 -9.68 1.03
C TYR A 87 -6.10 -9.71 -0.20
N PRO A 88 -7.22 -8.98 -0.12
CA PRO A 88 -7.57 -8.20 1.07
C PRO A 88 -7.94 -9.09 2.25
N TYR A 89 -8.34 -10.32 1.97
CA TYR A 89 -8.72 -11.25 3.02
C TYR A 89 -7.85 -11.08 4.25
N LEU A 90 -6.55 -11.00 4.05
CA LEU A 90 -5.60 -10.83 5.15
C LEU A 90 -5.20 -9.37 5.29
N ALA A 91 -4.88 -8.97 6.52
CA ALA A 91 -4.49 -7.60 6.80
C ALA A 91 -3.09 -7.31 6.25
N LEU A 92 -3.04 -6.74 5.06
CA LEU A 92 -1.77 -6.42 4.41
C LEU A 92 -0.88 -5.61 5.36
N GLN A 93 0.34 -5.32 4.91
CA GLN A 93 1.29 -4.56 5.72
C GLN A 93 1.68 -3.26 5.01
N LEU A 94 1.87 -2.20 5.78
CA LEU A 94 2.24 -0.91 5.23
C LEU A 94 3.33 -0.25 6.07
N PHE A 95 4.10 0.64 5.46
CA PHE A 95 5.16 1.35 6.16
C PHE A 95 5.43 2.70 5.50
N GLY A 96 5.09 3.77 6.23
CA GLY A 96 5.29 5.11 5.70
C GLY A 96 6.61 5.71 6.15
N ARG A 97 7.51 5.93 5.19
CA ARG A 97 8.83 6.49 5.49
C ARG A 97 9.05 7.78 4.72
N SER A 98 9.56 8.80 5.40
CA SER A 98 9.81 10.09 4.78
C SER A 98 11.12 10.69 5.30
N SER A 99 11.60 11.72 4.61
CA SER A 99 12.85 12.38 4.99
C SER A 99 12.64 13.21 6.26
N GLU A 100 11.46 13.82 6.38
CA GLU A 100 11.14 14.65 7.54
C GLU A 100 10.89 13.77 8.77
N LEU A 101 9.81 13.00 8.73
CA LEU A 101 9.45 12.12 9.84
C LEU A 101 10.70 11.45 10.42
N ASP A 102 10.67 11.20 11.72
CA ASP A 102 11.79 10.56 12.40
C ASP A 102 11.40 9.17 12.91
N ARG A 103 12.32 8.52 13.61
CA ARG A 103 12.07 7.19 14.15
C ARG A 103 10.82 7.18 15.03
N HIS A 104 10.85 8.00 16.08
CA HIS A 104 9.73 8.10 17.00
C HIS A 104 8.45 8.44 16.27
N GLN A 105 8.35 9.67 15.79
CA GLN A 105 7.17 10.12 15.06
C GLN A 105 6.60 9.01 14.19
N GLN A 106 7.46 8.38 13.41
CA GLN A 106 7.05 7.30 12.53
C GLN A 106 6.22 6.26 13.29
N LEU A 107 6.82 5.65 14.30
CA LEU A 107 6.15 4.64 15.11
C LEU A 107 4.70 5.04 15.36
N LEU A 108 4.49 6.30 15.72
CA LEU A 108 3.15 6.81 15.99
C LEU A 108 2.28 6.74 14.73
N LEU A 109 2.82 7.19 13.62
CA LEU A 109 2.10 7.18 12.35
C LEU A 109 1.77 5.75 11.93
N ASN A 110 2.82 4.97 11.65
CA ASN A 110 2.63 3.59 11.24
C ASN A 110 1.60 2.88 12.12
N LYS A 111 1.90 2.78 13.40
CA LYS A 111 1.00 2.13 14.34
C LYS A 111 -0.46 2.52 14.06
N GLY A 112 -0.72 3.82 14.02
CA GLY A 112 -2.07 4.29 13.76
C GLY A 112 -2.61 3.78 12.45
N LEU A 113 -1.80 3.86 11.39
CA LEU A 113 -2.21 3.40 10.08
C LEU A 113 -2.45 1.89 10.06
N THR A 114 -1.37 1.13 10.30
CA THR A 114 -1.46 -0.32 10.32
C THR A 114 -2.76 -0.78 10.95
N SER A 115 -3.00 -0.37 12.19
CA SER A 115 -4.21 -0.75 12.91
C SER A 115 -5.45 -0.26 12.17
N TYR A 116 -5.42 0.99 11.73
CA TYR A 116 -6.55 1.57 11.01
C TYR A 116 -6.99 0.67 9.87
N ILE A 117 -6.03 -0.01 9.25
CA ILE A 117 -6.32 -0.91 8.14
C ILE A 117 -6.78 -2.27 8.65
N GLY A 118 -6.37 -2.62 9.86
CA GLY A 118 -6.76 -3.90 10.45
C GLY A 118 -8.25 -4.00 10.67
N THR A 119 -8.92 -2.86 10.67
CA THR A 119 -10.37 -2.82 10.89
C THR A 119 -11.12 -3.23 9.63
N PHE A 120 -10.71 -2.68 8.49
CA PHE A 120 -11.36 -2.99 7.22
C PHE A 120 -11.66 -4.48 7.10
N ASP A 121 -12.80 -4.80 6.51
CA ASP A 121 -13.21 -6.19 6.34
C ASP A 121 -12.50 -6.83 5.14
N PRO A 122 -12.37 -8.16 5.18
CA PRO A 122 -11.71 -8.91 4.10
C PRO A 122 -12.54 -8.93 2.82
N GLY A 123 -11.86 -9.08 1.68
CA GLY A 123 -12.54 -9.11 0.41
C GLY A 123 -12.47 -7.79 -0.31
N GLU A 124 -12.62 -6.69 0.42
CA GLU A 124 -12.57 -5.35 -0.16
C GLU A 124 -11.15 -4.79 -0.10
N LEU A 125 -10.91 -3.75 -0.88
CA LEU A 125 -9.59 -3.11 -0.92
C LEU A 125 -9.38 -2.25 0.32
N CYS A 126 -8.12 -2.06 0.69
CA CYS A 126 -7.77 -1.26 1.86
C CYS A 126 -6.72 -0.22 1.50
N VAL A 127 -5.74 -0.61 0.69
CA VAL A 127 -4.68 0.29 0.28
C VAL A 127 -5.25 1.60 -0.25
N CYS A 128 -6.44 1.53 -0.84
CA CYS A 128 -7.09 2.71 -1.38
C CYS A 128 -7.54 3.65 -0.28
N ALA A 129 -7.84 3.09 0.88
CA ALA A 129 -8.28 3.88 2.03
C ALA A 129 -7.09 4.50 2.76
N ALA A 130 -6.04 3.70 2.96
CA ALA A 130 -4.84 4.18 3.63
C ALA A 130 -4.41 5.54 3.09
N ILE A 131 -4.30 5.64 1.77
CA ILE A 131 -3.89 6.88 1.12
C ILE A 131 -4.60 8.08 1.74
N GLN A 132 -5.92 8.05 1.72
CA GLN A 132 -6.72 9.14 2.29
C GLN A 132 -6.48 9.27 3.79
N TRP A 133 -6.76 8.20 4.52
CA TRP A 133 -6.58 8.20 5.96
C TRP A 133 -5.30 8.92 6.35
N LEU A 134 -4.22 8.66 5.61
CA LEU A 134 -2.93 9.30 5.88
C LEU A 134 -3.01 10.80 5.64
N GLN A 135 -3.27 11.19 4.38
CA GLN A 135 -3.38 12.59 4.02
C GLN A 135 -4.00 13.40 5.15
N ASP A 136 -5.06 12.85 5.74
CA ASP A 136 -5.75 13.53 6.84
C ASP A 136 -5.00 13.35 8.15
N ASN A 137 -4.54 12.13 8.41
CA ASN A 137 -3.81 11.82 9.63
C ASN A 137 -2.31 11.98 9.42
N SER A 138 -1.91 13.13 8.86
CA SER A 138 -0.50 13.41 8.60
C SER A 138 -0.10 14.74 9.19
N ALA A 139 -0.71 15.81 8.70
CA ALA A 139 -0.41 17.16 9.18
C ALA A 139 -0.42 17.21 10.71
N SER A 140 -1.43 16.60 11.32
CA SER A 140 -1.55 16.58 12.77
C SER A 140 -0.31 15.97 13.41
N TYR A 141 0.36 15.09 12.67
CA TYR A 141 1.55 14.44 13.17
C TYR A 141 2.79 15.30 12.94
N PHE A 142 2.85 15.95 11.79
CA PHE A 142 3.96 16.82 11.44
C PHE A 142 4.01 18.04 12.36
N LEU A 143 2.88 18.73 12.47
CA LEU A 143 2.78 19.92 13.30
C LEU A 143 3.60 19.76 14.59
N ASN A 144 4.75 20.42 14.63
CA ASN A 144 5.63 20.34 15.80
C ASN A 144 6.55 21.55 15.85
N ARG A 145 7.44 21.56 16.84
CA ARG A 145 8.38 22.67 17.01
C ARG A 145 9.66 22.41 16.23
N LYS A 146 9.86 23.19 15.16
CA LYS A 146 11.03 23.05 14.32
C LYS A 146 12.08 24.11 14.67
N LEU A 147 13.14 23.69 15.33
CA LEU A 147 14.22 24.60 15.72
C LEU A 147 15.44 24.41 14.83
N VAL A 148 16.06 25.53 14.46
CA VAL A 148 17.25 25.49 13.60
C VAL A 148 18.22 26.61 13.96
N SER A 149 19.50 26.38 13.73
CA SER A 149 20.53 27.37 14.03
C SER A 149 21.76 27.14 13.17
N GLY A 150 22.74 28.04 13.29
CA GLY A 150 23.95 27.92 12.51
C GLY A 150 25.18 28.30 13.32
N PRO A 151 25.82 27.28 13.93
CA PRO A 151 27.02 27.49 14.74
C PRO A 151 28.24 27.88 13.90
N SER A 152 29.05 28.79 14.42
CA SER A 152 30.25 29.24 13.71
C SER A 152 31.29 29.79 14.70
N SER A 153 32.38 30.31 14.15
CA SER A 153 33.45 30.85 14.98
C SER A 153 33.95 32.17 14.41
N GLY A 154 34.80 32.87 15.17
CA GLY A 154 35.33 34.14 14.72
C GLY A 154 36.64 34.49 15.42
N GLY A 1 -12.02 -31.03 -12.46
CA GLY A 1 -11.76 -29.63 -12.72
C GLY A 1 -12.92 -28.74 -12.32
N SER A 2 -13.08 -28.53 -11.02
CA SER A 2 -14.16 -27.70 -10.50
C SER A 2 -13.62 -26.42 -9.89
N SER A 3 -14.50 -25.44 -9.68
CA SER A 3 -14.11 -24.16 -9.10
C SER A 3 -15.20 -23.61 -8.20
N GLY A 4 -14.83 -22.73 -7.28
CA GLY A 4 -15.79 -22.14 -6.37
C GLY A 4 -16.19 -23.09 -5.25
N SER A 5 -17.47 -23.13 -4.93
CA SER A 5 -17.98 -23.99 -3.87
C SER A 5 -16.99 -24.04 -2.71
N SER A 6 -16.46 -22.88 -2.34
CA SER A 6 -15.51 -22.78 -1.24
C SER A 6 -16.11 -22.04 -0.06
N GLY A 7 -16.16 -22.69 1.09
CA GLY A 7 -16.71 -22.08 2.29
C GLY A 7 -15.78 -21.04 2.88
N MET A 8 -15.30 -21.31 4.09
CA MET A 8 -14.40 -20.39 4.78
C MET A 8 -13.21 -20.03 3.89
N SER A 9 -12.44 -21.05 3.50
CA SER A 9 -11.27 -20.84 2.66
C SER A 9 -11.68 -20.63 1.21
N ALA A 10 -10.73 -20.20 0.38
CA ALA A 10 -10.99 -19.95 -1.03
C ALA A 10 -9.74 -20.16 -1.86
N SER A 11 -9.87 -20.01 -3.18
CA SER A 11 -8.73 -20.19 -4.09
C SER A 11 -7.95 -18.89 -4.24
N VAL A 12 -6.63 -18.99 -4.11
CA VAL A 12 -5.76 -17.83 -4.23
C VAL A 12 -6.15 -16.97 -5.42
N LYS A 13 -6.55 -17.62 -6.51
CA LYS A 13 -6.96 -16.92 -7.72
C LYS A 13 -7.79 -15.68 -7.38
N GLU A 14 -8.97 -15.90 -6.82
CA GLU A 14 -9.85 -14.80 -6.44
C GLU A 14 -9.07 -13.66 -5.81
N SER A 15 -8.26 -13.99 -4.80
CA SER A 15 -7.46 -12.99 -4.11
C SER A 15 -6.55 -12.26 -5.08
N LEU A 16 -5.62 -12.99 -5.69
CA LEU A 16 -4.68 -12.41 -6.65
C LEU A 16 -5.41 -11.52 -7.65
N GLN A 17 -6.63 -11.93 -8.01
CA GLN A 17 -7.43 -11.17 -8.97
C GLN A 17 -7.65 -9.74 -8.48
N LEU A 18 -8.04 -9.61 -7.22
CA LEU A 18 -8.29 -8.29 -6.63
C LEU A 18 -7.00 -7.50 -6.51
N GLN A 19 -5.90 -8.20 -6.24
CA GLN A 19 -4.60 -7.55 -6.11
C GLN A 19 -4.18 -6.91 -7.43
N LEU A 20 -4.80 -7.33 -8.52
CA LEU A 20 -4.49 -6.79 -9.84
C LEU A 20 -5.32 -5.55 -10.13
N LEU A 21 -6.63 -5.68 -10.01
CA LEU A 21 -7.54 -4.56 -10.26
C LEU A 21 -7.16 -3.36 -9.40
N GLU A 22 -6.72 -3.63 -8.18
CA GLU A 22 -6.33 -2.56 -7.26
C GLU A 22 -5.16 -1.77 -7.81
N MET A 23 -4.45 -2.35 -8.78
CA MET A 23 -3.31 -1.69 -9.39
C MET A 23 -3.77 -0.65 -10.41
N GLU A 24 -4.41 -1.12 -11.48
CA GLU A 24 -4.90 -0.21 -12.52
C GLU A 24 -5.61 0.99 -11.92
N MET A 25 -6.40 0.74 -10.88
CA MET A 25 -7.14 1.80 -10.21
C MET A 25 -6.19 2.78 -9.54
N LEU A 26 -5.11 2.26 -8.95
CA LEU A 26 -4.13 3.09 -8.28
C LEU A 26 -3.31 3.89 -9.28
N PHE A 27 -2.94 3.26 -10.38
CA PHE A 27 -2.16 3.92 -11.42
C PHE A 27 -2.85 5.20 -11.88
N SER A 28 -4.16 5.12 -12.08
CA SER A 28 -4.94 6.27 -12.53
C SER A 28 -4.97 7.36 -11.45
N MET A 29 -4.75 6.95 -10.21
CA MET A 29 -4.76 7.89 -9.08
C MET A 29 -3.46 8.68 -9.02
N PHE A 30 -2.39 8.08 -9.54
CA PHE A 30 -1.08 8.73 -9.54
C PHE A 30 -0.49 8.74 -10.94
N PRO A 31 -1.06 9.60 -11.81
CA PRO A 31 -0.60 9.73 -13.20
C PRO A 31 0.78 10.39 -13.29
N ASN A 32 1.14 11.16 -12.27
CA ASN A 32 2.42 11.84 -12.25
C ASN A 32 3.56 10.85 -12.02
N GLN A 33 4.46 10.76 -13.00
CA GLN A 33 5.59 9.85 -12.91
C GLN A 33 5.21 8.57 -12.18
N GLY A 34 3.96 8.15 -12.36
CA GLY A 34 3.49 6.94 -11.71
C GLY A 34 4.06 6.76 -10.32
N GLU A 35 3.57 7.56 -9.38
CA GLU A 35 4.03 7.50 -8.00
C GLU A 35 4.25 6.05 -7.56
N VAL A 36 3.43 5.16 -8.08
CA VAL A 36 3.52 3.74 -7.75
C VAL A 36 4.70 3.09 -8.47
N LYS A 37 5.73 2.75 -7.70
CA LYS A 37 6.93 2.12 -8.26
C LYS A 37 6.90 0.61 -8.01
N LEU A 38 6.80 -0.15 -9.08
CA LEU A 38 6.78 -1.61 -8.99
C LEU A 38 8.18 -2.20 -9.20
N GLU A 39 8.76 -2.71 -8.13
CA GLU A 39 10.10 -3.30 -8.19
C GLU A 39 10.14 -4.42 -9.23
N ASP A 40 9.00 -5.06 -9.45
CA ASP A 40 8.90 -6.15 -10.42
C ASP A 40 7.78 -5.89 -11.42
N VAL A 41 8.12 -5.28 -12.54
CA VAL A 41 7.14 -4.97 -13.58
C VAL A 41 6.47 -6.24 -14.08
N ASN A 42 7.07 -7.39 -13.79
CA ASN A 42 6.52 -8.67 -14.21
C ASN A 42 5.75 -9.33 -13.08
N ALA A 43 5.34 -8.52 -12.10
CA ALA A 43 4.57 -9.03 -10.97
C ALA A 43 3.09 -9.16 -11.30
N LEU A 44 2.56 -8.16 -11.99
CA LEU A 44 1.15 -8.15 -12.37
C LEU A 44 0.88 -9.18 -13.48
N THR A 45 1.77 -9.19 -14.48
CA THR A 45 1.63 -10.12 -15.60
C THR A 45 1.65 -11.57 -15.12
N ASN A 46 2.73 -11.93 -14.44
CA ASN A 46 2.89 -13.29 -13.92
C ASN A 46 1.59 -13.78 -13.29
N ILE A 47 0.96 -12.93 -12.50
CA ILE A 47 -0.29 -13.27 -11.84
C ILE A 47 -1.33 -13.76 -12.84
N LYS A 48 -1.70 -12.88 -13.77
CA LYS A 48 -2.68 -13.23 -14.80
C LYS A 48 -2.41 -14.62 -15.37
N ARG A 49 -1.13 -14.92 -15.60
CA ARG A 49 -0.74 -16.21 -16.14
C ARG A 49 -1.15 -17.34 -15.20
N TYR A 50 -1.03 -17.10 -13.90
CA TYR A 50 -1.38 -18.11 -12.90
C TYR A 50 -2.90 -18.32 -12.87
N LEU A 51 -3.65 -17.27 -13.14
CA LEU A 51 -5.10 -17.34 -13.15
C LEU A 51 -5.60 -18.35 -14.18
N GLU A 52 -4.93 -18.37 -15.33
CA GLU A 52 -5.30 -19.29 -16.40
C GLU A 52 -4.69 -20.67 -16.18
N GLY A 53 -3.88 -20.79 -15.12
CA GLY A 53 -3.24 -22.06 -14.81
C GLY A 53 -2.08 -22.36 -15.74
N THR A 54 -1.47 -21.31 -16.29
CA THR A 54 -0.35 -21.47 -17.20
C THR A 54 0.98 -21.27 -16.46
N ARG A 55 0.95 -21.45 -15.15
CA ARG A 55 2.16 -21.28 -14.33
C ARG A 55 2.38 -22.50 -13.44
N GLU A 56 3.60 -23.02 -13.46
CA GLU A 56 3.94 -24.19 -12.66
C GLU A 56 4.31 -23.79 -11.23
N ALA A 57 4.83 -22.57 -11.09
CA ALA A 57 5.22 -22.06 -9.78
C ALA A 57 4.36 -20.86 -9.39
N LEU A 58 4.43 -20.48 -8.11
CA LEU A 58 3.67 -19.35 -7.61
C LEU A 58 4.35 -18.03 -7.94
N PRO A 59 3.60 -17.11 -8.55
CA PRO A 59 4.12 -15.80 -8.93
C PRO A 59 4.39 -14.91 -7.72
N PRO A 60 5.29 -13.93 -7.90
CA PRO A 60 5.66 -13.00 -6.83
C PRO A 60 4.53 -12.03 -6.49
N LYS A 61 4.24 -11.89 -5.20
CA LYS A 61 3.19 -10.99 -4.74
C LYS A 61 3.34 -9.61 -5.37
N ILE A 62 2.40 -8.73 -5.06
CA ILE A 62 2.44 -7.36 -5.59
C ILE A 62 2.94 -6.38 -4.55
N GLU A 63 4.25 -6.10 -4.58
CA GLU A 63 4.85 -5.18 -3.65
C GLU A 63 5.39 -3.94 -4.36
N PHE A 64 5.09 -2.77 -3.82
CA PHE A 64 5.54 -1.51 -4.41
C PHE A 64 5.48 -0.38 -3.38
N VAL A 65 5.86 0.82 -3.82
CA VAL A 65 5.86 1.99 -2.94
C VAL A 65 5.05 3.12 -3.55
N ILE A 66 4.13 3.68 -2.76
CA ILE A 66 3.30 4.78 -3.22
C ILE A 66 3.72 6.10 -2.58
N THR A 67 3.94 7.11 -3.41
CA THR A 67 4.36 8.42 -2.93
C THR A 67 3.15 9.28 -2.58
N LEU A 68 2.94 9.47 -1.28
CA LEU A 68 1.81 10.27 -0.80
C LEU A 68 2.13 11.77 -0.91
N GLN A 69 1.46 12.43 -1.84
CA GLN A 69 1.66 13.86 -2.05
C GLN A 69 0.80 14.69 -1.08
N ILE A 70 1.26 14.79 0.16
CA ILE A 70 0.53 15.55 1.18
C ILE A 70 0.40 17.01 0.78
N GLU A 71 -0.81 17.39 0.37
CA GLU A 71 -1.07 18.77 -0.04
C GLU A 71 -0.42 19.76 0.93
N GLU A 72 -0.52 19.45 2.23
CA GLU A 72 0.05 20.32 3.26
C GLU A 72 0.16 19.57 4.59
N PRO A 73 1.33 19.66 5.23
CA PRO A 73 2.46 20.43 4.68
C PRO A 73 3.07 19.77 3.44
N LYS A 74 3.22 20.54 2.38
CA LYS A 74 3.79 20.04 1.14
C LYS A 74 5.06 19.23 1.41
N VAL A 75 4.93 17.91 1.35
CA VAL A 75 6.07 17.02 1.59
C VAL A 75 5.93 15.73 0.80
N LYS A 76 6.98 14.91 0.83
CA LYS A 76 6.97 13.63 0.12
C LYS A 76 7.11 12.47 1.09
N ILE A 77 6.12 11.59 1.11
CA ILE A 77 6.14 10.43 1.99
C ILE A 77 6.09 9.12 1.19
N ASP A 78 7.14 8.32 1.33
CA ASP A 78 7.22 7.04 0.63
C ASP A 78 6.52 5.94 1.42
N LEU A 79 5.38 5.49 0.90
CA LEU A 79 4.60 4.44 1.56
C LEU A 79 4.95 3.07 0.98
N GLN A 80 5.41 2.17 1.84
CA GLN A 80 5.77 0.82 1.41
C GLN A 80 4.60 -0.13 1.57
N VAL A 81 3.88 -0.37 0.48
CA VAL A 81 2.73 -1.28 0.50
C VAL A 81 3.11 -2.67 0.04
N THR A 82 2.64 -3.68 0.77
CA THR A 82 2.92 -5.07 0.45
C THR A 82 1.69 -5.95 0.59
N MET A 83 1.17 -6.42 -0.54
CA MET A 83 -0.01 -7.26 -0.54
C MET A 83 0.32 -8.68 -1.02
N PRO A 84 0.28 -9.64 -0.09
CA PRO A 84 0.58 -11.04 -0.39
C PRO A 84 -0.49 -11.69 -1.26
N HIS A 85 -0.45 -13.02 -1.35
CA HIS A 85 -1.42 -13.76 -2.15
C HIS A 85 -2.73 -13.92 -1.40
N SER A 86 -2.76 -13.47 -0.16
CA SER A 86 -3.95 -13.58 0.68
C SER A 86 -4.77 -12.28 0.62
N TYR A 87 -4.16 -11.19 1.07
CA TYR A 87 -4.83 -9.90 1.07
C TYR A 87 -5.77 -9.76 -0.13
N PRO A 88 -6.85 -8.99 0.04
CA PRO A 88 -7.14 -8.31 1.31
C PRO A 88 -7.53 -9.28 2.42
N TYR A 89 -7.61 -10.55 2.09
CA TYR A 89 -7.97 -11.59 3.05
C TYR A 89 -7.34 -11.30 4.41
N LEU A 90 -6.04 -11.06 4.41
CA LEU A 90 -5.31 -10.78 5.64
C LEU A 90 -4.97 -9.30 5.74
N ALA A 91 -4.22 -8.94 6.78
CA ALA A 91 -3.82 -7.54 6.98
C ALA A 91 -2.48 -7.26 6.33
N LEU A 92 -2.51 -6.52 5.23
CA LEU A 92 -1.29 -6.17 4.50
C LEU A 92 -0.32 -5.42 5.41
N GLN A 93 0.92 -5.27 4.94
CA GLN A 93 1.94 -4.57 5.71
C GLN A 93 2.30 -3.23 5.04
N LEU A 94 2.26 -2.16 5.82
CA LEU A 94 2.57 -0.83 5.32
C LEU A 94 3.70 -0.20 6.13
N PHE A 95 4.46 0.68 5.49
CA PHE A 95 5.56 1.36 6.15
C PHE A 95 5.62 2.84 5.74
N GLY A 96 5.34 3.72 6.69
CA GLY A 96 5.35 5.14 6.42
C GLY A 96 6.59 5.83 6.99
N ARG A 97 7.48 6.27 6.12
CA ARG A 97 8.70 6.95 6.54
C ARG A 97 8.96 8.19 5.69
N SER A 98 9.40 9.26 6.34
CA SER A 98 9.68 10.51 5.64
C SER A 98 10.94 11.17 6.19
N SER A 99 11.84 11.56 5.29
CA SER A 99 13.09 12.20 5.68
C SER A 99 12.84 13.33 6.67
N GLU A 100 11.65 13.94 6.57
CA GLU A 100 11.29 15.04 7.46
C GLU A 100 10.79 14.52 8.81
N LEU A 101 10.02 13.43 8.76
CA LEU A 101 9.48 12.83 9.97
C LEU A 101 10.60 12.38 10.91
N ASP A 102 10.23 11.97 12.12
CA ASP A 102 11.20 11.52 13.10
C ASP A 102 10.89 10.09 13.55
N ARG A 103 11.75 9.54 14.39
CA ARG A 103 11.57 8.18 14.90
C ARG A 103 10.31 8.08 15.73
N HIS A 104 10.15 8.99 16.68
CA HIS A 104 8.97 9.01 17.54
C HIS A 104 7.70 9.20 16.73
N GLN A 105 7.71 10.18 15.83
CA GLN A 105 6.56 10.46 14.98
C GLN A 105 6.16 9.22 14.18
N GLN A 106 7.11 8.67 13.44
CA GLN A 106 6.86 7.49 12.62
C GLN A 106 6.11 6.43 13.41
N LEU A 107 6.68 6.04 14.55
CA LEU A 107 6.05 5.02 15.40
C LEU A 107 4.56 5.29 15.57
N LEU A 108 4.21 6.57 15.73
CA LEU A 108 2.82 6.96 15.90
C LEU A 108 2.05 6.83 14.58
N LEU A 109 2.69 7.20 13.49
CA LEU A 109 2.07 7.12 12.17
C LEU A 109 1.78 5.68 11.79
N ASN A 110 2.82 4.85 11.77
CA ASN A 110 2.67 3.45 11.43
C ASN A 110 1.59 2.79 12.28
N LYS A 111 1.80 2.76 13.59
CA LYS A 111 0.83 2.16 14.51
C LYS A 111 -0.59 2.62 14.17
N GLY A 112 -0.83 3.92 14.27
CA GLY A 112 -2.14 4.46 13.98
C GLY A 112 -2.71 3.93 12.68
N LEU A 113 -1.82 3.68 11.71
CA LEU A 113 -2.24 3.16 10.41
C LEU A 113 -2.50 1.66 10.47
N THR A 114 -1.44 0.89 10.67
CA THR A 114 -1.55 -0.56 10.75
C THR A 114 -2.82 -0.97 11.49
N SER A 115 -3.01 -0.41 12.68
CA SER A 115 -4.19 -0.73 13.49
C SER A 115 -5.47 -0.29 12.79
N TYR A 116 -5.41 0.87 12.13
CA TYR A 116 -6.57 1.40 11.42
C TYR A 116 -6.99 0.45 10.30
N ILE A 117 -6.02 -0.07 9.57
CA ILE A 117 -6.30 -0.98 8.47
C ILE A 117 -6.67 -2.37 8.99
N GLY A 118 -6.56 -2.56 10.31
CA GLY A 118 -6.89 -3.83 10.91
C GLY A 118 -8.38 -3.97 11.17
N THR A 119 -9.15 -2.96 10.80
CA THR A 119 -10.59 -2.97 10.99
C THR A 119 -11.31 -3.34 9.70
N PHE A 120 -10.55 -3.62 8.65
CA PHE A 120 -11.11 -3.98 7.36
C PHE A 120 -11.49 -5.46 7.32
N ASP A 121 -12.37 -5.82 6.39
CA ASP A 121 -12.81 -7.20 6.26
C ASP A 121 -12.24 -7.83 4.98
N PRO A 122 -12.16 -9.16 4.97
CA PRO A 122 -11.63 -9.91 3.82
C PRO A 122 -12.58 -9.86 2.62
N GLY A 123 -12.05 -9.47 1.46
CA GLY A 123 -12.86 -9.39 0.26
C GLY A 123 -12.74 -8.06 -0.44
N GLU A 124 -12.60 -6.99 0.35
CA GLU A 124 -12.48 -5.65 -0.20
C GLU A 124 -11.05 -5.12 -0.04
N LEU A 125 -10.72 -4.09 -0.80
CA LEU A 125 -9.39 -3.49 -0.73
C LEU A 125 -9.22 -2.66 0.54
N CYS A 126 -7.98 -2.51 0.98
CA CYS A 126 -7.68 -1.74 2.17
C CYS A 126 -6.74 -0.57 1.86
N VAL A 127 -5.77 -0.82 0.99
CA VAL A 127 -4.81 0.20 0.60
C VAL A 127 -5.52 1.48 0.15
N CYS A 128 -6.70 1.32 -0.44
CA CYS A 128 -7.48 2.46 -0.92
C CYS A 128 -7.75 3.44 0.21
N ALA A 129 -7.88 2.92 1.43
CA ALA A 129 -8.13 3.76 2.60
C ALA A 129 -6.84 4.35 3.14
N ALA A 130 -5.85 3.49 3.38
CA ALA A 130 -4.57 3.93 3.91
C ALA A 130 -4.11 5.22 3.22
N ILE A 131 -4.21 5.25 1.91
CA ILE A 131 -3.80 6.43 1.14
C ILE A 131 -4.48 7.68 1.66
N GLN A 132 -5.81 7.68 1.68
CA GLN A 132 -6.57 8.82 2.17
C GLN A 132 -6.30 9.07 3.65
N TRP A 133 -6.60 8.08 4.47
CA TRP A 133 -6.39 8.18 5.91
C TRP A 133 -5.09 8.93 6.21
N LEU A 134 -4.00 8.46 5.63
CA LEU A 134 -2.69 9.08 5.85
C LEU A 134 -2.75 10.57 5.54
N GLN A 135 -3.14 10.91 4.32
CA GLN A 135 -3.24 12.32 3.93
C GLN A 135 -3.74 13.18 5.07
N ASP A 136 -4.93 12.86 5.58
CA ASP A 136 -5.52 13.61 6.68
C ASP A 136 -4.79 13.33 7.97
N ASN A 137 -4.18 12.16 8.07
CA ASN A 137 -3.44 11.77 9.27
C ASN A 137 -1.93 11.93 9.06
N SER A 138 -1.53 13.10 8.58
CA SER A 138 -0.12 13.39 8.33
C SER A 138 0.27 14.74 8.90
N ALA A 139 -0.34 15.80 8.39
CA ALA A 139 -0.06 17.15 8.86
C ALA A 139 0.12 17.18 10.37
N SER A 140 -0.71 16.42 11.08
CA SER A 140 -0.64 16.36 12.53
C SER A 140 0.74 15.92 13.00
N TYR A 141 1.29 14.90 12.34
CA TYR A 141 2.61 14.39 12.69
C TYR A 141 3.70 15.32 12.20
N PHE A 142 3.30 16.37 11.49
CA PHE A 142 4.26 17.35 10.97
C PHE A 142 4.12 18.69 11.69
N LEU A 143 3.26 18.72 12.70
CA LEU A 143 3.03 19.94 13.47
C LEU A 143 3.49 19.77 14.92
N ASN A 144 3.22 20.77 15.74
CA ASN A 144 3.61 20.73 17.15
C ASN A 144 3.15 19.43 17.80
N ARG A 145 3.41 19.31 19.10
CA ARG A 145 3.03 18.10 19.84
C ARG A 145 3.91 16.92 19.45
N LYS A 146 5.20 17.18 19.30
CA LYS A 146 6.14 16.13 18.94
C LYS A 146 7.25 15.99 19.99
N LEU A 147 7.34 14.80 20.58
CA LEU A 147 8.35 14.54 21.60
C LEU A 147 9.75 14.73 21.05
N VAL A 148 10.27 15.94 21.14
CA VAL A 148 11.61 16.25 20.64
C VAL A 148 12.14 17.55 21.26
N SER A 149 13.44 17.78 21.11
CA SER A 149 14.06 18.97 21.66
C SER A 149 15.00 19.61 20.63
N GLY A 150 15.19 20.93 20.75
CA GLY A 150 16.06 21.63 19.83
C GLY A 150 16.31 23.06 20.26
N PRO A 151 17.55 23.53 20.07
CA PRO A 151 17.95 24.90 20.43
C PRO A 151 17.31 25.95 19.53
N SER A 152 17.62 27.22 19.79
CA SER A 152 17.07 28.32 19.01
C SER A 152 17.91 29.58 19.18
N SER A 153 18.49 30.04 18.09
CA SER A 153 19.32 31.25 18.12
C SER A 153 18.80 32.29 17.14
N GLY A 154 19.29 33.52 17.28
CA GLY A 154 18.86 34.60 16.40
C GLY A 154 20.02 35.46 15.94
N GLY A 1 1.15 -32.72 -8.52
CA GLY A 1 0.57 -31.93 -7.45
C GLY A 1 1.35 -32.04 -6.16
N SER A 2 1.90 -30.91 -5.70
CA SER A 2 2.67 -30.90 -4.47
C SER A 2 1.85 -30.34 -3.31
N SER A 3 0.59 -30.76 -3.24
CA SER A 3 -0.31 -30.30 -2.19
C SER A 3 -1.29 -31.40 -1.80
N GLY A 4 -2.09 -31.13 -0.76
CA GLY A 4 -3.06 -32.11 -0.30
C GLY A 4 -4.25 -31.46 0.38
N SER A 5 -5.21 -31.01 -0.43
CA SER A 5 -6.41 -30.36 0.11
C SER A 5 -6.07 -29.51 1.33
N SER A 6 -4.95 -28.79 1.24
CA SER A 6 -4.52 -27.94 2.34
C SER A 6 -4.14 -26.55 1.82
N GLY A 7 -4.73 -25.52 2.41
CA GLY A 7 -4.45 -24.16 2.00
C GLY A 7 -5.32 -23.14 2.71
N MET A 8 -5.12 -21.87 2.39
CA MET A 8 -5.90 -20.80 3.00
C MET A 8 -7.39 -21.05 2.84
N SER A 9 -8.21 -20.15 3.39
CA SER A 9 -9.66 -20.28 3.31
C SER A 9 -10.14 -20.15 1.87
N ALA A 10 -10.01 -18.95 1.32
CA ALA A 10 -10.44 -18.70 -0.06
C ALA A 10 -9.38 -19.17 -1.05
N SER A 11 -9.70 -19.09 -2.33
CA SER A 11 -8.79 -19.51 -3.38
C SER A 11 -7.80 -18.40 -3.72
N VAL A 12 -6.51 -18.71 -3.61
CA VAL A 12 -5.46 -17.73 -3.91
C VAL A 12 -5.79 -16.94 -5.16
N LYS A 13 -6.53 -17.55 -6.07
CA LYS A 13 -6.92 -16.90 -7.31
C LYS A 13 -7.48 -15.50 -7.05
N GLU A 14 -8.39 -15.41 -6.09
CA GLU A 14 -9.01 -14.14 -5.74
C GLU A 14 -7.97 -13.18 -5.17
N SER A 15 -7.44 -13.50 -4.00
CA SER A 15 -6.44 -12.65 -3.35
C SER A 15 -5.52 -12.02 -4.39
N LEU A 16 -5.03 -12.85 -5.32
CA LEU A 16 -4.14 -12.37 -6.37
C LEU A 16 -4.90 -11.61 -7.44
N GLN A 17 -6.09 -12.11 -7.76
CA GLN A 17 -6.93 -11.48 -8.78
C GLN A 17 -7.30 -10.06 -8.37
N LEU A 18 -7.97 -9.94 -7.23
CA LEU A 18 -8.39 -8.63 -6.72
C LEU A 18 -7.21 -7.67 -6.66
N GLN A 19 -6.02 -8.21 -6.40
CA GLN A 19 -4.82 -7.39 -6.33
C GLN A 19 -4.54 -6.69 -7.66
N LEU A 20 -5.08 -7.25 -8.73
CA LEU A 20 -4.89 -6.69 -10.06
C LEU A 20 -5.89 -5.56 -10.32
N LEU A 21 -7.16 -5.83 -10.01
CA LEU A 21 -8.22 -4.84 -10.22
C LEU A 21 -7.89 -3.54 -9.48
N GLU A 22 -7.20 -3.65 -8.36
CA GLU A 22 -6.83 -2.49 -7.56
C GLU A 22 -5.63 -1.77 -8.18
N MET A 23 -4.75 -2.55 -8.80
CA MET A 23 -3.56 -1.99 -9.44
C MET A 23 -3.94 -0.89 -10.43
N GLU A 24 -4.75 -1.27 -11.42
CA GLU A 24 -5.18 -0.31 -12.45
C GLU A 24 -5.78 0.93 -11.81
N MET A 25 -6.49 0.74 -10.70
CA MET A 25 -7.12 1.86 -9.98
C MET A 25 -6.07 2.75 -9.34
N LEU A 26 -5.01 2.12 -8.80
CA LEU A 26 -3.95 2.87 -8.15
C LEU A 26 -3.19 3.75 -9.15
N PHE A 27 -2.88 3.18 -10.31
CA PHE A 27 -2.18 3.91 -11.36
C PHE A 27 -2.91 5.20 -11.71
N SER A 28 -4.20 5.08 -11.99
CA SER A 28 -5.02 6.23 -12.35
C SER A 28 -4.81 7.37 -11.36
N MET A 29 -4.97 7.06 -10.07
CA MET A 29 -4.79 8.06 -9.02
C MET A 29 -3.42 8.71 -9.11
N PHE A 30 -2.41 7.91 -9.42
CA PHE A 30 -1.04 8.39 -9.53
C PHE A 30 -0.58 8.39 -10.99
N PRO A 31 -0.98 9.42 -11.74
CA PRO A 31 -0.61 9.57 -13.15
C PRO A 31 0.87 9.88 -13.34
N ASN A 32 1.41 10.72 -12.47
CA ASN A 32 2.82 11.10 -12.54
C ASN A 32 3.72 9.90 -12.23
N GLN A 33 4.67 9.64 -13.11
CA GLN A 33 5.60 8.53 -12.92
C GLN A 33 6.34 8.66 -11.60
N GLY A 34 6.99 7.57 -11.18
CA GLY A 34 7.73 7.59 -9.93
C GLY A 34 6.85 7.26 -8.73
N GLU A 35 5.70 7.91 -8.65
CA GLU A 35 4.77 7.69 -7.55
C GLU A 35 4.69 6.21 -7.20
N VAL A 36 4.24 5.40 -8.15
CA VAL A 36 4.11 3.96 -7.95
C VAL A 36 5.29 3.22 -8.54
N LYS A 37 6.24 2.84 -7.69
CA LYS A 37 7.42 2.11 -8.14
C LYS A 37 7.24 0.60 -7.96
N LEU A 38 7.10 -0.11 -9.07
CA LEU A 38 6.92 -1.55 -9.03
C LEU A 38 8.24 -2.28 -9.26
N GLU A 39 8.74 -2.94 -8.22
CA GLU A 39 10.00 -3.67 -8.31
C GLU A 39 9.99 -4.61 -9.52
N ASP A 40 8.81 -5.08 -9.89
CA ASP A 40 8.68 -5.98 -11.03
C ASP A 40 7.49 -5.58 -11.91
N VAL A 41 7.77 -5.29 -13.18
CA VAL A 41 6.73 -4.89 -14.11
C VAL A 41 5.99 -6.10 -14.66
N ASN A 42 6.59 -7.28 -14.49
CA ASN A 42 5.99 -8.52 -14.98
C ASN A 42 5.28 -9.26 -13.85
N ALA A 43 5.18 -8.60 -12.69
CA ALA A 43 4.53 -9.19 -11.53
C ALA A 43 3.05 -9.43 -11.79
N LEU A 44 2.38 -8.43 -12.33
CA LEU A 44 0.95 -8.52 -12.64
C LEU A 44 0.71 -9.51 -13.77
N THR A 45 1.49 -9.38 -14.84
CA THR A 45 1.36 -10.25 -16.00
C THR A 45 1.37 -11.72 -15.58
N ASN A 46 2.37 -12.10 -14.79
CA ASN A 46 2.49 -13.48 -14.32
C ASN A 46 1.21 -13.93 -13.63
N ILE A 47 0.79 -13.16 -12.63
CA ILE A 47 -0.42 -13.48 -11.89
C ILE A 47 -1.52 -14.00 -12.82
N LYS A 48 -1.78 -13.25 -13.89
CA LYS A 48 -2.79 -13.63 -14.86
C LYS A 48 -2.54 -15.03 -15.39
N ARG A 49 -1.27 -15.38 -15.57
CA ARG A 49 -0.91 -16.70 -16.07
C ARG A 49 -1.19 -17.77 -15.03
N TYR A 50 -1.47 -17.34 -13.81
CA TYR A 50 -1.75 -18.28 -12.72
C TYR A 50 -3.25 -18.55 -12.61
N LEU A 51 -4.05 -17.51 -12.84
CA LEU A 51 -5.50 -17.62 -12.77
C LEU A 51 -6.03 -18.56 -13.86
N GLU A 52 -5.43 -18.47 -15.05
CA GLU A 52 -5.84 -19.31 -16.17
C GLU A 52 -5.37 -20.74 -15.97
N GLY A 53 -4.27 -20.92 -15.24
CA GLY A 53 -3.73 -22.24 -15.00
C GLY A 53 -2.44 -22.49 -15.74
N THR A 54 -2.33 -21.97 -16.96
CA THR A 54 -1.15 -22.14 -17.77
C THR A 54 0.11 -22.16 -16.91
N ARG A 55 0.09 -21.39 -15.82
CA ARG A 55 1.23 -21.32 -14.92
C ARG A 55 0.85 -21.82 -13.53
N GLU A 56 1.71 -22.66 -12.96
CA GLU A 56 1.46 -23.21 -11.63
C GLU A 56 2.31 -22.51 -10.58
N ALA A 57 3.62 -22.48 -10.81
CA ALA A 57 4.55 -21.84 -9.89
C ALA A 57 3.96 -20.54 -9.32
N LEU A 58 3.75 -20.52 -8.01
CA LEU A 58 3.18 -19.35 -7.35
C LEU A 58 3.84 -18.07 -7.85
N PRO A 59 3.03 -17.17 -8.42
CA PRO A 59 3.51 -15.90 -8.95
C PRO A 59 3.95 -14.93 -7.85
N PRO A 60 4.83 -13.99 -8.20
CA PRO A 60 5.35 -13.00 -7.26
C PRO A 60 4.28 -11.99 -6.84
N LYS A 61 4.14 -11.80 -5.52
CA LYS A 61 3.15 -10.86 -5.00
C LYS A 61 3.40 -9.46 -5.53
N ILE A 62 2.39 -8.60 -5.43
CA ILE A 62 2.50 -7.23 -5.90
C ILE A 62 3.01 -6.31 -4.79
N GLU A 63 4.27 -5.91 -4.92
CA GLU A 63 4.89 -5.02 -3.93
C GLU A 63 5.47 -3.78 -4.60
N PHE A 64 5.09 -2.61 -4.10
CA PHE A 64 5.57 -1.35 -4.65
C PHE A 64 5.55 -0.25 -3.60
N VAL A 65 6.01 0.94 -3.97
CA VAL A 65 6.04 2.07 -3.06
C VAL A 65 5.22 3.24 -3.61
N ILE A 66 4.29 3.73 -2.79
CA ILE A 66 3.44 4.84 -3.20
C ILE A 66 3.80 6.11 -2.43
N THR A 67 4.09 7.18 -3.16
CA THR A 67 4.45 8.45 -2.56
C THR A 67 3.21 9.26 -2.20
N LEU A 68 3.10 9.65 -0.94
CA LEU A 68 1.96 10.43 -0.47
C LEU A 68 2.28 11.92 -0.47
N GLN A 69 1.89 12.59 -1.55
CA GLN A 69 2.14 14.03 -1.68
C GLN A 69 1.21 14.82 -0.76
N ILE A 70 1.54 14.85 0.53
CA ILE A 70 0.74 15.58 1.50
C ILE A 70 0.56 17.04 1.09
N GLU A 71 -0.69 17.46 0.99
CA GLU A 71 -1.00 18.84 0.62
C GLU A 71 -0.39 19.82 1.60
N GLU A 72 -0.67 19.64 2.89
CA GLU A 72 -0.14 20.51 3.92
C GLU A 72 0.02 19.76 5.24
N PRO A 73 1.25 19.76 5.76
CA PRO A 73 2.40 20.43 5.13
C PRO A 73 2.83 19.74 3.85
N LYS A 74 3.46 20.50 2.95
CA LYS A 74 3.93 19.96 1.69
C LYS A 74 5.20 19.15 1.89
N VAL A 75 5.04 17.86 2.12
CA VAL A 75 6.18 16.96 2.32
C VAL A 75 6.01 15.66 1.54
N LYS A 76 7.03 14.81 1.60
CA LYS A 76 6.99 13.53 0.89
C LYS A 76 7.11 12.37 1.87
N ILE A 77 6.30 11.34 1.65
CA ILE A 77 6.31 10.17 2.51
C ILE A 77 6.26 8.88 1.68
N ASP A 78 7.38 8.16 1.66
CA ASP A 78 7.47 6.91 0.91
C ASP A 78 6.71 5.80 1.63
N LEU A 79 5.58 5.40 1.05
CA LEU A 79 4.75 4.35 1.63
C LEU A 79 5.04 3.00 0.97
N GLN A 80 5.58 2.07 1.75
CA GLN A 80 5.90 0.75 1.24
C GLN A 80 4.72 -0.20 1.41
N VAL A 81 3.98 -0.43 0.32
CA VAL A 81 2.83 -1.32 0.35
C VAL A 81 3.22 -2.73 -0.07
N THR A 82 2.63 -3.72 0.59
CA THR A 82 2.90 -5.12 0.30
C THR A 82 1.63 -5.96 0.38
N MET A 83 1.24 -6.52 -0.76
CA MET A 83 0.04 -7.35 -0.83
C MET A 83 0.41 -8.81 -1.10
N PRO A 84 0.46 -9.63 -0.04
CA PRO A 84 0.79 -11.05 -0.15
C PRO A 84 -0.30 -11.85 -0.84
N HIS A 85 -0.06 -13.15 -1.03
CA HIS A 85 -1.03 -14.02 -1.68
C HIS A 85 -2.31 -14.12 -0.84
N SER A 86 -2.28 -13.56 0.35
CA SER A 86 -3.43 -13.60 1.25
C SER A 86 -4.31 -12.36 1.05
N TYR A 87 -3.75 -11.20 1.36
CA TYR A 87 -4.48 -9.94 1.22
C TYR A 87 -5.41 -9.99 0.01
N PRO A 88 -6.53 -9.25 0.10
CA PRO A 88 -6.86 -8.45 1.28
C PRO A 88 -7.21 -9.31 2.49
N TYR A 89 -7.69 -10.52 2.23
CA TYR A 89 -8.06 -11.44 3.29
C TYR A 89 -7.15 -11.26 4.51
N LEU A 90 -5.85 -11.16 4.26
CA LEU A 90 -4.88 -10.97 5.33
C LEU A 90 -4.44 -9.51 5.43
N ALA A 91 -4.10 -9.09 6.65
CA ALA A 91 -3.67 -7.72 6.88
C ALA A 91 -2.33 -7.45 6.18
N LEU A 92 -2.38 -6.65 5.12
CA LEU A 92 -1.18 -6.31 4.37
C LEU A 92 -0.17 -5.56 5.25
N GLN A 93 0.99 -5.27 4.68
CA GLN A 93 2.03 -4.56 5.41
C GLN A 93 2.32 -3.20 4.78
N LEU A 94 2.34 -2.16 5.60
CA LEU A 94 2.60 -0.81 5.11
C LEU A 94 3.63 -0.10 6.00
N PHE A 95 4.61 0.53 5.38
CA PHE A 95 5.65 1.25 6.11
C PHE A 95 5.93 2.61 5.47
N GLY A 96 5.64 3.67 6.21
CA GLY A 96 5.87 5.02 5.70
C GLY A 96 6.94 5.76 6.48
N ARG A 97 8.07 6.02 5.82
CA ARG A 97 9.18 6.73 6.46
C ARG A 97 9.53 7.99 5.68
N SER A 98 9.78 9.08 6.42
CA SER A 98 10.12 10.35 5.81
C SER A 98 11.25 11.03 6.57
N SER A 99 12.30 11.42 5.85
CA SER A 99 13.44 12.08 6.46
C SER A 99 12.99 13.18 7.41
N GLU A 100 12.11 14.04 6.93
CA GLU A 100 11.59 15.14 7.74
C GLU A 100 11.03 14.63 9.07
N LEU A 101 10.21 13.59 8.98
CA LEU A 101 9.60 12.99 10.17
C LEU A 101 10.67 12.58 11.18
N ASP A 102 10.23 12.12 12.35
CA ASP A 102 11.14 11.69 13.39
C ASP A 102 10.89 10.22 13.76
N ARG A 103 11.66 9.73 14.74
CA ARG A 103 11.52 8.35 15.19
C ARG A 103 10.23 8.17 16.00
N HIS A 104 10.02 9.07 16.96
CA HIS A 104 8.84 9.00 17.80
C HIS A 104 7.59 9.45 17.03
N GLN A 105 7.80 10.26 16.00
CA GLN A 105 6.70 10.76 15.19
C GLN A 105 6.21 9.69 14.21
N GLN A 106 7.15 8.93 13.67
CA GLN A 106 6.82 7.87 12.72
C GLN A 106 6.08 6.72 13.41
N LEU A 107 6.69 6.20 14.47
CA LEU A 107 6.08 5.10 15.23
C LEU A 107 4.60 5.36 15.48
N LEU A 108 4.26 6.61 15.76
CA LEU A 108 2.88 7.00 16.02
C LEU A 108 2.05 6.88 14.75
N LEU A 109 2.60 7.35 13.64
CA LEU A 109 1.91 7.30 12.35
C LEU A 109 1.70 5.85 11.90
N ASN A 110 2.80 5.15 11.66
CA ASN A 110 2.74 3.76 11.21
C ASN A 110 1.71 2.98 12.01
N LYS A 111 1.91 2.90 13.32
CA LYS A 111 0.99 2.18 14.20
C LYS A 111 -0.44 2.67 13.99
N GLY A 112 -0.62 3.98 13.93
CA GLY A 112 -1.94 4.55 13.74
C GLY A 112 -2.53 4.17 12.40
N LEU A 113 -1.68 3.95 11.41
CA LEU A 113 -2.14 3.57 10.07
C LEU A 113 -2.51 2.09 10.01
N THR A 114 -1.62 1.24 10.52
CA THR A 114 -1.86 -0.20 10.53
C THR A 114 -3.12 -0.54 11.30
N SER A 115 -3.41 0.25 12.34
CA SER A 115 -4.59 0.02 13.17
C SER A 115 -5.86 0.31 12.38
N TYR A 116 -5.81 1.35 11.55
CA TYR A 116 -6.96 1.73 10.74
C TYR A 116 -7.22 0.72 9.63
N ILE A 117 -6.15 0.21 9.05
CA ILE A 117 -6.25 -0.78 7.97
C ILE A 117 -6.63 -2.15 8.52
N GLY A 118 -6.26 -2.41 9.76
CA GLY A 118 -6.58 -3.68 10.38
C GLY A 118 -8.06 -3.84 10.66
N THR A 119 -8.79 -2.72 10.63
CA THR A 119 -10.22 -2.74 10.88
C THR A 119 -10.99 -3.35 9.70
N PHE A 120 -10.64 -2.90 8.49
CA PHE A 120 -11.29 -3.40 7.29
C PHE A 120 -11.49 -4.91 7.35
N ASP A 121 -12.51 -5.40 6.67
CA ASP A 121 -12.80 -6.83 6.64
C ASP A 121 -12.18 -7.49 5.43
N PRO A 122 -11.95 -8.81 5.53
CA PRO A 122 -11.35 -9.60 4.44
C PRO A 122 -12.30 -9.76 3.25
N GLY A 123 -11.85 -9.31 2.08
CA GLY A 123 -12.67 -9.43 0.89
C GLY A 123 -12.64 -8.15 0.06
N GLU A 124 -12.26 -7.04 0.68
CA GLU A 124 -12.21 -5.76 0.00
C GLU A 124 -10.78 -5.21 0.00
N LEU A 125 -10.59 -4.11 -0.73
CA LEU A 125 -9.27 -3.48 -0.81
C LEU A 125 -8.99 -2.63 0.42
N CYS A 126 -7.71 -2.44 0.73
CA CYS A 126 -7.31 -1.64 1.88
C CYS A 126 -6.38 -0.51 1.46
N VAL A 127 -5.39 -0.84 0.65
CA VAL A 127 -4.42 0.15 0.18
C VAL A 127 -5.12 1.41 -0.30
N CYS A 128 -6.31 1.24 -0.87
CA CYS A 128 -7.09 2.36 -1.38
C CYS A 128 -7.43 3.34 -0.26
N ALA A 129 -7.67 2.80 0.93
CA ALA A 129 -8.01 3.62 2.09
C ALA A 129 -6.75 4.18 2.75
N ALA A 130 -5.81 3.30 3.06
CA ALA A 130 -4.56 3.70 3.69
C ALA A 130 -4.04 5.01 3.11
N ILE A 131 -4.12 5.12 1.78
CA ILE A 131 -3.65 6.32 1.10
C ILE A 131 -4.33 7.57 1.66
N GLN A 132 -5.62 7.71 1.37
CA GLN A 132 -6.39 8.86 1.84
C GLN A 132 -6.21 9.05 3.34
N TRP A 133 -6.46 8.00 4.11
CA TRP A 133 -6.32 8.06 5.55
C TRP A 133 -5.09 8.84 5.96
N LEU A 134 -3.91 8.31 5.63
CA LEU A 134 -2.65 8.97 5.95
C LEU A 134 -2.76 10.47 5.74
N GLN A 135 -3.02 10.88 4.51
CA GLN A 135 -3.15 12.29 4.16
C GLN A 135 -3.86 13.05 5.27
N ASP A 136 -5.13 12.72 5.50
CA ASP A 136 -5.91 13.37 6.54
C ASP A 136 -5.26 13.19 7.90
N ASN A 137 -4.47 12.14 8.05
CA ASN A 137 -3.79 11.86 9.31
C ASN A 137 -2.28 12.01 9.16
N SER A 138 -1.85 13.17 8.67
CA SER A 138 -0.44 13.43 8.47
C SER A 138 -0.02 14.71 9.20
N ALA A 139 -0.75 15.78 8.96
CA ALA A 139 -0.46 17.06 9.60
C ALA A 139 -0.46 16.94 11.11
N SER A 140 -1.45 16.22 11.63
CA SER A 140 -1.58 16.03 13.07
C SER A 140 -0.23 15.72 13.70
N TYR A 141 0.62 15.01 12.97
CA TYR A 141 1.95 14.65 13.45
C TYR A 141 2.95 15.76 13.17
N PHE A 142 3.01 16.18 11.90
CA PHE A 142 3.93 17.24 11.49
C PHE A 142 3.67 18.51 12.29
N LEU A 143 2.60 19.21 11.95
CA LEU A 143 2.25 20.45 12.63
C LEU A 143 3.49 21.31 12.89
N ASN A 144 4.36 21.38 11.89
CA ASN A 144 5.60 22.16 12.01
C ASN A 144 6.11 22.56 10.63
N ARG A 145 7.01 23.54 10.61
CA ARG A 145 7.59 24.01 9.36
C ARG A 145 8.95 24.67 9.60
N LYS A 146 9.83 24.58 8.61
CA LYS A 146 11.16 25.16 8.71
C LYS A 146 11.59 25.79 7.38
N LEU A 147 12.83 26.27 7.34
CA LEU A 147 13.35 26.90 6.13
C LEU A 147 14.61 26.17 5.64
N VAL A 148 14.94 26.37 4.37
CA VAL A 148 16.12 25.73 3.79
C VAL A 148 17.10 26.78 3.24
N SER A 149 18.28 26.32 2.86
CA SER A 149 19.30 27.21 2.32
C SER A 149 20.15 26.50 1.27
N GLY A 150 21.05 27.25 0.64
CA GLY A 150 21.91 26.67 -0.38
C GLY A 150 22.16 27.62 -1.54
N PRO A 151 23.36 27.55 -2.13
CA PRO A 151 23.74 28.40 -3.25
C PRO A 151 22.97 28.05 -4.53
N SER A 152 23.33 28.73 -5.62
CA SER A 152 22.67 28.49 -6.90
C SER A 152 23.56 28.95 -8.05
N SER A 153 23.08 28.73 -9.28
CA SER A 153 23.83 29.11 -10.47
C SER A 153 22.90 29.67 -11.54
N GLY A 154 23.49 30.13 -12.65
CA GLY A 154 22.69 30.68 -13.73
C GLY A 154 23.54 31.03 -14.94
N GLY A 1 -19.57 -28.54 -14.24
CA GLY A 1 -19.20 -29.41 -13.14
C GLY A 1 -18.43 -28.68 -12.06
N SER A 2 -18.25 -29.34 -10.92
CA SER A 2 -17.53 -28.73 -9.81
C SER A 2 -16.76 -29.80 -9.02
N SER A 3 -15.89 -29.36 -8.12
CA SER A 3 -15.10 -30.26 -7.31
C SER A 3 -15.16 -29.87 -5.84
N GLY A 4 -14.68 -30.76 -4.97
CA GLY A 4 -14.69 -30.49 -3.54
C GLY A 4 -13.53 -29.62 -3.11
N SER A 5 -12.32 -30.01 -3.50
CA SER A 5 -11.12 -29.26 -3.15
C SER A 5 -11.25 -28.66 -1.74
N SER A 6 -11.77 -29.46 -0.82
CA SER A 6 -11.95 -29.02 0.56
C SER A 6 -10.63 -28.54 1.15
N GLY A 7 -10.70 -27.47 1.94
CA GLY A 7 -9.50 -26.92 2.55
C GLY A 7 -9.71 -25.51 3.08
N MET A 8 -8.87 -24.58 2.66
CA MET A 8 -8.97 -23.20 3.10
C MET A 8 -10.33 -22.61 2.74
N SER A 9 -10.61 -21.43 3.26
CA SER A 9 -11.89 -20.76 3.00
C SER A 9 -11.93 -20.22 1.58
N ALA A 10 -10.82 -19.63 1.14
CA ALA A 10 -10.73 -19.08 -0.21
C ALA A 10 -9.45 -19.53 -0.90
N SER A 11 -9.22 -19.02 -2.10
CA SER A 11 -8.03 -19.37 -2.87
C SER A 11 -7.36 -18.12 -3.45
N VAL A 12 -6.03 -18.16 -3.53
CA VAL A 12 -5.27 -17.04 -4.05
C VAL A 12 -5.86 -16.52 -5.35
N LYS A 13 -6.66 -17.37 -6.01
CA LYS A 13 -7.30 -17.01 -7.26
C LYS A 13 -8.01 -15.65 -7.14
N GLU A 14 -9.01 -15.60 -6.27
CA GLU A 14 -9.77 -14.37 -6.06
C GLU A 14 -8.88 -13.27 -5.48
N SER A 15 -8.15 -13.60 -4.42
CA SER A 15 -7.26 -12.64 -3.77
C SER A 15 -6.39 -11.93 -4.80
N LEU A 16 -5.55 -12.70 -5.49
CA LEU A 16 -4.66 -12.14 -6.49
C LEU A 16 -5.44 -11.36 -7.55
N GLN A 17 -6.63 -11.86 -7.88
CA GLN A 17 -7.48 -11.20 -8.86
C GLN A 17 -7.77 -9.76 -8.47
N LEU A 18 -7.87 -9.52 -7.17
CA LEU A 18 -8.14 -8.17 -6.65
C LEU A 18 -6.89 -7.31 -6.69
N GLN A 19 -5.72 -7.96 -6.66
CA GLN A 19 -4.45 -7.26 -6.69
C GLN A 19 -4.13 -6.78 -8.10
N LEU A 20 -4.77 -7.41 -9.09
CA LEU A 20 -4.54 -7.05 -10.49
C LEU A 20 -5.45 -5.90 -10.90
N LEU A 21 -6.70 -5.94 -10.45
CA LEU A 21 -7.68 -4.90 -10.77
C LEU A 21 -7.40 -3.63 -9.96
N GLU A 22 -7.02 -3.82 -8.71
CA GLU A 22 -6.72 -2.69 -7.83
C GLU A 22 -5.53 -1.89 -8.34
N MET A 23 -4.64 -2.57 -9.05
CA MET A 23 -3.44 -1.93 -9.60
C MET A 23 -3.83 -0.74 -10.47
N GLU A 24 -4.91 -0.88 -11.24
CA GLU A 24 -5.37 0.19 -12.12
C GLU A 24 -5.92 1.35 -11.30
N MET A 25 -6.85 1.06 -10.41
CA MET A 25 -7.45 2.08 -9.57
C MET A 25 -6.39 2.97 -8.93
N LEU A 26 -5.26 2.36 -8.60
CA LEU A 26 -4.15 3.09 -7.99
C LEU A 26 -3.47 4.01 -9.00
N PHE A 27 -3.11 3.44 -10.15
CA PHE A 27 -2.45 4.21 -11.21
C PHE A 27 -3.27 5.43 -11.58
N SER A 28 -4.59 5.27 -11.64
CA SER A 28 -5.49 6.36 -11.98
C SER A 28 -5.37 7.51 -10.98
N MET A 29 -5.34 7.16 -9.71
CA MET A 29 -5.23 8.15 -8.64
C MET A 29 -3.88 8.86 -8.71
N PHE A 30 -2.91 8.24 -9.38
CA PHE A 30 -1.58 8.81 -9.52
C PHE A 30 -1.21 8.99 -10.99
N PRO A 31 -1.71 10.08 -11.60
CA PRO A 31 -1.44 10.38 -13.01
C PRO A 31 0.00 10.78 -13.25
N ASN A 32 0.56 11.57 -12.33
CA ASN A 32 1.94 12.02 -12.45
C ASN A 32 2.88 10.85 -12.75
N GLN A 33 3.79 11.06 -13.68
CA GLN A 33 4.74 10.01 -14.07
C GLN A 33 5.94 10.00 -13.11
N GLY A 34 5.79 9.28 -11.99
CA GLY A 34 6.86 9.20 -11.02
C GLY A 34 6.34 9.06 -9.60
N GLU A 35 5.22 8.38 -9.45
CA GLU A 35 4.61 8.17 -8.13
C GLU A 35 4.71 6.71 -7.72
N VAL A 36 4.04 5.83 -8.48
CA VAL A 36 4.06 4.41 -8.18
C VAL A 36 5.27 3.72 -8.80
N LYS A 37 6.00 2.98 -7.98
CA LYS A 37 7.20 2.29 -8.44
C LYS A 37 7.04 0.77 -8.26
N LEU A 38 6.90 0.06 -9.37
CA LEU A 38 6.75 -1.39 -9.33
C LEU A 38 8.10 -2.09 -9.51
N GLU A 39 8.68 -2.51 -8.39
CA GLU A 39 9.98 -3.20 -8.43
C GLU A 39 10.05 -4.17 -9.61
N ASP A 40 8.89 -4.63 -10.07
CA ASP A 40 8.82 -5.56 -11.19
C ASP A 40 7.48 -5.45 -11.91
N VAL A 41 7.52 -5.03 -13.16
CA VAL A 41 6.30 -4.88 -13.95
C VAL A 41 5.69 -6.24 -14.28
N ASN A 42 6.54 -7.18 -14.69
CA ASN A 42 6.07 -8.53 -15.02
C ASN A 42 5.34 -9.16 -13.84
N ALA A 43 5.47 -8.54 -12.68
CA ALA A 43 4.81 -9.05 -11.47
C ALA A 43 3.32 -9.26 -11.70
N LEU A 44 2.68 -8.28 -12.33
CA LEU A 44 1.25 -8.36 -12.61
C LEU A 44 0.95 -9.54 -13.53
N THR A 45 1.74 -9.69 -14.58
CA THR A 45 1.55 -10.78 -15.53
C THR A 45 1.63 -12.13 -14.84
N ASN A 46 2.79 -12.42 -14.26
CA ASN A 46 3.01 -13.69 -13.56
C ASN A 46 1.75 -14.11 -12.81
N ILE A 47 1.01 -13.13 -12.31
CA ILE A 47 -0.22 -13.41 -11.57
C ILE A 47 -1.32 -13.91 -12.50
N LYS A 48 -1.53 -13.19 -13.60
CA LYS A 48 -2.54 -13.58 -14.58
C LYS A 48 -2.47 -15.06 -14.90
N ARG A 49 -1.25 -15.57 -15.04
CA ARG A 49 -1.05 -16.98 -15.35
C ARG A 49 -1.66 -17.87 -14.27
N TYR A 50 -1.69 -17.36 -13.04
CA TYR A 50 -2.25 -18.11 -11.92
C TYR A 50 -3.75 -18.32 -12.11
N LEU A 51 -4.39 -17.38 -12.80
CA LEU A 51 -5.83 -17.46 -13.05
C LEU A 51 -6.13 -18.42 -14.18
N GLU A 52 -5.09 -18.87 -14.88
CA GLU A 52 -5.25 -19.79 -15.98
C GLU A 52 -4.76 -21.19 -15.60
N GLY A 53 -3.79 -21.24 -14.70
CA GLY A 53 -3.26 -22.53 -14.27
C GLY A 53 -2.03 -22.94 -15.04
N THR A 54 -1.73 -22.20 -16.11
CA THR A 54 -0.57 -22.51 -16.94
C THR A 54 0.74 -22.21 -16.20
N ARG A 55 0.61 -21.73 -14.97
CA ARG A 55 1.77 -21.41 -14.15
C ARG A 55 2.07 -22.54 -13.17
N GLU A 56 3.34 -22.68 -12.81
CA GLU A 56 3.77 -23.71 -11.87
C GLU A 56 4.54 -23.12 -10.70
N ALA A 57 5.17 -21.97 -10.94
CA ALA A 57 5.95 -21.30 -9.91
C ALA A 57 5.20 -20.08 -9.37
N LEU A 58 4.82 -20.14 -8.10
CA LEU A 58 4.10 -19.04 -7.47
C LEU A 58 4.62 -17.69 -7.95
N PRO A 59 3.70 -16.83 -8.43
CA PRO A 59 4.04 -15.50 -8.93
C PRO A 59 4.49 -14.56 -7.82
N PRO A 60 5.32 -13.57 -8.17
CA PRO A 60 5.83 -12.58 -7.22
C PRO A 60 4.74 -11.63 -6.73
N LYS A 61 4.55 -11.60 -5.41
CA LYS A 61 3.54 -10.74 -4.82
C LYS A 61 3.73 -9.29 -5.27
N ILE A 62 2.62 -8.58 -5.48
CA ILE A 62 2.67 -7.19 -5.91
C ILE A 62 3.23 -6.29 -4.81
N GLU A 63 4.45 -5.80 -5.02
CA GLU A 63 5.10 -4.94 -4.04
C GLU A 63 5.60 -3.66 -4.72
N PHE A 64 5.21 -2.52 -4.16
CA PHE A 64 5.63 -1.23 -4.70
C PHE A 64 5.56 -0.14 -3.63
N VAL A 65 6.19 1.00 -3.91
CA VAL A 65 6.21 2.12 -2.98
C VAL A 65 5.44 3.31 -3.54
N ILE A 66 4.48 3.81 -2.76
CA ILE A 66 3.68 4.95 -3.17
C ILE A 66 4.09 6.21 -2.41
N THR A 67 4.42 7.26 -3.14
CA THR A 67 4.83 8.52 -2.54
C THR A 67 3.61 9.39 -2.20
N LEU A 68 3.20 9.36 -0.95
CA LEU A 68 2.06 10.15 -0.49
C LEU A 68 2.35 11.64 -0.57
N GLN A 69 1.98 12.25 -1.70
CA GLN A 69 2.20 13.67 -1.90
C GLN A 69 1.20 14.50 -1.09
N ILE A 70 1.46 14.65 0.20
CA ILE A 70 0.57 15.41 1.07
C ILE A 70 0.29 16.78 0.49
N GLU A 71 -0.98 17.21 0.59
CA GLU A 71 -1.39 18.50 0.07
C GLU A 71 -0.81 19.64 0.91
N GLU A 72 -0.86 19.47 2.23
CA GLU A 72 -0.35 20.48 3.15
C GLU A 72 -0.13 19.90 4.54
N PRO A 73 1.12 19.97 5.03
CA PRO A 73 2.23 20.57 4.27
C PRO A 73 2.63 19.73 3.06
N LYS A 74 3.09 20.40 2.02
CA LYS A 74 3.52 19.72 0.80
C LYS A 74 4.86 19.01 1.01
N VAL A 75 4.80 17.74 1.37
CA VAL A 75 6.00 16.94 1.61
C VAL A 75 5.88 15.56 0.98
N LYS A 76 6.99 14.81 0.99
CA LYS A 76 7.00 13.48 0.42
C LYS A 76 7.07 12.42 1.52
N ILE A 77 6.26 11.37 1.38
CA ILE A 77 6.23 10.29 2.36
C ILE A 77 6.24 8.93 1.68
N ASP A 78 7.42 8.32 1.63
CA ASP A 78 7.57 7.01 1.00
C ASP A 78 6.78 5.95 1.77
N LEU A 79 5.77 5.40 1.12
CA LEU A 79 4.92 4.37 1.74
C LEU A 79 5.16 3.01 1.09
N GLN A 80 6.01 2.21 1.71
CA GLN A 80 6.32 0.88 1.18
C GLN A 80 5.15 -0.08 1.41
N VAL A 81 4.35 -0.28 0.37
CA VAL A 81 3.20 -1.17 0.44
C VAL A 81 3.56 -2.57 -0.03
N THR A 82 2.86 -3.57 0.52
CA THR A 82 3.11 -4.96 0.15
C THR A 82 1.81 -5.75 0.09
N MET A 83 1.52 -6.31 -1.07
CA MET A 83 0.31 -7.10 -1.27
C MET A 83 0.63 -8.57 -1.45
N PRO A 84 0.51 -9.34 -0.36
CA PRO A 84 0.78 -10.78 -0.38
C PRO A 84 -0.26 -11.56 -1.17
N HIS A 85 -0.10 -12.89 -1.21
CA HIS A 85 -1.02 -13.75 -1.93
C HIS A 85 -2.32 -13.92 -1.16
N SER A 86 -2.37 -13.34 0.04
CA SER A 86 -3.56 -13.44 0.87
C SER A 86 -4.45 -12.21 0.72
N TYR A 87 -3.91 -11.05 1.07
CA TYR A 87 -4.64 -9.80 0.97
C TYR A 87 -5.57 -9.82 -0.25
N PRO A 88 -6.69 -9.09 -0.13
CA PRO A 88 -7.03 -8.33 1.08
C PRO A 88 -7.37 -9.22 2.26
N TYR A 89 -7.80 -10.45 1.96
CA TYR A 89 -8.17 -11.41 2.99
C TYR A 89 -7.27 -11.25 4.22
N LEU A 90 -5.97 -11.16 3.98
CA LEU A 90 -4.99 -11.00 5.06
C LEU A 90 -4.59 -9.55 5.22
N ALA A 91 -4.16 -9.18 6.43
CA ALA A 91 -3.74 -7.82 6.72
C ALA A 91 -2.38 -7.52 6.08
N LEU A 92 -2.40 -6.78 4.98
CA LEU A 92 -1.18 -6.42 4.28
C LEU A 92 -0.20 -5.69 5.21
N GLN A 93 0.97 -5.35 4.68
CA GLN A 93 1.98 -4.64 5.47
C GLN A 93 2.31 -3.30 4.83
N LEU A 94 2.20 -2.24 5.62
CA LEU A 94 2.49 -0.89 5.13
C LEU A 94 3.49 -0.19 6.05
N PHE A 95 4.46 0.50 5.45
CA PHE A 95 5.48 1.22 6.21
C PHE A 95 5.80 2.55 5.56
N GLY A 96 5.41 3.64 6.22
CA GLY A 96 5.67 4.97 5.69
C GLY A 96 6.76 5.69 6.44
N ARG A 97 7.87 5.97 5.76
CA ARG A 97 9.00 6.67 6.37
C ARG A 97 9.25 8.01 5.68
N SER A 98 9.57 9.02 6.47
CA SER A 98 9.83 10.35 5.93
C SER A 98 11.00 11.01 6.67
N SER A 99 11.95 11.53 5.90
CA SER A 99 13.13 12.19 6.46
C SER A 99 12.72 13.23 7.50
N GLU A 100 11.61 13.92 7.24
CA GLU A 100 11.11 14.95 8.15
C GLU A 100 10.56 14.31 9.43
N LEU A 101 9.72 13.30 9.26
CA LEU A 101 9.11 12.61 10.39
C LEU A 101 10.18 11.93 11.25
N ASP A 102 10.15 12.21 12.55
CA ASP A 102 11.11 11.62 13.47
C ASP A 102 10.62 10.26 13.97
N ARG A 103 11.42 9.64 14.84
CA ARG A 103 11.07 8.33 15.38
C ARG A 103 9.62 8.30 15.87
N HIS A 104 9.38 8.93 17.01
CA HIS A 104 8.04 8.98 17.58
C HIS A 104 6.99 9.23 16.49
N GLN A 105 7.18 10.30 15.74
CA GLN A 105 6.25 10.65 14.66
C GLN A 105 5.73 9.40 13.97
N GLN A 106 6.65 8.55 13.51
CA GLN A 106 6.29 7.32 12.83
C GLN A 106 5.54 6.37 13.76
N LEU A 107 6.13 6.14 14.94
CA LEU A 107 5.53 5.25 15.93
C LEU A 107 4.02 5.44 15.98
N LEU A 108 3.57 6.65 15.68
CA LEU A 108 2.15 6.97 15.69
C LEU A 108 1.53 6.78 14.31
N LEU A 109 2.19 7.31 13.29
CA LEU A 109 1.72 7.19 11.92
C LEU A 109 1.64 5.72 11.49
N ASN A 110 2.78 5.05 11.53
CA ASN A 110 2.84 3.63 11.15
C ASN A 110 1.91 2.79 12.02
N LYS A 111 2.21 2.73 13.31
CA LYS A 111 1.40 1.97 14.25
C LYS A 111 -0.07 2.32 14.10
N GLY A 112 -0.39 3.60 14.22
CA GLY A 112 -1.78 4.04 14.09
C GLY A 112 -2.40 3.61 12.78
N LEU A 113 -1.57 3.42 11.77
CA LEU A 113 -2.05 3.00 10.46
C LEU A 113 -2.27 1.49 10.40
N THR A 114 -1.21 0.73 10.64
CA THR A 114 -1.29 -0.72 10.62
C THR A 114 -2.59 -1.20 11.24
N SER A 115 -2.91 -0.67 12.43
CA SER A 115 -4.13 -1.06 13.13
C SER A 115 -5.37 -0.59 12.36
N TYR A 116 -5.36 0.68 11.96
CA TYR A 116 -6.48 1.24 11.21
C TYR A 116 -6.85 0.37 10.02
N ILE A 117 -5.84 -0.17 9.36
CA ILE A 117 -6.06 -1.04 8.20
C ILE A 117 -6.54 -2.41 8.62
N GLY A 118 -6.30 -2.76 9.89
CA GLY A 118 -6.71 -4.05 10.40
C GLY A 118 -8.22 -4.14 10.61
N THR A 119 -8.87 -2.98 10.62
CA THR A 119 -10.31 -2.92 10.82
C THR A 119 -11.06 -3.27 9.53
N PHE A 120 -10.32 -3.35 8.43
CA PHE A 120 -10.92 -3.68 7.15
C PHE A 120 -11.32 -5.15 7.08
N ASP A 121 -12.29 -5.45 6.25
CA ASP A 121 -12.77 -6.82 6.08
C ASP A 121 -12.03 -7.54 4.96
N PRO A 122 -11.87 -8.86 5.09
CA PRO A 122 -11.19 -9.68 4.10
C PRO A 122 -11.98 -9.81 2.79
N GLY A 123 -11.45 -9.21 1.74
CA GLY A 123 -12.13 -9.27 0.45
C GLY A 123 -12.06 -7.95 -0.30
N GLU A 124 -12.14 -6.85 0.44
CA GLU A 124 -12.09 -5.52 -0.17
C GLU A 124 -10.68 -4.93 -0.08
N LEU A 125 -10.44 -3.87 -0.85
CA LEU A 125 -9.13 -3.22 -0.87
C LEU A 125 -8.93 -2.38 0.39
N CYS A 126 -7.67 -2.21 0.77
CA CYS A 126 -7.34 -1.41 1.95
C CYS A 126 -6.36 -0.30 1.61
N VAL A 127 -5.37 -0.63 0.77
CA VAL A 127 -4.37 0.35 0.36
C VAL A 127 -5.02 1.63 -0.16
N CYS A 128 -6.21 1.48 -0.74
CA CYS A 128 -6.95 2.62 -1.28
C CYS A 128 -7.31 3.61 -0.17
N ALA A 129 -7.47 3.09 1.05
CA ALA A 129 -7.82 3.94 2.19
C ALA A 129 -6.56 4.49 2.85
N ALA A 130 -5.59 3.62 3.08
CA ALA A 130 -4.33 4.02 3.72
C ALA A 130 -3.85 5.36 3.16
N ILE A 131 -4.03 5.55 1.86
CA ILE A 131 -3.61 6.79 1.20
C ILE A 131 -4.33 7.99 1.78
N GLN A 132 -5.65 7.99 1.67
CA GLN A 132 -6.47 9.08 2.19
C GLN A 132 -6.26 9.26 3.70
N TRP A 133 -6.40 8.16 4.43
CA TRP A 133 -6.24 8.19 5.88
C TRP A 133 -4.97 8.95 6.26
N LEU A 134 -3.87 8.63 5.58
CA LEU A 134 -2.59 9.28 5.85
C LEU A 134 -2.69 10.79 5.66
N GLN A 135 -2.93 11.21 4.42
CA GLN A 135 -3.05 12.63 4.09
C GLN A 135 -3.96 13.33 5.10
N ASP A 136 -5.10 12.71 5.39
CA ASP A 136 -6.06 13.29 6.33
C ASP A 136 -5.39 13.59 7.67
N ASN A 137 -4.76 12.57 8.26
CA ASN A 137 -4.09 12.74 9.54
C ASN A 137 -2.57 12.72 9.36
N SER A 138 -2.07 13.63 8.51
CA SER A 138 -0.65 13.72 8.24
C SER A 138 -0.04 14.93 8.95
N ALA A 139 -0.57 16.11 8.63
CA ALA A 139 -0.09 17.35 9.23
C ALA A 139 -0.12 17.27 10.76
N SER A 140 -1.19 16.69 11.29
CA SER A 140 -1.35 16.56 12.74
C SER A 140 -0.15 15.86 13.35
N TYR A 141 0.59 15.13 12.53
CA TYR A 141 1.77 14.41 12.99
C TYR A 141 3.02 15.27 12.86
N PHE A 142 3.22 15.86 11.69
CA PHE A 142 4.37 16.71 11.44
C PHE A 142 4.46 17.82 12.48
N LEU A 143 3.33 18.46 12.76
CA LEU A 143 3.29 19.54 13.74
C LEU A 143 4.24 19.26 14.91
N ASN A 144 4.11 18.08 15.49
CA ASN A 144 4.96 17.68 16.61
C ASN A 144 6.43 17.63 16.19
N ARG A 145 7.20 18.63 16.61
CA ARG A 145 8.62 18.69 16.28
C ARG A 145 9.46 18.91 17.52
N LYS A 146 8.92 19.69 18.46
CA LYS A 146 9.63 19.98 19.72
C LYS A 146 11.08 20.37 19.44
N LEU A 147 11.27 21.27 18.49
CA LEU A 147 12.61 21.74 18.13
C LEU A 147 12.68 23.26 18.11
N VAL A 148 13.51 23.82 18.99
CA VAL A 148 13.67 25.27 19.07
C VAL A 148 15.09 25.68 18.71
N SER A 149 15.21 26.73 17.91
CA SER A 149 16.51 27.23 17.48
C SER A 149 16.58 28.74 17.61
N GLY A 150 17.79 29.29 17.50
CA GLY A 150 17.97 30.72 17.61
C GLY A 150 19.25 31.20 16.94
N PRO A 151 19.19 31.41 15.63
CA PRO A 151 20.33 31.87 14.84
C PRO A 151 20.71 33.32 15.16
N SER A 152 21.76 33.80 14.50
CA SER A 152 22.22 35.18 14.71
C SER A 152 22.51 35.86 13.38
N SER A 153 22.63 37.19 13.42
CA SER A 153 22.92 37.96 12.22
C SER A 153 23.46 39.34 12.57
N GLY A 154 23.79 40.13 11.57
CA GLY A 154 24.32 41.46 11.78
C GLY A 154 25.37 41.49 12.89
N GLY A 1 -10.04 -34.75 -14.01
CA GLY A 1 -10.62 -33.47 -14.36
C GLY A 1 -9.96 -32.32 -13.63
N SER A 2 -10.34 -31.10 -13.98
CA SER A 2 -9.78 -29.91 -13.36
C SER A 2 -10.23 -29.80 -11.89
N SER A 3 -9.26 -29.61 -11.01
CA SER A 3 -9.54 -29.50 -9.58
C SER A 3 -8.57 -28.55 -8.90
N GLY A 4 -9.01 -27.90 -7.83
CA GLY A 4 -8.16 -26.98 -7.10
C GLY A 4 -7.89 -27.44 -5.69
N SER A 5 -8.54 -26.80 -4.72
CA SER A 5 -8.36 -27.14 -3.32
C SER A 5 -9.57 -26.73 -2.50
N SER A 6 -10.30 -27.72 -2.00
CA SER A 6 -11.50 -27.47 -1.20
C SER A 6 -11.13 -27.26 0.26
N GLY A 7 -11.96 -26.49 0.97
CA GLY A 7 -11.71 -26.23 2.37
C GLY A 7 -12.48 -25.04 2.89
N MET A 8 -11.81 -24.18 3.64
CA MET A 8 -12.45 -22.98 4.20
C MET A 8 -11.88 -21.72 3.56
N SER A 9 -10.56 -21.55 3.65
CA SER A 9 -9.89 -20.39 3.09
C SER A 9 -10.19 -20.25 1.60
N ALA A 10 -10.72 -19.09 1.22
CA ALA A 10 -11.04 -18.83 -0.18
C ALA A 10 -9.86 -19.14 -1.09
N SER A 11 -10.14 -19.28 -2.38
CA SER A 11 -9.09 -19.57 -3.36
C SER A 11 -8.25 -18.34 -3.66
N VAL A 12 -6.95 -18.54 -3.77
CA VAL A 12 -6.03 -17.44 -4.05
C VAL A 12 -6.37 -16.77 -5.39
N LYS A 13 -6.88 -17.55 -6.33
CA LYS A 13 -7.25 -17.04 -7.64
C LYS A 13 -8.01 -15.73 -7.51
N GLU A 14 -8.77 -15.58 -6.43
CA GLU A 14 -9.56 -14.38 -6.20
C GLU A 14 -8.67 -13.25 -5.65
N SER A 15 -8.16 -13.44 -4.44
CA SER A 15 -7.31 -12.45 -3.81
C SER A 15 -6.37 -11.81 -4.83
N LEU A 16 -5.75 -12.66 -5.65
CA LEU A 16 -4.81 -12.18 -6.67
C LEU A 16 -5.55 -11.36 -7.73
N GLN A 17 -6.75 -11.79 -8.07
CA GLN A 17 -7.55 -11.09 -9.07
C GLN A 17 -7.82 -9.65 -8.65
N LEU A 18 -8.06 -9.46 -7.36
CA LEU A 18 -8.33 -8.13 -6.82
C LEU A 18 -7.05 -7.32 -6.70
N GLN A 19 -5.93 -8.01 -6.51
CA GLN A 19 -4.64 -7.35 -6.39
C GLN A 19 -4.22 -6.71 -7.70
N LEU A 20 -4.75 -7.25 -8.81
CA LEU A 20 -4.42 -6.74 -10.13
C LEU A 20 -5.34 -5.57 -10.50
N LEU A 21 -6.65 -5.81 -10.42
CA LEU A 21 -7.64 -4.79 -10.74
C LEU A 21 -7.38 -3.52 -9.95
N GLU A 22 -7.03 -3.68 -8.68
CA GLU A 22 -6.75 -2.54 -7.81
C GLU A 22 -5.66 -1.65 -8.40
N MET A 23 -4.70 -2.27 -9.08
CA MET A 23 -3.61 -1.54 -9.71
C MET A 23 -4.13 -0.42 -10.59
N GLU A 24 -5.17 -0.72 -11.37
CA GLU A 24 -5.77 0.26 -12.25
C GLU A 24 -6.34 1.43 -11.48
N MET A 25 -6.91 1.13 -10.31
CA MET A 25 -7.50 2.17 -9.47
C MET A 25 -6.42 3.04 -8.83
N LEU A 26 -5.32 2.41 -8.44
CA LEU A 26 -4.20 3.13 -7.82
C LEU A 26 -3.48 4.00 -8.85
N PHE A 27 -3.17 3.41 -10.00
CA PHE A 27 -2.48 4.14 -11.06
C PHE A 27 -3.25 5.40 -11.45
N SER A 28 -4.55 5.24 -11.68
CA SER A 28 -5.40 6.37 -12.07
C SER A 28 -5.28 7.49 -11.06
N MET A 29 -5.34 7.15 -9.78
CA MET A 29 -5.24 8.15 -8.71
C MET A 29 -3.92 8.89 -8.79
N PHE A 30 -2.85 8.18 -9.14
CA PHE A 30 -1.53 8.78 -9.24
C PHE A 30 -1.09 8.87 -10.71
N PRO A 31 -1.58 9.91 -11.40
CA PRO A 31 -1.27 10.14 -12.81
C PRO A 31 0.18 10.57 -13.01
N ASN A 32 0.73 11.27 -12.02
CA ASN A 32 2.11 11.74 -12.10
C ASN A 32 3.09 10.57 -11.98
N GLN A 33 3.74 10.25 -13.10
CA GLN A 33 4.70 9.15 -13.12
C GLN A 33 5.66 9.24 -11.95
N GLY A 34 5.99 8.09 -11.37
CA GLY A 34 6.90 8.06 -10.23
C GLY A 34 6.22 7.64 -8.95
N GLU A 35 5.02 8.17 -8.71
CA GLU A 35 4.27 7.85 -7.50
C GLU A 35 4.29 6.34 -7.24
N VAL A 36 3.70 5.59 -8.16
CA VAL A 36 3.65 4.14 -8.04
C VAL A 36 4.82 3.48 -8.75
N LYS A 37 5.68 2.80 -7.98
CA LYS A 37 6.84 2.13 -8.55
C LYS A 37 6.76 0.62 -8.29
N LEU A 38 6.58 -0.15 -9.35
CA LEU A 38 6.51 -1.60 -9.25
C LEU A 38 7.88 -2.24 -9.42
N GLU A 39 8.54 -2.50 -8.31
CA GLU A 39 9.87 -3.11 -8.33
C GLU A 39 9.92 -4.26 -9.33
N ASP A 40 8.79 -4.95 -9.48
CA ASP A 40 8.70 -6.09 -10.40
C ASP A 40 7.50 -5.93 -11.33
N VAL A 41 7.72 -5.29 -12.46
CA VAL A 41 6.66 -5.07 -13.44
C VAL A 41 6.09 -6.41 -13.93
N ASN A 42 6.95 -7.41 -14.05
CA ASN A 42 6.54 -8.73 -14.51
C ASN A 42 5.66 -9.41 -13.46
N ALA A 43 5.63 -8.85 -12.26
CA ALA A 43 4.83 -9.40 -11.18
C ALA A 43 3.36 -9.51 -11.58
N LEU A 44 2.80 -8.41 -12.05
CA LEU A 44 1.39 -8.37 -12.46
C LEU A 44 1.11 -9.48 -13.49
N THR A 45 2.05 -9.67 -14.41
CA THR A 45 1.91 -10.69 -15.45
C THR A 45 1.97 -12.09 -14.85
N ASN A 46 3.08 -12.41 -14.20
CA ASN A 46 3.26 -13.72 -13.58
C ASN A 46 1.96 -14.23 -12.99
N ILE A 47 1.24 -13.35 -12.29
CA ILE A 47 -0.03 -13.71 -11.68
C ILE A 47 -1.02 -14.23 -12.71
N LYS A 48 -1.41 -13.36 -13.64
CA LYS A 48 -2.35 -13.74 -14.69
C LYS A 48 -2.09 -15.16 -15.17
N ARG A 49 -0.81 -15.50 -15.32
CA ARG A 49 -0.42 -16.83 -15.78
C ARG A 49 -0.96 -17.90 -14.84
N TYR A 50 -0.81 -17.67 -13.54
CA TYR A 50 -1.26 -18.62 -12.53
C TYR A 50 -2.79 -18.66 -12.48
N LEU A 51 -3.42 -17.64 -13.07
CA LEU A 51 -4.87 -17.55 -13.08
C LEU A 51 -5.46 -18.32 -14.26
N GLU A 52 -4.81 -18.19 -15.42
CA GLU A 52 -5.27 -18.87 -16.63
C GLU A 52 -5.04 -20.38 -16.51
N GLY A 53 -4.15 -20.77 -15.61
CA GLY A 53 -3.86 -22.18 -15.42
C GLY A 53 -2.66 -22.64 -16.23
N THR A 54 -1.78 -21.70 -16.57
CA THR A 54 -0.59 -22.00 -17.35
C THR A 54 0.64 -22.07 -16.45
N ARG A 55 0.46 -21.76 -15.18
CA ARG A 55 1.56 -21.78 -14.22
C ARG A 55 1.24 -22.71 -13.05
N GLU A 56 2.27 -23.33 -12.49
CA GLU A 56 2.10 -24.25 -11.37
C GLU A 56 2.76 -23.69 -10.11
N ALA A 57 3.87 -22.99 -10.29
CA ALA A 57 4.61 -22.41 -9.18
C ALA A 57 3.98 -21.07 -8.75
N LEU A 58 3.70 -20.94 -7.47
CA LEU A 58 3.12 -19.71 -6.94
C LEU A 58 3.94 -18.49 -7.35
N PRO A 59 3.32 -17.60 -8.14
CA PRO A 59 3.97 -16.38 -8.61
C PRO A 59 4.20 -15.37 -7.49
N PRO A 60 5.02 -14.35 -7.77
CA PRO A 60 5.34 -13.31 -6.79
C PRO A 60 4.15 -12.39 -6.52
N LYS A 61 4.11 -11.83 -5.32
CA LYS A 61 3.02 -10.93 -4.93
C LYS A 61 3.23 -9.54 -5.53
N ILE A 62 2.24 -8.66 -5.34
CA ILE A 62 2.32 -7.31 -5.86
C ILE A 62 2.80 -6.34 -4.78
N GLU A 63 4.10 -6.02 -4.83
CA GLU A 63 4.69 -5.11 -3.86
C GLU A 63 5.25 -3.87 -4.55
N PHE A 64 4.91 -2.69 -4.03
CA PHE A 64 5.37 -1.43 -4.61
C PHE A 64 5.35 -0.32 -3.56
N VAL A 65 5.83 0.86 -3.95
CA VAL A 65 5.86 2.00 -3.04
C VAL A 65 5.02 3.15 -3.58
N ILE A 66 4.12 3.67 -2.74
CA ILE A 66 3.26 4.77 -3.13
C ILE A 66 3.68 6.06 -2.46
N THR A 67 3.89 7.10 -3.26
CA THR A 67 4.30 8.40 -2.73
C THR A 67 3.09 9.25 -2.37
N LEU A 68 3.01 9.66 -1.11
CA LEU A 68 1.90 10.48 -0.63
C LEU A 68 2.23 11.95 -0.75
N GLN A 69 1.70 12.59 -1.79
CA GLN A 69 1.94 14.01 -2.02
C GLN A 69 1.06 14.87 -1.11
N ILE A 70 1.44 14.97 0.15
CA ILE A 70 0.69 15.75 1.13
C ILE A 70 0.52 17.19 0.65
N GLU A 71 -0.74 17.62 0.54
CA GLU A 71 -1.04 18.98 0.09
C GLU A 71 -0.29 20.01 0.93
N GLU A 72 -0.30 19.79 2.25
CA GLU A 72 0.37 20.70 3.17
C GLU A 72 0.48 20.10 4.56
N PRO A 73 1.67 20.18 5.17
CA PRO A 73 2.83 20.81 4.53
C PRO A 73 3.37 20.01 3.35
N LYS A 74 3.59 20.69 2.23
CA LYS A 74 4.11 20.03 1.04
C LYS A 74 5.38 19.24 1.36
N VAL A 75 5.22 17.92 1.45
CA VAL A 75 6.36 17.04 1.74
C VAL A 75 6.25 15.73 0.97
N LYS A 76 7.20 14.83 1.22
CA LYS A 76 7.21 13.53 0.54
C LYS A 76 7.22 12.40 1.56
N ILE A 77 6.42 11.37 1.31
CA ILE A 77 6.34 10.22 2.20
C ILE A 77 6.29 8.91 1.41
N ASP A 78 7.30 8.08 1.59
CA ASP A 78 7.37 6.79 0.90
C ASP A 78 6.54 5.74 1.63
N LEU A 79 5.47 5.29 1.00
CA LEU A 79 4.60 4.29 1.58
C LEU A 79 4.86 2.91 0.98
N GLN A 80 5.59 2.07 1.71
CA GLN A 80 5.92 0.74 1.25
C GLN A 80 4.74 -0.22 1.47
N VAL A 81 3.92 -0.39 0.43
CA VAL A 81 2.77 -1.27 0.51
C VAL A 81 3.12 -2.69 0.05
N THR A 82 2.57 -3.68 0.74
CA THR A 82 2.82 -5.07 0.40
C THR A 82 1.56 -5.91 0.53
N MET A 83 1.01 -6.32 -0.61
CA MET A 83 -0.21 -7.13 -0.62
C MET A 83 0.11 -8.58 -0.98
N PRO A 84 0.21 -9.43 0.04
CA PRO A 84 0.50 -10.85 -0.13
C PRO A 84 -0.65 -11.61 -0.79
N HIS A 85 -0.37 -12.82 -1.25
CA HIS A 85 -1.39 -13.66 -1.88
C HIS A 85 -2.67 -13.68 -1.05
N SER A 86 -2.52 -13.42 0.24
CA SER A 86 -3.66 -13.43 1.15
C SER A 86 -4.51 -12.17 0.98
N TYR A 87 -3.93 -11.02 1.33
CA TYR A 87 -4.63 -9.75 1.20
C TYR A 87 -5.55 -9.75 -0.02
N PRO A 88 -6.66 -8.99 0.09
CA PRO A 88 -6.97 -8.20 1.29
C PRO A 88 -7.35 -9.09 2.48
N TYR A 89 -7.83 -10.29 2.19
CA TYR A 89 -8.23 -11.23 3.23
C TYR A 89 -7.32 -11.09 4.46
N LEU A 90 -6.02 -10.99 4.21
CA LEU A 90 -5.05 -10.85 5.29
C LEU A 90 -4.62 -9.40 5.46
N ALA A 91 -4.32 -9.02 6.70
CA ALA A 91 -3.89 -7.65 6.99
C ALA A 91 -2.51 -7.37 6.37
N LEU A 92 -2.51 -6.71 5.23
CA LEU A 92 -1.27 -6.37 4.54
C LEU A 92 -0.31 -5.66 5.48
N GLN A 93 0.88 -5.34 4.97
CA GLN A 93 1.90 -4.65 5.77
C GLN A 93 2.33 -3.35 5.09
N LEU A 94 2.17 -2.24 5.80
CA LEU A 94 2.54 -0.94 5.27
C LEU A 94 3.59 -0.27 6.15
N PHE A 95 4.47 0.51 5.53
CA PHE A 95 5.52 1.21 6.26
C PHE A 95 5.82 2.56 5.63
N GLY A 96 5.73 3.62 6.43
CA GLY A 96 5.98 4.96 5.93
C GLY A 96 7.20 5.60 6.59
N ARG A 97 8.01 6.28 5.78
CA ARG A 97 9.21 6.93 6.29
C ARG A 97 9.38 8.31 5.65
N SER A 98 9.72 9.29 6.48
CA SER A 98 9.90 10.66 6.00
C SER A 98 11.09 11.32 6.71
N SER A 99 12.09 11.70 5.92
CA SER A 99 13.29 12.35 6.47
C SER A 99 12.92 13.30 7.61
N GLU A 100 11.85 14.06 7.41
CA GLU A 100 11.40 15.01 8.42
C GLU A 100 10.84 14.28 9.64
N LEU A 101 9.76 13.55 9.44
CA LEU A 101 9.13 12.81 10.53
C LEU A 101 10.18 12.18 11.44
N ASP A 102 10.02 12.38 12.73
CA ASP A 102 10.95 11.83 13.72
C ASP A 102 10.47 10.47 14.22
N ARG A 103 11.40 9.70 14.80
CA ARG A 103 11.07 8.39 15.32
C ARG A 103 9.66 8.37 15.90
N HIS A 104 9.50 8.99 17.06
CA HIS A 104 8.19 9.05 17.72
C HIS A 104 7.07 9.24 16.70
N GLN A 105 7.24 10.23 15.83
CA GLN A 105 6.23 10.53 14.81
C GLN A 105 6.00 9.32 13.92
N GLN A 106 6.99 8.99 13.09
CA GLN A 106 6.89 7.86 12.19
C GLN A 106 6.19 6.68 12.87
N LEU A 107 6.52 6.46 14.14
CA LEU A 107 5.93 5.36 14.91
C LEU A 107 4.44 5.59 15.11
N LEU A 108 4.09 6.75 15.66
CA LEU A 108 2.69 7.09 15.90
C LEU A 108 1.89 7.08 14.60
N LEU A 109 2.56 7.40 13.50
CA LEU A 109 1.92 7.42 12.19
C LEU A 109 1.66 6.00 11.68
N ASN A 110 2.67 5.16 11.78
CA ASN A 110 2.56 3.78 11.32
C ASN A 110 1.63 2.98 12.23
N LYS A 111 2.02 2.84 13.50
CA LYS A 111 1.21 2.12 14.47
C LYS A 111 -0.28 2.40 14.28
N GLY A 112 -0.61 3.68 14.12
CA GLY A 112 -2.00 4.07 13.93
C GLY A 112 -2.56 3.57 12.62
N LEU A 113 -1.79 3.71 11.55
CA LEU A 113 -2.22 3.26 10.24
C LEU A 113 -2.44 1.75 10.21
N THR A 114 -1.40 1.00 10.56
CA THR A 114 -1.47 -0.45 10.58
C THR A 114 -2.80 -0.93 11.15
N SER A 115 -3.14 -0.43 12.34
CA SER A 115 -4.39 -0.80 12.99
C SER A 115 -5.59 -0.38 12.16
N TYR A 116 -5.60 0.88 11.75
CA TYR A 116 -6.70 1.41 10.95
C TYR A 116 -6.97 0.53 9.73
N ILE A 117 -5.93 -0.19 9.30
CA ILE A 117 -6.06 -1.07 8.14
C ILE A 117 -6.55 -2.46 8.57
N GLY A 118 -6.11 -2.91 9.73
CA GLY A 118 -6.51 -4.20 10.23
C GLY A 118 -8.01 -4.31 10.43
N THR A 119 -8.68 -3.16 10.52
CA THR A 119 -10.12 -3.13 10.71
C THR A 119 -10.85 -3.67 9.47
N PHE A 120 -10.52 -3.11 8.32
CA PHE A 120 -11.14 -3.52 7.07
C PHE A 120 -11.43 -5.03 7.07
N ASP A 121 -12.55 -5.41 6.48
CA ASP A 121 -12.94 -6.82 6.43
C ASP A 121 -12.25 -7.52 5.26
N PRO A 122 -12.11 -8.86 5.37
CA PRO A 122 -11.47 -9.67 4.34
C PRO A 122 -12.30 -9.76 3.07
N GLY A 123 -11.78 -9.19 1.99
CA GLY A 123 -12.49 -9.21 0.72
C GLY A 123 -12.36 -7.92 -0.05
N GLU A 124 -12.64 -6.80 0.62
CA GLU A 124 -12.55 -5.49 0.00
C GLU A 124 -11.14 -4.93 0.10
N LEU A 125 -10.84 -3.94 -0.73
CA LEU A 125 -9.52 -3.31 -0.75
C LEU A 125 -9.28 -2.53 0.54
N CYS A 126 -8.02 -2.41 0.93
CA CYS A 126 -7.65 -1.69 2.14
C CYS A 126 -6.61 -0.61 1.84
N VAL A 127 -5.70 -0.93 0.92
CA VAL A 127 -4.66 0.01 0.54
C VAL A 127 -5.24 1.37 0.16
N CYS A 128 -6.40 1.35 -0.49
CA CYS A 128 -7.06 2.57 -0.92
C CYS A 128 -7.29 3.50 0.27
N ALA A 129 -7.55 2.92 1.44
CA ALA A 129 -7.78 3.70 2.64
C ALA A 129 -6.47 4.25 3.20
N ALA A 130 -5.48 3.37 3.37
CA ALA A 130 -4.18 3.77 3.90
C ALA A 130 -3.75 5.12 3.32
N ILE A 131 -4.00 5.30 2.03
CA ILE A 131 -3.64 6.55 1.36
C ILE A 131 -4.37 7.74 1.97
N GLN A 132 -5.69 7.76 1.82
CA GLN A 132 -6.51 8.83 2.36
C GLN A 132 -6.23 9.03 3.84
N TRP A 133 -6.41 7.98 4.62
CA TRP A 133 -6.19 8.03 6.06
C TRP A 133 -4.95 8.85 6.39
N LEU A 134 -3.80 8.39 5.91
CA LEU A 134 -2.54 9.09 6.15
C LEU A 134 -2.69 10.59 5.90
N GLN A 135 -2.98 10.94 4.65
CA GLN A 135 -3.15 12.33 4.27
C GLN A 135 -3.99 13.08 5.30
N ASP A 136 -5.21 12.62 5.50
CA ASP A 136 -6.11 13.25 6.46
C ASP A 136 -5.40 13.53 7.77
N ASN A 137 -4.62 12.55 8.23
CA ASN A 137 -3.88 12.69 9.49
C ASN A 137 -2.38 12.63 9.24
N SER A 138 -1.88 13.56 8.43
CA SER A 138 -0.46 13.60 8.10
C SER A 138 0.22 14.77 8.81
N ALA A 139 -0.24 15.98 8.50
CA ALA A 139 0.32 17.19 9.10
C ALA A 139 0.29 17.11 10.63
N SER A 140 -0.85 16.68 11.17
CA SER A 140 -1.00 16.56 12.62
C SER A 140 0.26 15.99 13.26
N TYR A 141 1.03 15.23 12.47
CA TYR A 141 2.25 14.62 12.96
C TYR A 141 3.44 15.54 12.71
N PHE A 142 3.57 16.02 11.48
CA PHE A 142 4.67 16.91 11.11
C PHE A 142 4.73 18.10 12.05
N LEU A 143 3.59 18.71 12.31
CA LEU A 143 3.52 19.87 13.19
C LEU A 143 4.43 19.70 14.40
N ASN A 144 5.56 20.39 14.38
CA ASN A 144 6.52 20.30 15.48
C ASN A 144 7.37 21.57 15.56
N ARG A 145 8.02 21.78 16.70
CA ARG A 145 8.86 22.95 16.90
C ARG A 145 10.12 22.87 16.04
N LYS A 146 10.12 23.59 14.93
CA LYS A 146 11.27 23.59 14.03
C LYS A 146 11.33 24.90 13.24
N LEU A 147 12.55 25.28 12.84
CA LEU A 147 12.75 26.52 12.09
C LEU A 147 13.84 26.34 11.04
N VAL A 148 13.54 26.74 9.81
CA VAL A 148 14.49 26.63 8.71
C VAL A 148 14.74 27.98 8.06
N SER A 149 15.93 28.54 8.29
CA SER A 149 16.28 29.84 7.73
C SER A 149 16.54 29.72 6.23
N GLY A 150 16.70 30.86 5.56
CA GLY A 150 16.96 30.87 4.13
C GLY A 150 17.12 32.27 3.57
N PRO A 151 18.00 32.41 2.58
CA PRO A 151 18.25 33.71 1.94
C PRO A 151 17.07 34.19 1.10
N SER A 152 17.27 35.30 0.39
CA SER A 152 16.22 35.86 -0.45
C SER A 152 16.63 35.85 -1.92
N SER A 153 15.65 35.91 -2.80
CA SER A 153 15.90 35.91 -4.25
C SER A 153 16.18 37.32 -4.75
N GLY A 154 15.15 38.17 -4.72
CA GLY A 154 15.30 39.54 -5.19
C GLY A 154 14.84 39.72 -6.62
N GLY A 1 -29.24 -24.37 -4.80
CA GLY A 1 -28.17 -24.71 -3.88
C GLY A 1 -26.86 -24.02 -4.23
N SER A 2 -26.55 -22.94 -3.53
CA SER A 2 -25.32 -22.19 -3.77
C SER A 2 -24.41 -22.23 -2.56
N SER A 3 -23.60 -23.29 -2.48
CA SER A 3 -22.67 -23.45 -1.36
C SER A 3 -21.43 -24.22 -1.80
N GLY A 4 -20.34 -24.05 -1.06
CA GLY A 4 -19.10 -24.73 -1.39
C GLY A 4 -18.24 -24.99 -0.17
N SER A 5 -17.40 -24.01 0.18
CA SER A 5 -16.51 -24.13 1.33
C SER A 5 -17.31 -24.08 2.63
N SER A 6 -16.94 -24.94 3.58
CA SER A 6 -17.62 -24.99 4.87
C SER A 6 -16.99 -24.00 5.85
N GLY A 7 -16.15 -23.11 5.33
CA GLY A 7 -15.51 -22.12 6.17
C GLY A 7 -14.86 -21.01 5.37
N MET A 8 -13.82 -20.40 5.93
CA MET A 8 -13.11 -19.32 5.25
C MET A 8 -12.01 -19.87 4.35
N SER A 9 -12.40 -20.30 3.15
CA SER A 9 -11.44 -20.85 2.19
C SER A 9 -11.53 -20.10 0.86
N ALA A 10 -10.58 -19.21 0.63
CA ALA A 10 -10.54 -18.42 -0.60
C ALA A 10 -9.31 -18.78 -1.44
N SER A 11 -9.55 -19.23 -2.67
CA SER A 11 -8.47 -19.61 -3.57
C SER A 11 -7.63 -18.39 -3.96
N VAL A 12 -6.31 -18.52 -3.85
CA VAL A 12 -5.40 -17.43 -4.19
C VAL A 12 -5.92 -16.65 -5.39
N LYS A 13 -6.42 -17.36 -6.38
CA LYS A 13 -6.95 -16.72 -7.59
C LYS A 13 -7.64 -15.41 -7.25
N GLU A 14 -8.59 -15.46 -6.31
CA GLU A 14 -9.32 -14.27 -5.90
C GLU A 14 -8.37 -13.18 -5.43
N SER A 15 -7.66 -13.46 -4.34
CA SER A 15 -6.71 -12.49 -3.78
C SER A 15 -5.91 -11.82 -4.89
N LEU A 16 -5.25 -12.62 -5.71
CA LEU A 16 -4.44 -12.11 -6.81
C LEU A 16 -5.29 -11.24 -7.74
N GLN A 17 -6.50 -11.70 -8.04
CA GLN A 17 -7.41 -10.97 -8.91
C GLN A 17 -7.50 -9.50 -8.49
N LEU A 18 -7.95 -9.28 -7.26
CA LEU A 18 -8.09 -7.93 -6.72
C LEU A 18 -6.75 -7.21 -6.69
N GLN A 19 -5.70 -7.95 -6.35
CA GLN A 19 -4.35 -7.39 -6.28
C GLN A 19 -3.98 -6.70 -7.59
N LEU A 20 -4.64 -7.09 -8.67
CA LEU A 20 -4.39 -6.51 -9.98
C LEU A 20 -5.29 -5.30 -10.23
N LEU A 21 -6.59 -5.49 -10.02
CA LEU A 21 -7.55 -4.41 -10.22
C LEU A 21 -7.22 -3.21 -9.34
N GLU A 22 -6.61 -3.48 -8.18
CA GLU A 22 -6.24 -2.42 -7.26
C GLU A 22 -5.07 -1.59 -7.80
N MET A 23 -4.34 -2.18 -8.75
CA MET A 23 -3.20 -1.50 -9.36
C MET A 23 -3.66 -0.49 -10.38
N GLU A 24 -4.24 -0.97 -11.48
CA GLU A 24 -4.73 -0.10 -12.54
C GLU A 24 -5.43 1.13 -11.97
N MET A 25 -6.09 0.94 -10.83
CA MET A 25 -6.81 2.03 -10.17
C MET A 25 -5.83 2.95 -9.44
N LEU A 26 -4.81 2.36 -8.84
CA LEU A 26 -3.81 3.14 -8.11
C LEU A 26 -2.97 4.00 -9.06
N PHE A 27 -2.66 3.43 -10.22
CA PHE A 27 -1.86 4.13 -11.22
C PHE A 27 -2.59 5.38 -11.70
N SER A 28 -3.91 5.27 -11.87
CA SER A 28 -4.72 6.39 -12.34
C SER A 28 -4.90 7.42 -11.23
N MET A 29 -5.05 6.95 -10.01
CA MET A 29 -5.23 7.84 -8.87
C MET A 29 -4.05 8.79 -8.72
N PHE A 30 -2.85 8.28 -8.96
CA PHE A 30 -1.64 9.09 -8.86
C PHE A 30 -1.09 9.41 -10.24
N PRO A 31 -1.46 10.58 -10.78
CA PRO A 31 -1.01 11.04 -12.09
C PRO A 31 0.47 11.39 -12.11
N ASN A 32 1.05 11.59 -10.93
CA ASN A 32 2.46 11.93 -10.81
C ASN A 32 3.32 10.95 -11.61
N GLN A 33 4.63 11.13 -11.53
CA GLN A 33 5.57 10.27 -12.24
C GLN A 33 6.30 9.35 -11.27
N GLY A 34 6.93 9.93 -10.25
CA GLY A 34 7.65 9.14 -9.28
C GLY A 34 6.85 8.90 -8.02
N GLU A 35 5.90 7.98 -8.09
CA GLU A 35 5.06 7.67 -6.94
C GLU A 35 4.92 6.16 -6.77
N VAL A 36 4.62 5.46 -7.86
CA VAL A 36 4.47 4.02 -7.82
C VAL A 36 5.56 3.32 -8.63
N LYS A 37 6.54 2.77 -7.93
CA LYS A 37 7.66 2.08 -8.58
C LYS A 37 7.48 0.57 -8.49
N LEU A 38 7.54 -0.10 -9.65
CA LEU A 38 7.39 -1.55 -9.69
C LEU A 38 8.71 -2.22 -10.02
N GLU A 39 9.19 -3.05 -9.10
CA GLU A 39 10.45 -3.76 -9.28
C GLU A 39 10.44 -4.55 -10.60
N ASP A 40 9.26 -4.98 -11.02
CA ASP A 40 9.12 -5.73 -12.26
C ASP A 40 7.66 -5.84 -12.67
N VAL A 41 7.29 -5.13 -13.73
CA VAL A 41 5.91 -5.14 -14.22
C VAL A 41 5.44 -6.57 -14.47
N ASN A 42 6.38 -7.48 -14.66
CA ASN A 42 6.05 -8.88 -14.91
C ASN A 42 5.27 -9.47 -13.74
N ALA A 43 5.44 -8.88 -12.56
CA ALA A 43 4.75 -9.34 -11.37
C ALA A 43 3.25 -9.50 -11.61
N LEU A 44 2.67 -8.50 -12.28
CA LEU A 44 1.24 -8.51 -12.59
C LEU A 44 0.90 -9.64 -13.57
N THR A 45 1.79 -9.85 -14.55
CA THR A 45 1.59 -10.88 -15.54
C THR A 45 1.54 -12.27 -14.91
N ASN A 46 2.68 -12.70 -14.36
CA ASN A 46 2.77 -14.00 -13.72
C ASN A 46 1.48 -14.33 -12.98
N ILE A 47 0.82 -13.30 -12.46
CA ILE A 47 -0.43 -13.48 -11.72
C ILE A 47 -1.57 -13.86 -12.67
N LYS A 48 -1.83 -13.01 -13.64
CA LYS A 48 -2.89 -13.24 -14.61
C LYS A 48 -2.85 -14.69 -15.12
N ARG A 49 -1.64 -15.24 -15.20
CA ARG A 49 -1.47 -16.61 -15.66
C ARG A 49 -1.97 -17.60 -14.63
N TYR A 50 -1.48 -17.48 -13.40
CA TYR A 50 -1.89 -18.38 -12.32
C TYR A 50 -3.41 -18.43 -12.20
N LEU A 51 -4.05 -17.32 -12.53
CA LEU A 51 -5.50 -17.23 -12.46
C LEU A 51 -6.16 -18.29 -13.34
N GLU A 52 -5.62 -18.47 -14.54
CA GLU A 52 -6.15 -19.46 -15.48
C GLU A 52 -5.58 -20.84 -15.19
N GLY A 53 -4.35 -20.88 -14.68
CA GLY A 53 -3.71 -22.14 -14.37
C GLY A 53 -2.71 -22.56 -15.43
N THR A 54 -2.16 -21.57 -16.14
CA THR A 54 -1.18 -21.85 -17.19
C THR A 54 0.24 -21.78 -16.64
N ARG A 55 0.50 -20.81 -15.77
CA ARG A 55 1.82 -20.65 -15.17
C ARG A 55 2.30 -21.96 -14.54
N GLU A 56 3.59 -22.03 -14.27
CA GLU A 56 4.18 -23.22 -13.66
C GLU A 56 4.59 -22.95 -12.22
N ALA A 57 5.24 -21.82 -11.99
CA ALA A 57 5.69 -21.44 -10.65
C ALA A 57 4.85 -20.29 -10.09
N LEU A 58 4.71 -20.26 -8.78
CA LEU A 58 3.94 -19.21 -8.12
C LEU A 58 4.46 -17.83 -8.48
N PRO A 59 3.57 -16.95 -8.94
CA PRO A 59 3.92 -15.58 -9.33
C PRO A 59 4.30 -14.72 -8.13
N PRO A 60 5.25 -13.79 -8.35
CA PRO A 60 5.72 -12.88 -7.30
C PRO A 60 4.65 -11.85 -6.90
N LYS A 61 4.36 -11.78 -5.61
CA LYS A 61 3.36 -10.84 -5.11
C LYS A 61 3.59 -9.45 -5.68
N ILE A 62 2.57 -8.60 -5.60
CA ILE A 62 2.66 -7.25 -6.10
C ILE A 62 3.22 -6.29 -5.04
N GLU A 63 4.54 -6.19 -4.99
CA GLU A 63 5.20 -5.31 -4.02
C GLU A 63 5.74 -4.06 -4.71
N PHE A 64 5.42 -2.90 -4.14
CA PHE A 64 5.87 -1.63 -4.69
C PHE A 64 5.81 -0.52 -3.65
N VAL A 65 6.20 0.68 -4.04
CA VAL A 65 6.19 1.83 -3.13
C VAL A 65 5.32 2.95 -3.67
N ILE A 66 4.38 3.40 -2.86
CA ILE A 66 3.47 4.48 -3.25
C ILE A 66 3.82 5.78 -2.54
N THR A 67 3.89 6.87 -3.31
CA THR A 67 4.21 8.17 -2.75
C THR A 67 2.95 8.92 -2.33
N LEU A 68 2.98 9.48 -1.12
CA LEU A 68 1.84 10.23 -0.60
C LEU A 68 2.13 11.72 -0.56
N GLN A 69 1.57 12.45 -1.53
CA GLN A 69 1.77 13.89 -1.60
C GLN A 69 0.82 14.63 -0.66
N ILE A 70 1.30 14.94 0.54
CA ILE A 70 0.50 15.64 1.52
C ILE A 70 0.28 17.10 1.12
N GLU A 71 -0.98 17.46 0.88
CA GLU A 71 -1.32 18.82 0.50
C GLU A 71 -0.71 19.84 1.46
N GLU A 72 -1.17 19.80 2.71
CA GLU A 72 -0.68 20.71 3.73
C GLU A 72 -0.37 19.97 5.03
N PRO A 73 0.90 20.02 5.45
CA PRO A 73 1.95 20.74 4.72
C PRO A 73 2.31 20.07 3.40
N LYS A 74 3.21 20.70 2.65
CA LYS A 74 3.65 20.15 1.37
C LYS A 74 4.94 19.35 1.52
N VAL A 75 4.80 18.03 1.59
CA VAL A 75 5.96 17.15 1.73
C VAL A 75 5.76 15.86 0.97
N LYS A 76 6.79 15.01 0.97
CA LYS A 76 6.71 13.73 0.28
C LYS A 76 6.90 12.58 1.27
N ILE A 77 5.93 11.67 1.31
CA ILE A 77 5.99 10.52 2.20
C ILE A 77 5.98 9.22 1.42
N ASP A 78 6.95 8.35 1.69
CA ASP A 78 7.05 7.06 1.02
C ASP A 78 6.30 5.98 1.79
N LEU A 79 5.23 5.47 1.21
CA LEU A 79 4.43 4.44 1.85
C LEU A 79 4.69 3.07 1.22
N GLN A 80 5.45 2.24 1.91
CA GLN A 80 5.79 0.91 1.42
C GLN A 80 4.59 -0.03 1.54
N VAL A 81 4.15 -0.57 0.41
CA VAL A 81 3.01 -1.49 0.39
C VAL A 81 3.44 -2.88 -0.07
N THR A 82 2.87 -3.90 0.58
CA THR A 82 3.19 -5.28 0.24
C THR A 82 1.95 -6.16 0.28
N MET A 83 1.45 -6.54 -0.90
CA MET A 83 0.26 -7.39 -0.98
C MET A 83 0.64 -8.81 -1.40
N PRO A 84 0.64 -9.73 -0.42
CA PRO A 84 0.98 -11.13 -0.67
C PRO A 84 -0.09 -11.85 -1.48
N HIS A 85 -0.01 -13.18 -1.50
CA HIS A 85 -0.98 -13.99 -2.24
C HIS A 85 -2.25 -14.18 -1.43
N SER A 86 -2.38 -13.43 -0.34
CA SER A 86 -3.55 -13.52 0.53
C SER A 86 -4.40 -12.26 0.42
N TYR A 87 -3.82 -11.14 0.81
CA TYR A 87 -4.52 -9.86 0.76
C TYR A 87 -5.45 -9.79 -0.44
N PRO A 88 -6.56 -9.04 -0.30
CA PRO A 88 -6.86 -8.31 0.94
C PRO A 88 -7.24 -9.25 2.08
N TYR A 89 -7.71 -10.43 1.73
CA TYR A 89 -8.11 -11.43 2.73
C TYR A 89 -7.21 -11.35 3.95
N LEU A 90 -5.91 -11.26 3.71
CA LEU A 90 -4.92 -11.18 4.80
C LEU A 90 -4.48 -9.75 5.02
N ALA A 91 -4.15 -9.43 6.28
CA ALA A 91 -3.71 -8.08 6.64
C ALA A 91 -2.34 -7.78 6.02
N LEU A 92 -2.33 -7.00 4.95
CA LEU A 92 -1.09 -6.65 4.27
C LEU A 92 -0.14 -5.94 5.23
N GLN A 93 0.99 -5.50 4.71
CA GLN A 93 1.99 -4.79 5.52
C GLN A 93 2.34 -3.45 4.91
N LEU A 94 2.04 -2.37 5.63
CA LEU A 94 2.32 -1.02 5.17
C LEU A 94 3.29 -0.31 6.11
N PHE A 95 4.10 0.57 5.55
CA PHE A 95 5.08 1.33 6.34
C PHE A 95 5.29 2.72 5.76
N GLY A 96 5.04 3.74 6.57
CA GLY A 96 5.21 5.11 6.11
C GLY A 96 6.42 5.78 6.75
N ARG A 97 7.38 6.17 5.91
CA ARG A 97 8.59 6.83 6.40
C ARG A 97 8.95 8.02 5.51
N SER A 98 9.29 9.13 6.15
CA SER A 98 9.66 10.34 5.42
C SER A 98 10.89 11.00 6.04
N SER A 99 11.63 11.76 5.23
CA SER A 99 12.83 12.44 5.69
C SER A 99 12.50 13.42 6.82
N GLU A 100 11.46 14.22 6.61
CA GLU A 100 11.04 15.20 7.61
C GLU A 100 10.57 14.51 8.88
N LEU A 101 9.61 13.61 8.74
CA LEU A 101 9.07 12.88 9.89
C LEU A 101 10.21 12.38 10.79
N ASP A 102 10.01 12.50 12.09
CA ASP A 102 11.01 12.04 13.06
C ASP A 102 10.69 10.64 13.54
N ARG A 103 11.59 10.08 14.35
CA ARG A 103 11.41 8.74 14.89
C ARG A 103 10.00 8.57 15.47
N HIS A 104 9.72 9.32 16.54
CA HIS A 104 8.41 9.26 17.20
C HIS A 104 7.29 9.32 16.16
N GLN A 105 7.33 10.36 15.32
CA GLN A 105 6.31 10.53 14.29
C GLN A 105 6.09 9.25 13.51
N GLN A 106 7.17 8.72 12.93
CA GLN A 106 7.10 7.49 12.15
C GLN A 106 6.35 6.41 12.92
N LEU A 107 6.87 6.05 14.08
CA LEU A 107 6.24 5.02 14.92
C LEU A 107 4.75 5.26 15.05
N LEU A 108 4.39 6.38 15.66
CA LEU A 108 2.98 6.73 15.86
C LEU A 108 2.20 6.56 14.56
N LEU A 109 2.70 7.15 13.49
CA LEU A 109 2.06 7.07 12.18
C LEU A 109 1.79 5.62 11.81
N ASN A 110 2.86 4.85 11.63
CA ASN A 110 2.74 3.45 11.27
C ASN A 110 1.71 2.74 12.14
N LYS A 111 2.02 2.62 13.43
CA LYS A 111 1.12 1.98 14.38
C LYS A 111 -0.33 2.35 14.09
N GLY A 112 -0.62 3.65 14.10
CA GLY A 112 -1.98 4.10 13.84
C GLY A 112 -2.52 3.59 12.52
N LEU A 113 -1.75 3.77 11.45
CA LEU A 113 -2.15 3.32 10.13
C LEU A 113 -2.41 1.82 10.12
N THR A 114 -1.37 1.03 10.36
CA THR A 114 -1.49 -0.41 10.39
C THR A 114 -2.80 -0.86 11.02
N SER A 115 -3.10 -0.30 12.19
CA SER A 115 -4.33 -0.63 12.91
C SER A 115 -5.55 -0.15 12.13
N TYR A 116 -5.53 1.12 11.71
CA TYR A 116 -6.63 1.69 10.96
C TYR A 116 -7.05 0.78 9.81
N ILE A 117 -6.10 0.01 9.30
CA ILE A 117 -6.38 -0.91 8.20
C ILE A 117 -6.83 -2.27 8.72
N GLY A 118 -6.46 -2.57 9.95
CA GLY A 118 -6.84 -3.84 10.54
C GLY A 118 -8.34 -3.96 10.75
N THR A 119 -9.02 -2.83 10.81
CA THR A 119 -10.46 -2.81 11.00
C THR A 119 -11.20 -3.27 9.74
N PHE A 120 -10.51 -3.20 8.60
CA PHE A 120 -11.09 -3.60 7.34
C PHE A 120 -11.32 -5.11 7.31
N ASP A 121 -12.32 -5.54 6.53
CA ASP A 121 -12.65 -6.95 6.41
C ASP A 121 -12.01 -7.56 5.16
N PRO A 122 -11.80 -8.88 5.19
CA PRO A 122 -11.19 -9.61 4.07
C PRO A 122 -12.13 -9.69 2.86
N GLY A 123 -11.68 -9.14 1.74
CA GLY A 123 -12.48 -9.16 0.54
C GLY A 123 -12.35 -7.89 -0.29
N GLU A 124 -12.35 -6.76 0.40
CA GLU A 124 -12.22 -5.47 -0.27
C GLU A 124 -10.79 -4.96 -0.21
N LEU A 125 -10.55 -3.80 -0.82
CA LEU A 125 -9.22 -3.20 -0.83
C LEU A 125 -8.94 -2.46 0.48
N CYS A 126 -7.67 -2.35 0.83
CA CYS A 126 -7.27 -1.66 2.05
C CYS A 126 -6.25 -0.57 1.75
N VAL A 127 -5.29 -0.89 0.89
CA VAL A 127 -4.25 0.07 0.51
C VAL A 127 -4.86 1.36 -0.03
N CYS A 128 -6.08 1.26 -0.53
CA CYS A 128 -6.77 2.42 -1.09
C CYS A 128 -7.16 3.40 0.01
N ALA A 129 -7.57 2.87 1.16
CA ALA A 129 -7.97 3.70 2.29
C ALA A 129 -6.76 4.34 2.95
N ALA A 130 -5.76 3.52 3.28
CA ALA A 130 -4.55 4.01 3.92
C ALA A 130 -4.12 5.35 3.33
N ILE A 131 -4.29 5.49 2.02
CA ILE A 131 -3.92 6.72 1.34
C ILE A 131 -4.70 7.91 1.88
N GLN A 132 -6.00 7.94 1.61
CA GLN A 132 -6.86 9.03 2.07
C GLN A 132 -6.67 9.26 3.56
N TRP A 133 -6.60 8.18 4.32
CA TRP A 133 -6.42 8.27 5.77
C TRP A 133 -5.18 9.09 6.12
N LEU A 134 -4.01 8.58 5.74
CA LEU A 134 -2.76 9.27 6.01
C LEU A 134 -2.89 10.76 5.79
N GLN A 135 -3.32 11.14 4.58
CA GLN A 135 -3.49 12.54 4.23
C GLN A 135 -3.97 13.35 5.44
N ASP A 136 -5.17 13.01 5.93
CA ASP A 136 -5.73 13.71 7.08
C ASP A 136 -4.93 13.41 8.34
N ASN A 137 -4.59 12.13 8.55
CA ASN A 137 -3.83 11.73 9.71
C ASN A 137 -2.34 11.91 9.48
N SER A 138 -1.95 13.10 9.01
CA SER A 138 -0.56 13.40 8.74
C SER A 138 -0.17 14.75 9.34
N ALA A 139 -0.92 15.79 8.98
CA ALA A 139 -0.65 17.13 9.49
C ALA A 139 -0.54 17.13 11.01
N SER A 140 -1.38 16.33 11.66
CA SER A 140 -1.38 16.25 13.12
C SER A 140 -0.05 15.70 13.63
N TYR A 141 0.51 14.74 12.89
CA TYR A 141 1.77 14.14 13.28
C TYR A 141 2.92 15.13 13.13
N PHE A 142 3.06 15.70 11.94
CA PHE A 142 4.11 16.67 11.67
C PHE A 142 4.11 17.78 12.72
N LEU A 143 3.07 18.60 12.71
CA LEU A 143 2.94 19.69 13.67
C LEU A 143 3.55 19.31 15.01
N ASN A 144 4.73 19.87 15.30
CA ASN A 144 5.41 19.58 16.56
C ASN A 144 6.48 20.63 16.84
N ARG A 145 6.51 21.13 18.08
CA ARG A 145 7.48 22.13 18.47
C ARG A 145 8.82 21.89 17.79
N LYS A 146 9.20 22.80 16.89
CA LYS A 146 10.47 22.69 16.17
C LYS A 146 11.18 24.04 16.11
N LEU A 147 12.50 24.00 16.22
CA LEU A 147 13.30 25.22 16.17
C LEU A 147 14.12 25.29 14.88
N VAL A 148 14.71 26.45 14.62
CA VAL A 148 15.51 26.65 13.43
C VAL A 148 17.00 26.71 13.77
N SER A 149 17.31 26.66 15.06
CA SER A 149 18.69 26.73 15.52
C SER A 149 19.51 27.64 14.64
N GLY A 150 18.91 28.75 14.22
CA GLY A 150 19.61 29.71 13.37
C GLY A 150 20.50 29.02 12.35
N PRO A 151 19.94 28.73 11.17
CA PRO A 151 20.69 28.07 10.09
C PRO A 151 21.73 28.98 9.47
N SER A 152 23.00 28.64 9.69
CA SER A 152 24.11 29.43 9.15
C SER A 152 25.28 28.53 8.76
N SER A 153 25.78 28.73 7.55
CA SER A 153 26.90 27.94 7.04
C SER A 153 28.11 28.82 6.77
N GLY A 154 29.28 28.20 6.65
CA GLY A 154 30.50 28.94 6.40
C GLY A 154 31.11 28.61 5.04
N GLY A 1 -21.17 -24.28 -16.97
CA GLY A 1 -19.93 -24.85 -16.49
C GLY A 1 -19.98 -25.22 -15.02
N SER A 2 -18.85 -25.65 -14.48
CA SER A 2 -18.77 -26.05 -13.08
C SER A 2 -18.00 -25.01 -12.26
N SER A 3 -16.88 -24.56 -12.80
CA SER A 3 -16.05 -23.57 -12.12
C SER A 3 -16.02 -23.82 -10.62
N GLY A 4 -15.89 -25.09 -10.24
CA GLY A 4 -15.85 -25.44 -8.85
C GLY A 4 -14.65 -24.86 -8.13
N SER A 5 -13.91 -25.71 -7.42
CA SER A 5 -12.73 -25.27 -6.69
C SER A 5 -13.12 -24.42 -5.49
N SER A 6 -14.15 -24.85 -4.77
CA SER A 6 -14.65 -24.13 -3.60
C SER A 6 -14.55 -24.99 -2.35
N GLY A 7 -13.62 -24.65 -1.46
CA GLY A 7 -13.45 -25.40 -0.24
C GLY A 7 -13.42 -24.51 0.99
N MET A 8 -12.96 -25.06 2.11
CA MET A 8 -12.90 -24.31 3.36
C MET A 8 -12.17 -22.98 3.15
N SER A 9 -11.04 -23.03 2.45
CA SER A 9 -10.25 -21.83 2.20
C SER A 9 -10.33 -21.44 0.72
N ALA A 10 -10.59 -20.16 0.47
CA ALA A 10 -10.69 -19.66 -0.90
C ALA A 10 -9.40 -19.92 -1.67
N SER A 11 -9.50 -19.94 -2.99
CA SER A 11 -8.35 -20.19 -3.85
C SER A 11 -7.59 -18.89 -4.11
N VAL A 12 -6.28 -18.93 -3.89
CA VAL A 12 -5.43 -17.76 -4.10
C VAL A 12 -5.88 -16.97 -5.33
N LYS A 13 -6.18 -17.68 -6.40
CA LYS A 13 -6.62 -17.05 -7.65
C LYS A 13 -7.46 -15.81 -7.36
N GLU A 14 -8.46 -15.97 -6.49
CA GLU A 14 -9.35 -14.87 -6.13
C GLU A 14 -8.54 -13.68 -5.64
N SER A 15 -7.92 -13.82 -4.47
CA SER A 15 -7.12 -12.75 -3.89
C SER A 15 -6.30 -12.04 -4.96
N LEU A 16 -5.37 -12.75 -5.57
CA LEU A 16 -4.53 -12.19 -6.61
C LEU A 16 -5.33 -11.29 -7.53
N GLN A 17 -6.52 -11.75 -7.91
CA GLN A 17 -7.39 -10.97 -8.79
C GLN A 17 -7.65 -9.58 -8.23
N LEU A 18 -8.09 -9.53 -6.98
CA LEU A 18 -8.38 -8.26 -6.32
C LEU A 18 -7.13 -7.38 -6.28
N GLN A 19 -5.96 -8.00 -6.40
CA GLN A 19 -4.70 -7.27 -6.38
C GLN A 19 -4.40 -6.68 -7.76
N LEU A 20 -5.05 -7.20 -8.78
CA LEU A 20 -4.85 -6.73 -10.15
C LEU A 20 -5.86 -5.65 -10.50
N LEU A 21 -7.02 -5.68 -9.85
CA LEU A 21 -8.06 -4.70 -10.09
C LEU A 21 -7.79 -3.41 -9.32
N GLU A 22 -7.18 -3.55 -8.15
CA GLU A 22 -6.87 -2.40 -7.31
C GLU A 22 -5.66 -1.64 -7.86
N MET A 23 -4.72 -2.38 -8.45
CA MET A 23 -3.52 -1.78 -9.01
C MET A 23 -3.88 -0.79 -10.12
N GLU A 24 -4.59 -1.27 -11.13
CA GLU A 24 -4.99 -0.42 -12.25
C GLU A 24 -5.74 0.81 -11.76
N MET A 25 -6.43 0.66 -10.62
CA MET A 25 -7.17 1.78 -10.05
C MET A 25 -6.25 2.74 -9.32
N LEU A 26 -5.10 2.24 -8.88
CA LEU A 26 -4.13 3.06 -8.17
C LEU A 26 -3.34 3.94 -9.14
N PHE A 27 -2.87 3.33 -10.23
CA PHE A 27 -2.11 4.06 -11.23
C PHE A 27 -2.85 5.32 -11.68
N SER A 28 -4.12 5.15 -12.05
CA SER A 28 -4.93 6.26 -12.50
C SER A 28 -5.02 7.35 -11.43
N MET A 29 -5.07 6.92 -10.17
CA MET A 29 -5.15 7.85 -9.05
C MET A 29 -3.86 8.64 -8.91
N PHE A 30 -2.77 8.09 -9.42
CA PHE A 30 -1.47 8.75 -9.35
C PHE A 30 -0.90 8.96 -10.75
N PRO A 31 -1.31 10.06 -11.41
CA PRO A 31 -0.85 10.40 -12.75
C PRO A 31 0.61 10.82 -12.77
N ASN A 32 1.02 11.58 -11.75
CA ASN A 32 2.39 12.06 -11.66
C ASN A 32 3.37 10.96 -12.05
N GLN A 33 4.00 11.12 -13.22
CA GLN A 33 4.96 10.15 -13.71
C GLN A 33 6.10 9.97 -12.72
N GLY A 34 5.98 8.95 -11.87
CA GLY A 34 7.01 8.68 -10.88
C GLY A 34 6.46 8.63 -9.47
N GLU A 35 5.30 8.01 -9.30
CA GLU A 35 4.67 7.90 -8.00
C GLU A 35 4.73 6.47 -7.48
N VAL A 36 4.21 5.54 -8.27
CA VAL A 36 4.20 4.13 -7.88
C VAL A 36 5.41 3.39 -8.47
N LYS A 37 6.27 2.89 -7.59
CA LYS A 37 7.47 2.18 -8.02
C LYS A 37 7.31 0.68 -7.78
N LEU A 38 7.37 -0.10 -8.86
CA LEU A 38 7.23 -1.55 -8.76
C LEU A 38 8.58 -2.23 -8.91
N GLU A 39 8.94 -3.07 -7.93
CA GLU A 39 10.20 -3.78 -7.96
C GLU A 39 10.29 -4.71 -9.16
N ASP A 40 9.13 -5.14 -9.66
CA ASP A 40 9.06 -6.03 -10.80
C ASP A 40 7.79 -5.80 -11.61
N VAL A 41 7.95 -5.30 -12.83
CA VAL A 41 6.81 -5.02 -13.70
C VAL A 41 6.14 -6.31 -14.15
N ASN A 42 6.87 -7.41 -14.05
CA ASN A 42 6.35 -8.72 -14.45
C ASN A 42 5.56 -9.36 -13.31
N ALA A 43 5.23 -8.55 -12.31
CA ALA A 43 4.47 -9.04 -11.15
C ALA A 43 3.00 -9.23 -11.50
N LEU A 44 2.37 -8.17 -11.99
CA LEU A 44 0.97 -8.21 -12.36
C LEU A 44 0.72 -9.22 -13.48
N THR A 45 1.58 -9.17 -14.50
CA THR A 45 1.45 -10.07 -15.64
C THR A 45 1.54 -11.53 -15.20
N ASN A 46 2.65 -11.90 -14.56
CA ASN A 46 2.84 -13.26 -14.07
C ASN A 46 1.55 -13.82 -13.50
N ILE A 47 0.89 -13.03 -12.65
CA ILE A 47 -0.36 -13.44 -12.02
C ILE A 47 -1.38 -13.87 -13.07
N LYS A 48 -1.78 -12.94 -13.92
CA LYS A 48 -2.75 -13.21 -14.97
C LYS A 48 -2.52 -14.59 -15.57
N ARG A 49 -1.27 -15.03 -15.58
CA ARG A 49 -0.93 -16.33 -16.13
C ARG A 49 -1.28 -17.44 -15.14
N TYR A 50 -0.98 -17.22 -13.87
CA TYR A 50 -1.26 -18.20 -12.83
C TYR A 50 -2.77 -18.40 -12.66
N LEU A 51 -3.54 -17.50 -13.25
CA LEU A 51 -4.99 -17.57 -13.17
C LEU A 51 -5.56 -18.46 -14.27
N GLU A 52 -5.08 -18.27 -15.50
CA GLU A 52 -5.55 -19.06 -16.62
C GLU A 52 -5.17 -20.53 -16.45
N GLY A 53 -4.12 -20.78 -15.67
CA GLY A 53 -3.68 -22.14 -15.43
C GLY A 53 -2.36 -22.44 -16.10
N THR A 54 -2.03 -21.68 -17.16
CA THR A 54 -0.79 -21.87 -17.89
C THR A 54 0.40 -21.89 -16.94
N ARG A 55 0.31 -21.13 -15.86
CA ARG A 55 1.38 -21.05 -14.88
C ARG A 55 0.98 -21.75 -13.58
N GLU A 56 1.78 -22.72 -13.17
CA GLU A 56 1.52 -23.48 -11.95
C GLU A 56 2.25 -22.85 -10.76
N ALA A 57 3.48 -22.40 -11.00
CA ALA A 57 4.29 -21.79 -9.95
C ALA A 57 3.62 -20.51 -9.43
N LEU A 58 3.58 -20.38 -8.10
CA LEU A 58 2.97 -19.21 -7.48
C LEU A 58 3.71 -17.93 -7.87
N PRO A 59 2.98 -16.97 -8.45
CA PRO A 59 3.55 -15.69 -8.88
C PRO A 59 3.96 -14.81 -7.70
N PRO A 60 4.87 -13.86 -7.95
CA PRO A 60 5.36 -12.93 -6.93
C PRO A 60 4.29 -11.94 -6.49
N LYS A 61 4.13 -11.79 -5.18
CA LYS A 61 3.15 -10.86 -4.63
C LYS A 61 3.33 -9.47 -5.21
N ILE A 62 2.30 -8.64 -5.10
CA ILE A 62 2.35 -7.28 -5.62
C ILE A 62 2.83 -6.30 -4.55
N GLU A 63 4.14 -6.09 -4.49
CA GLU A 63 4.72 -5.19 -3.51
C GLU A 63 5.36 -3.98 -4.19
N PHE A 64 4.97 -2.78 -3.76
CA PHE A 64 5.51 -1.55 -4.33
C PHE A 64 5.48 -0.42 -3.31
N VAL A 65 6.01 0.73 -3.70
CA VAL A 65 6.04 1.90 -2.82
C VAL A 65 5.20 3.04 -3.39
N ILE A 66 4.30 3.57 -2.57
CA ILE A 66 3.43 4.66 -2.99
C ILE A 66 3.83 5.97 -2.31
N THR A 67 3.96 7.03 -3.11
CA THR A 67 4.35 8.34 -2.59
C THR A 67 3.11 9.17 -2.26
N LEU A 68 2.99 9.57 -0.99
CA LEU A 68 1.87 10.37 -0.54
C LEU A 68 2.13 11.85 -0.75
N GLN A 69 1.54 12.41 -1.80
CA GLN A 69 1.71 13.82 -2.11
C GLN A 69 0.90 14.70 -1.16
N ILE A 70 1.35 14.78 0.09
CA ILE A 70 0.67 15.58 1.10
C ILE A 70 0.51 17.02 0.64
N GLU A 71 -0.73 17.45 0.46
CA GLU A 71 -1.03 18.81 0.02
C GLU A 71 -0.39 19.83 0.97
N GLU A 72 -0.75 19.74 2.24
CA GLU A 72 -0.22 20.66 3.25
C GLU A 72 -0.08 19.97 4.61
N PRO A 73 1.15 19.99 5.16
CA PRO A 73 2.29 20.64 4.51
C PRO A 73 2.76 19.90 3.26
N LYS A 74 3.29 20.63 2.30
CA LYS A 74 3.78 20.04 1.06
C LYS A 74 5.07 19.28 1.29
N VAL A 75 4.96 17.96 1.45
CA VAL A 75 6.12 17.12 1.68
C VAL A 75 6.00 15.80 0.92
N LYS A 76 6.97 14.92 1.12
CA LYS A 76 6.98 13.61 0.46
C LYS A 76 7.14 12.49 1.47
N ILE A 77 6.30 11.46 1.33
CA ILE A 77 6.35 10.31 2.24
C ILE A 77 6.32 9.00 1.46
N ASP A 78 7.30 8.14 1.71
CA ASP A 78 7.37 6.86 1.04
C ASP A 78 6.55 5.80 1.79
N LEU A 79 5.52 5.30 1.14
CA LEU A 79 4.66 4.28 1.74
C LEU A 79 4.86 2.93 1.07
N GLN A 80 5.71 2.10 1.70
CA GLN A 80 6.00 0.77 1.17
C GLN A 80 4.84 -0.18 1.42
N VAL A 81 4.02 -0.40 0.40
CA VAL A 81 2.87 -1.29 0.52
C VAL A 81 3.22 -2.70 0.04
N THR A 82 2.63 -3.70 0.69
CA THR A 82 2.88 -5.09 0.34
C THR A 82 1.60 -5.92 0.42
N MET A 83 1.14 -6.40 -0.73
CA MET A 83 -0.08 -7.20 -0.79
C MET A 83 0.25 -8.68 -0.98
N PRO A 84 0.24 -9.43 0.13
CA PRO A 84 0.54 -10.86 0.12
C PRO A 84 -0.55 -11.68 -0.57
N HIS A 85 -0.23 -12.90 -0.94
CA HIS A 85 -1.18 -13.79 -1.61
C HIS A 85 -2.48 -13.86 -0.82
N SER A 86 -2.43 -13.46 0.44
CA SER A 86 -3.61 -13.49 1.31
C SER A 86 -4.47 -12.25 1.09
N TYR A 87 -3.93 -11.09 1.42
CA TYR A 87 -4.64 -9.83 1.27
C TYR A 87 -5.54 -9.87 0.03
N PRO A 88 -6.66 -9.13 0.10
CA PRO A 88 -7.04 -8.35 1.27
C PRO A 88 -7.42 -9.24 2.46
N TYR A 89 -7.86 -10.46 2.16
CA TYR A 89 -8.26 -11.39 3.20
C TYR A 89 -7.42 -11.21 4.45
N LEU A 90 -6.12 -11.05 4.28
CA LEU A 90 -5.20 -10.85 5.39
C LEU A 90 -4.84 -9.38 5.56
N ALA A 91 -4.47 -9.00 6.78
CA ALA A 91 -4.09 -7.62 7.06
C ALA A 91 -2.72 -7.30 6.50
N LEU A 92 -2.68 -6.77 5.29
CA LEU A 92 -1.42 -6.42 4.64
C LEU A 92 -0.52 -5.66 5.59
N GLN A 93 0.71 -5.40 5.16
CA GLN A 93 1.68 -4.68 5.98
C GLN A 93 2.13 -3.39 5.29
N LEU A 94 1.92 -2.26 5.95
CA LEU A 94 2.29 -0.97 5.40
C LEU A 94 3.38 -0.31 6.25
N PHE A 95 4.38 0.26 5.58
CA PHE A 95 5.48 0.92 6.27
C PHE A 95 5.76 2.29 5.67
N GLY A 96 5.30 3.33 6.34
CA GLY A 96 5.52 4.68 5.85
C GLY A 96 6.60 5.42 6.62
N ARG A 97 7.65 5.85 5.92
CA ARG A 97 8.74 6.57 6.54
C ARG A 97 9.03 7.87 5.81
N SER A 98 9.45 8.89 6.56
CA SER A 98 9.75 10.19 5.97
C SER A 98 10.99 10.80 6.63
N SER A 99 11.86 11.36 5.81
CA SER A 99 13.09 11.97 6.30
C SER A 99 12.79 12.99 7.40
N GLU A 100 11.77 13.82 7.17
CA GLU A 100 11.38 14.83 8.14
C GLU A 100 10.94 14.19 9.46
N LEU A 101 9.99 13.27 9.36
CA LEU A 101 9.47 12.58 10.54
C LEU A 101 10.61 11.93 11.32
N ASP A 102 10.48 11.90 12.65
CA ASP A 102 11.49 11.31 13.51
C ASP A 102 11.03 9.96 14.04
N ARG A 103 11.90 9.28 14.78
CA ARG A 103 11.58 7.98 15.34
C ARG A 103 10.21 8.00 16.01
N HIS A 104 10.01 8.96 16.93
CA HIS A 104 8.76 9.08 17.64
C HIS A 104 7.59 9.22 16.67
N GLN A 105 7.78 10.06 15.64
CA GLN A 105 6.75 10.28 14.64
C GLN A 105 6.47 9.01 13.84
N GLN A 106 7.44 8.63 13.00
CA GLN A 106 7.31 7.44 12.18
C GLN A 106 6.56 6.34 12.93
N LEU A 107 6.83 6.21 14.22
CA LEU A 107 6.19 5.20 15.06
C LEU A 107 4.70 5.48 15.19
N LEU A 108 4.38 6.68 15.68
CA LEU A 108 2.98 7.08 15.87
C LEU A 108 2.19 6.91 14.57
N LEU A 109 2.77 7.37 13.47
CA LEU A 109 2.12 7.27 12.17
C LEU A 109 1.87 5.81 11.79
N ASN A 110 2.94 5.05 11.63
CA ASN A 110 2.84 3.64 11.27
C ASN A 110 1.83 2.93 12.17
N LYS A 111 2.06 3.00 13.48
CA LYS A 111 1.18 2.37 14.45
C LYS A 111 -0.27 2.78 14.22
N GLY A 112 -0.50 4.11 14.15
CA GLY A 112 -1.83 4.61 13.94
C GLY A 112 -2.47 4.07 12.67
N LEU A 113 -1.68 3.99 11.60
CA LEU A 113 -2.17 3.48 10.33
C LEU A 113 -2.45 1.98 10.40
N THR A 114 -1.40 1.19 10.60
CA THR A 114 -1.53 -0.26 10.70
C THR A 114 -2.83 -0.64 11.38
N SER A 115 -3.12 -0.02 12.52
CA SER A 115 -4.34 -0.29 13.27
C SER A 115 -5.57 0.10 12.47
N TYR A 116 -5.51 1.29 11.86
CA TYR A 116 -6.63 1.79 11.07
C TYR A 116 -6.96 0.83 9.93
N ILE A 117 -5.96 0.06 9.50
CA ILE A 117 -6.15 -0.90 8.42
C ILE A 117 -6.57 -2.26 8.95
N GLY A 118 -6.03 -2.62 10.11
CA GLY A 118 -6.36 -3.90 10.72
C GLY A 118 -7.84 -4.03 11.04
N THR A 119 -8.57 -2.94 10.87
CA THR A 119 -10.00 -2.93 11.15
C THR A 119 -10.81 -3.27 9.88
N PHE A 120 -10.12 -3.33 8.75
CA PHE A 120 -10.77 -3.64 7.49
C PHE A 120 -11.14 -5.13 7.41
N ASP A 121 -12.24 -5.42 6.72
CA ASP A 121 -12.69 -6.80 6.57
C ASP A 121 -12.03 -7.46 5.37
N PRO A 122 -11.89 -8.80 5.44
CA PRO A 122 -11.27 -9.59 4.36
C PRO A 122 -12.15 -9.64 3.12
N GLY A 123 -11.53 -9.38 1.97
CA GLY A 123 -12.27 -9.40 0.71
C GLY A 123 -12.28 -8.07 0.01
N GLU A 124 -12.43 -7.00 0.79
CA GLU A 124 -12.46 -5.65 0.24
C GLU A 124 -11.05 -5.04 0.20
N LEU A 125 -10.90 -3.96 -0.55
CA LEU A 125 -9.61 -3.28 -0.67
C LEU A 125 -9.31 -2.46 0.58
N CYS A 126 -8.03 -2.28 0.87
CA CYS A 126 -7.60 -1.51 2.03
C CYS A 126 -6.61 -0.43 1.63
N VAL A 127 -5.53 -0.83 0.95
CA VAL A 127 -4.52 0.11 0.52
C VAL A 127 -5.14 1.38 -0.06
N CYS A 128 -6.29 1.22 -0.71
CA CYS A 128 -6.99 2.34 -1.31
C CYS A 128 -7.36 3.38 -0.26
N ALA A 129 -7.81 2.89 0.90
CA ALA A 129 -8.20 3.78 2.00
C ALA A 129 -6.97 4.37 2.69
N ALA A 130 -6.04 3.49 3.07
CA ALA A 130 -4.83 3.93 3.74
C ALA A 130 -4.33 5.25 3.19
N ILE A 131 -4.20 5.32 1.86
CA ILE A 131 -3.73 6.52 1.20
C ILE A 131 -4.43 7.76 1.74
N GLN A 132 -5.74 7.84 1.51
CA GLN A 132 -6.52 8.98 1.99
C GLN A 132 -6.36 9.16 3.49
N TRP A 133 -6.49 8.08 4.24
CA TRP A 133 -6.35 8.13 5.69
C TRP A 133 -5.09 8.89 6.09
N LEU A 134 -3.96 8.51 5.50
CA LEU A 134 -2.69 9.15 5.80
C LEU A 134 -2.77 10.66 5.58
N GLN A 135 -3.11 11.06 4.34
CA GLN A 135 -3.23 12.46 4.01
C GLN A 135 -3.78 13.27 5.18
N ASP A 136 -4.86 12.78 5.77
CA ASP A 136 -5.48 13.46 6.91
C ASP A 136 -4.66 13.24 8.18
N ASN A 137 -4.25 12.00 8.40
CA ASN A 137 -3.46 11.66 9.58
C ASN A 137 -1.97 11.80 9.29
N SER A 138 -1.61 12.83 8.54
CA SER A 138 -0.21 13.08 8.19
C SER A 138 0.20 14.49 8.58
N ALA A 139 -0.67 15.46 8.29
CA ALA A 139 -0.38 16.85 8.61
C ALA A 139 -0.49 17.10 10.11
N SER A 140 -1.48 16.49 10.74
CA SER A 140 -1.70 16.65 12.18
C SER A 140 -0.51 16.09 12.97
N TYR A 141 0.27 15.24 12.31
CA TYR A 141 1.44 14.64 12.95
C TYR A 141 2.66 15.54 12.83
N PHE A 142 2.96 15.94 11.60
CA PHE A 142 4.11 16.82 11.35
C PHE A 142 4.20 17.91 12.40
N LEU A 143 3.12 18.66 12.57
CA LEU A 143 3.07 19.74 13.55
C LEU A 143 3.88 19.38 14.79
N ASN A 144 5.12 19.88 14.85
CA ASN A 144 6.00 19.62 15.98
C ASN A 144 7.27 20.47 15.89
N ARG A 145 7.46 21.33 16.89
CA ARG A 145 8.64 22.19 16.92
C ARG A 145 9.90 21.39 16.63
N LYS A 146 10.60 21.78 15.57
CA LYS A 146 11.84 21.10 15.18
C LYS A 146 12.51 21.81 14.01
N LEU A 147 13.63 22.47 14.27
CA LEU A 147 14.36 23.19 13.24
C LEU A 147 15.82 22.73 13.20
N VAL A 148 16.41 22.79 12.01
CA VAL A 148 17.80 22.39 11.82
C VAL A 148 18.71 23.61 11.72
N SER A 149 20.01 23.36 11.68
CA SER A 149 21.00 24.43 11.58
C SER A 149 22.28 23.94 10.90
N GLY A 150 22.91 24.83 10.14
CA GLY A 150 24.13 24.47 9.45
C GLY A 150 24.44 25.38 8.28
N PRO A 151 25.72 25.72 8.10
CA PRO A 151 26.17 26.60 7.01
C PRO A 151 26.04 25.93 5.65
N SER A 152 26.48 26.63 4.61
CA SER A 152 26.43 26.11 3.25
C SER A 152 27.53 26.70 2.39
N SER A 153 27.71 26.14 1.19
CA SER A 153 28.75 26.61 0.28
C SER A 153 28.29 26.48 -1.17
N GLY A 154 29.02 27.14 -2.07
CA GLY A 154 28.67 27.09 -3.48
C GLY A 154 28.04 28.38 -3.97
N GLY A 1 -13.02 -38.56 -7.48
CA GLY A 1 -13.31 -37.74 -6.32
C GLY A 1 -12.40 -36.53 -6.19
N SER A 2 -12.48 -35.84 -5.06
CA SER A 2 -11.65 -34.67 -4.83
C SER A 2 -11.35 -34.50 -3.34
N SER A 3 -10.18 -33.94 -3.04
CA SER A 3 -9.77 -33.73 -1.65
C SER A 3 -10.94 -33.21 -0.82
N GLY A 4 -11.63 -32.20 -1.33
CA GLY A 4 -12.77 -31.62 -0.62
C GLY A 4 -13.17 -30.28 -1.18
N SER A 5 -14.04 -29.58 -0.45
CA SER A 5 -14.52 -28.27 -0.89
C SER A 5 -13.98 -27.17 0.02
N SER A 6 -13.98 -25.94 -0.48
CA SER A 6 -13.49 -24.80 0.28
C SER A 6 -14.63 -24.11 1.01
N GLY A 7 -15.51 -24.90 1.60
CA GLY A 7 -16.65 -24.35 2.32
C GLY A 7 -16.27 -23.13 3.14
N MET A 8 -15.20 -23.25 3.93
CA MET A 8 -14.74 -22.14 4.76
C MET A 8 -13.29 -21.78 4.43
N SER A 9 -12.99 -21.71 3.14
CA SER A 9 -11.64 -21.38 2.70
C SER A 9 -11.67 -20.65 1.35
N ALA A 10 -10.59 -19.95 1.04
CA ALA A 10 -10.49 -19.22 -0.21
C ALA A 10 -9.35 -19.74 -1.07
N SER A 11 -9.23 -19.21 -2.29
CA SER A 11 -8.19 -19.63 -3.22
C SER A 11 -7.24 -18.47 -3.53
N VAL A 12 -5.94 -18.76 -3.56
CA VAL A 12 -4.94 -17.74 -3.85
C VAL A 12 -5.36 -16.87 -5.02
N LYS A 13 -5.93 -17.50 -6.05
CA LYS A 13 -6.38 -16.79 -7.24
C LYS A 13 -7.07 -15.48 -6.86
N GLU A 14 -8.14 -15.59 -6.08
CA GLU A 14 -8.89 -14.41 -5.65
C GLU A 14 -7.97 -13.40 -4.98
N SER A 15 -7.15 -13.88 -4.03
CA SER A 15 -6.23 -13.01 -3.32
C SER A 15 -5.51 -12.08 -4.28
N LEU A 16 -4.60 -12.64 -5.07
CA LEU A 16 -3.83 -11.85 -6.04
C LEU A 16 -4.76 -11.15 -7.02
N GLN A 17 -5.80 -11.85 -7.45
CA GLN A 17 -6.77 -11.30 -8.39
C GLN A 17 -7.24 -9.91 -7.94
N LEU A 18 -7.75 -9.85 -6.71
CA LEU A 18 -8.24 -8.58 -6.15
C LEU A 18 -7.15 -7.52 -6.16
N GLN A 19 -5.89 -7.98 -6.16
CA GLN A 19 -4.76 -7.07 -6.17
C GLN A 19 -4.48 -6.54 -7.57
N LEU A 20 -5.06 -7.21 -8.56
CA LEU A 20 -4.88 -6.82 -9.96
C LEU A 20 -5.83 -5.68 -10.33
N LEU A 21 -7.03 -5.72 -9.78
CA LEU A 21 -8.04 -4.70 -10.05
C LEU A 21 -7.68 -3.39 -9.37
N GLU A 22 -7.09 -3.49 -8.19
CA GLU A 22 -6.70 -2.30 -7.43
C GLU A 22 -5.54 -1.58 -8.11
N MET A 23 -4.81 -2.31 -8.94
CA MET A 23 -3.67 -1.75 -9.66
C MET A 23 -4.11 -0.61 -10.57
N GLU A 24 -5.32 -0.73 -11.13
CA GLU A 24 -5.86 0.29 -12.01
C GLU A 24 -6.28 1.53 -11.23
N MET A 25 -7.26 1.35 -10.34
CA MET A 25 -7.76 2.45 -9.52
C MET A 25 -6.60 3.25 -8.91
N LEU A 26 -5.58 2.54 -8.46
CA LEU A 26 -4.41 3.17 -7.86
C LEU A 26 -3.71 4.09 -8.86
N PHE A 27 -3.50 3.57 -10.07
CA PHE A 27 -2.85 4.34 -11.12
C PHE A 27 -3.61 5.62 -11.43
N SER A 28 -4.92 5.48 -11.64
CA SER A 28 -5.77 6.63 -11.94
C SER A 28 -5.67 7.68 -10.84
N MET A 29 -5.69 7.23 -9.59
CA MET A 29 -5.60 8.15 -8.46
C MET A 29 -4.28 8.91 -8.48
N PHE A 30 -3.32 8.40 -9.24
CA PHE A 30 -2.01 9.03 -9.36
C PHE A 30 -1.64 9.28 -10.81
N PRO A 31 -2.10 10.41 -11.35
CA PRO A 31 -1.83 10.81 -12.74
C PRO A 31 -0.37 11.17 -12.96
N ASN A 32 0.26 11.74 -11.94
CA ASN A 32 1.66 12.15 -12.03
C ASN A 32 2.52 11.01 -12.58
N GLN A 33 3.67 11.37 -13.13
CA GLN A 33 4.58 10.37 -13.70
C GLN A 33 5.75 10.13 -12.76
N GLY A 34 5.79 8.93 -12.17
CA GLY A 34 6.87 8.59 -11.26
C GLY A 34 6.38 8.44 -9.83
N GLU A 35 5.15 7.98 -9.66
CA GLU A 35 4.58 7.81 -8.33
C GLU A 35 4.66 6.35 -7.89
N VAL A 36 3.88 5.49 -8.53
CA VAL A 36 3.88 4.07 -8.21
C VAL A 36 5.05 3.35 -8.87
N LYS A 37 6.05 3.00 -8.08
CA LYS A 37 7.22 2.30 -8.59
C LYS A 37 7.08 0.79 -8.40
N LEU A 38 6.77 0.09 -9.49
CA LEU A 38 6.61 -1.35 -9.44
C LEU A 38 7.96 -2.05 -9.60
N GLU A 39 8.43 -2.66 -8.52
CA GLU A 39 9.70 -3.38 -8.54
C GLU A 39 9.80 -4.28 -9.76
N ASP A 40 8.66 -4.83 -10.16
CA ASP A 40 8.63 -5.73 -11.32
C ASP A 40 7.40 -5.44 -12.18
N VAL A 41 7.60 -5.33 -13.49
CA VAL A 41 6.52 -5.07 -14.42
C VAL A 41 5.74 -6.34 -14.73
N ASN A 42 6.44 -7.47 -14.74
CA ASN A 42 5.81 -8.76 -15.03
C ASN A 42 5.08 -9.29 -13.81
N ALA A 43 5.09 -8.51 -12.73
CA ALA A 43 4.42 -8.90 -11.50
C ALA A 43 2.92 -9.06 -11.70
N LEU A 44 2.34 -8.14 -12.48
CA LEU A 44 0.91 -8.18 -12.76
C LEU A 44 0.55 -9.37 -13.65
N THR A 45 1.34 -9.58 -14.70
CA THR A 45 1.11 -10.68 -15.62
C THR A 45 1.17 -12.02 -14.90
N ASN A 46 2.35 -12.33 -14.34
CA ASN A 46 2.55 -13.58 -13.63
C ASN A 46 1.27 -14.01 -12.91
N ILE A 47 0.56 -13.03 -12.36
CA ILE A 47 -0.69 -13.30 -11.65
C ILE A 47 -1.74 -13.88 -12.58
N LYS A 48 -1.99 -13.20 -13.69
CA LYS A 48 -2.96 -13.65 -14.67
C LYS A 48 -2.67 -15.08 -15.13
N ARG A 49 -1.47 -15.27 -15.69
CA ARG A 49 -1.07 -16.59 -16.16
C ARG A 49 -1.42 -17.67 -15.15
N TYR A 50 -0.98 -17.47 -13.90
CA TYR A 50 -1.24 -18.43 -12.83
C TYR A 50 -2.74 -18.70 -12.71
N LEU A 51 -3.52 -17.65 -12.61
CA LEU A 51 -4.97 -17.77 -12.49
C LEU A 51 -5.52 -18.78 -13.50
N GLU A 52 -4.76 -19.01 -14.56
CA GLU A 52 -5.16 -19.95 -15.60
C GLU A 52 -4.61 -21.34 -15.33
N GLY A 53 -3.46 -21.40 -14.67
CA GLY A 53 -2.84 -22.67 -14.36
C GLY A 53 -1.78 -23.07 -15.37
N THR A 54 -1.16 -22.08 -15.99
CA THR A 54 -0.12 -22.33 -16.98
C THR A 54 1.27 -22.18 -16.39
N ARG A 55 1.33 -21.57 -15.21
CA ARG A 55 2.61 -21.36 -14.53
C ARG A 55 2.51 -21.75 -13.06
N GLU A 56 2.64 -23.05 -12.80
CA GLU A 56 2.56 -23.56 -11.43
C GLU A 56 3.36 -22.68 -10.47
N ALA A 57 4.60 -22.36 -10.86
CA ALA A 57 5.46 -21.52 -10.03
C ALA A 57 4.70 -20.31 -9.49
N LEU A 58 4.54 -20.26 -8.18
CA LEU A 58 3.83 -19.15 -7.54
C LEU A 58 4.36 -17.81 -8.05
N PRO A 59 3.43 -16.97 -8.53
CA PRO A 59 3.77 -15.63 -9.05
C PRO A 59 4.22 -14.68 -7.95
N PRO A 60 5.03 -13.68 -8.33
CA PRO A 60 5.54 -12.68 -7.39
C PRO A 60 4.46 -11.73 -6.89
N LYS A 61 4.44 -11.50 -5.58
CA LYS A 61 3.45 -10.62 -4.97
C LYS A 61 3.59 -9.19 -5.52
N ILE A 62 2.48 -8.47 -5.55
CA ILE A 62 2.47 -7.10 -6.04
C ILE A 62 3.00 -6.13 -4.98
N GLU A 63 4.30 -5.93 -4.97
CA GLU A 63 4.92 -5.03 -4.01
C GLU A 63 5.49 -3.79 -4.70
N PHE A 64 5.10 -2.62 -4.22
CA PHE A 64 5.56 -1.36 -4.80
C PHE A 64 5.58 -0.25 -3.75
N VAL A 65 5.98 0.94 -4.16
CA VAL A 65 6.04 2.08 -3.25
C VAL A 65 5.29 3.28 -3.83
N ILE A 66 4.37 3.81 -3.04
CA ILE A 66 3.58 4.96 -3.47
C ILE A 66 4.01 6.23 -2.74
N THR A 67 4.36 7.27 -3.50
CA THR A 67 4.78 8.53 -2.92
C THR A 67 3.59 9.33 -2.41
N LEU A 68 3.61 9.66 -1.13
CA LEU A 68 2.53 10.43 -0.52
C LEU A 68 2.83 11.93 -0.57
N GLN A 69 2.32 12.58 -1.61
CA GLN A 69 2.52 14.01 -1.77
C GLN A 69 1.56 14.81 -0.91
N ILE A 70 1.87 14.92 0.38
CA ILE A 70 1.03 15.65 1.31
C ILE A 70 0.86 17.11 0.89
N GLU A 71 -0.37 17.48 0.54
CA GLU A 71 -0.66 18.84 0.11
C GLU A 71 0.02 19.87 1.03
N GLU A 72 -0.04 19.60 2.32
CA GLU A 72 0.57 20.50 3.31
C GLU A 72 0.67 19.81 4.67
N PRO A 73 1.86 19.89 5.29
CA PRO A 73 3.02 20.58 4.70
C PRO A 73 3.57 19.84 3.48
N LYS A 74 3.72 20.56 2.37
CA LYS A 74 4.24 19.97 1.14
C LYS A 74 5.54 19.20 1.41
N VAL A 75 5.39 17.91 1.68
CA VAL A 75 6.55 17.06 1.96
C VAL A 75 6.46 15.74 1.19
N LYS A 76 7.43 14.87 1.41
CA LYS A 76 7.46 13.57 0.74
C LYS A 76 7.49 12.44 1.76
N ILE A 77 6.59 11.47 1.59
CA ILE A 77 6.52 10.33 2.50
C ILE A 77 6.49 9.02 1.72
N ASP A 78 7.63 8.36 1.62
CA ASP A 78 7.75 7.10 0.90
C ASP A 78 6.93 6.02 1.60
N LEU A 79 5.88 5.55 0.93
CA LEU A 79 5.02 4.51 1.49
C LEU A 79 5.29 3.17 0.83
N GLN A 80 5.90 2.26 1.60
CA GLN A 80 6.21 0.93 1.07
C GLN A 80 5.06 -0.05 1.34
N VAL A 81 4.27 -0.32 0.30
CA VAL A 81 3.15 -1.23 0.42
C VAL A 81 3.56 -2.66 0.06
N THR A 82 2.97 -3.62 0.77
CA THR A 82 3.27 -5.03 0.52
C THR A 82 2.00 -5.88 0.52
N MET A 83 1.58 -6.31 -0.67
CA MET A 83 0.39 -7.13 -0.80
C MET A 83 0.75 -8.58 -1.11
N PRO A 84 0.74 -9.43 -0.06
CA PRO A 84 1.07 -10.85 -0.19
C PRO A 84 -0.01 -11.62 -0.96
N HIS A 85 0.17 -12.94 -1.06
CA HIS A 85 -0.78 -13.79 -1.76
C HIS A 85 -2.05 -13.99 -0.93
N SER A 86 -2.06 -13.39 0.26
CA SER A 86 -3.20 -13.51 1.15
C SER A 86 -4.11 -12.29 1.03
N TYR A 87 -3.58 -11.13 1.36
CA TYR A 87 -4.34 -9.88 1.29
C TYR A 87 -5.33 -9.91 0.12
N PRO A 88 -6.48 -9.25 0.30
CA PRO A 88 -6.79 -8.53 1.53
C PRO A 88 -7.04 -9.47 2.70
N TYR A 89 -7.45 -10.70 2.40
CA TYR A 89 -7.72 -11.70 3.43
C TYR A 89 -6.78 -11.52 4.61
N LEU A 90 -5.51 -11.29 4.33
CA LEU A 90 -4.51 -11.11 5.37
C LEU A 90 -4.18 -9.63 5.55
N ALA A 91 -3.82 -9.25 6.78
CA ALA A 91 -3.49 -7.88 7.09
C ALA A 91 -2.12 -7.50 6.52
N LEU A 92 -2.13 -6.91 5.33
CA LEU A 92 -0.90 -6.49 4.67
C LEU A 92 -0.01 -5.71 5.62
N GLN A 93 1.17 -5.32 5.14
CA GLN A 93 2.12 -4.56 5.95
C GLN A 93 2.56 -3.29 5.22
N LEU A 94 2.34 -2.15 5.85
CA LEU A 94 2.72 -0.87 5.27
C LEU A 94 3.82 -0.20 6.08
N PHE A 95 4.68 0.55 5.41
CA PHE A 95 5.79 1.24 6.07
C PHE A 95 5.99 2.63 5.47
N GLY A 96 5.65 3.65 6.24
CA GLY A 96 5.81 5.02 5.78
C GLY A 96 6.79 5.81 6.62
N ARG A 97 7.91 6.20 6.02
CA ARG A 97 8.92 6.96 6.72
C ARG A 97 9.42 8.13 5.87
N SER A 98 9.78 9.23 6.52
CA SER A 98 10.25 10.41 5.82
C SER A 98 11.41 11.07 6.58
N SER A 99 12.32 11.69 5.85
CA SER A 99 13.48 12.34 6.45
C SER A 99 13.04 13.24 7.61
N GLU A 100 11.92 13.92 7.43
CA GLU A 100 11.39 14.81 8.46
C GLU A 100 10.80 14.02 9.62
N LEU A 101 10.18 12.89 9.31
CA LEU A 101 9.57 12.04 10.33
C LEU A 101 10.64 11.20 11.04
N ASP A 102 10.68 11.30 12.36
CA ASP A 102 11.65 10.55 13.15
C ASP A 102 11.10 9.17 13.52
N ARG A 103 11.93 8.38 14.19
CA ARG A 103 11.53 7.03 14.58
C ARG A 103 10.28 7.07 15.47
N HIS A 104 10.21 8.08 16.32
CA HIS A 104 9.07 8.24 17.23
C HIS A 104 7.80 8.53 16.45
N GLN A 105 7.70 9.74 15.91
CA GLN A 105 6.53 10.14 15.14
C GLN A 105 6.07 9.02 14.21
N GLN A 106 7.03 8.35 13.58
CA GLN A 106 6.72 7.25 12.67
C GLN A 106 5.89 6.18 13.38
N LEU A 107 6.31 5.79 14.57
CA LEU A 107 5.62 4.78 15.35
C LEU A 107 4.15 5.17 15.55
N LEU A 108 3.92 6.44 15.81
CA LEU A 108 2.56 6.95 16.03
C LEU A 108 1.75 6.86 14.74
N LEU A 109 2.28 7.43 13.67
CA LEU A 109 1.60 7.41 12.37
C LEU A 109 1.21 6.00 11.98
N ASN A 110 2.19 5.10 11.96
CA ASN A 110 1.94 3.70 11.61
C ASN A 110 0.88 3.08 12.51
N LYS A 111 1.20 2.97 13.79
CA LYS A 111 0.28 2.40 14.76
C LYS A 111 -1.14 2.87 14.50
N GLY A 112 -1.27 4.04 13.88
CA GLY A 112 -2.59 4.57 13.57
C GLY A 112 -3.16 4.00 12.30
N LEU A 113 -2.32 3.84 11.28
CA LEU A 113 -2.76 3.30 10.01
C LEU A 113 -2.99 1.80 10.10
N THR A 114 -1.97 1.07 10.53
CA THR A 114 -2.07 -0.38 10.67
C THR A 114 -3.47 -0.80 11.11
N SER A 115 -3.89 -0.31 12.27
CA SER A 115 -5.21 -0.64 12.79
C SER A 115 -6.30 -0.28 11.79
N TYR A 116 -6.34 0.98 11.40
CA TYR A 116 -7.35 1.45 10.44
C TYR A 116 -7.43 0.52 9.24
N ILE A 117 -6.30 -0.09 8.89
CA ILE A 117 -6.25 -1.01 7.77
C ILE A 117 -6.75 -2.40 8.16
N GLY A 118 -6.48 -2.78 9.40
CA GLY A 118 -6.90 -4.08 9.89
C GLY A 118 -8.35 -4.09 10.34
N THR A 119 -8.98 -2.92 10.33
CA THR A 119 -10.37 -2.79 10.73
C THR A 119 -11.31 -3.25 9.63
N PHE A 120 -10.77 -3.43 8.44
CA PHE A 120 -11.56 -3.87 7.29
C PHE A 120 -11.86 -5.36 7.38
N ASP A 121 -12.53 -5.89 6.36
CA ASP A 121 -12.89 -7.30 6.33
C ASP A 121 -12.08 -8.04 5.27
N PRO A 122 -12.00 -9.37 5.41
CA PRO A 122 -11.26 -10.22 4.47
C PRO A 122 -11.94 -10.30 3.11
N GLY A 123 -11.62 -9.35 2.24
CA GLY A 123 -12.21 -9.33 0.91
C GLY A 123 -12.23 -7.94 0.30
N GLU A 124 -12.15 -6.92 1.16
CA GLU A 124 -12.17 -5.55 0.70
C GLU A 124 -10.75 -5.02 0.48
N LEU A 125 -10.64 -3.84 -0.11
CA LEU A 125 -9.34 -3.23 -0.37
C LEU A 125 -8.97 -2.24 0.73
N CYS A 126 -7.69 -2.21 1.08
CA CYS A 126 -7.21 -1.31 2.13
C CYS A 126 -6.23 -0.29 1.55
N VAL A 127 -5.27 -0.78 0.77
CA VAL A 127 -4.27 0.09 0.17
C VAL A 127 -4.90 1.38 -0.36
N CYS A 128 -6.14 1.26 -0.84
CA CYS A 128 -6.86 2.42 -1.37
C CYS A 128 -7.14 3.43 -0.26
N ALA A 129 -7.52 2.94 0.91
CA ALA A 129 -7.82 3.80 2.05
C ALA A 129 -6.54 4.33 2.69
N ALA A 130 -5.58 3.43 2.89
CA ALA A 130 -4.30 3.80 3.50
C ALA A 130 -3.83 5.16 3.00
N ILE A 131 -3.81 5.32 1.68
CA ILE A 131 -3.38 6.58 1.07
C ILE A 131 -4.16 7.76 1.65
N GLN A 132 -5.42 7.89 1.25
CA GLN A 132 -6.26 8.98 1.72
C GLN A 132 -6.11 9.16 3.23
N TRP A 133 -6.35 8.10 3.97
CA TRP A 133 -6.24 8.14 5.43
C TRP A 133 -4.98 8.87 5.86
N LEU A 134 -3.83 8.43 5.35
CA LEU A 134 -2.55 9.06 5.68
C LEU A 134 -2.59 10.56 5.40
N GLN A 135 -2.76 10.91 4.13
CA GLN A 135 -2.81 12.30 3.72
C GLN A 135 -3.65 13.12 4.70
N ASP A 136 -4.89 12.71 4.91
CA ASP A 136 -5.78 13.40 5.82
C ASP A 136 -5.21 13.44 7.24
N ASN A 137 -4.56 12.35 7.62
CA ASN A 137 -3.95 12.25 8.96
C ASN A 137 -2.43 12.21 8.86
N SER A 138 -1.85 13.28 8.33
CA SER A 138 -0.40 13.36 8.17
C SER A 138 0.15 14.62 8.84
N ALA A 139 -0.51 15.75 8.58
CA ALA A 139 -0.09 17.02 9.15
C ALA A 139 -0.22 17.01 10.67
N SER A 140 -1.34 16.49 11.16
CA SER A 140 -1.59 16.43 12.60
C SER A 140 -0.35 15.94 13.34
N TYR A 141 0.41 15.06 12.69
CA TYR A 141 1.61 14.50 13.30
C TYR A 141 2.78 15.48 13.17
N PHE A 142 3.16 15.78 11.93
CA PHE A 142 4.25 16.70 11.67
C PHE A 142 4.20 17.90 12.60
N LEU A 143 3.02 18.50 12.73
CA LEU A 143 2.83 19.66 13.59
C LEU A 143 3.69 19.53 14.85
N ASN A 144 4.74 20.33 14.93
CA ASN A 144 5.63 20.32 16.08
C ASN A 144 6.10 21.73 16.42
N ARG A 145 6.18 22.03 17.72
CA ARG A 145 6.61 23.34 18.18
C ARG A 145 8.02 23.65 17.67
N LYS A 146 8.18 24.83 17.06
CA LYS A 146 9.47 25.25 16.53
C LYS A 146 9.52 26.76 16.38
N LEU A 147 10.67 27.35 16.69
CA LEU A 147 10.86 28.79 16.58
C LEU A 147 12.26 29.13 16.10
N VAL A 148 12.41 30.29 15.48
CA VAL A 148 13.69 30.73 14.97
C VAL A 148 13.83 32.25 15.04
N SER A 149 14.97 32.72 15.53
CA SER A 149 15.22 34.15 15.66
C SER A 149 15.20 34.82 14.28
N GLY A 150 15.97 34.27 13.35
CA GLY A 150 16.04 34.82 12.02
C GLY A 150 17.24 34.33 11.24
N PRO A 151 17.10 34.23 9.91
CA PRO A 151 18.17 33.77 9.03
C PRO A 151 19.31 34.78 8.93
N SER A 152 18.96 36.05 8.80
CA SER A 152 19.96 37.11 8.68
C SER A 152 21.17 36.81 9.55
N SER A 153 20.97 36.81 10.86
CA SER A 153 22.06 36.53 11.80
C SER A 153 22.48 35.08 11.73
N GLY A 154 23.76 34.85 11.45
CA GLY A 154 24.27 33.49 11.36
C GLY A 154 23.42 32.60 10.48
N GLY A 1 -12.87 -32.42 -22.14
CA GLY A 1 -13.99 -32.26 -21.22
C GLY A 1 -13.82 -33.06 -19.95
N SER A 2 -14.05 -32.41 -18.82
CA SER A 2 -13.92 -33.07 -17.52
C SER A 2 -14.51 -32.22 -16.41
N SER A 3 -15.12 -32.87 -15.42
CA SER A 3 -15.73 -32.17 -14.30
C SER A 3 -14.91 -32.34 -13.04
N GLY A 4 -14.97 -31.34 -12.15
CA GLY A 4 -14.22 -31.39 -10.91
C GLY A 4 -14.25 -30.08 -10.16
N SER A 5 -14.82 -30.09 -8.96
CA SER A 5 -14.92 -28.89 -8.14
C SER A 5 -13.67 -28.73 -7.26
N SER A 6 -13.43 -27.50 -6.82
CA SER A 6 -12.27 -27.21 -5.97
C SER A 6 -12.67 -27.18 -4.50
N GLY A 7 -13.97 -26.98 -4.25
CA GLY A 7 -14.45 -26.93 -2.89
C GLY A 7 -15.28 -25.69 -2.61
N MET A 8 -15.60 -25.46 -1.34
CA MET A 8 -16.40 -24.31 -0.95
C MET A 8 -15.55 -23.29 -0.19
N SER A 9 -14.33 -23.09 -0.67
CA SER A 9 -13.41 -22.15 -0.02
C SER A 9 -12.71 -21.27 -1.06
N ALA A 10 -12.26 -20.11 -0.63
CA ALA A 10 -11.57 -19.18 -1.52
C ALA A 10 -10.36 -19.82 -2.16
N SER A 11 -9.74 -19.11 -3.09
CA SER A 11 -8.55 -19.61 -3.78
C SER A 11 -7.58 -18.48 -4.10
N VAL A 12 -6.30 -18.75 -3.91
CA VAL A 12 -5.27 -17.75 -4.18
C VAL A 12 -5.62 -16.91 -5.40
N LYS A 13 -6.22 -17.55 -6.40
CA LYS A 13 -6.62 -16.86 -7.62
C LYS A 13 -7.28 -15.51 -7.31
N GLU A 14 -8.33 -15.56 -6.50
CA GLU A 14 -9.05 -14.34 -6.12
C GLU A 14 -8.09 -13.32 -5.51
N SER A 15 -7.55 -13.64 -4.34
CA SER A 15 -6.63 -12.75 -3.65
C SER A 15 -5.74 -12.01 -4.65
N LEU A 16 -4.96 -12.77 -5.41
CA LEU A 16 -4.07 -12.19 -6.41
C LEU A 16 -4.86 -11.46 -7.49
N GLN A 17 -6.03 -11.99 -7.82
CA GLN A 17 -6.88 -11.40 -8.84
C GLN A 17 -7.30 -9.98 -8.45
N LEU A 18 -7.91 -9.85 -7.28
CA LEU A 18 -8.35 -8.55 -6.79
C LEU A 18 -7.19 -7.56 -6.73
N GLN A 19 -5.97 -8.10 -6.59
CA GLN A 19 -4.78 -7.26 -6.52
C GLN A 19 -4.48 -6.64 -7.88
N LEU A 20 -5.11 -7.16 -8.93
CA LEU A 20 -4.91 -6.65 -10.27
C LEU A 20 -5.88 -5.53 -10.59
N LEU A 21 -7.14 -5.73 -10.22
CA LEU A 21 -8.18 -4.73 -10.46
C LEU A 21 -7.84 -3.42 -9.75
N GLU A 22 -7.20 -3.53 -8.59
CA GLU A 22 -6.83 -2.35 -7.81
C GLU A 22 -5.58 -1.70 -8.39
N MET A 23 -4.69 -2.53 -8.94
CA MET A 23 -3.45 -2.03 -9.53
C MET A 23 -3.72 -0.89 -10.50
N GLU A 24 -4.73 -1.08 -11.36
CA GLU A 24 -5.09 -0.07 -12.35
C GLU A 24 -5.72 1.15 -11.67
N MET A 25 -6.60 0.90 -10.70
CA MET A 25 -7.27 1.97 -9.97
C MET A 25 -6.26 2.85 -9.26
N LEU A 26 -5.18 2.24 -8.79
CA LEU A 26 -4.13 2.98 -8.08
C LEU A 26 -3.40 3.92 -9.02
N PHE A 27 -2.94 3.39 -10.15
CA PHE A 27 -2.21 4.18 -11.13
C PHE A 27 -3.00 5.45 -11.49
N SER A 28 -4.31 5.29 -11.68
CA SER A 28 -5.16 6.41 -12.04
C SER A 28 -5.10 7.50 -10.97
N MET A 29 -5.10 7.08 -9.71
CA MET A 29 -5.04 8.02 -8.59
C MET A 29 -3.65 8.66 -8.49
N PHE A 30 -2.66 8.00 -9.09
CA PHE A 30 -1.30 8.50 -9.07
C PHE A 30 -0.79 8.78 -10.48
N PRO A 31 -1.11 9.98 -10.99
CA PRO A 31 -0.70 10.41 -12.33
C PRO A 31 0.80 10.64 -12.44
N ASN A 32 1.37 11.26 -11.40
CA ASN A 32 2.79 11.56 -11.37
C ASN A 32 3.61 10.28 -11.46
N GLN A 33 4.64 10.29 -12.31
CA GLN A 33 5.50 9.12 -12.48
C GLN A 33 6.19 8.76 -11.17
N GLY A 34 6.65 9.77 -10.45
CA GLY A 34 7.32 9.53 -9.18
C GLY A 34 6.34 9.28 -8.05
N GLU A 35 5.50 8.28 -8.21
CA GLU A 35 4.51 7.93 -7.20
C GLU A 35 4.56 6.45 -6.86
N VAL A 36 4.22 5.61 -7.83
CA VAL A 36 4.24 4.17 -7.64
C VAL A 36 5.43 3.53 -8.34
N LYS A 37 6.26 2.84 -7.55
CA LYS A 37 7.43 2.17 -8.10
C LYS A 37 7.30 0.66 -8.00
N LEU A 38 7.31 -0.01 -9.16
CA LEU A 38 7.21 -1.46 -9.19
C LEU A 38 8.50 -2.10 -9.69
N GLU A 39 9.20 -2.77 -8.79
CA GLU A 39 10.46 -3.43 -9.13
C GLU A 39 10.36 -4.08 -10.50
N ASP A 40 9.21 -4.67 -10.80
CA ASP A 40 8.99 -5.33 -12.07
C ASP A 40 7.52 -5.26 -12.49
N VAL A 41 7.28 -4.76 -13.69
CA VAL A 41 5.92 -4.63 -14.20
C VAL A 41 5.34 -6.00 -14.59
N ASN A 42 6.23 -6.99 -14.72
CA ASN A 42 5.81 -8.34 -15.07
C ASN A 42 5.09 -9.01 -13.91
N ALA A 43 5.15 -8.38 -12.74
CA ALA A 43 4.50 -8.92 -11.56
C ALA A 43 3.00 -9.09 -11.77
N LEU A 44 2.40 -8.14 -12.49
CA LEU A 44 0.97 -8.18 -12.77
C LEU A 44 0.65 -9.27 -13.79
N THR A 45 1.54 -9.46 -14.75
CA THR A 45 1.35 -10.46 -15.79
C THR A 45 1.39 -11.87 -15.20
N ASN A 46 2.50 -12.20 -14.54
CA ASN A 46 2.65 -13.51 -13.93
C ASN A 46 1.34 -13.99 -13.30
N ILE A 47 0.68 -13.10 -12.58
CA ILE A 47 -0.58 -13.43 -11.93
C ILE A 47 -1.61 -13.91 -12.95
N LYS A 48 -1.97 -13.03 -13.88
CA LYS A 48 -2.93 -13.38 -14.91
C LYS A 48 -2.72 -14.81 -15.41
N ARG A 49 -1.47 -15.16 -15.65
CA ARG A 49 -1.13 -16.51 -16.12
C ARG A 49 -1.53 -17.55 -15.10
N TYR A 50 -1.33 -17.25 -13.82
CA TYR A 50 -1.67 -18.17 -12.75
C TYR A 50 -3.16 -18.49 -12.75
N LEU A 51 -3.98 -17.44 -12.75
CA LEU A 51 -5.43 -17.61 -12.75
C LEU A 51 -5.86 -18.64 -13.80
N GLU A 52 -5.15 -18.65 -14.92
CA GLU A 52 -5.45 -19.57 -16.01
C GLU A 52 -4.96 -20.98 -15.67
N GLY A 53 -3.88 -21.06 -14.89
CA GLY A 53 -3.32 -22.34 -14.52
C GLY A 53 -2.31 -22.85 -15.51
N THR A 54 -1.33 -22.00 -15.85
CA THR A 54 -0.29 -22.36 -16.80
C THR A 54 1.09 -22.29 -16.15
N ARG A 55 1.14 -21.75 -14.94
CA ARG A 55 2.40 -21.63 -14.21
C ARG A 55 2.30 -22.27 -12.83
N GLU A 56 3.13 -23.29 -12.60
CA GLU A 56 3.12 -23.99 -11.31
C GLU A 56 3.78 -23.14 -10.24
N ALA A 57 4.96 -22.62 -10.53
CA ALA A 57 5.71 -21.79 -9.59
C ALA A 57 4.88 -20.57 -9.18
N LEU A 58 4.60 -20.47 -7.88
CA LEU A 58 3.82 -19.35 -7.35
C LEU A 58 4.34 -18.02 -7.89
N PRO A 59 3.42 -17.19 -8.41
CA PRO A 59 3.77 -15.88 -8.96
C PRO A 59 4.20 -14.89 -7.89
N PRO A 60 5.04 -13.92 -8.28
CA PRO A 60 5.54 -12.89 -7.35
C PRO A 60 4.46 -11.91 -6.94
N LYS A 61 4.21 -11.84 -5.63
CA LYS A 61 3.20 -10.93 -5.10
C LYS A 61 3.37 -9.53 -5.66
N ILE A 62 2.42 -8.65 -5.35
CA ILE A 62 2.47 -7.27 -5.81
C ILE A 62 2.97 -6.33 -4.73
N GLU A 63 4.27 -6.06 -4.74
CA GLU A 63 4.86 -5.17 -3.75
C GLU A 63 5.44 -3.92 -4.41
N PHE A 64 5.08 -2.76 -3.89
CA PHE A 64 5.55 -1.48 -4.43
C PHE A 64 5.55 -0.40 -3.36
N VAL A 65 5.93 0.81 -3.75
CA VAL A 65 5.97 1.93 -2.83
C VAL A 65 5.22 3.13 -3.40
N ILE A 66 4.28 3.67 -2.62
CA ILE A 66 3.49 4.82 -3.05
C ILE A 66 3.91 6.07 -2.28
N THR A 67 4.01 7.19 -3.00
CA THR A 67 4.40 8.45 -2.39
C THR A 67 3.18 9.27 -2.00
N LEU A 68 3.01 9.50 -0.70
CA LEU A 68 1.88 10.27 -0.20
C LEU A 68 2.13 11.77 -0.33
N GLN A 69 1.68 12.34 -1.44
CA GLN A 69 1.86 13.77 -1.68
C GLN A 69 0.91 14.60 -0.82
N ILE A 70 1.35 14.89 0.40
CA ILE A 70 0.54 15.69 1.33
C ILE A 70 0.32 17.10 0.80
N GLU A 71 -0.89 17.36 0.33
CA GLU A 71 -1.24 18.67 -0.20
C GLU A 71 -0.61 19.78 0.64
N GLU A 72 -0.75 19.68 1.95
CA GLU A 72 -0.19 20.67 2.86
C GLU A 72 -0.08 20.10 4.27
N PRO A 73 1.15 20.17 4.84
CA PRO A 73 2.30 20.74 4.15
C PRO A 73 2.79 19.88 2.99
N LYS A 74 3.31 20.53 1.96
CA LYS A 74 3.81 19.82 0.78
C LYS A 74 5.09 19.06 1.10
N VAL A 75 4.98 17.76 1.32
CA VAL A 75 6.13 16.92 1.63
C VAL A 75 6.06 15.58 0.92
N LYS A 76 7.12 14.80 1.01
CA LYS A 76 7.17 13.49 0.37
C LYS A 76 7.27 12.39 1.42
N ILE A 77 6.42 11.37 1.27
CA ILE A 77 6.40 10.25 2.21
C ILE A 77 6.33 8.92 1.46
N ASP A 78 7.40 8.14 1.54
CA ASP A 78 7.45 6.84 0.87
C ASP A 78 6.65 5.80 1.66
N LEU A 79 5.61 5.27 1.03
CA LEU A 79 4.77 4.27 1.67
C LEU A 79 5.05 2.88 1.10
N GLN A 80 5.73 2.05 1.89
CA GLN A 80 6.06 0.69 1.46
C GLN A 80 4.88 -0.25 1.67
N VAL A 81 4.12 -0.48 0.60
CA VAL A 81 2.96 -1.36 0.66
C VAL A 81 3.32 -2.78 0.24
N THR A 82 2.71 -3.76 0.90
CA THR A 82 2.97 -5.16 0.60
C THR A 82 1.68 -5.96 0.55
N MET A 83 1.39 -6.53 -0.62
CA MET A 83 0.18 -7.33 -0.81
C MET A 83 0.51 -8.80 -0.99
N PRO A 84 0.40 -9.58 0.10
CA PRO A 84 0.69 -11.01 0.07
C PRO A 84 -0.34 -11.80 -0.73
N HIS A 85 -0.08 -13.09 -0.92
CA HIS A 85 -0.99 -13.95 -1.66
C HIS A 85 -2.29 -14.16 -0.89
N SER A 86 -2.35 -13.59 0.31
CA SER A 86 -3.54 -13.73 1.15
C SER A 86 -4.46 -12.53 0.98
N TYR A 87 -3.97 -11.35 1.36
CA TYR A 87 -4.75 -10.12 1.25
C TYR A 87 -5.64 -10.15 0.01
N PRO A 88 -6.79 -9.48 0.10
CA PRO A 88 -7.19 -8.75 1.30
C PRO A 88 -7.54 -9.69 2.46
N TYR A 89 -7.52 -10.99 2.18
CA TYR A 89 -7.83 -12.00 3.19
C TYR A 89 -7.25 -11.59 4.55
N LEU A 90 -5.97 -11.27 4.56
CA LEU A 90 -5.29 -10.88 5.80
C LEU A 90 -5.05 -9.37 5.82
N ALA A 91 -4.33 -8.91 6.85
CA ALA A 91 -4.03 -7.50 6.99
C ALA A 91 -2.64 -7.17 6.44
N LEU A 92 -2.60 -6.64 5.22
CA LEU A 92 -1.34 -6.28 4.57
C LEU A 92 -0.43 -5.54 5.54
N GLN A 93 0.82 -5.33 5.13
CA GLN A 93 1.79 -4.63 5.95
C GLN A 93 2.24 -3.33 5.29
N LEU A 94 1.99 -2.21 5.97
CA LEU A 94 2.37 -0.90 5.44
C LEU A 94 3.37 -0.21 6.36
N PHE A 95 4.33 0.47 5.76
CA PHE A 95 5.35 1.18 6.52
C PHE A 95 5.78 2.47 5.82
N GLY A 96 5.49 3.60 6.45
CA GLY A 96 5.84 4.88 5.86
C GLY A 96 7.01 5.54 6.58
N ARG A 97 8.10 5.78 5.85
CA ARG A 97 9.28 6.41 6.41
C ARG A 97 9.58 7.72 5.72
N SER A 98 9.95 8.73 6.51
CA SER A 98 10.26 10.06 5.98
C SER A 98 11.46 10.66 6.69
N SER A 99 12.05 11.69 6.09
CA SER A 99 13.21 12.35 6.67
C SER A 99 12.78 13.40 7.70
N GLU A 100 11.74 14.16 7.36
CA GLU A 100 11.25 15.20 8.25
C GLU A 100 10.67 14.59 9.52
N LEU A 101 10.06 13.41 9.39
CA LEU A 101 9.47 12.72 10.52
C LEU A 101 10.55 12.20 11.47
N ASP A 102 10.21 12.10 12.75
CA ASP A 102 11.15 11.63 13.76
C ASP A 102 10.71 10.27 14.31
N ARG A 103 11.67 9.53 14.85
CA ARG A 103 11.40 8.21 15.40
C ARG A 103 10.03 8.18 16.10
N HIS A 104 9.90 8.98 17.17
CA HIS A 104 8.66 9.05 17.91
C HIS A 104 7.46 9.18 16.97
N GLN A 105 7.46 10.23 16.16
CA GLN A 105 6.38 10.46 15.21
C GLN A 105 6.10 9.22 14.37
N GLN A 106 7.09 8.82 13.57
CA GLN A 106 6.95 7.65 12.71
C GLN A 106 6.17 6.56 13.41
N LEU A 107 6.58 6.24 14.64
CA LEU A 107 5.91 5.20 15.42
C LEU A 107 4.40 5.45 15.48
N LEU A 108 4.03 6.71 15.70
CA LEU A 108 2.62 7.07 15.78
C LEU A 108 1.93 6.87 14.44
N LEU A 109 2.52 7.41 13.38
CA LEU A 109 1.96 7.28 12.04
C LEU A 109 1.71 5.83 11.69
N ASN A 110 2.78 5.02 11.71
CA ASN A 110 2.68 3.60 11.39
C ASN A 110 1.63 2.93 12.27
N LYS A 111 1.89 2.89 13.57
CA LYS A 111 0.97 2.27 14.51
C LYS A 111 -0.47 2.67 14.22
N GLY A 112 -0.70 3.97 14.08
CA GLY A 112 -2.03 4.47 13.79
C GLY A 112 -2.58 3.92 12.48
N LEU A 113 -1.74 3.90 11.46
CA LEU A 113 -2.15 3.41 10.15
C LEU A 113 -2.40 1.90 10.19
N THR A 114 -1.35 1.14 10.48
CA THR A 114 -1.45 -0.31 10.55
C THR A 114 -2.75 -0.74 11.24
N SER A 115 -2.97 -0.22 12.44
CA SER A 115 -4.17 -0.55 13.21
C SER A 115 -5.42 -0.13 12.45
N TYR A 116 -5.39 1.06 11.86
CA TYR A 116 -6.53 1.57 11.10
C TYR A 116 -6.95 0.59 10.01
N ILE A 117 -5.96 -0.05 9.40
CA ILE A 117 -6.22 -1.01 8.33
C ILE A 117 -6.65 -2.36 8.90
N GLY A 118 -6.14 -2.67 10.10
CA GLY A 118 -6.48 -3.93 10.74
C GLY A 118 -7.98 -4.10 10.93
N THR A 119 -8.69 -2.99 10.98
CA THR A 119 -10.14 -3.02 11.16
C THR A 119 -10.84 -3.53 9.92
N PHE A 120 -10.45 -3.00 8.76
CA PHE A 120 -11.05 -3.41 7.49
C PHE A 120 -11.27 -4.92 7.45
N ASP A 121 -12.30 -5.34 6.74
CA ASP A 121 -12.63 -6.75 6.61
C ASP A 121 -12.00 -7.36 5.37
N PRO A 122 -11.83 -8.69 5.37
CA PRO A 122 -11.23 -9.42 4.25
C PRO A 122 -12.14 -9.44 3.03
N GLY A 123 -11.54 -9.52 1.84
CA GLY A 123 -12.32 -9.55 0.62
C GLY A 123 -12.25 -8.23 -0.14
N GLU A 124 -12.33 -7.12 0.58
CA GLU A 124 -12.29 -5.80 -0.03
C GLU A 124 -10.89 -5.22 0.05
N LEU A 125 -10.65 -4.13 -0.69
CA LEU A 125 -9.36 -3.47 -0.70
C LEU A 125 -9.21 -2.54 0.50
N CYS A 126 -7.97 -2.40 0.97
CA CYS A 126 -7.69 -1.55 2.11
C CYS A 126 -6.66 -0.47 1.75
N VAL A 127 -5.63 -0.87 1.02
CA VAL A 127 -4.58 0.06 0.60
C VAL A 127 -5.18 1.32 0.01
N CYS A 128 -6.34 1.19 -0.61
CA CYS A 128 -7.02 2.32 -1.23
C CYS A 128 -7.42 3.35 -0.18
N ALA A 129 -7.87 2.87 0.98
CA ALA A 129 -8.28 3.75 2.06
C ALA A 129 -7.08 4.35 2.78
N ALA A 130 -6.09 3.51 3.06
CA ALA A 130 -4.88 3.96 3.75
C ALA A 130 -4.38 5.27 3.16
N ILE A 131 -4.23 5.31 1.84
CA ILE A 131 -3.76 6.52 1.18
C ILE A 131 -4.44 7.76 1.73
N GLN A 132 -5.76 7.82 1.60
CA GLN A 132 -6.53 8.95 2.08
C GLN A 132 -6.34 9.14 3.58
N TRP A 133 -6.42 8.04 4.32
CA TRP A 133 -6.25 8.08 5.77
C TRP A 133 -4.96 8.78 6.15
N LEU A 134 -3.90 8.50 5.40
CA LEU A 134 -2.60 9.11 5.66
C LEU A 134 -2.64 10.61 5.41
N GLN A 135 -2.92 11.00 4.17
CA GLN A 135 -2.98 12.40 3.80
C GLN A 135 -3.61 13.23 4.92
N ASP A 136 -4.74 12.77 5.43
CA ASP A 136 -5.43 13.47 6.51
C ASP A 136 -4.66 13.35 7.82
N ASN A 137 -4.38 12.12 8.23
CA ASN A 137 -3.65 11.86 9.47
C ASN A 137 -2.14 12.00 9.24
N SER A 138 -1.75 13.08 8.58
CA SER A 138 -0.34 13.32 8.30
C SER A 138 0.06 14.75 8.69
N ALA A 139 -0.59 15.73 8.08
CA ALA A 139 -0.31 17.13 8.37
C ALA A 139 -0.21 17.37 9.87
N SER A 140 -1.18 16.86 10.61
CA SER A 140 -1.21 17.03 12.06
C SER A 140 0.03 16.41 12.70
N TYR A 141 0.37 15.20 12.27
CA TYR A 141 1.53 14.49 12.80
C TYR A 141 2.78 15.38 12.73
N PHE A 142 2.93 16.08 11.62
CA PHE A 142 4.08 16.97 11.43
C PHE A 142 4.06 18.12 12.43
N LEU A 143 2.97 18.88 12.40
CA LEU A 143 2.81 20.02 13.30
C LEU A 143 3.25 19.65 14.72
N ASN A 144 4.46 20.07 15.08
CA ASN A 144 5.00 19.80 16.41
C ASN A 144 5.85 20.96 16.91
N ARG A 145 5.94 21.09 18.22
CA ARG A 145 6.73 22.17 18.83
C ARG A 145 8.14 21.70 19.15
N LYS A 146 9.12 22.56 18.88
CA LYS A 146 10.52 22.23 19.14
C LYS A 146 11.20 23.36 19.90
N LEU A 147 12.15 23.00 20.76
CA LEU A 147 12.88 23.98 21.54
C LEU A 147 14.39 23.82 21.36
N VAL A 148 15.11 24.94 21.33
CA VAL A 148 16.56 24.92 21.16
C VAL A 148 17.23 26.01 21.99
N SER A 149 18.44 25.72 22.46
CA SER A 149 19.18 26.68 23.27
C SER A 149 20.64 26.75 22.82
N GLY A 150 21.36 27.75 23.33
CA GLY A 150 22.75 27.92 22.97
C GLY A 150 23.31 29.25 23.43
N PRO A 151 23.74 29.30 24.71
CA PRO A 151 24.31 30.52 25.30
C PRO A 151 25.67 30.86 24.73
N SER A 152 26.14 32.08 24.98
CA SER A 152 27.43 32.53 24.49
C SER A 152 27.82 33.86 25.13
N SER A 153 28.99 34.37 24.76
CA SER A 153 29.49 35.63 25.29
C SER A 153 29.32 36.76 24.28
N GLY A 154 29.23 37.98 24.78
CA GLY A 154 29.07 39.13 23.91
C GLY A 154 30.34 39.47 23.15
N GLY A 1 -12.75 -29.61 -14.89
CA GLY A 1 -13.27 -30.14 -13.64
C GLY A 1 -13.66 -29.06 -12.67
N SER A 2 -13.28 -29.23 -11.41
CA SER A 2 -13.60 -28.25 -10.36
C SER A 2 -12.39 -27.98 -9.48
N SER A 3 -12.22 -26.72 -9.09
CA SER A 3 -11.10 -26.33 -8.24
C SER A 3 -11.55 -25.34 -7.17
N GLY A 4 -10.91 -25.42 -6.01
CA GLY A 4 -11.26 -24.53 -4.92
C GLY A 4 -11.77 -25.27 -3.70
N SER A 5 -12.08 -24.53 -2.64
CA SER A 5 -12.57 -25.12 -1.41
C SER A 5 -13.49 -24.15 -0.66
N SER A 6 -14.25 -24.69 0.30
CA SER A 6 -15.17 -23.87 1.09
C SER A 6 -14.66 -23.71 2.51
N GLY A 7 -15.32 -22.84 3.27
CA GLY A 7 -14.92 -22.61 4.65
C GLY A 7 -14.25 -21.26 4.84
N MET A 8 -13.22 -21.22 5.67
CA MET A 8 -12.51 -19.98 5.95
C MET A 8 -11.43 -19.74 4.89
N SER A 9 -10.77 -20.82 4.46
CA SER A 9 -9.72 -20.72 3.46
C SER A 9 -10.30 -20.70 2.06
N ALA A 10 -9.62 -20.02 1.14
CA ALA A 10 -10.07 -19.92 -0.24
C ALA A 10 -8.90 -20.03 -1.21
N SER A 11 -9.21 -20.01 -2.51
CA SER A 11 -8.17 -20.11 -3.54
C SER A 11 -7.51 -18.76 -3.78
N VAL A 12 -6.22 -18.68 -3.47
CA VAL A 12 -5.46 -17.44 -3.67
C VAL A 12 -5.94 -16.69 -4.90
N LYS A 13 -6.41 -17.44 -5.90
CA LYS A 13 -6.90 -16.83 -7.13
C LYS A 13 -7.65 -15.54 -6.86
N GLU A 14 -8.66 -15.62 -6.00
CA GLU A 14 -9.46 -14.46 -5.65
C GLU A 14 -8.56 -13.31 -5.20
N SER A 15 -7.91 -13.49 -4.06
CA SER A 15 -7.02 -12.46 -3.51
C SER A 15 -6.17 -11.84 -4.61
N LEU A 16 -5.39 -12.68 -5.29
CA LEU A 16 -4.52 -12.22 -6.37
C LEU A 16 -5.31 -11.43 -7.41
N GLN A 17 -6.56 -11.84 -7.62
CA GLN A 17 -7.42 -11.18 -8.59
C GLN A 17 -7.71 -9.74 -8.17
N LEU A 18 -8.20 -9.57 -6.94
CA LEU A 18 -8.52 -8.25 -6.42
C LEU A 18 -7.26 -7.39 -6.31
N GLN A 19 -6.10 -8.03 -6.40
CA GLN A 19 -4.83 -7.32 -6.32
C GLN A 19 -4.42 -6.79 -7.68
N LEU A 20 -5.05 -7.31 -8.74
CA LEU A 20 -4.76 -6.89 -10.10
C LEU A 20 -5.64 -5.71 -10.50
N LEU A 21 -6.94 -5.86 -10.31
CA LEU A 21 -7.89 -4.82 -10.65
C LEU A 21 -7.62 -3.54 -9.86
N GLU A 22 -7.28 -3.72 -8.58
CA GLU A 22 -6.99 -2.59 -7.71
C GLU A 22 -5.91 -1.69 -8.31
N MET A 23 -4.94 -2.32 -8.97
CA MET A 23 -3.85 -1.58 -9.60
C MET A 23 -4.39 -0.48 -10.51
N GLU A 24 -5.32 -0.84 -11.39
CA GLU A 24 -5.90 0.12 -12.31
C GLU A 24 -6.47 1.33 -11.56
N MET A 25 -7.04 1.07 -10.39
CA MET A 25 -7.61 2.13 -9.57
C MET A 25 -6.52 3.01 -8.99
N LEU A 26 -5.42 2.39 -8.55
CA LEU A 26 -4.30 3.11 -7.96
C LEU A 26 -3.56 3.92 -9.02
N PHE A 27 -3.47 3.37 -10.23
CA PHE A 27 -2.78 4.03 -11.33
C PHE A 27 -3.51 5.32 -11.71
N SER A 28 -4.84 5.28 -11.68
CA SER A 28 -5.64 6.44 -12.04
C SER A 28 -5.44 7.57 -11.03
N MET A 29 -5.32 7.21 -9.76
CA MET A 29 -5.11 8.20 -8.71
C MET A 29 -3.73 8.82 -8.81
N PHE A 30 -2.80 8.10 -9.42
CA PHE A 30 -1.43 8.59 -9.58
C PHE A 30 -1.08 8.73 -11.06
N PRO A 31 -1.51 9.84 -11.67
CA PRO A 31 -1.26 10.12 -13.09
C PRO A 31 0.21 10.42 -13.36
N ASN A 32 0.89 11.01 -12.38
CA ASN A 32 2.30 11.36 -12.52
C ASN A 32 3.15 10.11 -12.63
N GLN A 33 3.41 9.66 -13.85
CA GLN A 33 4.21 8.47 -14.09
C GLN A 33 5.47 8.48 -13.23
N GLY A 34 5.37 7.91 -12.03
CA GLY A 34 6.51 7.87 -11.13
C GLY A 34 6.10 7.55 -9.70
N GLU A 35 5.11 8.27 -9.20
CA GLU A 35 4.63 8.07 -7.83
C GLU A 35 4.64 6.58 -7.48
N VAL A 36 3.93 5.78 -8.28
CA VAL A 36 3.86 4.35 -8.05
C VAL A 36 5.03 3.62 -8.69
N LYS A 37 5.99 3.22 -7.87
CA LYS A 37 7.18 2.51 -8.34
C LYS A 37 7.01 1.01 -8.19
N LEU A 38 6.88 0.32 -9.32
CA LEU A 38 6.72 -1.13 -9.31
C LEU A 38 8.07 -1.84 -9.36
N GLU A 39 8.36 -2.63 -8.33
CA GLU A 39 9.62 -3.35 -8.26
C GLU A 39 9.88 -4.15 -9.55
N ASP A 40 8.79 -4.62 -10.16
CA ASP A 40 8.89 -5.39 -11.39
C ASP A 40 7.61 -5.25 -12.22
N VAL A 41 7.79 -4.93 -13.51
CA VAL A 41 6.65 -4.76 -14.40
C VAL A 41 5.98 -6.10 -14.70
N ASN A 42 6.66 -7.18 -14.34
CA ASN A 42 6.13 -8.53 -14.57
C ASN A 42 5.47 -9.08 -13.31
N ALA A 43 5.28 -8.20 -12.33
CA ALA A 43 4.65 -8.60 -11.07
C ALA A 43 3.17 -8.95 -11.28
N LEU A 44 2.52 -8.22 -12.17
CA LEU A 44 1.11 -8.44 -12.45
C LEU A 44 0.93 -9.61 -13.42
N THR A 45 1.77 -9.66 -14.45
CA THR A 45 1.72 -10.72 -15.44
C THR A 45 1.89 -12.09 -14.79
N ASN A 46 3.00 -12.25 -14.07
CA ASN A 46 3.29 -13.52 -13.40
C ASN A 46 2.07 -14.04 -12.67
N ILE A 47 1.22 -13.12 -12.22
CA ILE A 47 0.01 -13.49 -11.50
C ILE A 47 -1.09 -13.96 -12.47
N LYS A 48 -1.23 -13.23 -13.57
CA LYS A 48 -2.24 -13.57 -14.57
C LYS A 48 -2.12 -15.03 -14.99
N ARG A 49 -0.89 -15.51 -15.10
CA ARG A 49 -0.64 -16.90 -15.48
C ARG A 49 -1.11 -17.87 -14.40
N TYR A 50 -1.16 -17.37 -13.16
CA TYR A 50 -1.60 -18.19 -12.03
C TYR A 50 -3.12 -18.38 -12.05
N LEU A 51 -3.83 -17.35 -12.48
CA LEU A 51 -5.28 -17.41 -12.55
C LEU A 51 -5.74 -18.51 -13.50
N GLU A 52 -5.10 -18.59 -14.66
CA GLU A 52 -5.43 -19.60 -15.66
C GLU A 52 -5.11 -21.00 -15.15
N GLY A 53 -4.11 -21.08 -14.26
CA GLY A 53 -3.72 -22.36 -13.71
C GLY A 53 -2.58 -23.00 -14.49
N THR A 54 -1.78 -22.17 -15.15
CA THR A 54 -0.65 -22.65 -15.93
C THR A 54 0.66 -22.47 -15.18
N ARG A 55 0.57 -21.99 -13.95
CA ARG A 55 1.75 -21.77 -13.13
C ARG A 55 1.49 -22.18 -11.68
N GLU A 56 2.18 -23.23 -11.23
CA GLU A 56 2.02 -23.72 -9.87
C GLU A 56 2.83 -22.89 -8.89
N ALA A 57 4.11 -22.72 -9.19
CA ALA A 57 5.00 -21.94 -8.33
C ALA A 57 4.38 -20.58 -7.98
N LEU A 58 4.15 -20.36 -6.70
CA LEU A 58 3.56 -19.11 -6.24
C LEU A 58 4.29 -17.91 -6.83
N PRO A 59 3.58 -17.12 -7.65
CA PRO A 59 4.14 -15.93 -8.29
C PRO A 59 4.42 -14.81 -7.30
N PRO A 60 5.27 -13.85 -7.71
CA PRO A 60 5.63 -12.71 -6.87
C PRO A 60 4.46 -11.74 -6.67
N LYS A 61 4.03 -11.59 -5.43
CA LYS A 61 2.92 -10.70 -5.10
C LYS A 61 3.18 -9.30 -5.65
N ILE A 62 2.21 -8.41 -5.46
CA ILE A 62 2.32 -7.04 -5.94
C ILE A 62 2.84 -6.12 -4.84
N GLU A 63 4.14 -5.84 -4.87
CA GLU A 63 4.76 -4.96 -3.87
C GLU A 63 5.39 -3.75 -4.54
N PHE A 64 4.99 -2.56 -4.09
CA PHE A 64 5.52 -1.31 -4.65
C PHE A 64 5.53 -0.22 -3.58
N VAL A 65 6.00 0.96 -3.98
CA VAL A 65 6.07 2.09 -3.07
C VAL A 65 5.25 3.28 -3.58
N ILE A 66 4.32 3.74 -2.77
CA ILE A 66 3.47 4.87 -3.15
C ILE A 66 3.87 6.14 -2.40
N THR A 67 4.08 7.22 -3.15
CA THR A 67 4.48 8.50 -2.56
C THR A 67 3.25 9.32 -2.17
N LEU A 68 3.28 9.86 -0.96
CA LEU A 68 2.17 10.67 -0.46
C LEU A 68 2.47 12.17 -0.61
N GLN A 69 1.79 12.81 -1.55
CA GLN A 69 1.99 14.24 -1.79
C GLN A 69 1.14 15.07 -0.85
N ILE A 70 1.57 15.20 0.40
CA ILE A 70 0.84 15.97 1.40
C ILE A 70 0.64 17.41 0.94
N GLU A 71 -0.62 17.83 0.89
CA GLU A 71 -0.94 19.19 0.46
C GLU A 71 -0.31 20.22 1.39
N GLU A 72 -0.54 20.04 2.69
CA GLU A 72 0.01 20.96 3.69
C GLU A 72 0.12 20.28 5.04
N PRO A 73 1.35 20.28 5.60
CA PRO A 73 2.51 20.90 4.96
C PRO A 73 2.97 20.12 3.72
N LYS A 74 3.56 20.84 2.78
CA LYS A 74 4.05 20.22 1.55
C LYS A 74 5.29 19.38 1.82
N VAL A 75 5.09 18.07 1.98
CA VAL A 75 6.19 17.15 2.24
C VAL A 75 6.02 15.86 1.45
N LYS A 76 7.05 15.01 1.50
CA LYS A 76 7.01 13.72 0.79
C LYS A 76 7.17 12.56 1.76
N ILE A 77 6.33 11.55 1.61
CA ILE A 77 6.39 10.37 2.48
C ILE A 77 6.34 9.09 1.66
N ASP A 78 7.49 8.43 1.53
CA ASP A 78 7.57 7.19 0.77
C ASP A 78 6.91 6.04 1.53
N LEU A 79 5.81 5.54 0.98
CA LEU A 79 5.08 4.43 1.61
C LEU A 79 5.33 3.12 0.86
N GLN A 80 5.80 2.12 1.60
CA GLN A 80 6.07 0.81 1.01
C GLN A 80 4.91 -0.15 1.25
N VAL A 81 4.07 -0.32 0.22
CA VAL A 81 2.92 -1.21 0.31
C VAL A 81 3.29 -2.62 -0.14
N THR A 82 2.98 -3.60 0.70
CA THR A 82 3.28 -4.99 0.39
C THR A 82 2.04 -5.87 0.59
N MET A 83 1.33 -6.14 -0.50
CA MET A 83 0.13 -6.96 -0.44
C MET A 83 0.49 -8.44 -0.51
N PRO A 84 0.16 -9.19 0.57
CA PRO A 84 0.44 -10.62 0.65
C PRO A 84 -0.42 -11.44 -0.30
N HIS A 85 -0.50 -12.74 -0.06
CA HIS A 85 -1.30 -13.63 -0.90
C HIS A 85 -2.66 -13.88 -0.28
N SER A 86 -2.98 -13.14 0.77
CA SER A 86 -4.26 -13.28 1.46
C SER A 86 -5.12 -12.03 1.28
N TYR A 87 -4.56 -10.88 1.64
CA TYR A 87 -5.26 -9.61 1.52
C TYR A 87 -6.19 -9.62 0.30
N PRO A 88 -7.30 -8.86 0.40
CA PRO A 88 -7.61 -8.07 1.59
C PRO A 88 -7.99 -8.94 2.78
N TYR A 89 -8.08 -10.24 2.55
CA TYR A 89 -8.45 -11.18 3.61
C TYR A 89 -7.88 -10.73 4.95
N LEU A 90 -6.62 -10.31 4.95
CA LEU A 90 -5.96 -9.85 6.16
C LEU A 90 -5.31 -8.48 5.95
N ALA A 91 -4.80 -7.91 7.03
CA ALA A 91 -4.14 -6.61 6.95
C ALA A 91 -2.77 -6.72 6.30
N LEU A 92 -2.62 -6.10 5.14
CA LEU A 92 -1.36 -6.13 4.41
C LEU A 92 -0.26 -5.45 5.20
N GLN A 93 0.92 -5.32 4.59
CA GLN A 93 2.06 -4.69 5.25
C GLN A 93 2.34 -3.31 4.66
N LEU A 94 2.57 -2.33 5.52
CA LEU A 94 2.85 -0.97 5.07
C LEU A 94 3.95 -0.34 5.92
N PHE A 95 4.80 0.45 5.28
CA PHE A 95 5.89 1.13 5.98
C PHE A 95 6.23 2.45 5.30
N GLY A 96 5.98 3.54 6.02
CA GLY A 96 6.26 4.86 5.48
C GLY A 96 7.47 5.51 6.13
N ARG A 97 8.47 5.84 5.32
CA ARG A 97 9.69 6.46 5.83
C ARG A 97 9.83 7.88 5.29
N SER A 98 10.17 8.80 6.19
CA SER A 98 10.33 10.21 5.81
C SER A 98 11.54 10.82 6.51
N SER A 99 12.13 11.84 5.88
CA SER A 99 13.29 12.51 6.44
C SER A 99 12.90 13.41 7.61
N GLU A 100 11.74 14.04 7.49
CA GLU A 100 11.24 14.93 8.53
C GLU A 100 10.79 14.14 9.75
N LEU A 101 9.92 13.15 9.53
CA LEU A 101 9.42 12.33 10.61
C LEU A 101 10.55 11.78 11.46
N ASP A 102 10.30 11.62 12.76
CA ASP A 102 11.31 11.10 13.68
C ASP A 102 10.93 9.70 14.14
N ARG A 103 11.91 8.99 14.71
CA ARG A 103 11.69 7.63 15.19
C ARG A 103 10.37 7.53 15.94
N HIS A 104 10.18 8.40 16.93
CA HIS A 104 8.96 8.40 17.72
C HIS A 104 7.73 8.57 16.83
N GLN A 105 7.62 9.74 16.20
CA GLN A 105 6.50 10.05 15.32
C GLN A 105 6.21 8.87 14.40
N GLN A 106 7.18 8.53 13.56
CA GLN A 106 7.02 7.42 12.62
C GLN A 106 6.18 6.30 13.23
N LEU A 107 6.65 5.76 14.35
CA LEU A 107 5.94 4.69 15.04
C LEU A 107 4.44 4.99 15.12
N LEU A 108 4.11 6.13 15.73
CA LEU A 108 2.72 6.54 15.87
C LEU A 108 1.97 6.41 14.53
N LEU A 109 2.51 7.07 13.51
CA LEU A 109 1.89 7.03 12.19
C LEU A 109 1.64 5.59 11.74
N ASN A 110 2.71 4.79 11.69
CA ASN A 110 2.61 3.40 11.29
C ASN A 110 1.54 2.68 12.09
N LYS A 111 1.80 2.50 13.39
CA LYS A 111 0.86 1.82 14.27
C LYS A 111 -0.57 2.28 14.01
N GLY A 112 -0.78 3.60 14.04
CA GLY A 112 -2.10 4.15 13.80
C GLY A 112 -2.65 3.78 12.43
N LEU A 113 -1.76 3.67 11.45
CA LEU A 113 -2.16 3.31 10.10
C LEU A 113 -2.53 1.84 10.01
N THR A 114 -1.56 0.97 10.31
CA THR A 114 -1.79 -0.46 10.27
C THR A 114 -3.13 -0.84 10.87
N SER A 115 -3.31 -0.52 12.16
CA SER A 115 -4.54 -0.82 12.87
C SER A 115 -5.75 -0.33 12.06
N TYR A 116 -5.72 0.92 11.65
CA TYR A 116 -6.80 1.51 10.89
C TYR A 116 -7.15 0.66 9.68
N ILE A 117 -6.14 -0.06 9.17
CA ILE A 117 -6.33 -0.92 8.00
C ILE A 117 -6.85 -2.29 8.43
N GLY A 118 -6.68 -2.62 9.71
CA GLY A 118 -7.13 -3.90 10.21
C GLY A 118 -8.62 -3.93 10.47
N THR A 119 -9.25 -2.76 10.44
CA THR A 119 -10.68 -2.65 10.68
C THR A 119 -11.48 -3.10 9.46
N PHE A 120 -10.94 -2.81 8.28
CA PHE A 120 -11.61 -3.19 7.03
C PHE A 120 -11.98 -4.67 7.03
N ASP A 121 -12.97 -5.03 6.23
CA ASP A 121 -13.43 -6.40 6.15
C ASP A 121 -12.70 -7.15 5.02
N PRO A 122 -12.65 -8.48 5.14
CA PRO A 122 -11.98 -9.33 4.14
C PRO A 122 -12.74 -9.37 2.81
N GLY A 123 -12.19 -8.67 1.81
CA GLY A 123 -12.82 -8.64 0.50
C GLY A 123 -12.64 -7.30 -0.20
N GLU A 124 -12.85 -6.22 0.55
CA GLU A 124 -12.70 -4.87 -0.02
C GLU A 124 -11.23 -4.47 -0.08
N LEU A 125 -10.97 -3.30 -0.64
CA LEU A 125 -9.60 -2.78 -0.76
C LEU A 125 -9.25 -1.86 0.40
N CYS A 126 -8.02 -1.95 0.87
CA CYS A 126 -7.56 -1.11 1.97
C CYS A 126 -6.46 -0.17 1.52
N VAL A 127 -5.55 -0.67 0.68
CA VAL A 127 -4.44 0.13 0.17
C VAL A 127 -4.94 1.44 -0.42
N CYS A 128 -6.17 1.41 -0.94
CA CYS A 128 -6.76 2.60 -1.55
C CYS A 128 -7.21 3.60 -0.47
N ALA A 129 -7.46 3.09 0.72
CA ALA A 129 -7.89 3.93 1.84
C ALA A 129 -6.69 4.43 2.64
N ALA A 130 -5.61 3.65 2.64
CA ALA A 130 -4.41 4.00 3.37
C ALA A 130 -3.84 5.33 2.86
N ILE A 131 -3.96 5.57 1.57
CA ILE A 131 -3.46 6.80 0.96
C ILE A 131 -4.22 8.01 1.49
N GLN A 132 -5.50 8.09 1.16
CA GLN A 132 -6.33 9.20 1.61
C GLN A 132 -6.26 9.37 3.12
N TRP A 133 -6.22 8.25 3.83
CA TRP A 133 -6.14 8.27 5.29
C TRP A 133 -4.88 8.99 5.76
N LEU A 134 -3.75 8.66 5.15
CA LEU A 134 -2.48 9.27 5.51
C LEU A 134 -2.53 10.77 5.32
N GLN A 135 -2.86 11.20 4.11
CA GLN A 135 -2.94 12.63 3.80
C GLN A 135 -3.82 13.35 4.80
N ASP A 136 -5.04 12.86 4.98
CA ASP A 136 -5.97 13.46 5.92
C ASP A 136 -5.44 13.39 7.35
N ASN A 137 -4.77 12.28 7.67
CA ASN A 137 -4.21 12.09 9.00
C ASN A 137 -2.69 12.12 8.96
N SER A 138 -2.15 13.08 8.22
CA SER A 138 -0.70 13.22 8.09
C SER A 138 -0.20 14.44 8.86
N ALA A 139 -0.77 15.60 8.55
CA ALA A 139 -0.38 16.84 9.20
C ALA A 139 -0.45 16.70 10.72
N SER A 140 -1.56 16.18 11.21
CA SER A 140 -1.75 16.00 12.65
C SER A 140 -0.48 15.45 13.29
N TYR A 141 0.19 14.55 12.59
CA TYR A 141 1.42 13.96 13.10
C TYR A 141 2.61 14.90 12.91
N PHE A 142 2.55 15.71 11.85
CA PHE A 142 3.62 16.65 11.55
C PHE A 142 3.42 17.96 12.33
N LEU A 143 2.37 18.69 11.98
CA LEU A 143 2.06 19.96 12.64
C LEU A 143 3.34 20.70 13.01
N ASN A 144 4.29 20.73 12.08
CA ASN A 144 5.56 21.41 12.31
C ASN A 144 5.44 22.91 12.02
N ARG A 145 5.17 23.24 10.76
CA ARG A 145 5.04 24.63 10.35
C ARG A 145 3.85 24.80 9.41
N LYS A 146 3.43 26.05 9.22
CA LYS A 146 2.31 26.36 8.35
C LYS A 146 2.77 27.13 7.11
N LEU A 147 3.91 26.73 6.57
CA LEU A 147 4.46 27.38 5.39
C LEU A 147 5.46 26.47 4.68
N VAL A 148 6.07 26.98 3.62
CA VAL A 148 7.04 26.21 2.84
C VAL A 148 8.29 27.04 2.56
N SER A 149 9.45 26.47 2.87
CA SER A 149 10.73 27.15 2.65
C SER A 149 11.90 26.22 2.95
N GLY A 150 13.00 26.43 2.24
CA GLY A 150 14.18 25.60 2.44
C GLY A 150 15.43 26.42 2.70
N PRO A 151 16.27 25.95 3.62
CA PRO A 151 17.53 26.62 3.98
C PRO A 151 18.56 26.58 2.86
N SER A 152 19.42 27.59 2.82
CA SER A 152 20.45 27.67 1.79
C SER A 152 21.78 28.14 2.38
N SER A 153 22.85 27.96 1.63
CA SER A 153 24.18 28.36 2.08
C SER A 153 24.91 29.14 1.00
N GLY A 154 26.08 29.68 1.35
CA GLY A 154 26.86 30.45 0.40
C GLY A 154 26.49 31.92 0.40
N GLY A 1 -18.10 -38.50 -5.63
CA GLY A 1 -18.93 -37.46 -6.22
C GLY A 1 -18.16 -36.17 -6.47
N SER A 2 -18.24 -35.67 -7.70
CA SER A 2 -17.54 -34.44 -8.06
C SER A 2 -17.97 -33.29 -7.17
N SER A 3 -17.01 -32.73 -6.43
CA SER A 3 -17.28 -31.63 -5.53
C SER A 3 -16.61 -30.34 -6.02
N GLY A 4 -17.43 -29.34 -6.32
CA GLY A 4 -16.90 -28.08 -6.80
C GLY A 4 -16.49 -27.15 -5.66
N SER A 5 -15.62 -27.65 -4.79
CA SER A 5 -15.15 -26.87 -3.65
C SER A 5 -13.87 -27.45 -3.08
N SER A 6 -12.88 -26.59 -2.86
CA SER A 6 -11.60 -27.01 -2.31
C SER A 6 -11.69 -27.29 -0.82
N GLY A 7 -12.13 -26.29 -0.06
CA GLY A 7 -12.27 -26.44 1.37
C GLY A 7 -12.72 -25.16 2.06
N MET A 8 -12.26 -24.96 3.29
CA MET A 8 -12.61 -23.76 4.04
C MET A 8 -11.99 -22.51 3.42
N SER A 9 -10.67 -22.56 3.22
CA SER A 9 -9.95 -21.43 2.64
C SER A 9 -10.26 -21.30 1.15
N ALA A 10 -10.26 -20.06 0.67
CA ALA A 10 -10.55 -19.79 -0.74
C ALA A 10 -9.31 -20.02 -1.60
N SER A 11 -9.52 -20.08 -2.91
CA SER A 11 -8.41 -20.30 -3.85
C SER A 11 -7.63 -19.02 -4.07
N VAL A 12 -6.30 -19.14 -4.07
CA VAL A 12 -5.43 -17.99 -4.27
C VAL A 12 -5.84 -17.20 -5.51
N LYS A 13 -6.13 -17.92 -6.59
CA LYS A 13 -6.55 -17.28 -7.83
C LYS A 13 -7.41 -16.05 -7.57
N GLU A 14 -8.47 -16.26 -6.79
CA GLU A 14 -9.38 -15.16 -6.46
C GLU A 14 -8.62 -13.97 -5.89
N SER A 15 -8.05 -14.15 -4.70
CA SER A 15 -7.30 -13.09 -4.05
C SER A 15 -6.47 -12.29 -5.07
N LEU A 16 -5.53 -12.97 -5.72
CA LEU A 16 -4.68 -12.34 -6.72
C LEU A 16 -5.51 -11.47 -7.65
N GLN A 17 -6.71 -11.93 -7.99
CA GLN A 17 -7.59 -11.20 -8.88
C GLN A 17 -7.80 -9.77 -8.38
N LEU A 18 -8.06 -9.64 -7.08
CA LEU A 18 -8.26 -8.32 -6.48
C LEU A 18 -6.96 -7.56 -6.35
N GLN A 19 -5.85 -8.29 -6.33
CA GLN A 19 -4.53 -7.67 -6.22
C GLN A 19 -4.17 -6.91 -7.50
N LEU A 20 -4.70 -7.38 -8.62
CA LEU A 20 -4.43 -6.75 -9.91
C LEU A 20 -5.45 -5.65 -10.20
N LEU A 21 -6.62 -5.77 -9.57
CA LEU A 21 -7.69 -4.79 -9.76
C LEU A 21 -7.25 -3.40 -9.29
N GLU A 22 -6.87 -3.32 -8.02
CA GLU A 22 -6.43 -2.05 -7.43
C GLU A 22 -5.42 -1.36 -8.35
N MET A 23 -4.54 -2.15 -8.96
CA MET A 23 -3.52 -1.62 -9.87
C MET A 23 -4.14 -0.58 -10.81
N GLU A 24 -5.22 -0.96 -11.48
CA GLU A 24 -5.89 -0.07 -12.42
C GLU A 24 -6.31 1.23 -11.72
N MET A 25 -6.81 1.10 -10.50
CA MET A 25 -7.24 2.27 -9.73
C MET A 25 -6.05 3.11 -9.28
N LEU A 26 -5.22 2.53 -8.42
CA LEU A 26 -4.04 3.22 -7.92
C LEU A 26 -3.33 3.98 -9.03
N PHE A 27 -3.17 3.32 -10.18
CA PHE A 27 -2.51 3.94 -11.33
C PHE A 27 -3.23 5.22 -11.74
N SER A 28 -4.55 5.15 -11.84
CA SER A 28 -5.35 6.31 -12.23
C SER A 28 -5.22 7.42 -11.21
N MET A 29 -5.17 7.05 -9.93
CA MET A 29 -5.04 8.03 -8.85
C MET A 29 -3.66 8.65 -8.85
N PHE A 30 -2.67 7.92 -9.36
CA PHE A 30 -1.30 8.40 -9.41
C PHE A 30 -0.74 8.31 -10.82
N PRO A 31 -1.09 9.29 -11.66
CA PRO A 31 -0.64 9.34 -13.06
C PRO A 31 0.85 9.64 -13.16
N ASN A 32 1.31 10.63 -12.40
CA ASN A 32 2.72 11.01 -12.42
C ASN A 32 3.62 9.80 -12.26
N GLN A 33 4.45 9.53 -13.26
CA GLN A 33 5.36 8.39 -13.23
C GLN A 33 6.19 8.40 -11.95
N GLY A 34 6.59 7.21 -11.52
CA GLY A 34 7.39 7.10 -10.31
C GLY A 34 6.53 6.87 -9.07
N GLU A 35 5.39 7.55 -9.01
CA GLU A 35 4.48 7.41 -7.88
C GLU A 35 4.47 5.99 -7.35
N VAL A 36 3.89 5.08 -8.11
CA VAL A 36 3.81 3.68 -7.71
C VAL A 36 5.00 2.90 -8.24
N LYS A 37 6.08 2.85 -7.45
CA LYS A 37 7.28 2.13 -7.83
C LYS A 37 7.07 0.62 -7.73
N LEU A 38 7.07 -0.05 -8.88
CA LEU A 38 6.89 -1.50 -8.92
C LEU A 38 8.23 -2.21 -8.99
N GLU A 39 8.52 -3.03 -7.99
CA GLU A 39 9.77 -3.78 -7.95
C GLU A 39 10.02 -4.49 -9.27
N ASP A 40 8.95 -4.98 -9.89
CA ASP A 40 9.05 -5.68 -11.17
C ASP A 40 7.82 -5.43 -12.03
N VAL A 41 8.05 -5.02 -13.27
CA VAL A 41 6.97 -4.75 -14.20
C VAL A 41 6.28 -6.03 -14.65
N ASN A 42 6.93 -7.16 -14.38
CA ASN A 42 6.39 -8.46 -14.76
C ASN A 42 5.74 -9.14 -13.56
N ALA A 43 5.50 -8.37 -12.51
CA ALA A 43 4.87 -8.90 -11.29
C ALA A 43 3.39 -9.16 -11.51
N LEU A 44 2.73 -8.22 -12.19
CA LEU A 44 1.29 -8.35 -12.46
C LEU A 44 1.04 -9.47 -13.47
N THR A 45 1.70 -9.39 -14.62
CA THR A 45 1.54 -10.39 -15.66
C THR A 45 1.70 -11.80 -15.10
N ASN A 46 2.82 -12.04 -14.42
CA ASN A 46 3.10 -13.33 -13.83
C ASN A 46 1.86 -13.90 -13.15
N ILE A 47 1.15 -13.05 -12.41
CA ILE A 47 -0.06 -13.46 -11.70
C ILE A 47 -1.13 -13.93 -12.69
N LYS A 48 -1.39 -13.12 -13.71
CA LYS A 48 -2.39 -13.44 -14.72
C LYS A 48 -2.21 -14.88 -15.21
N ARG A 49 -0.96 -15.28 -15.42
CA ARG A 49 -0.66 -16.62 -15.90
C ARG A 49 -1.07 -17.67 -14.86
N TYR A 50 -0.97 -17.29 -13.58
CA TYR A 50 -1.33 -18.20 -12.49
C TYR A 50 -2.85 -18.28 -12.33
N LEU A 51 -3.55 -17.35 -12.96
CA LEU A 51 -5.01 -17.31 -12.88
C LEU A 51 -5.63 -18.21 -13.94
N GLU A 52 -4.80 -18.74 -14.82
CA GLU A 52 -5.28 -19.62 -15.88
C GLU A 52 -4.74 -21.04 -15.69
N GLY A 53 -3.64 -21.16 -14.95
CA GLY A 53 -3.05 -22.46 -14.70
C GLY A 53 -1.75 -22.66 -15.46
N THR A 54 -1.56 -21.88 -16.51
CA THR A 54 -0.35 -21.98 -17.33
C THR A 54 0.90 -21.80 -16.47
N ARG A 55 0.73 -21.24 -15.28
CA ARG A 55 1.83 -21.01 -14.38
C ARG A 55 2.26 -22.31 -13.70
N GLU A 56 3.57 -22.53 -13.62
CA GLU A 56 4.11 -23.73 -13.00
C GLU A 56 4.49 -23.48 -11.54
N ALA A 57 4.89 -22.24 -11.25
CA ALA A 57 5.28 -21.86 -9.89
C ALA A 57 4.57 -20.59 -9.46
N LEU A 58 4.23 -20.51 -8.18
CA LEU A 58 3.54 -19.34 -7.63
C LEU A 58 4.29 -18.06 -7.99
N PRO A 59 3.59 -17.13 -8.66
CA PRO A 59 4.16 -15.85 -9.07
C PRO A 59 4.44 -14.93 -7.88
N PRO A 60 5.32 -13.94 -8.10
CA PRO A 60 5.70 -12.98 -7.06
C PRO A 60 4.56 -12.03 -6.70
N LYS A 61 4.27 -11.91 -5.42
CA LYS A 61 3.20 -11.03 -4.95
C LYS A 61 3.37 -9.61 -5.51
N ILE A 62 2.37 -8.78 -5.32
CA ILE A 62 2.41 -7.40 -5.80
C ILE A 62 2.93 -6.46 -4.73
N GLU A 63 4.23 -6.19 -4.78
CA GLU A 63 4.86 -5.30 -3.81
C GLU A 63 5.35 -4.01 -4.49
N PHE A 64 4.92 -2.87 -3.96
CA PHE A 64 5.29 -1.58 -4.50
C PHE A 64 5.25 -0.50 -3.43
N VAL A 65 5.58 0.73 -3.82
CA VAL A 65 5.57 1.85 -2.89
C VAL A 65 4.82 3.05 -3.48
N ILE A 66 3.97 3.66 -2.66
CA ILE A 66 3.19 4.81 -3.10
C ILE A 66 3.71 6.10 -2.46
N THR A 67 3.82 7.14 -3.28
CA THR A 67 4.30 8.44 -2.80
C THR A 67 3.14 9.36 -2.44
N LEU A 68 2.95 9.57 -1.14
CA LEU A 68 1.87 10.43 -0.66
C LEU A 68 2.26 11.90 -0.78
N GLN A 69 1.60 12.62 -1.68
CA GLN A 69 1.88 14.04 -1.88
C GLN A 69 1.07 14.90 -0.92
N ILE A 70 1.56 15.03 0.31
CA ILE A 70 0.89 15.82 1.33
C ILE A 70 0.78 17.28 0.90
N GLU A 71 -0.45 17.77 0.76
CA GLU A 71 -0.69 19.15 0.36
C GLU A 71 0.01 20.11 1.32
N GLU A 72 -0.12 19.86 2.61
CA GLU A 72 0.50 20.71 3.62
C GLU A 72 0.60 19.98 4.96
N PRO A 73 1.80 20.01 5.56
CA PRO A 73 2.95 20.71 4.99
C PRO A 73 3.49 20.00 3.75
N LYS A 74 3.65 20.76 2.66
CA LYS A 74 4.15 20.21 1.41
C LYS A 74 5.37 19.34 1.66
N VAL A 75 5.14 18.04 1.87
CA VAL A 75 6.23 17.11 2.11
C VAL A 75 5.96 15.77 1.42
N LYS A 76 7.03 15.04 1.11
CA LYS A 76 6.92 13.75 0.46
C LYS A 76 7.01 12.62 1.47
N ILE A 77 6.10 11.66 1.38
CA ILE A 77 6.08 10.53 2.29
C ILE A 77 5.99 9.21 1.52
N ASP A 78 7.04 8.39 1.63
CA ASP A 78 7.08 7.11 0.95
C ASP A 78 6.31 6.04 1.74
N LEU A 79 5.27 5.49 1.12
CA LEU A 79 4.47 4.46 1.78
C LEU A 79 4.68 3.10 1.12
N GLN A 80 5.41 2.24 1.80
CA GLN A 80 5.69 0.90 1.29
C GLN A 80 4.50 -0.04 1.52
N VAL A 81 3.90 -0.51 0.43
CA VAL A 81 2.76 -1.40 0.51
C VAL A 81 3.12 -2.80 0.05
N THR A 82 2.83 -3.79 0.88
CA THR A 82 3.13 -5.19 0.56
C THR A 82 1.89 -6.07 0.69
N MET A 83 1.24 -6.35 -0.43
CA MET A 83 0.04 -7.18 -0.43
C MET A 83 0.36 -8.59 -0.90
N PRO A 84 0.30 -9.55 0.04
CA PRO A 84 0.57 -10.96 -0.26
C PRO A 84 -0.51 -11.60 -1.14
N HIS A 85 -0.49 -12.92 -1.22
CA HIS A 85 -1.47 -13.64 -2.02
C HIS A 85 -2.77 -13.84 -1.25
N SER A 86 -2.78 -13.42 0.02
CA SER A 86 -3.96 -13.55 0.86
C SER A 86 -4.84 -12.32 0.75
N TYR A 87 -4.27 -11.16 1.08
CA TYR A 87 -5.01 -9.90 1.02
C TYR A 87 -5.97 -9.88 -0.18
N PRO A 88 -7.08 -9.16 -0.03
CA PRO A 88 -7.39 -8.42 1.20
C PRO A 88 -7.72 -9.34 2.37
N TYR A 89 -8.19 -10.54 2.05
CA TYR A 89 -8.54 -11.52 3.07
C TYR A 89 -7.62 -11.40 4.28
N LEU A 90 -6.32 -11.30 4.03
CA LEU A 90 -5.34 -11.17 5.10
C LEU A 90 -4.89 -9.73 5.27
N ALA A 91 -4.52 -9.37 6.49
CA ALA A 91 -4.07 -8.01 6.78
C ALA A 91 -2.71 -7.74 6.16
N LEU A 92 -2.68 -6.82 5.19
CA LEU A 92 -1.43 -6.48 4.51
C LEU A 92 -0.49 -5.72 5.45
N GLN A 93 0.68 -5.35 4.94
CA GLN A 93 1.66 -4.62 5.73
C GLN A 93 1.99 -3.28 5.07
N LEU A 94 1.82 -2.20 5.83
CA LEU A 94 2.10 -0.86 5.33
C LEU A 94 3.06 -0.13 6.26
N PHE A 95 4.18 0.33 5.70
CA PHE A 95 5.17 1.06 6.48
C PHE A 95 5.47 2.42 5.85
N GLY A 96 5.23 3.48 6.60
CA GLY A 96 5.48 4.82 6.11
C GLY A 96 6.82 5.37 6.57
N ARG A 97 7.57 5.95 5.64
CA ARG A 97 8.88 6.51 5.96
C ARG A 97 9.04 7.89 5.34
N SER A 98 9.61 8.82 6.10
CA SER A 98 9.81 10.18 5.62
C SER A 98 11.18 10.70 6.04
N SER A 99 11.78 11.52 5.18
CA SER A 99 13.10 12.08 5.47
C SER A 99 12.99 13.22 6.48
N GLU A 100 11.76 13.62 6.80
CA GLU A 100 11.52 14.69 7.76
C GLU A 100 11.13 14.12 9.13
N LEU A 101 10.22 13.16 9.11
CA LEU A 101 9.75 12.54 10.35
C LEU A 101 10.88 11.76 11.03
N ASP A 102 10.84 11.70 12.35
CA ASP A 102 11.85 10.98 13.11
C ASP A 102 11.35 9.59 13.50
N ARG A 103 12.24 8.79 14.07
CA ARG A 103 11.90 7.43 14.49
C ARG A 103 10.66 7.44 15.38
N HIS A 104 10.76 8.10 16.53
CA HIS A 104 9.66 8.18 17.48
C HIS A 104 8.36 8.56 16.76
N GLN A 105 8.42 9.65 15.99
CA GLN A 105 7.25 10.13 15.26
C GLN A 105 6.68 9.04 14.38
N GLN A 106 7.49 8.55 13.44
CA GLN A 106 7.06 7.49 12.53
C GLN A 106 6.19 6.47 13.26
N LEU A 107 6.74 5.87 14.31
CA LEU A 107 6.02 4.87 15.08
C LEU A 107 4.56 5.26 15.26
N LEU A 108 4.33 6.52 15.64
CA LEU A 108 2.99 7.03 15.85
C LEU A 108 2.16 6.91 14.56
N LEU A 109 2.69 7.46 13.48
CA LEU A 109 2.00 7.43 12.19
C LEU A 109 1.71 5.99 11.78
N ASN A 110 2.77 5.20 11.61
CA ASN A 110 2.62 3.80 11.23
C ASN A 110 1.57 3.11 12.08
N LYS A 111 1.81 3.05 13.38
CA LYS A 111 0.89 2.41 14.30
C LYS A 111 -0.55 2.80 13.99
N GLY A 112 -0.83 4.10 13.97
CA GLY A 112 -2.16 4.58 13.68
C GLY A 112 -2.71 4.02 12.38
N LEU A 113 -1.86 3.98 11.35
CA LEU A 113 -2.27 3.46 10.05
C LEU A 113 -2.49 1.95 10.11
N THR A 114 -1.42 1.21 10.34
CA THR A 114 -1.49 -0.25 10.42
C THR A 114 -2.77 -0.68 11.12
N SER A 115 -3.08 -0.05 12.24
CA SER A 115 -4.27 -0.39 13.01
C SER A 115 -5.53 0.06 12.28
N TYR A 116 -5.49 1.26 11.72
CA TYR A 116 -6.62 1.80 10.99
C TYR A 116 -7.04 0.87 9.84
N ILE A 117 -6.11 0.00 9.44
CA ILE A 117 -6.37 -0.94 8.36
C ILE A 117 -6.79 -2.30 8.91
N GLY A 118 -6.61 -2.49 10.21
CA GLY A 118 -6.96 -3.75 10.84
C GLY A 118 -8.44 -3.83 11.16
N THR A 119 -9.20 -2.82 10.74
CA THR A 119 -10.64 -2.79 10.99
C THR A 119 -11.42 -3.19 9.75
N PHE A 120 -10.74 -3.23 8.61
CA PHE A 120 -11.38 -3.60 7.36
C PHE A 120 -11.75 -5.08 7.34
N ASP A 121 -12.68 -5.45 6.47
CA ASP A 121 -13.12 -6.84 6.36
C ASP A 121 -12.45 -7.54 5.19
N PRO A 122 -12.31 -8.87 5.28
CA PRO A 122 -11.69 -9.68 4.23
C PRO A 122 -12.55 -9.76 2.97
N GLY A 123 -12.06 -9.16 1.89
CA GLY A 123 -12.80 -9.18 0.65
C GLY A 123 -12.67 -7.88 -0.12
N GLU A 124 -12.67 -6.76 0.59
CA GLU A 124 -12.56 -5.45 -0.04
C GLU A 124 -11.13 -4.93 0.07
N LEU A 125 -10.81 -3.91 -0.72
CA LEU A 125 -9.48 -3.32 -0.71
C LEU A 125 -9.28 -2.45 0.52
N CYS A 126 -8.03 -2.32 0.96
CA CYS A 126 -7.71 -1.52 2.13
C CYS A 126 -6.66 -0.46 1.80
N VAL A 127 -5.83 -0.75 0.79
CA VAL A 127 -4.79 0.17 0.37
C VAL A 127 -5.39 1.47 -0.17
N CYS A 128 -6.59 1.36 -0.73
CA CYS A 128 -7.28 2.53 -1.29
C CYS A 128 -7.61 3.53 -0.19
N ALA A 129 -7.91 3.03 0.99
CA ALA A 129 -8.25 3.90 2.12
C ALA A 129 -7.00 4.45 2.79
N ALA A 130 -6.02 3.57 3.02
CA ALA A 130 -4.77 3.98 3.64
C ALA A 130 -4.26 5.28 3.05
N ILE A 131 -4.24 5.37 1.73
CA ILE A 131 -3.77 6.56 1.04
C ILE A 131 -4.40 7.82 1.63
N GLN A 132 -5.71 7.95 1.46
CA GLN A 132 -6.45 9.10 1.99
C GLN A 132 -6.20 9.26 3.48
N TRP A 133 -6.54 8.23 4.24
CA TRP A 133 -6.37 8.26 5.70
C TRP A 133 -5.07 8.97 6.07
N LEU A 134 -4.00 8.63 5.35
CA LEU A 134 -2.69 9.24 5.61
C LEU A 134 -2.74 10.75 5.44
N GLN A 135 -3.02 11.19 4.22
CA GLN A 135 -3.10 12.62 3.93
C GLN A 135 -3.70 13.38 5.10
N ASP A 136 -4.91 12.98 5.50
CA ASP A 136 -5.60 13.62 6.61
C ASP A 136 -4.85 13.41 7.92
N ASN A 137 -4.44 12.17 8.17
CA ASN A 137 -3.71 11.83 9.39
C ASN A 137 -2.20 11.95 9.17
N SER A 138 -1.77 13.11 8.69
CA SER A 138 -0.35 13.35 8.44
C SER A 138 0.09 14.67 9.06
N ALA A 139 -0.42 15.77 8.52
CA ALA A 139 -0.08 17.10 9.01
C ALA A 139 -0.01 17.11 10.53
N SER A 140 -1.07 16.68 11.18
CA SER A 140 -1.14 16.65 12.63
C SER A 140 0.16 16.09 13.21
N TYR A 141 0.67 15.02 12.61
CA TYR A 141 1.89 14.38 13.07
C TYR A 141 3.09 15.31 12.86
N PHE A 142 3.07 16.05 11.76
CA PHE A 142 4.15 16.98 11.44
C PHE A 142 4.07 18.23 12.31
N LEU A 143 2.99 18.98 12.16
CA LEU A 143 2.79 20.20 12.93
C LEU A 143 3.36 20.06 14.33
N ASN A 144 4.50 20.69 14.58
CA ASN A 144 5.14 20.63 15.89
C ASN A 144 5.72 21.99 16.27
N ARG A 145 5.99 22.17 17.56
CA ARG A 145 6.54 23.43 18.06
C ARG A 145 7.80 23.80 17.29
N LYS A 146 7.68 24.78 16.40
CA LYS A 146 8.81 25.23 15.60
C LYS A 146 8.59 26.66 15.13
N LEU A 147 9.43 27.58 15.61
CA LEU A 147 9.33 28.99 15.23
C LEU A 147 10.04 29.24 13.90
N VAL A 148 9.35 29.93 13.00
CA VAL A 148 9.92 30.25 11.69
C VAL A 148 10.93 31.38 11.79
N SER A 149 12.10 31.18 11.21
CA SER A 149 13.16 32.20 11.23
C SER A 149 12.77 33.40 10.37
N GLY A 150 12.70 33.19 9.07
CA GLY A 150 12.35 34.27 8.16
C GLY A 150 13.47 34.61 7.21
N PRO A 151 13.43 35.84 6.65
CA PRO A 151 14.45 36.32 5.71
C PRO A 151 15.79 36.56 6.38
N SER A 152 16.76 35.69 6.10
CA SER A 152 18.09 35.81 6.67
C SER A 152 18.84 37.01 6.08
N SER A 153 19.06 36.97 4.77
CA SER A 153 19.75 38.04 4.09
C SER A 153 18.95 39.34 4.13
N GLY A 154 19.52 40.36 4.77
CA GLY A 154 18.83 41.64 4.88
C GLY A 154 19.70 42.70 5.51
N GLY A 1 -19.36 -30.24 -14.83
CA GLY A 1 -18.83 -28.89 -14.80
C GLY A 1 -18.22 -28.55 -13.46
N SER A 2 -17.68 -27.34 -13.35
CA SER A 2 -17.05 -26.88 -12.10
C SER A 2 -17.81 -25.70 -11.51
N SER A 3 -18.29 -25.87 -10.29
CA SER A 3 -19.04 -24.81 -9.62
C SER A 3 -18.10 -23.70 -9.14
N GLY A 4 -17.10 -24.08 -8.35
CA GLY A 4 -16.15 -23.10 -7.84
C GLY A 4 -16.07 -23.11 -6.33
N SER A 5 -17.10 -22.59 -5.68
CA SER A 5 -17.14 -22.52 -4.23
C SER A 5 -16.96 -23.91 -3.62
N SER A 6 -15.97 -24.04 -2.73
CA SER A 6 -15.68 -25.31 -2.08
C SER A 6 -14.71 -25.13 -0.93
N GLY A 7 -15.11 -25.59 0.25
CA GLY A 7 -14.26 -25.47 1.43
C GLY A 7 -14.56 -24.22 2.23
N MET A 8 -13.55 -23.70 2.92
CA MET A 8 -13.71 -22.50 3.73
C MET A 8 -12.85 -21.37 3.21
N SER A 9 -11.58 -21.66 2.94
CA SER A 9 -10.65 -20.67 2.44
C SER A 9 -10.79 -20.49 0.94
N ALA A 10 -10.84 -19.23 0.49
CA ALA A 10 -10.97 -18.93 -0.93
C ALA A 10 -9.67 -19.20 -1.68
N SER A 11 -9.79 -19.53 -2.96
CA SER A 11 -8.63 -19.83 -3.79
C SER A 11 -7.85 -18.55 -4.10
N VAL A 12 -6.53 -18.63 -4.01
CA VAL A 12 -5.66 -17.50 -4.29
C VAL A 12 -6.09 -16.78 -5.56
N LYS A 13 -6.73 -17.52 -6.46
CA LYS A 13 -7.20 -16.95 -7.72
C LYS A 13 -7.86 -15.60 -7.51
N GLU A 14 -8.96 -15.60 -6.78
CA GLU A 14 -9.69 -14.36 -6.50
C GLU A 14 -8.77 -13.34 -5.84
N SER A 15 -8.25 -13.68 -4.67
CA SER A 15 -7.36 -12.80 -3.93
C SER A 15 -6.43 -12.05 -4.87
N LEU A 16 -5.55 -12.78 -5.55
CA LEU A 16 -4.61 -12.19 -6.49
C LEU A 16 -5.32 -11.25 -7.45
N GLN A 17 -6.32 -11.77 -8.15
CA GLN A 17 -7.08 -10.97 -9.10
C GLN A 17 -7.48 -9.63 -8.50
N LEU A 18 -8.08 -9.67 -7.31
CA LEU A 18 -8.51 -8.46 -6.63
C LEU A 18 -7.36 -7.45 -6.54
N GLN A 19 -6.15 -7.97 -6.35
CA GLN A 19 -4.97 -7.11 -6.24
C GLN A 19 -4.75 -6.33 -7.52
N LEU A 20 -4.92 -7.00 -8.66
CA LEU A 20 -4.74 -6.36 -9.96
C LEU A 20 -5.74 -5.23 -10.16
N LEU A 21 -6.90 -5.38 -9.55
CA LEU A 21 -7.95 -4.35 -9.66
C LEU A 21 -7.48 -3.02 -9.09
N GLU A 22 -7.04 -3.04 -7.84
CA GLU A 22 -6.57 -1.84 -7.17
C GLU A 22 -5.42 -1.21 -7.96
N MET A 23 -4.62 -2.04 -8.60
CA MET A 23 -3.48 -1.56 -9.39
C MET A 23 -3.95 -0.60 -10.48
N GLU A 24 -4.86 -1.06 -11.33
CA GLU A 24 -5.39 -0.23 -12.41
C GLU A 24 -6.09 1.01 -11.85
N MET A 25 -6.50 0.93 -10.59
CA MET A 25 -7.18 2.04 -9.94
C MET A 25 -6.18 3.00 -9.31
N LEU A 26 -5.02 2.47 -8.91
CA LEU A 26 -3.98 3.28 -8.28
C LEU A 26 -3.24 4.10 -9.33
N PHE A 27 -2.97 3.48 -10.48
CA PHE A 27 -2.25 4.16 -11.56
C PHE A 27 -2.98 5.44 -11.95
N SER A 28 -4.26 5.33 -12.26
CA SER A 28 -5.06 6.48 -12.66
C SER A 28 -5.08 7.53 -11.56
N MET A 29 -5.07 7.09 -10.31
CA MET A 29 -5.08 7.99 -9.16
C MET A 29 -3.77 8.76 -9.07
N PHE A 30 -2.68 8.12 -9.48
CA PHE A 30 -1.36 8.74 -9.43
C PHE A 30 -0.77 8.87 -10.84
N PRO A 31 -1.21 9.91 -11.57
CA PRO A 31 -0.74 10.17 -12.94
C PRO A 31 0.71 10.62 -12.97
N ASN A 32 1.08 11.51 -12.05
CA ASN A 32 2.44 12.02 -11.97
C ASN A 32 3.45 10.88 -11.90
N GLN A 33 3.96 10.48 -13.06
CA GLN A 33 4.94 9.40 -13.14
C GLN A 33 5.92 9.47 -11.97
N GLY A 34 6.07 8.36 -11.26
CA GLY A 34 6.98 8.33 -10.13
C GLY A 34 6.30 7.87 -8.85
N GLU A 35 5.10 8.38 -8.59
CA GLU A 35 4.35 8.01 -7.40
C GLU A 35 4.50 6.52 -7.11
N VAL A 36 3.96 5.70 -7.99
CA VAL A 36 4.04 4.24 -7.82
C VAL A 36 5.28 3.68 -8.48
N LYS A 37 6.03 2.89 -7.73
CA LYS A 37 7.25 2.27 -8.24
C LYS A 37 7.15 0.75 -8.22
N LEU A 38 7.09 0.16 -9.41
CA LEU A 38 6.99 -1.29 -9.54
C LEU A 38 8.33 -1.90 -9.94
N GLU A 39 9.01 -2.52 -8.98
CA GLU A 39 10.31 -3.15 -9.24
C GLU A 39 10.29 -3.91 -10.55
N ASP A 40 9.15 -4.54 -10.86
CA ASP A 40 8.99 -5.31 -12.09
C ASP A 40 7.54 -5.35 -12.52
N VAL A 41 7.23 -4.65 -13.60
CA VAL A 41 5.86 -4.61 -14.13
C VAL A 41 5.36 -6.01 -14.46
N ASN A 42 6.29 -6.95 -14.58
CA ASN A 42 5.95 -8.33 -14.89
C ASN A 42 5.21 -8.99 -13.73
N ALA A 43 5.26 -8.35 -12.57
CA ALA A 43 4.60 -8.87 -11.37
C ALA A 43 3.11 -9.09 -11.63
N LEU A 44 2.47 -8.10 -12.24
CA LEU A 44 1.05 -8.18 -12.53
C LEU A 44 0.76 -9.26 -13.57
N THR A 45 1.64 -9.37 -14.56
CA THR A 45 1.49 -10.37 -15.61
C THR A 45 1.59 -11.78 -15.05
N ASN A 46 2.70 -12.07 -14.39
CA ASN A 46 2.92 -13.39 -13.80
C ASN A 46 1.68 -13.87 -13.07
N ILE A 47 0.89 -12.94 -12.54
CA ILE A 47 -0.33 -13.27 -11.83
C ILE A 47 -1.42 -13.74 -12.79
N LYS A 48 -1.83 -12.86 -13.70
CA LYS A 48 -2.86 -13.18 -14.68
C LYS A 48 -2.68 -14.61 -15.19
N ARG A 49 -1.45 -15.09 -15.21
CA ARG A 49 -1.15 -16.44 -15.67
C ARG A 49 -1.69 -17.48 -14.70
N TYR A 50 -1.31 -17.34 -13.43
CA TYR A 50 -1.75 -18.27 -12.39
C TYR A 50 -3.27 -18.45 -12.42
N LEU A 51 -3.99 -17.33 -12.53
CA LEU A 51 -5.44 -17.36 -12.58
C LEU A 51 -5.94 -18.45 -13.51
N GLU A 52 -5.17 -18.72 -14.57
CA GLU A 52 -5.53 -19.74 -15.54
C GLU A 52 -5.00 -21.11 -15.10
N GLY A 53 -3.89 -21.11 -14.39
CA GLY A 53 -3.30 -22.35 -13.92
C GLY A 53 -2.13 -22.79 -14.78
N THR A 54 -1.46 -21.83 -15.41
CA THR A 54 -0.32 -22.13 -16.26
C THR A 54 0.99 -21.76 -15.58
N ARG A 55 0.95 -21.65 -14.25
CA ARG A 55 2.14 -21.30 -13.48
C ARG A 55 2.65 -22.50 -12.71
N GLU A 56 3.87 -22.93 -13.03
CA GLU A 56 4.49 -24.08 -12.37
C GLU A 56 4.82 -23.75 -10.91
N ALA A 57 4.79 -22.46 -10.58
CA ALA A 57 5.09 -22.02 -9.23
C ALA A 57 4.32 -20.75 -8.88
N LEU A 58 4.37 -20.37 -7.61
CA LEU A 58 3.66 -19.17 -7.15
C LEU A 58 4.34 -17.91 -7.68
N PRO A 59 3.55 -17.03 -8.31
CA PRO A 59 4.05 -15.77 -8.86
C PRO A 59 4.45 -14.77 -7.78
N PRO A 60 5.29 -13.81 -8.15
CA PRO A 60 5.77 -12.77 -7.22
C PRO A 60 4.67 -11.79 -6.83
N LYS A 61 4.32 -11.79 -5.56
CA LYS A 61 3.28 -10.89 -5.05
C LYS A 61 3.47 -9.48 -5.59
N ILE A 62 2.49 -8.62 -5.34
CA ILE A 62 2.55 -7.24 -5.80
C ILE A 62 3.08 -6.31 -4.71
N GLU A 63 4.36 -5.96 -4.81
CA GLU A 63 5.00 -5.09 -3.84
C GLU A 63 5.60 -3.87 -4.51
N PHE A 64 5.18 -2.68 -4.06
CA PHE A 64 5.68 -1.43 -4.62
C PHE A 64 5.71 -0.33 -3.57
N VAL A 65 6.13 0.87 -3.99
CA VAL A 65 6.19 2.00 -3.07
C VAL A 65 5.38 3.18 -3.61
N ILE A 66 4.46 3.67 -2.80
CA ILE A 66 3.62 4.79 -3.19
C ILE A 66 4.02 6.06 -2.44
N THR A 67 4.30 7.12 -3.20
CA THR A 67 4.69 8.40 -2.61
C THR A 67 3.48 9.27 -2.33
N LEU A 68 3.13 9.40 -1.06
CA LEU A 68 1.98 10.21 -0.65
C LEU A 68 2.28 11.70 -0.84
N GLN A 69 1.81 12.26 -1.96
CA GLN A 69 2.03 13.67 -2.25
C GLN A 69 1.16 14.55 -1.35
N ILE A 70 1.62 14.78 -0.13
CA ILE A 70 0.88 15.61 0.82
C ILE A 70 0.83 17.06 0.36
N GLU A 71 -0.35 17.50 -0.04
CA GLU A 71 -0.54 18.87 -0.51
C GLU A 71 0.11 19.86 0.46
N GLU A 72 -0.16 19.68 1.75
CA GLU A 72 0.40 20.55 2.77
C GLU A 72 0.41 19.86 4.14
N PRO A 73 1.56 19.93 4.83
CA PRO A 73 2.74 20.63 4.32
C PRO A 73 3.38 19.90 3.14
N LYS A 74 3.61 20.62 2.05
CA LYS A 74 4.22 20.05 0.86
C LYS A 74 5.46 19.25 1.22
N VAL A 75 5.28 17.94 1.38
CA VAL A 75 6.39 17.05 1.73
C VAL A 75 6.28 15.73 0.97
N LYS A 76 7.27 14.87 1.15
CA LYS A 76 7.30 13.57 0.49
C LYS A 76 7.31 12.44 1.53
N ILE A 77 6.46 11.44 1.32
CA ILE A 77 6.38 10.30 2.23
C ILE A 77 6.40 8.98 1.46
N ASP A 78 7.49 8.24 1.59
CA ASP A 78 7.63 6.97 0.91
C ASP A 78 6.89 5.87 1.67
N LEU A 79 5.78 5.40 1.08
CA LEU A 79 4.98 4.35 1.71
C LEU A 79 5.23 3.01 1.04
N GLN A 80 5.77 2.07 1.80
CA GLN A 80 6.07 0.73 1.28
C GLN A 80 4.88 -0.20 1.47
N VAL A 81 4.18 -0.48 0.37
CA VAL A 81 3.01 -1.36 0.42
C VAL A 81 3.40 -2.79 0.04
N THR A 82 3.03 -3.74 0.89
CA THR A 82 3.32 -5.15 0.64
C THR A 82 2.06 -5.99 0.70
N MET A 83 1.56 -6.37 -0.48
CA MET A 83 0.35 -7.18 -0.57
C MET A 83 0.70 -8.66 -0.75
N PRO A 84 0.36 -9.47 0.26
CA PRO A 84 0.62 -10.92 0.23
C PRO A 84 -0.24 -11.65 -0.79
N HIS A 85 -0.20 -12.97 -0.74
CA HIS A 85 -0.97 -13.80 -1.67
C HIS A 85 -2.40 -13.94 -1.19
N SER A 86 -2.60 -13.90 0.12
CA SER A 86 -3.93 -14.03 0.70
C SER A 86 -4.72 -12.72 0.56
N TYR A 87 -4.06 -11.61 0.86
CA TYR A 87 -4.70 -10.30 0.76
C TYR A 87 -5.68 -10.26 -0.40
N PRO A 88 -6.76 -9.49 -0.24
CA PRO A 88 -7.02 -8.74 1.00
C PRO A 88 -7.35 -9.65 2.17
N TYR A 89 -7.93 -10.82 1.88
CA TYR A 89 -8.30 -11.78 2.90
C TYR A 89 -7.30 -11.74 4.06
N LEU A 90 -6.02 -11.63 3.73
CA LEU A 90 -4.97 -11.58 4.75
C LEU A 90 -4.54 -10.14 5.01
N ALA A 91 -3.97 -9.92 6.19
CA ALA A 91 -3.50 -8.59 6.56
C ALA A 91 -2.17 -8.27 5.90
N LEU A 92 -2.15 -7.19 5.10
CA LEU A 92 -0.94 -6.78 4.41
C LEU A 92 0.03 -6.07 5.36
N GLN A 93 1.11 -5.56 4.81
CA GLN A 93 2.12 -4.88 5.62
C GLN A 93 2.49 -3.53 4.99
N LEU A 94 2.25 -2.45 5.71
CA LEU A 94 2.55 -1.11 5.23
C LEU A 94 3.58 -0.43 6.12
N PHE A 95 4.42 0.41 5.53
CA PHE A 95 5.45 1.12 6.26
C PHE A 95 5.68 2.51 5.69
N GLY A 96 5.35 3.53 6.49
CA GLY A 96 5.52 4.90 6.04
C GLY A 96 6.52 5.67 6.88
N ARG A 97 7.56 6.18 6.23
CA ARG A 97 8.60 6.94 6.93
C ARG A 97 9.15 8.06 6.04
N SER A 98 9.36 9.22 6.65
CA SER A 98 9.87 10.38 5.91
C SER A 98 11.08 10.98 6.62
N SER A 99 11.83 11.80 5.90
CA SER A 99 13.02 12.43 6.46
C SER A 99 12.65 13.37 7.59
N GLU A 100 11.66 14.24 7.35
CA GLU A 100 11.22 15.19 8.35
C GLU A 100 10.67 14.47 9.58
N LEU A 101 9.70 13.60 9.38
CA LEU A 101 9.09 12.84 10.47
C LEU A 101 10.16 12.36 11.44
N ASP A 102 9.89 12.52 12.74
CA ASP A 102 10.82 12.09 13.77
C ASP A 102 10.48 10.68 14.27
N ARG A 103 11.37 10.12 15.08
CA ARG A 103 11.17 8.78 15.62
C ARG A 103 9.75 8.65 16.20
N HIS A 104 9.47 9.39 17.26
CA HIS A 104 8.16 9.34 17.91
C HIS A 104 7.05 9.37 16.87
N GLN A 105 7.14 10.31 15.93
CA GLN A 105 6.15 10.45 14.88
C GLN A 105 5.97 9.13 14.12
N GLN A 106 7.02 8.72 13.42
CA GLN A 106 6.99 7.48 12.65
C GLN A 106 6.18 6.42 13.37
N LEU A 107 6.54 6.15 14.62
CA LEU A 107 5.85 5.14 15.43
C LEU A 107 4.35 5.42 15.46
N LEU A 108 3.98 6.65 15.78
CA LEU A 108 2.57 7.03 15.84
C LEU A 108 1.89 6.81 14.50
N LEU A 109 2.46 7.41 13.46
CA LEU A 109 1.89 7.27 12.11
C LEU A 109 1.69 5.81 11.74
N ASN A 110 2.78 5.04 11.81
CA ASN A 110 2.72 3.62 11.48
C ASN A 110 1.69 2.89 12.36
N LYS A 111 1.95 2.89 13.67
CA LYS A 111 1.06 2.24 14.62
C LYS A 111 -0.40 2.54 14.28
N GLY A 112 -0.72 3.81 14.11
CA GLY A 112 -2.08 4.21 13.79
C GLY A 112 -2.57 3.58 12.51
N LEU A 113 -1.75 3.63 11.46
CA LEU A 113 -2.12 3.06 10.17
C LEU A 113 -2.30 1.55 10.28
N THR A 114 -1.20 0.84 10.51
CA THR A 114 -1.23 -0.61 10.63
C THR A 114 -2.50 -1.08 11.32
N SER A 115 -2.72 -0.59 12.53
CA SER A 115 -3.91 -0.95 13.30
C SER A 115 -5.18 -0.54 12.57
N TYR A 116 -5.15 0.64 11.96
CA TYR A 116 -6.31 1.16 11.23
C TYR A 116 -6.63 0.27 10.04
N ILE A 117 -5.65 -0.51 9.60
CA ILE A 117 -5.83 -1.41 8.46
C ILE A 117 -6.26 -2.79 8.92
N GLY A 118 -6.12 -3.05 10.23
CA GLY A 118 -6.49 -4.34 10.78
C GLY A 118 -7.95 -4.38 11.20
N THR A 119 -8.74 -3.43 10.71
CA THR A 119 -10.15 -3.36 11.05
C THR A 119 -11.03 -3.50 9.81
N PHE A 120 -10.41 -3.97 8.72
CA PHE A 120 -11.14 -4.15 7.47
C PHE A 120 -11.52 -5.62 7.28
N ASP A 121 -12.60 -5.86 6.54
CA ASP A 121 -13.07 -7.22 6.28
C ASP A 121 -12.25 -7.86 5.16
N PRO A 122 -12.07 -9.19 5.26
CA PRO A 122 -11.32 -9.97 4.27
C PRO A 122 -12.05 -10.05 2.93
N GLY A 123 -11.34 -9.74 1.85
CA GLY A 123 -11.93 -9.79 0.53
C GLY A 123 -11.97 -8.45 -0.14
N GLU A 124 -12.08 -7.38 0.66
CA GLU A 124 -12.13 -6.03 0.13
C GLU A 124 -10.76 -5.36 0.19
N LEU A 125 -10.56 -4.33 -0.62
CA LEU A 125 -9.30 -3.61 -0.65
C LEU A 125 -9.08 -2.82 0.63
N CYS A 126 -7.83 -2.59 0.98
CA CYS A 126 -7.48 -1.84 2.19
C CYS A 126 -6.52 -0.70 1.87
N VAL A 127 -5.51 -1.01 1.06
CA VAL A 127 -4.51 -0.01 0.68
C VAL A 127 -5.17 1.28 0.20
N CYS A 128 -6.20 1.13 -0.63
CA CYS A 128 -6.92 2.28 -1.16
C CYS A 128 -7.39 3.20 -0.03
N ALA A 129 -7.62 2.62 1.14
CA ALA A 129 -8.06 3.38 2.30
C ALA A 129 -6.88 4.00 3.04
N ALA A 130 -5.80 3.25 3.14
CA ALA A 130 -4.60 3.73 3.82
C ALA A 130 -4.13 5.06 3.23
N ILE A 131 -4.09 5.13 1.91
CA ILE A 131 -3.66 6.34 1.22
C ILE A 131 -4.40 7.57 1.75
N GLN A 132 -5.73 7.55 1.64
CA GLN A 132 -6.55 8.66 2.10
C GLN A 132 -6.37 8.88 3.60
N TRP A 133 -6.37 7.78 4.35
CA TRP A 133 -6.20 7.86 5.80
C TRP A 133 -4.94 8.64 6.16
N LEU A 134 -3.90 8.45 5.37
CA LEU A 134 -2.63 9.13 5.60
C LEU A 134 -2.74 10.62 5.29
N GLN A 135 -3.05 10.93 4.02
CA GLN A 135 -3.17 12.31 3.59
C GLN A 135 -3.90 13.15 4.64
N ASP A 136 -5.09 12.71 5.02
CA ASP A 136 -5.88 13.42 6.02
C ASP A 136 -5.17 13.44 7.36
N ASN A 137 -4.68 12.28 7.78
CA ASN A 137 -3.97 12.16 9.05
C ASN A 137 -2.45 12.17 8.83
N SER A 138 -1.99 13.08 7.98
CA SER A 138 -0.56 13.19 7.68
C SER A 138 0.04 14.42 8.35
N ALA A 139 -0.59 15.57 8.12
CA ALA A 139 -0.12 16.83 8.70
C ALA A 139 -0.28 16.83 10.22
N SER A 140 -1.45 16.36 10.68
CA SER A 140 -1.74 16.32 12.11
C SER A 140 -0.52 15.84 12.90
N TYR A 141 0.35 15.10 12.23
CA TYR A 141 1.56 14.58 12.87
C TYR A 141 2.69 15.61 12.81
N PHE A 142 2.96 16.11 11.61
CA PHE A 142 4.02 17.09 11.41
C PHE A 142 3.90 18.22 12.43
N LEU A 143 2.69 18.76 12.59
CA LEU A 143 2.44 19.84 13.52
C LEU A 143 3.27 19.67 14.79
N ASN A 144 4.30 20.49 14.93
CA ASN A 144 5.18 20.42 16.10
C ASN A 144 6.12 21.61 16.14
N ARG A 145 6.30 22.18 17.33
CA ARG A 145 7.18 23.33 17.50
C ARG A 145 8.59 23.01 17.02
N LYS A 146 9.31 24.03 16.56
CA LYS A 146 10.67 23.86 16.08
C LYS A 146 11.41 25.20 16.04
N LEU A 147 12.71 25.15 16.28
CA LEU A 147 13.54 26.36 16.27
C LEU A 147 14.54 26.32 15.13
N VAL A 148 14.34 27.20 14.15
CA VAL A 148 15.24 27.28 12.99
C VAL A 148 16.58 27.88 13.38
N SER A 149 17.65 27.17 13.06
CA SER A 149 19.00 27.62 13.38
C SER A 149 20.02 27.05 12.40
N GLY A 150 21.12 27.77 12.22
CA GLY A 150 22.16 27.31 11.30
C GLY A 150 23.41 28.17 11.38
N PRO A 151 24.31 27.81 12.31
CA PRO A 151 25.57 28.54 12.50
C PRO A 151 26.54 28.35 11.34
N SER A 152 27.55 29.21 11.25
CA SER A 152 28.53 29.14 10.19
C SER A 152 29.86 28.59 10.72
N SER A 153 30.82 28.44 9.82
CA SER A 153 32.14 27.92 10.19
C SER A 153 33.21 28.44 9.25
N GLY A 154 34.46 28.02 9.49
CA GLY A 154 35.55 28.45 8.65
C GLY A 154 36.30 27.30 8.03
N GLY A 1 -10.73 -32.57 -17.10
CA GLY A 1 -11.29 -32.58 -15.77
C GLY A 1 -11.82 -31.22 -15.35
N SER A 2 -12.66 -31.20 -14.33
CA SER A 2 -13.24 -29.96 -13.83
C SER A 2 -13.16 -29.89 -12.31
N SER A 3 -13.57 -30.96 -11.65
CA SER A 3 -13.55 -31.02 -10.20
C SER A 3 -12.24 -30.46 -9.65
N GLY A 4 -12.26 -30.06 -8.37
CA GLY A 4 -11.08 -29.51 -7.76
C GLY A 4 -10.71 -30.21 -6.47
N SER A 5 -10.09 -29.48 -5.54
CA SER A 5 -9.68 -30.04 -4.27
C SER A 5 -10.61 -29.58 -3.15
N SER A 6 -10.37 -30.09 -1.95
CA SER A 6 -11.19 -29.73 -0.79
C SER A 6 -10.32 -29.22 0.35
N GLY A 7 -10.88 -28.31 1.16
CA GLY A 7 -10.13 -27.75 2.27
C GLY A 7 -10.67 -26.40 2.70
N MET A 8 -10.18 -25.90 3.82
CA MET A 8 -10.61 -24.61 4.35
C MET A 8 -9.65 -23.50 3.92
N SER A 9 -9.85 -22.98 2.72
CA SER A 9 -9.00 -21.92 2.19
C SER A 9 -9.53 -21.39 0.87
N ALA A 10 -9.07 -20.21 0.47
CA ALA A 10 -9.50 -19.60 -0.78
C ALA A 10 -8.41 -19.67 -1.83
N SER A 11 -8.78 -20.07 -3.04
CA SER A 11 -7.84 -20.18 -4.14
C SER A 11 -7.15 -18.85 -4.41
N VAL A 12 -5.85 -18.81 -4.16
CA VAL A 12 -5.07 -17.59 -4.36
C VAL A 12 -5.59 -16.81 -5.56
N LYS A 13 -5.91 -17.52 -6.64
CA LYS A 13 -6.42 -16.89 -7.85
C LYS A 13 -7.34 -15.72 -7.51
N GLU A 14 -8.29 -15.97 -6.61
CA GLU A 14 -9.23 -14.93 -6.20
C GLU A 14 -8.51 -13.78 -5.50
N SER A 15 -7.75 -14.11 -4.46
CA SER A 15 -7.02 -13.10 -3.70
C SER A 15 -6.22 -12.21 -4.64
N LEU A 16 -5.42 -12.83 -5.51
CA LEU A 16 -4.60 -12.08 -6.45
C LEU A 16 -5.47 -11.22 -7.37
N GLN A 17 -6.56 -11.78 -7.84
CA GLN A 17 -7.48 -11.07 -8.72
C GLN A 17 -7.74 -9.66 -8.20
N LEU A 18 -8.08 -9.56 -6.92
CA LEU A 18 -8.36 -8.28 -6.29
C LEU A 18 -7.10 -7.41 -6.25
N GLN A 19 -5.94 -8.05 -6.26
CA GLN A 19 -4.67 -7.33 -6.24
C GLN A 19 -4.29 -6.86 -7.63
N LEU A 20 -4.82 -7.52 -8.65
CA LEU A 20 -4.53 -7.16 -10.04
C LEU A 20 -5.39 -6.00 -10.49
N LEU A 21 -6.64 -5.98 -10.04
CA LEU A 21 -7.57 -4.91 -10.40
C LEU A 21 -7.24 -3.63 -9.65
N GLU A 22 -6.93 -3.77 -8.36
CA GLU A 22 -6.59 -2.62 -7.53
C GLU A 22 -5.43 -1.84 -8.13
N MET A 23 -4.50 -2.56 -8.76
CA MET A 23 -3.34 -1.94 -9.38
C MET A 23 -3.76 -0.88 -10.38
N GLU A 24 -4.94 -1.04 -10.95
CA GLU A 24 -5.47 -0.09 -11.93
C GLU A 24 -6.10 1.11 -11.24
N MET A 25 -6.98 0.85 -10.28
CA MET A 25 -7.65 1.91 -9.55
C MET A 25 -6.65 2.80 -8.82
N LEU A 26 -5.48 2.23 -8.50
CA LEU A 26 -4.45 2.98 -7.81
C LEU A 26 -3.71 3.91 -8.76
N PHE A 27 -3.31 3.38 -9.91
CA PHE A 27 -2.60 4.16 -10.92
C PHE A 27 -3.41 5.41 -11.30
N SER A 28 -4.66 5.19 -11.72
CA SER A 28 -5.52 6.29 -12.12
C SER A 28 -5.44 7.44 -11.12
N MET A 29 -5.47 7.11 -9.83
CA MET A 29 -5.40 8.12 -8.78
C MET A 29 -4.09 8.90 -8.88
N PHE A 30 -3.00 8.19 -9.18
CA PHE A 30 -1.69 8.83 -9.29
C PHE A 30 -1.28 8.96 -10.76
N PRO A 31 -1.53 10.15 -11.34
CA PRO A 31 -1.18 10.42 -12.73
C PRO A 31 0.32 10.52 -12.96
N ASN A 32 0.99 11.29 -12.11
CA ASN A 32 2.44 11.46 -12.22
C ASN A 32 3.15 10.10 -12.23
N GLN A 33 3.61 9.70 -13.41
CA GLN A 33 4.31 8.43 -13.56
C GLN A 33 5.56 8.39 -12.68
N GLY A 34 5.70 7.32 -11.90
CA GLY A 34 6.85 7.18 -11.03
C GLY A 34 6.46 6.96 -9.58
N GLU A 35 5.43 7.68 -9.14
CA GLU A 35 4.97 7.56 -7.75
C GLU A 35 4.97 6.10 -7.31
N VAL A 36 4.27 5.25 -8.05
CA VAL A 36 4.19 3.84 -7.73
C VAL A 36 5.41 3.08 -8.27
N LYS A 37 6.33 2.75 -7.37
CA LYS A 37 7.55 2.03 -7.76
C LYS A 37 7.30 0.53 -7.73
N LEU A 38 7.15 -0.06 -8.91
CA LEU A 38 6.91 -1.50 -9.02
C LEU A 38 8.23 -2.26 -9.08
N GLU A 39 8.59 -2.90 -7.97
CA GLU A 39 9.83 -3.66 -7.89
C GLU A 39 10.01 -4.53 -9.13
N ASP A 40 8.91 -5.10 -9.61
CA ASP A 40 8.95 -5.96 -10.79
C ASP A 40 7.77 -5.65 -11.72
N VAL A 41 8.08 -5.18 -12.92
CA VAL A 41 7.06 -4.84 -13.90
C VAL A 41 6.33 -6.09 -14.39
N ASN A 42 7.06 -7.21 -14.44
CA ASN A 42 6.48 -8.47 -14.89
C ASN A 42 5.79 -9.18 -13.73
N ALA A 43 5.30 -8.41 -12.76
CA ALA A 43 4.61 -8.97 -11.62
C ALA A 43 3.13 -9.21 -11.92
N LEU A 44 2.51 -8.24 -12.59
CA LEU A 44 1.09 -8.35 -12.94
C LEU A 44 0.88 -9.41 -14.02
N THR A 45 1.65 -9.31 -15.10
CA THR A 45 1.55 -10.26 -16.19
C THR A 45 1.51 -11.70 -15.69
N ASN A 46 2.59 -12.11 -15.04
CA ASN A 46 2.70 -13.47 -14.50
C ASN A 46 1.39 -13.87 -13.82
N ILE A 47 1.04 -13.15 -12.76
CA ILE A 47 -0.18 -13.44 -12.01
C ILE A 47 -1.33 -13.79 -12.95
N LYS A 48 -1.65 -12.88 -13.87
CA LYS A 48 -2.72 -13.10 -14.82
C LYS A 48 -2.63 -14.49 -15.43
N ARG A 49 -1.42 -14.91 -15.79
CA ARG A 49 -1.21 -16.22 -16.38
C ARG A 49 -1.66 -17.33 -15.42
N TYR A 50 -1.34 -17.16 -14.15
CA TYR A 50 -1.71 -18.14 -13.14
C TYR A 50 -3.21 -18.40 -13.14
N LEU A 51 -3.98 -17.32 -13.21
CA LEU A 51 -5.44 -17.43 -13.23
C LEU A 51 -5.91 -18.37 -14.33
N GLU A 52 -5.28 -18.27 -15.50
CA GLU A 52 -5.62 -19.11 -16.63
C GLU A 52 -5.35 -20.58 -16.31
N GLY A 53 -4.39 -20.82 -15.42
CA GLY A 53 -4.04 -22.19 -15.05
C GLY A 53 -2.81 -22.69 -15.77
N THR A 54 -2.63 -22.26 -17.02
CA THR A 54 -1.49 -22.67 -17.82
C THR A 54 -0.22 -22.74 -16.97
N ARG A 55 -0.11 -21.82 -16.02
CA ARG A 55 1.05 -21.79 -15.14
C ARG A 55 0.66 -22.13 -13.70
N GLU A 56 1.07 -23.29 -13.23
CA GLU A 56 0.76 -23.74 -11.88
C GLU A 56 1.60 -22.98 -10.85
N ALA A 57 2.92 -22.95 -11.08
CA ALA A 57 3.83 -22.26 -10.18
C ALA A 57 3.22 -20.96 -9.66
N LEU A 58 3.21 -20.80 -8.34
CA LEU A 58 2.65 -19.61 -7.71
C LEU A 58 3.33 -18.35 -8.25
N PRO A 59 2.54 -17.44 -8.82
CA PRO A 59 3.04 -16.18 -9.38
C PRO A 59 3.51 -15.22 -8.29
N PRO A 60 4.37 -14.27 -8.68
CA PRO A 60 4.91 -13.27 -7.75
C PRO A 60 3.84 -12.27 -7.29
N LYS A 61 3.83 -11.99 -5.99
CA LYS A 61 2.87 -11.05 -5.43
C LYS A 61 3.10 -9.64 -5.96
N ILE A 62 2.23 -8.71 -5.58
CA ILE A 62 2.34 -7.32 -6.02
C ILE A 62 2.89 -6.44 -4.91
N GLU A 63 4.17 -6.09 -5.00
CA GLU A 63 4.80 -5.24 -4.00
C GLU A 63 5.40 -3.99 -4.65
N PHE A 64 5.07 -2.83 -4.09
CA PHE A 64 5.58 -1.57 -4.60
C PHE A 64 5.50 -0.47 -3.54
N VAL A 65 5.97 0.71 -3.89
CA VAL A 65 5.96 1.85 -2.98
C VAL A 65 5.16 3.02 -3.55
N ILE A 66 4.26 3.57 -2.75
CA ILE A 66 3.43 4.69 -3.18
C ILE A 66 3.89 5.98 -2.51
N THR A 67 4.18 6.99 -3.33
CA THR A 67 4.62 8.28 -2.82
C THR A 67 3.43 9.15 -2.40
N LEU A 68 3.27 9.34 -1.10
CA LEU A 68 2.18 10.14 -0.57
C LEU A 68 2.48 11.63 -0.70
N GLN A 69 2.05 12.22 -1.82
CA GLN A 69 2.28 13.64 -2.06
C GLN A 69 1.43 14.49 -1.15
N ILE A 70 1.84 14.59 0.12
CA ILE A 70 1.11 15.38 1.10
C ILE A 70 1.04 16.85 0.69
N GLU A 71 -0.07 17.24 0.06
CA GLU A 71 -0.25 18.62 -0.38
C GLU A 71 0.37 19.59 0.62
N GLU A 72 -0.12 19.57 1.85
CA GLU A 72 0.39 20.46 2.89
C GLU A 72 0.29 19.80 4.26
N PRO A 73 1.42 19.75 4.99
CA PRO A 73 2.69 20.30 4.50
C PRO A 73 3.27 19.49 3.35
N LYS A 74 4.02 20.15 2.47
CA LYS A 74 4.64 19.49 1.33
C LYS A 74 5.80 18.61 1.78
N VAL A 75 5.54 17.30 1.87
CA VAL A 75 6.57 16.35 2.27
C VAL A 75 6.42 15.03 1.53
N LYS A 76 7.55 14.35 1.31
CA LYS A 76 7.54 13.07 0.61
C LYS A 76 7.57 11.91 1.60
N ILE A 77 6.56 11.05 1.51
CA ILE A 77 6.46 9.89 2.40
C ILE A 77 6.44 8.59 1.60
N ASP A 78 7.58 7.91 1.56
CA ASP A 78 7.70 6.65 0.83
C ASP A 78 6.93 5.55 1.56
N LEU A 79 5.77 5.20 1.02
CA LEU A 79 4.93 4.16 1.61
C LEU A 79 5.21 2.81 0.95
N GLN A 80 5.81 1.89 1.70
CA GLN A 80 6.13 0.57 1.18
C GLN A 80 4.95 -0.39 1.39
N VAL A 81 4.13 -0.54 0.35
CA VAL A 81 2.97 -1.41 0.41
C VAL A 81 3.32 -2.82 -0.08
N THR A 82 2.70 -3.83 0.53
CA THR A 82 2.95 -5.21 0.16
C THR A 82 1.67 -6.03 0.23
N MET A 83 1.28 -6.61 -0.90
CA MET A 83 0.08 -7.44 -0.97
C MET A 83 0.42 -8.91 -1.16
N PRO A 84 0.43 -9.67 -0.05
CA PRO A 84 0.74 -11.09 -0.07
C PRO A 84 -0.35 -11.92 -0.75
N HIS A 85 -0.08 -13.20 -0.96
CA HIS A 85 -1.03 -14.09 -1.60
C HIS A 85 -2.33 -14.17 -0.80
N SER A 86 -2.29 -13.68 0.43
CA SER A 86 -3.46 -13.69 1.30
C SER A 86 -4.32 -12.45 1.07
N TYR A 87 -3.75 -11.28 1.35
CA TYR A 87 -4.46 -10.02 1.19
C TYR A 87 -5.42 -10.11 0.00
N PRO A 88 -6.56 -9.40 0.12
CA PRO A 88 -6.88 -8.60 1.30
C PRO A 88 -7.18 -9.46 2.53
N TYR A 89 -7.59 -10.70 2.29
CA TYR A 89 -7.90 -11.63 3.37
C TYR A 89 -6.99 -11.39 4.57
N LEU A 90 -5.69 -11.30 4.31
CA LEU A 90 -4.72 -11.07 5.38
C LEU A 90 -4.38 -9.59 5.50
N ALA A 91 -4.08 -9.16 6.72
CA ALA A 91 -3.75 -7.76 6.98
C ALA A 91 -2.40 -7.40 6.37
N LEU A 92 -2.42 -6.84 5.16
CA LEU A 92 -1.20 -6.46 4.47
C LEU A 92 -0.26 -5.69 5.40
N GLN A 93 0.94 -5.38 4.91
CA GLN A 93 1.92 -4.65 5.70
C GLN A 93 2.28 -3.32 5.04
N LEU A 94 2.13 -2.24 5.79
CA LEU A 94 2.45 -0.90 5.27
C LEU A 94 3.48 -0.20 6.14
N PHE A 95 4.51 0.34 5.50
CA PHE A 95 5.57 1.04 6.22
C PHE A 95 5.98 2.32 5.48
N GLY A 96 5.72 3.46 6.09
CA GLY A 96 6.07 4.73 5.48
C GLY A 96 7.15 5.46 6.24
N ARG A 97 8.19 5.90 5.52
CA ARG A 97 9.30 6.61 6.13
C ARG A 97 9.57 7.93 5.41
N SER A 98 9.74 9.00 6.18
CA SER A 98 10.01 10.31 5.61
C SER A 98 11.05 11.07 6.43
N SER A 99 11.62 12.11 5.84
CA SER A 99 12.63 12.91 6.52
C SER A 99 12.13 13.39 7.87
N GLU A 100 10.97 14.04 7.87
CA GLU A 100 10.37 14.56 9.10
C GLU A 100 10.22 13.45 10.13
N LEU A 101 9.56 12.35 9.72
CA LEU A 101 9.35 11.22 10.61
C LEU A 101 10.63 10.42 10.80
N ASP A 102 11.06 10.30 12.06
CA ASP A 102 12.27 9.56 12.37
C ASP A 102 11.97 8.39 13.30
N ARG A 103 11.65 8.69 14.55
CA ARG A 103 11.32 7.67 15.54
C ARG A 103 9.97 7.93 16.19
N HIS A 104 9.93 8.91 17.08
CA HIS A 104 8.70 9.28 17.77
C HIS A 104 7.61 9.69 16.77
N GLN A 105 8.01 10.51 15.79
CA GLN A 105 7.06 10.98 14.78
C GLN A 105 6.42 9.81 14.05
N GLN A 106 7.26 8.95 13.48
CA GLN A 106 6.76 7.79 12.74
C GLN A 106 5.77 6.99 13.59
N LEU A 107 6.25 6.47 14.71
CA LEU A 107 5.40 5.69 15.60
C LEU A 107 3.98 6.24 15.63
N LEU A 108 3.85 7.52 15.95
CA LEU A 108 2.54 8.16 16.01
C LEU A 108 1.75 7.90 14.74
N LEU A 109 2.39 8.08 13.59
CA LEU A 109 1.74 7.86 12.30
C LEU A 109 1.43 6.38 12.10
N ASN A 110 2.47 5.55 12.16
CA ASN A 110 2.31 4.11 11.98
C ASN A 110 1.20 3.57 12.88
N LYS A 111 1.40 3.69 14.19
CA LYS A 111 0.41 3.21 15.16
C LYS A 111 -1.00 3.52 14.67
N GLY A 112 -1.19 4.70 14.09
CA GLY A 112 -2.50 5.09 13.61
C GLY A 112 -2.89 4.34 12.34
N LEU A 113 -1.97 4.28 11.38
CA LEU A 113 -2.23 3.59 10.12
C LEU A 113 -2.40 2.09 10.34
N THR A 114 -1.38 1.46 10.93
CA THR A 114 -1.41 0.04 11.20
C THR A 114 -2.73 -0.37 11.86
N SER A 115 -3.11 0.35 12.91
CA SER A 115 -4.35 0.06 13.62
C SER A 115 -5.55 0.36 12.74
N TYR A 116 -5.50 1.47 12.01
CA TYR A 116 -6.59 1.87 11.13
C TYR A 116 -6.89 0.78 10.12
N ILE A 117 -5.85 0.20 9.55
CA ILE A 117 -5.99 -0.86 8.56
C ILE A 117 -6.35 -2.19 9.21
N GLY A 118 -5.75 -2.45 10.37
CA GLY A 118 -6.01 -3.68 11.09
C GLY A 118 -7.50 -3.95 11.27
N THR A 119 -8.28 -2.87 11.32
CA THR A 119 -9.73 -2.99 11.49
C THR A 119 -10.38 -3.62 10.25
N PHE A 120 -9.97 -3.16 9.07
CA PHE A 120 -10.50 -3.67 7.82
C PHE A 120 -10.73 -5.18 7.91
N ASP A 121 -11.79 -5.65 7.26
CA ASP A 121 -12.12 -7.08 7.25
C ASP A 121 -11.61 -7.75 5.99
N PRO A 122 -11.43 -9.08 6.05
CA PRO A 122 -10.95 -9.87 4.92
C PRO A 122 -11.98 -9.97 3.80
N GLY A 123 -11.63 -9.43 2.63
CA GLY A 123 -12.53 -9.47 1.50
C GLY A 123 -12.41 -8.23 0.62
N GLU A 124 -12.35 -7.07 1.26
CA GLU A 124 -12.25 -5.81 0.53
C GLU A 124 -10.81 -5.30 0.52
N LEU A 125 -10.57 -4.20 -0.16
CA LEU A 125 -9.24 -3.61 -0.25
C LEU A 125 -8.92 -2.81 1.01
N CYS A 126 -7.65 -2.47 1.19
CA CYS A 126 -7.21 -1.71 2.36
C CYS A 126 -6.27 -0.59 1.93
N VAL A 127 -5.23 -0.94 1.21
CA VAL A 127 -4.25 0.04 0.75
C VAL A 127 -4.93 1.29 0.21
N CYS A 128 -6.04 1.09 -0.51
CA CYS A 128 -6.79 2.20 -1.07
C CYS A 128 -7.20 3.19 0.00
N ALA A 129 -7.62 2.67 1.16
CA ALA A 129 -8.03 3.51 2.27
C ALA A 129 -6.83 4.15 2.97
N ALA A 130 -5.75 3.37 3.09
CA ALA A 130 -4.54 3.86 3.73
C ALA A 130 -4.16 5.24 3.22
N ILE A 131 -3.96 5.35 1.92
CA ILE A 131 -3.59 6.61 1.29
C ILE A 131 -4.47 7.75 1.80
N GLN A 132 -5.78 7.61 1.62
CA GLN A 132 -6.73 8.62 2.06
C GLN A 132 -6.56 8.92 3.54
N TRP A 133 -6.67 7.88 4.36
CA TRP A 133 -6.53 8.03 5.81
C TRP A 133 -5.29 8.85 6.15
N LEU A 134 -4.13 8.36 5.73
CA LEU A 134 -2.87 9.05 5.99
C LEU A 134 -2.98 10.54 5.65
N GLN A 135 -3.16 10.83 4.37
CA GLN A 135 -3.29 12.21 3.91
C GLN A 135 -4.23 13.00 4.81
N ASP A 136 -5.39 12.42 5.10
CA ASP A 136 -6.39 13.07 5.95
C ASP A 136 -5.79 13.40 7.31
N ASN A 137 -5.05 12.45 7.87
CA ASN A 137 -4.43 12.64 9.18
C ASN A 137 -2.90 12.58 9.07
N SER A 138 -2.37 13.25 8.05
CA SER A 138 -0.93 13.27 7.84
C SER A 138 -0.28 14.45 8.56
N ALA A 139 -0.76 15.66 8.24
CA ALA A 139 -0.24 16.86 8.86
C ALA A 139 -0.30 16.78 10.38
N SER A 140 -1.45 16.35 10.89
CA SER A 140 -1.65 16.21 12.34
C SER A 140 -0.34 15.81 13.02
N TYR A 141 0.35 14.84 12.45
CA TYR A 141 1.61 14.36 13.01
C TYR A 141 2.72 15.38 12.78
N PHE A 142 3.05 15.61 11.51
CA PHE A 142 4.10 16.54 11.15
C PHE A 142 4.07 17.77 12.06
N LEU A 143 2.90 18.39 12.15
CA LEU A 143 2.73 19.58 12.99
C LEU A 143 3.60 19.49 14.24
N ASN A 144 3.30 18.53 15.11
CA ASN A 144 4.05 18.34 16.34
C ASN A 144 5.54 18.25 16.06
N ARG A 145 6.24 19.35 16.26
CA ARG A 145 7.68 19.41 16.02
C ARG A 145 8.38 20.26 17.09
N LYS A 146 9.45 19.72 17.65
CA LYS A 146 10.20 20.43 18.67
C LYS A 146 11.41 21.14 18.07
N LEU A 147 11.27 21.57 16.82
CA LEU A 147 12.35 22.27 16.12
C LEU A 147 11.90 23.67 15.71
N VAL A 148 12.66 24.68 16.14
CA VAL A 148 12.35 26.05 15.80
C VAL A 148 13.25 26.58 14.69
N SER A 149 14.56 26.51 14.92
CA SER A 149 15.53 26.97 13.93
C SER A 149 16.05 25.81 13.09
N GLY A 150 16.26 24.67 13.75
CA GLY A 150 16.76 23.50 13.06
C GLY A 150 18.28 23.45 13.03
N PRO A 151 18.85 22.46 13.75
CA PRO A 151 20.30 22.28 13.82
C PRO A 151 20.89 21.79 12.50
N SER A 152 21.97 22.43 12.07
CA SER A 152 22.63 22.06 10.83
C SER A 152 24.07 22.56 10.80
N SER A 153 25.03 21.63 10.77
CA SER A 153 26.44 21.97 10.74
C SER A 153 26.91 22.24 9.31
N GLY A 154 26.74 21.23 8.45
CA GLY A 154 27.16 21.37 7.07
C GLY A 154 27.48 20.03 6.42
N GLY A 1 -12.37 -27.41 -16.95
CA GLY A 1 -11.55 -27.09 -15.79
C GLY A 1 -12.37 -26.78 -14.55
N SER A 2 -12.21 -25.58 -14.03
CA SER A 2 -12.94 -25.16 -12.83
C SER A 2 -13.06 -26.32 -11.85
N SER A 3 -11.98 -27.08 -11.70
CA SER A 3 -11.97 -28.21 -10.79
C SER A 3 -12.26 -27.77 -9.35
N GLY A 4 -13.32 -28.30 -8.77
CA GLY A 4 -13.68 -27.94 -7.41
C GLY A 4 -15.07 -27.34 -7.32
N SER A 5 -16.06 -28.20 -7.08
CA SER A 5 -17.45 -27.75 -6.98
C SER A 5 -17.65 -26.90 -5.73
N SER A 6 -17.23 -27.43 -4.58
CA SER A 6 -17.38 -26.73 -3.31
C SER A 6 -16.40 -27.27 -2.28
N GLY A 7 -15.85 -26.38 -1.46
CA GLY A 7 -14.90 -26.79 -0.44
C GLY A 7 -14.95 -25.90 0.78
N MET A 8 -13.79 -25.64 1.37
CA MET A 8 -13.70 -24.80 2.56
C MET A 8 -12.64 -23.71 2.38
N SER A 9 -11.50 -24.10 1.83
CA SER A 9 -10.40 -23.17 1.62
C SER A 9 -10.67 -22.28 0.40
N ALA A 10 -9.85 -21.26 0.23
CA ALA A 10 -10.00 -20.33 -0.89
C ALA A 10 -8.84 -20.46 -1.87
N SER A 11 -9.14 -20.37 -3.16
CA SER A 11 -8.11 -20.49 -4.19
C SER A 11 -7.36 -19.17 -4.35
N VAL A 12 -6.04 -19.23 -4.18
CA VAL A 12 -5.20 -18.04 -4.31
C VAL A 12 -5.64 -17.17 -5.48
N LYS A 13 -5.99 -17.82 -6.59
CA LYS A 13 -6.42 -17.11 -7.78
C LYS A 13 -7.31 -15.92 -7.42
N GLU A 14 -8.25 -16.15 -6.51
CA GLU A 14 -9.16 -15.09 -6.06
C GLU A 14 -8.38 -13.89 -5.53
N SER A 15 -7.67 -14.10 -4.42
CA SER A 15 -6.89 -13.04 -3.81
C SER A 15 -6.11 -12.26 -4.87
N LEU A 16 -5.22 -12.94 -5.57
CA LEU A 16 -4.41 -12.31 -6.61
C LEU A 16 -5.28 -11.46 -7.54
N GLN A 17 -6.41 -12.03 -7.96
CA GLN A 17 -7.33 -11.33 -8.84
C GLN A 17 -7.62 -9.92 -8.33
N LEU A 18 -7.93 -9.83 -7.04
CA LEU A 18 -8.22 -8.54 -6.42
C LEU A 18 -6.96 -7.69 -6.28
N GLN A 19 -5.82 -8.36 -6.13
CA GLN A 19 -4.54 -7.67 -5.99
C GLN A 19 -4.21 -6.88 -7.25
N LEU A 20 -4.52 -7.47 -8.40
CA LEU A 20 -4.25 -6.82 -9.68
C LEU A 20 -5.21 -5.66 -9.92
N LEU A 21 -6.44 -5.81 -9.43
CA LEU A 21 -7.46 -4.77 -9.59
C LEU A 21 -6.98 -3.45 -8.99
N GLU A 22 -6.64 -3.48 -7.71
CA GLU A 22 -6.17 -2.28 -7.02
C GLU A 22 -5.11 -1.56 -7.84
N MET A 23 -4.28 -2.33 -8.53
CA MET A 23 -3.22 -1.76 -9.35
C MET A 23 -3.79 -0.82 -10.41
N GLU A 24 -4.98 -1.16 -10.91
CA GLU A 24 -5.63 -0.35 -11.92
C GLU A 24 -6.17 0.95 -11.33
N MET A 25 -6.68 0.86 -10.10
CA MET A 25 -7.21 2.03 -9.41
C MET A 25 -6.09 2.96 -8.95
N LEU A 26 -5.00 2.36 -8.46
CA LEU A 26 -3.87 3.14 -7.99
C LEU A 26 -3.24 3.93 -9.13
N PHE A 27 -2.84 3.23 -10.19
CA PHE A 27 -2.23 3.87 -11.35
C PHE A 27 -3.01 5.12 -11.75
N SER A 28 -4.31 4.96 -11.97
CA SER A 28 -5.16 6.08 -12.36
C SER A 28 -5.13 7.19 -11.31
N MET A 29 -5.16 6.79 -10.05
CA MET A 29 -5.14 7.75 -8.95
C MET A 29 -3.81 8.51 -8.92
N PHE A 30 -2.78 7.90 -9.50
CA PHE A 30 -1.46 8.52 -9.54
C PHE A 30 -0.99 8.70 -10.98
N PRO A 31 -1.46 9.78 -11.64
CA PRO A 31 -1.10 10.09 -13.01
C PRO A 31 0.35 10.53 -13.16
N ASN A 32 0.93 10.98 -12.04
CA ASN A 32 2.32 11.44 -12.04
C ASN A 32 3.27 10.26 -11.86
N GLN A 33 4.17 10.08 -12.81
CA GLN A 33 5.14 8.99 -12.75
C GLN A 33 6.06 9.14 -11.54
N GLY A 34 6.23 8.05 -10.80
CA GLY A 34 7.07 8.09 -9.62
C GLY A 34 6.34 7.64 -8.37
N GLU A 35 5.10 8.09 -8.22
CA GLU A 35 4.29 7.72 -7.06
C GLU A 35 4.36 6.22 -6.78
N VAL A 36 3.91 5.43 -7.75
CA VAL A 36 3.93 3.98 -7.62
C VAL A 36 5.19 3.38 -8.23
N LYS A 37 6.02 2.77 -7.38
CA LYS A 37 7.26 2.16 -7.83
C LYS A 37 7.19 0.64 -7.74
N LEU A 38 6.88 0.00 -8.86
CA LEU A 38 6.79 -1.46 -8.90
C LEU A 38 8.17 -2.09 -9.06
N GLU A 39 8.45 -3.09 -8.22
CA GLU A 39 9.74 -3.77 -8.27
C GLU A 39 9.90 -4.52 -9.59
N ASP A 40 8.78 -4.82 -10.23
CA ASP A 40 8.80 -5.54 -11.50
C ASP A 40 7.45 -5.42 -12.21
N VAL A 41 7.47 -4.92 -13.44
CA VAL A 41 6.26 -4.77 -14.23
C VAL A 41 5.64 -6.12 -14.58
N ASN A 42 6.45 -7.16 -14.51
CA ASN A 42 6.00 -8.51 -14.82
C ASN A 42 5.28 -9.13 -13.62
N ALA A 43 5.49 -8.54 -12.44
CA ALA A 43 4.88 -9.03 -11.22
C ALA A 43 3.36 -9.07 -11.35
N LEU A 44 2.81 -8.15 -12.14
CA LEU A 44 1.37 -8.09 -12.35
C LEU A 44 0.93 -9.07 -13.44
N THR A 45 1.76 -9.23 -14.46
CA THR A 45 1.47 -10.14 -15.55
C THR A 45 1.53 -11.60 -15.08
N ASN A 46 2.71 -12.03 -14.66
CA ASN A 46 2.89 -13.40 -14.20
C ASN A 46 1.67 -13.90 -13.44
N ILE A 47 0.97 -12.96 -12.79
CA ILE A 47 -0.23 -13.30 -12.03
C ILE A 47 -1.37 -13.72 -12.96
N LYS A 48 -1.79 -12.80 -13.83
CA LYS A 48 -2.86 -13.08 -14.76
C LYS A 48 -2.73 -14.47 -15.36
N ARG A 49 -1.49 -14.94 -15.47
CA ARG A 49 -1.23 -16.26 -16.02
C ARG A 49 -1.64 -17.35 -15.04
N TYR A 50 -1.32 -17.15 -13.76
CA TYR A 50 -1.65 -18.12 -12.73
C TYR A 50 -3.15 -18.38 -12.69
N LEU A 51 -3.93 -17.39 -13.12
CA LEU A 51 -5.39 -17.51 -13.14
C LEU A 51 -5.83 -18.60 -14.11
N GLU A 52 -5.35 -18.51 -15.34
CA GLU A 52 -5.70 -19.49 -16.36
C GLU A 52 -5.18 -20.87 -16.00
N GLY A 53 -4.29 -20.92 -15.00
CA GLY A 53 -3.73 -22.19 -14.58
C GLY A 53 -2.63 -22.67 -15.49
N THR A 54 -1.86 -21.73 -16.03
CA THR A 54 -0.76 -22.08 -16.93
C THR A 54 0.60 -21.92 -16.23
N ARG A 55 0.56 -21.57 -14.95
CA ARG A 55 1.77 -21.39 -14.17
C ARG A 55 2.06 -22.62 -13.32
N GLU A 56 3.33 -23.04 -13.31
CA GLU A 56 3.74 -24.21 -12.53
C GLU A 56 4.11 -23.82 -11.11
N ALA A 57 4.65 -22.61 -10.96
CA ALA A 57 5.05 -22.11 -9.65
C ALA A 57 4.29 -20.84 -9.29
N LEU A 58 4.11 -20.60 -7.99
CA LEU A 58 3.39 -19.43 -7.52
C LEU A 58 4.14 -18.15 -7.92
N PRO A 59 3.40 -17.22 -8.56
CA PRO A 59 3.97 -15.94 -9.00
C PRO A 59 4.31 -15.01 -7.83
N PRO A 60 5.19 -14.05 -8.08
CA PRO A 60 5.62 -13.08 -7.06
C PRO A 60 4.51 -12.10 -6.68
N LYS A 61 4.26 -11.98 -5.37
CA LYS A 61 3.23 -11.09 -4.88
C LYS A 61 3.42 -9.67 -5.43
N ILE A 62 2.42 -8.82 -5.22
CA ILE A 62 2.48 -7.44 -5.69
C ILE A 62 3.00 -6.52 -4.59
N GLU A 63 4.23 -6.04 -4.77
CA GLU A 63 4.84 -5.15 -3.79
C GLU A 63 5.40 -3.90 -4.46
N PHE A 64 5.18 -2.74 -3.85
CA PHE A 64 5.66 -1.48 -4.40
C PHE A 64 5.60 -0.37 -3.35
N VAL A 65 6.02 0.83 -3.73
CA VAL A 65 6.01 1.97 -2.83
C VAL A 65 5.19 3.12 -3.41
N ILE A 66 4.23 3.59 -2.62
CA ILE A 66 3.36 4.69 -3.05
C ILE A 66 3.71 5.98 -2.31
N THR A 67 3.89 7.06 -3.06
CA THR A 67 4.22 8.34 -2.48
C THR A 67 2.97 9.13 -2.10
N LEU A 68 2.97 9.71 -0.91
CA LEU A 68 1.83 10.48 -0.42
C LEU A 68 2.09 11.98 -0.59
N GLN A 69 1.63 12.53 -1.70
CA GLN A 69 1.79 13.95 -1.98
C GLN A 69 0.94 14.80 -1.02
N ILE A 70 1.39 14.92 0.22
CA ILE A 70 0.67 15.69 1.22
C ILE A 70 0.48 17.13 0.76
N GLU A 71 -0.75 17.48 0.40
CA GLU A 71 -1.06 18.83 -0.05
C GLU A 71 -0.52 19.87 0.93
N GLU A 72 -0.90 19.74 2.19
CA GLU A 72 -0.46 20.67 3.22
C GLU A 72 -0.28 19.96 4.56
N PRO A 73 0.94 20.05 5.12
CA PRO A 73 2.04 20.79 4.50
C PRO A 73 2.57 20.11 3.25
N LYS A 74 3.04 20.92 2.30
CA LYS A 74 3.58 20.39 1.04
C LYS A 74 4.86 19.59 1.29
N VAL A 75 4.71 18.35 1.73
CA VAL A 75 5.84 17.49 2.00
C VAL A 75 5.73 16.17 1.25
N LYS A 76 6.79 15.38 1.29
CA LYS A 76 6.81 14.08 0.60
C LYS A 76 6.94 12.95 1.62
N ILE A 77 6.26 11.83 1.34
CA ILE A 77 6.31 10.67 2.22
C ILE A 77 6.23 9.38 1.42
N ASP A 78 7.12 8.43 1.74
CA ASP A 78 7.15 7.15 1.06
C ASP A 78 6.40 6.09 1.87
N LEU A 79 5.47 5.40 1.21
CA LEU A 79 4.70 4.36 1.87
C LEU A 79 5.00 3.00 1.26
N GLN A 80 5.55 2.10 2.08
CA GLN A 80 5.88 0.75 1.62
C GLN A 80 4.70 -0.19 1.80
N VAL A 81 4.05 -0.52 0.68
CA VAL A 81 2.90 -1.42 0.72
C VAL A 81 3.29 -2.83 0.30
N THR A 82 2.80 -3.82 1.04
CA THR A 82 3.09 -5.21 0.75
C THR A 82 1.87 -6.09 0.94
N MET A 83 1.30 -6.57 -0.18
CA MET A 83 0.12 -7.42 -0.13
C MET A 83 0.46 -8.83 -0.58
N PRO A 84 0.30 -9.81 0.33
CA PRO A 84 0.58 -11.21 0.05
C PRO A 84 -0.44 -11.82 -0.91
N HIS A 85 -0.45 -13.15 -0.99
CA HIS A 85 -1.37 -13.86 -1.87
C HIS A 85 -2.73 -14.04 -1.21
N SER A 86 -2.86 -13.54 0.02
CA SER A 86 -4.10 -13.65 0.76
C SER A 86 -4.92 -12.36 0.65
N TYR A 87 -4.33 -11.26 1.08
CA TYR A 87 -5.00 -9.96 1.04
C TYR A 87 -5.91 -9.86 -0.18
N PRO A 88 -6.99 -9.08 -0.04
CA PRO A 88 -7.29 -8.36 1.20
C PRO A 88 -7.71 -9.29 2.33
N TYR A 89 -7.76 -10.58 2.03
CA TYR A 89 -8.14 -11.58 3.03
C TYR A 89 -7.54 -11.24 4.39
N LEU A 90 -6.23 -11.03 4.43
CA LEU A 90 -5.54 -10.70 5.66
C LEU A 90 -5.21 -9.22 5.72
N ALA A 91 -4.46 -8.82 6.75
CA ALA A 91 -4.07 -7.43 6.92
C ALA A 91 -2.67 -7.18 6.37
N LEU A 92 -2.60 -6.68 5.14
CA LEU A 92 -1.31 -6.41 4.51
C LEU A 92 -0.39 -5.65 5.45
N GLN A 93 0.86 -5.48 5.04
CA GLN A 93 1.84 -4.77 5.85
C GLN A 93 2.23 -3.44 5.21
N LEU A 94 2.24 -2.39 6.01
CA LEU A 94 2.58 -1.05 5.52
C LEU A 94 3.66 -0.41 6.39
N PHE A 95 4.55 0.35 5.77
CA PHE A 95 5.63 1.02 6.49
C PHE A 95 5.99 2.34 5.81
N GLY A 96 5.58 3.45 6.43
CA GLY A 96 5.87 4.76 5.88
C GLY A 96 7.14 5.36 6.45
N ARG A 97 8.06 5.75 5.58
CA ARG A 97 9.33 6.34 6.00
C ARG A 97 9.61 7.62 5.23
N SER A 98 10.03 8.66 5.95
CA SER A 98 10.32 9.94 5.34
C SER A 98 11.57 10.57 5.98
N SER A 99 12.29 11.36 5.19
CA SER A 99 13.50 12.02 5.67
C SER A 99 13.16 13.01 6.79
N GLU A 100 12.07 13.75 6.61
CA GLU A 100 11.65 14.74 7.60
C GLU A 100 11.19 14.05 8.88
N LEU A 101 10.33 13.06 8.74
CA LEU A 101 9.81 12.32 9.89
C LEU A 101 10.91 11.46 10.52
N ASP A 102 10.98 11.48 11.85
CA ASP A 102 11.98 10.70 12.58
C ASP A 102 11.45 9.31 12.88
N ARG A 103 12.32 8.46 13.43
CA ARG A 103 11.94 7.10 13.78
C ARG A 103 10.72 7.08 14.69
N HIS A 104 10.82 7.78 15.81
CA HIS A 104 9.73 7.85 16.77
C HIS A 104 8.44 8.32 16.09
N GLN A 105 8.48 9.51 15.51
CA GLN A 105 7.32 10.07 14.82
C GLN A 105 6.65 9.02 13.94
N GLN A 106 7.46 8.36 13.10
CA GLN A 106 6.95 7.34 12.20
C GLN A 106 6.10 6.32 12.95
N LEU A 107 6.69 5.66 13.94
CA LEU A 107 5.99 4.67 14.73
C LEU A 107 4.55 5.12 15.03
N LEU A 108 4.42 6.39 15.43
CA LEU A 108 3.11 6.94 15.75
C LEU A 108 2.21 6.96 14.51
N LEU A 109 2.77 7.38 13.39
CA LEU A 109 2.02 7.44 12.14
C LEU A 109 1.62 6.04 11.68
N ASN A 110 2.62 5.17 11.50
CA ASN A 110 2.37 3.80 11.07
C ASN A 110 1.32 3.13 11.95
N LYS A 111 1.64 3.01 13.24
CA LYS A 111 0.72 2.39 14.19
C LYS A 111 -0.71 2.84 13.95
N GLY A 112 -0.90 4.14 13.84
CA GLY A 112 -2.23 4.68 13.61
C GLY A 112 -2.83 4.20 12.30
N LEU A 113 -1.98 4.05 11.29
CA LEU A 113 -2.44 3.59 9.98
C LEU A 113 -2.82 2.11 10.01
N THR A 114 -1.91 1.29 10.54
CA THR A 114 -2.14 -0.15 10.64
C THR A 114 -3.50 -0.44 11.28
N SER A 115 -3.78 0.23 12.38
CA SER A 115 -5.03 0.03 13.10
C SER A 115 -6.22 0.38 12.20
N TYR A 116 -6.12 1.51 11.51
CA TYR A 116 -7.18 1.96 10.61
C TYR A 116 -7.48 0.91 9.54
N ILE A 117 -6.42 0.27 9.05
CA ILE A 117 -6.56 -0.75 8.02
C ILE A 117 -7.02 -2.07 8.62
N GLY A 118 -6.60 -2.33 9.86
CA GLY A 118 -6.98 -3.56 10.53
C GLY A 118 -8.48 -3.69 10.68
N THR A 119 -9.19 -2.57 10.60
CA THR A 119 -10.65 -2.57 10.73
C THR A 119 -11.31 -3.13 9.49
N PHE A 120 -10.77 -2.78 8.33
CA PHE A 120 -11.31 -3.25 7.06
C PHE A 120 -11.58 -4.76 7.11
N ASP A 121 -12.49 -5.22 6.26
CA ASP A 121 -12.84 -6.63 6.20
C ASP A 121 -12.30 -7.28 4.93
N PRO A 122 -12.15 -8.61 4.96
CA PRO A 122 -11.63 -9.37 3.82
C PRO A 122 -12.63 -9.41 2.65
N GLY A 123 -12.13 -9.12 1.45
CA GLY A 123 -12.99 -9.13 0.28
C GLY A 123 -12.86 -7.86 -0.53
N GLU A 124 -12.64 -6.74 0.14
CA GLU A 124 -12.50 -5.46 -0.53
C GLU A 124 -11.07 -4.95 -0.43
N LEU A 125 -10.81 -3.81 -1.07
CA LEU A 125 -9.48 -3.21 -1.07
C LEU A 125 -9.27 -2.37 0.19
N CYS A 126 -8.02 -2.25 0.62
CA CYS A 126 -7.69 -1.46 1.80
C CYS A 126 -6.64 -0.41 1.48
N VAL A 127 -5.58 -0.82 0.80
CA VAL A 127 -4.50 0.10 0.43
C VAL A 127 -5.06 1.39 -0.14
N CYS A 128 -6.18 1.28 -0.84
CA CYS A 128 -6.82 2.44 -1.45
C CYS A 128 -7.19 3.48 -0.39
N ALA A 129 -7.70 3.00 0.75
CA ALA A 129 -8.10 3.88 1.83
C ALA A 129 -6.86 4.46 2.54
N ALA A 130 -5.92 3.59 2.89
CA ALA A 130 -4.71 4.02 3.56
C ALA A 130 -4.19 5.33 2.99
N ILE A 131 -4.18 5.43 1.67
CA ILE A 131 -3.71 6.63 0.99
C ILE A 131 -4.40 7.88 1.54
N GLN A 132 -5.72 7.95 1.35
CA GLN A 132 -6.49 9.09 1.82
C GLN A 132 -6.33 9.27 3.33
N TRP A 133 -6.61 8.19 4.08
CA TRP A 133 -6.50 8.24 5.53
C TRP A 133 -5.24 8.97 5.97
N LEU A 134 -4.10 8.57 5.41
CA LEU A 134 -2.83 9.21 5.73
C LEU A 134 -2.90 10.71 5.52
N GLN A 135 -3.11 11.11 4.27
CA GLN A 135 -3.20 12.53 3.94
C GLN A 135 -3.85 13.32 5.07
N ASP A 136 -5.10 13.00 5.37
CA ASP A 136 -5.83 13.67 6.43
C ASP A 136 -5.09 13.57 7.76
N ASN A 137 -4.74 12.35 8.15
CA ASN A 137 -4.02 12.11 9.40
C ASN A 137 -2.51 12.17 9.18
N SER A 138 -2.03 13.32 8.71
CA SER A 138 -0.61 13.51 8.45
C SER A 138 -0.10 14.78 9.12
N ALA A 139 -0.75 15.90 8.83
CA ALA A 139 -0.36 17.18 9.40
C ALA A 139 -0.41 17.13 10.93
N SER A 140 -1.40 16.44 11.47
CA SER A 140 -1.56 16.32 12.91
C SER A 140 -0.21 16.10 13.58
N TYR A 141 0.59 15.19 13.02
CA TYR A 141 1.91 14.89 13.57
C TYR A 141 2.89 16.03 13.31
N PHE A 142 3.14 16.31 12.04
CA PHE A 142 4.05 17.38 11.66
C PHE A 142 3.91 18.58 12.59
N LEU A 143 2.66 18.91 12.92
CA LEU A 143 2.38 20.04 13.80
C LEU A 143 3.44 20.15 14.90
N ASN A 144 4.31 21.15 14.77
CA ASN A 144 5.37 21.38 15.75
C ASN A 144 6.31 20.18 15.80
N ARG A 145 6.74 19.71 14.62
CA ARG A 145 7.65 18.57 14.55
C ARG A 145 8.92 18.83 15.34
N LYS A 146 9.63 17.76 15.68
CA LYS A 146 10.86 17.87 16.44
C LYS A 146 12.06 18.08 15.52
N LEU A 147 12.56 19.31 15.46
CA LEU A 147 13.70 19.63 14.61
C LEU A 147 14.81 20.30 15.42
N VAL A 148 16.05 20.08 15.00
CA VAL A 148 17.19 20.67 15.69
C VAL A 148 17.69 21.92 14.97
N SER A 149 18.10 22.92 15.74
CA SER A 149 18.58 24.18 15.18
C SER A 149 19.77 23.94 14.25
N GLY A 150 19.90 24.78 13.24
CA GLY A 150 20.99 24.64 12.29
C GLY A 150 21.38 25.96 11.66
N PRO A 151 22.70 26.22 11.60
CA PRO A 151 23.24 27.46 11.03
C PRO A 151 23.06 27.51 9.51
N SER A 152 23.33 28.68 8.93
CA SER A 152 23.20 28.86 7.49
C SER A 152 23.68 30.24 7.07
N SER A 153 24.03 30.38 5.80
CA SER A 153 24.51 31.65 5.28
C SER A 153 24.44 31.68 3.75
N GLY A 154 24.41 32.88 3.19
CA GLY A 154 24.34 33.02 1.74
C GLY A 154 24.25 34.46 1.30
N GLY A 1 -10.63 -27.08 -4.21
CA GLY A 1 -11.73 -26.60 -3.40
C GLY A 1 -12.75 -25.80 -4.21
N SER A 2 -14.00 -25.85 -3.77
CA SER A 2 -15.06 -25.12 -4.47
C SER A 2 -16.01 -24.46 -3.47
N SER A 3 -16.07 -23.13 -3.52
CA SER A 3 -16.93 -22.38 -2.62
C SER A 3 -18.28 -22.09 -3.27
N GLY A 4 -19.19 -21.49 -2.49
CA GLY A 4 -20.51 -21.18 -3.02
C GLY A 4 -21.37 -20.46 -2.00
N SER A 5 -21.98 -21.22 -1.10
CA SER A 5 -22.85 -20.64 -0.07
C SER A 5 -22.03 -19.89 0.96
N SER A 6 -21.01 -20.55 1.52
CA SER A 6 -20.16 -19.94 2.52
C SER A 6 -18.81 -20.65 2.58
N GLY A 7 -17.75 -19.88 2.86
CA GLY A 7 -16.42 -20.45 2.94
C GLY A 7 -15.50 -19.65 3.84
N MET A 8 -14.54 -20.32 4.47
CA MET A 8 -13.60 -19.67 5.36
C MET A 8 -12.41 -19.12 4.57
N SER A 9 -11.82 -19.96 3.73
CA SER A 9 -10.67 -19.57 2.93
C SER A 9 -10.91 -19.88 1.45
N ALA A 10 -10.76 -18.86 0.61
CA ALA A 10 -10.95 -19.02 -0.82
C ALA A 10 -9.61 -19.27 -1.53
N SER A 11 -9.69 -19.64 -2.81
CA SER A 11 -8.50 -19.90 -3.60
C SER A 11 -7.76 -18.61 -3.93
N VAL A 12 -6.45 -18.60 -3.70
CA VAL A 12 -5.64 -17.43 -3.99
C VAL A 12 -6.13 -16.70 -5.24
N LYS A 13 -6.52 -17.48 -6.25
CA LYS A 13 -7.01 -16.92 -7.50
C LYS A 13 -7.82 -15.64 -7.25
N GLU A 14 -8.96 -15.78 -6.59
CA GLU A 14 -9.81 -14.64 -6.28
C GLU A 14 -9.00 -13.51 -5.65
N SER A 15 -8.23 -13.83 -4.62
CA SER A 15 -7.41 -12.84 -3.94
C SER A 15 -6.58 -12.04 -4.93
N LEU A 16 -5.77 -12.74 -5.72
CA LEU A 16 -4.92 -12.09 -6.71
C LEU A 16 -5.76 -11.22 -7.66
N GLN A 17 -6.80 -11.82 -8.23
CA GLN A 17 -7.67 -11.10 -9.15
C GLN A 17 -7.98 -9.70 -8.63
N LEU A 18 -8.20 -9.59 -7.32
CA LEU A 18 -8.51 -8.31 -6.70
C LEU A 18 -7.26 -7.42 -6.64
N GLN A 19 -6.10 -8.05 -6.39
CA GLN A 19 -4.85 -7.32 -6.30
C GLN A 19 -4.61 -6.51 -7.57
N LEU A 20 -4.92 -7.09 -8.72
CA LEU A 20 -4.74 -6.42 -10.00
C LEU A 20 -5.79 -5.34 -10.20
N LEU A 21 -6.96 -5.54 -9.62
CA LEU A 21 -8.05 -4.58 -9.72
C LEU A 21 -7.66 -3.23 -9.12
N GLU A 22 -7.25 -3.28 -7.84
CA GLU A 22 -6.85 -2.06 -7.14
C GLU A 22 -5.66 -1.40 -7.83
N MET A 23 -4.76 -2.22 -8.35
CA MET A 23 -3.58 -1.72 -9.04
C MET A 23 -3.95 -0.70 -10.10
N GLU A 24 -4.90 -1.06 -10.95
CA GLU A 24 -5.35 -0.16 -12.02
C GLU A 24 -5.80 1.18 -11.44
N MET A 25 -6.63 1.14 -10.41
CA MET A 25 -7.13 2.34 -9.77
C MET A 25 -5.97 3.20 -9.24
N LEU A 26 -4.94 2.53 -8.74
CA LEU A 26 -3.78 3.23 -8.21
C LEU A 26 -3.08 4.04 -9.29
N PHE A 27 -2.85 3.42 -10.44
CA PHE A 27 -2.20 4.10 -11.55
C PHE A 27 -2.94 5.37 -11.92
N SER A 28 -4.25 5.27 -12.11
CA SER A 28 -5.07 6.42 -12.47
C SER A 28 -5.02 7.48 -11.39
N MET A 29 -5.08 7.04 -10.14
CA MET A 29 -5.04 7.96 -9.00
C MET A 29 -3.72 8.72 -8.96
N PHE A 30 -2.66 8.07 -9.46
CA PHE A 30 -1.34 8.68 -9.47
C PHE A 30 -0.83 8.84 -10.90
N PRO A 31 -1.26 9.91 -11.57
CA PRO A 31 -0.87 10.20 -12.95
C PRO A 31 0.60 10.61 -13.06
N ASN A 32 1.03 11.48 -12.15
CA ASN A 32 2.42 11.95 -12.15
C ASN A 32 3.39 10.79 -11.97
N GLN A 33 3.91 10.28 -13.08
CA GLN A 33 4.85 9.16 -13.04
C GLN A 33 5.85 9.33 -11.91
N GLY A 34 6.07 8.27 -11.15
CA GLY A 34 7.01 8.32 -10.05
C GLY A 34 6.40 7.83 -8.75
N GLU A 35 5.18 8.29 -8.46
CA GLU A 35 4.49 7.89 -7.23
C GLU A 35 4.67 6.39 -6.97
N VAL A 36 4.02 5.58 -7.80
CA VAL A 36 4.10 4.13 -7.66
C VAL A 36 5.42 3.59 -8.21
N LYS A 37 6.13 2.83 -7.39
CA LYS A 37 7.41 2.25 -7.79
C LYS A 37 7.32 0.73 -7.87
N LEU A 38 7.09 0.22 -9.07
CA LEU A 38 6.98 -1.22 -9.28
C LEU A 38 8.34 -1.83 -9.63
N GLU A 39 8.93 -2.55 -8.68
CA GLU A 39 10.22 -3.18 -8.89
C GLU A 39 10.21 -4.04 -10.15
N ASP A 40 9.02 -4.34 -10.65
CA ASP A 40 8.87 -5.16 -11.84
C ASP A 40 7.42 -5.18 -12.31
N VAL A 41 7.15 -4.55 -13.45
CA VAL A 41 5.81 -4.50 -14.01
C VAL A 41 5.30 -5.90 -14.34
N ASN A 42 6.19 -6.87 -14.31
CA ASN A 42 5.83 -8.25 -14.60
C ASN A 42 5.09 -8.89 -13.42
N ALA A 43 5.11 -8.20 -12.28
CA ALA A 43 4.44 -8.68 -11.08
C ALA A 43 2.94 -8.85 -11.32
N LEU A 44 2.39 -8.02 -12.19
CA LEU A 44 0.97 -8.07 -12.50
C LEU A 44 0.69 -9.13 -13.56
N THR A 45 1.60 -9.26 -14.52
CA THR A 45 1.46 -10.24 -15.59
C THR A 45 1.50 -11.67 -15.05
N ASN A 46 2.65 -12.03 -14.47
CA ASN A 46 2.83 -13.36 -13.91
C ASN A 46 1.54 -13.86 -13.25
N ILE A 47 0.93 -13.00 -12.43
CA ILE A 47 -0.30 -13.34 -11.74
C ILE A 47 -1.36 -13.80 -12.72
N LYS A 48 -1.60 -13.00 -13.75
CA LYS A 48 -2.60 -13.31 -14.77
C LYS A 48 -2.39 -14.73 -15.29
N ARG A 49 -1.19 -15.27 -15.10
CA ARG A 49 -0.87 -16.61 -15.56
C ARG A 49 -1.34 -17.66 -14.56
N TYR A 50 -1.28 -17.31 -13.28
CA TYR A 50 -1.69 -18.22 -12.22
C TYR A 50 -3.20 -18.42 -12.23
N LEU A 51 -3.93 -17.32 -12.40
CA LEU A 51 -5.39 -17.36 -12.44
C LEU A 51 -5.88 -18.42 -13.43
N GLU A 52 -5.08 -18.67 -14.45
CA GLU A 52 -5.43 -19.66 -15.48
C GLU A 52 -4.89 -21.03 -15.12
N GLY A 53 -3.76 -21.05 -14.41
CA GLY A 53 -3.15 -22.30 -14.00
C GLY A 53 -2.12 -22.79 -15.01
N THR A 54 -1.50 -21.85 -15.72
CA THR A 54 -0.48 -22.20 -16.72
C THR A 54 0.92 -22.09 -16.14
N ARG A 55 1.03 -21.43 -14.98
CA ARG A 55 2.32 -21.26 -14.32
C ARG A 55 2.30 -21.85 -12.91
N GLU A 56 2.42 -23.17 -12.83
CA GLU A 56 2.41 -23.87 -11.55
C GLU A 56 3.14 -23.04 -10.49
N ALA A 57 4.36 -22.61 -10.82
CA ALA A 57 5.17 -21.82 -9.89
C ALA A 57 4.42 -20.56 -9.46
N LEU A 58 4.20 -20.44 -8.16
CA LEU A 58 3.49 -19.28 -7.62
C LEU A 58 4.13 -17.98 -8.09
N PRO A 59 3.31 -17.11 -8.69
CA PRO A 59 3.77 -15.81 -9.20
C PRO A 59 4.15 -14.84 -8.09
N PRO A 60 4.96 -13.83 -8.43
CA PRO A 60 5.43 -12.83 -7.48
C PRO A 60 4.30 -11.90 -7.03
N LYS A 61 4.15 -11.75 -5.72
CA LYS A 61 3.11 -10.89 -5.17
C LYS A 61 3.24 -9.47 -5.71
N ILE A 62 2.34 -8.59 -5.28
CA ILE A 62 2.36 -7.20 -5.72
C ILE A 62 2.87 -6.28 -4.61
N GLU A 63 4.15 -5.95 -4.68
CA GLU A 63 4.76 -5.08 -3.68
C GLU A 63 5.40 -3.86 -4.34
N PHE A 64 5.15 -2.68 -3.78
CA PHE A 64 5.70 -1.44 -4.31
C PHE A 64 5.61 -0.32 -3.28
N VAL A 65 6.12 0.85 -3.65
CA VAL A 65 6.10 2.00 -2.76
C VAL A 65 5.30 3.15 -3.37
N ILE A 66 4.38 3.70 -2.57
CA ILE A 66 3.55 4.81 -3.04
C ILE A 66 3.96 6.12 -2.36
N THR A 67 4.26 7.12 -3.17
CA THR A 67 4.67 8.43 -2.66
C THR A 67 3.46 9.28 -2.32
N LEU A 68 3.13 9.37 -1.03
CA LEU A 68 2.00 10.16 -0.57
C LEU A 68 2.23 11.64 -0.82
N GLN A 69 1.63 12.16 -1.88
CA GLN A 69 1.77 13.57 -2.22
C GLN A 69 0.89 14.44 -1.33
N ILE A 70 1.32 14.62 -0.08
CA ILE A 70 0.57 15.43 0.87
C ILE A 70 0.33 16.84 0.33
N GLU A 71 -0.93 17.28 0.40
CA GLU A 71 -1.29 18.60 -0.09
C GLU A 71 -0.75 19.69 0.83
N GLU A 72 -0.86 19.47 2.14
CA GLU A 72 -0.38 20.44 3.11
C GLU A 72 -0.19 19.77 4.48
N PRO A 73 1.03 19.87 5.03
CA PRO A 73 2.14 20.57 4.37
C PRO A 73 2.64 19.84 3.13
N LYS A 74 2.97 20.58 2.08
CA LYS A 74 3.46 20.00 0.84
C LYS A 74 4.76 19.25 1.09
N VAL A 75 4.65 17.99 1.51
CA VAL A 75 5.82 17.16 1.77
C VAL A 75 5.69 15.80 1.07
N LYS A 76 6.80 15.07 1.04
CA LYS A 76 6.82 13.75 0.40
C LYS A 76 6.96 12.65 1.45
N ILE A 77 6.27 11.54 1.22
CA ILE A 77 6.32 10.40 2.14
C ILE A 77 6.29 9.08 1.39
N ASP A 78 7.38 8.33 1.47
CA ASP A 78 7.47 7.04 0.80
C ASP A 78 6.77 5.95 1.61
N LEU A 79 5.71 5.38 1.04
CA LEU A 79 4.95 4.34 1.72
C LEU A 79 5.25 2.97 1.12
N GLN A 80 5.95 2.13 1.89
CA GLN A 80 6.30 0.79 1.44
C GLN A 80 5.15 -0.18 1.63
N VAL A 81 4.31 -0.32 0.61
CA VAL A 81 3.17 -1.22 0.67
C VAL A 81 3.57 -2.64 0.30
N THR A 82 2.89 -3.61 0.91
CA THR A 82 3.18 -5.02 0.64
C THR A 82 1.89 -5.84 0.61
N MET A 83 1.52 -6.29 -0.58
CA MET A 83 0.30 -7.09 -0.74
C MET A 83 0.65 -8.54 -1.04
N PRO A 84 0.45 -9.42 -0.04
CA PRO A 84 0.73 -10.85 -0.16
C PRO A 84 -0.24 -11.55 -1.10
N HIS A 85 -0.20 -12.88 -1.09
CA HIS A 85 -1.08 -13.68 -1.95
C HIS A 85 -2.47 -13.79 -1.33
N SER A 86 -2.54 -13.62 -0.01
CA SER A 86 -3.81 -13.71 0.70
C SER A 86 -4.61 -12.42 0.54
N TYR A 87 -3.99 -11.29 0.84
CA TYR A 87 -4.64 -10.00 0.73
C TYR A 87 -5.65 -10.00 -0.42
N PRO A 88 -6.75 -9.26 -0.23
CA PRO A 88 -7.00 -8.48 0.99
C PRO A 88 -7.30 -9.38 2.18
N TYR A 89 -7.78 -10.59 1.91
CA TYR A 89 -8.10 -11.54 2.97
C TYR A 89 -7.17 -11.37 4.16
N LEU A 90 -5.89 -11.16 3.87
CA LEU A 90 -4.89 -10.99 4.92
C LEU A 90 -4.59 -9.51 5.14
N ALA A 91 -4.02 -9.18 6.30
CA ALA A 91 -3.69 -7.81 6.62
C ALA A 91 -2.31 -7.44 6.09
N LEU A 92 -2.29 -6.80 4.92
CA LEU A 92 -1.03 -6.39 4.30
C LEU A 92 -0.11 -5.72 5.31
N GLN A 93 1.13 -5.48 4.91
CA GLN A 93 2.11 -4.83 5.78
C GLN A 93 2.55 -3.50 5.21
N LEU A 94 2.24 -2.42 5.93
CA LEU A 94 2.60 -1.07 5.49
C LEU A 94 3.66 -0.48 6.42
N PHE A 95 4.61 0.25 5.82
CA PHE A 95 5.68 0.88 6.59
C PHE A 95 6.16 2.15 5.90
N GLY A 96 5.90 3.29 6.53
CA GLY A 96 6.30 4.57 5.97
C GLY A 96 7.44 5.20 6.74
N ARG A 97 8.36 5.83 6.01
CA ARG A 97 9.51 6.48 6.64
C ARG A 97 9.93 7.71 5.85
N SER A 98 10.18 8.81 6.57
CA SER A 98 10.59 10.06 5.93
C SER A 98 11.66 10.77 6.76
N SER A 99 12.28 11.78 6.16
CA SER A 99 13.33 12.53 6.85
C SER A 99 12.73 13.53 7.84
N GLU A 100 11.81 14.36 7.34
CA GLU A 100 11.16 15.35 8.19
C GLU A 100 10.70 14.74 9.50
N LEU A 101 9.92 13.66 9.40
CA LEU A 101 9.41 12.98 10.59
C LEU A 101 10.54 12.32 11.37
N ASP A 102 10.30 12.08 12.65
CA ASP A 102 11.31 11.46 13.51
C ASP A 102 10.90 10.03 13.87
N ARG A 103 11.79 9.32 14.55
CA ARG A 103 11.52 7.94 14.95
C ARG A 103 10.25 7.86 15.79
N HIS A 104 10.17 8.71 16.81
CA HIS A 104 9.01 8.73 17.69
C HIS A 104 7.73 8.96 16.91
N GLN A 105 7.67 10.08 16.19
CA GLN A 105 6.50 10.42 15.38
C GLN A 105 6.12 9.27 14.46
N GLN A 106 7.06 8.87 13.60
CA GLN A 106 6.82 7.78 12.66
C GLN A 106 6.02 6.66 13.32
N LEU A 107 6.52 6.19 14.47
CA LEU A 107 5.85 5.12 15.20
C LEU A 107 4.36 5.41 15.36
N LEU A 108 4.04 6.66 15.66
CA LEU A 108 2.65 7.07 15.84
C LEU A 108 1.88 6.97 14.53
N LEU A 109 2.49 7.45 13.45
CA LEU A 109 1.86 7.41 12.13
C LEU A 109 1.63 5.97 11.68
N ASN A 110 2.69 5.18 11.69
CA ASN A 110 2.60 3.77 11.28
C ASN A 110 1.57 3.03 12.12
N LYS A 111 1.85 2.93 13.43
CA LYS A 111 0.95 2.24 14.35
C LYS A 111 -0.50 2.57 14.04
N GLY A 112 -0.80 3.87 13.89
CA GLY A 112 -2.15 4.29 13.60
C GLY A 112 -2.67 3.73 12.29
N LEU A 113 -1.82 3.77 11.25
CA LEU A 113 -2.20 3.26 9.95
C LEU A 113 -2.33 1.74 9.97
N THR A 114 -1.22 1.06 10.18
CA THR A 114 -1.22 -0.41 10.23
C THR A 114 -2.48 -0.94 10.90
N SER A 115 -2.77 -0.41 12.09
CA SER A 115 -3.95 -0.83 12.84
C SER A 115 -5.22 -0.53 12.06
N TYR A 116 -5.32 0.69 11.53
CA TYR A 116 -6.48 1.10 10.77
C TYR A 116 -6.77 0.13 9.63
N ILE A 117 -5.71 -0.42 9.05
CA ILE A 117 -5.84 -1.36 7.95
C ILE A 117 -6.14 -2.76 8.46
N GLY A 118 -5.63 -3.07 9.65
CA GLY A 118 -5.85 -4.38 10.24
C GLY A 118 -7.29 -4.60 10.66
N THR A 119 -8.09 -3.54 10.55
CA THR A 119 -9.50 -3.62 10.92
C THR A 119 -10.37 -3.96 9.72
N PHE A 120 -9.96 -3.49 8.55
CA PHE A 120 -10.70 -3.74 7.31
C PHE A 120 -11.17 -5.19 7.25
N ASP A 121 -12.18 -5.44 6.42
CA ASP A 121 -12.73 -6.78 6.27
C ASP A 121 -12.02 -7.53 5.15
N PRO A 122 -11.78 -8.84 5.37
CA PRO A 122 -11.11 -9.70 4.40
C PRO A 122 -11.97 -9.96 3.17
N GLY A 123 -11.75 -9.19 2.11
CA GLY A 123 -12.51 -9.35 0.89
C GLY A 123 -12.54 -8.10 0.04
N GLU A 124 -12.32 -6.95 0.68
CA GLU A 124 -12.32 -5.68 -0.03
C GLU A 124 -10.93 -5.07 -0.06
N LEU A 125 -10.79 -3.95 -0.78
CA LEU A 125 -9.50 -3.28 -0.90
C LEU A 125 -9.20 -2.46 0.36
N CYS A 126 -7.91 -2.35 0.69
CA CYS A 126 -7.49 -1.60 1.86
C CYS A 126 -6.48 -0.52 1.48
N VAL A 127 -5.56 -0.88 0.59
CA VAL A 127 -4.54 0.06 0.14
C VAL A 127 -5.15 1.33 -0.40
N CYS A 128 -6.37 1.22 -0.94
CA CYS A 128 -7.07 2.37 -1.51
C CYS A 128 -7.39 3.39 -0.41
N ALA A 129 -7.56 2.90 0.82
CA ALA A 129 -7.87 3.77 1.94
C ALA A 129 -6.60 4.29 2.60
N ALA A 130 -5.67 3.39 2.88
CA ALA A 130 -4.40 3.77 3.50
C ALA A 130 -3.86 5.07 2.92
N ILE A 131 -4.09 5.27 1.62
CA ILE A 131 -3.62 6.47 0.94
C ILE A 131 -4.33 7.72 1.47
N GLN A 132 -5.66 7.70 1.42
CA GLN A 132 -6.45 8.82 1.89
C GLN A 132 -6.25 9.04 3.38
N TRP A 133 -6.43 7.97 4.16
CA TRP A 133 -6.27 8.05 5.61
C TRP A 133 -5.02 8.84 5.98
N LEU A 134 -3.91 8.52 5.31
CA LEU A 134 -2.65 9.20 5.57
C LEU A 134 -2.75 10.68 5.22
N GLN A 135 -2.94 10.97 3.94
CA GLN A 135 -3.05 12.35 3.48
C GLN A 135 -3.80 13.21 4.49
N ASP A 136 -4.94 12.71 4.95
CA ASP A 136 -5.76 13.44 5.93
C ASP A 136 -5.07 13.45 7.29
N ASN A 137 -4.69 12.27 7.76
CA ASN A 137 -4.03 12.14 9.06
C ASN A 137 -2.51 12.26 8.92
N SER A 138 -2.07 13.27 8.18
CA SER A 138 -0.64 13.51 7.95
C SER A 138 -0.17 14.74 8.70
N ALA A 139 -0.88 15.85 8.52
CA ALA A 139 -0.54 17.10 9.18
C ALA A 139 -0.64 16.97 10.69
N SER A 140 -1.76 16.42 11.16
CA SER A 140 -1.98 16.25 12.59
C SER A 140 -0.70 15.82 13.30
N TYR A 141 0.05 14.93 12.65
CA TYR A 141 1.31 14.44 13.22
C TYR A 141 2.40 15.51 13.11
N PHE A 142 2.64 15.98 11.90
CA PHE A 142 3.66 16.99 11.66
C PHE A 142 3.54 18.13 12.66
N LEU A 143 2.35 18.71 12.74
CA LEU A 143 2.10 19.82 13.66
C LEU A 143 2.87 19.63 14.96
N ASN A 144 3.92 20.44 15.13
CA ASN A 144 4.74 20.36 16.34
C ASN A 144 5.63 21.60 16.47
N ARG A 145 6.23 21.77 17.64
CA ARG A 145 7.09 22.91 17.90
C ARG A 145 8.55 22.48 18.02
N LYS A 146 9.40 23.05 17.18
CA LYS A 146 10.82 22.72 17.19
C LYS A 146 11.67 23.95 17.49
N LEU A 147 12.80 23.74 18.15
CA LEU A 147 13.70 24.85 18.49
C LEU A 147 14.80 25.00 17.45
N VAL A 148 15.69 25.96 17.68
CA VAL A 148 16.79 26.22 16.75
C VAL A 148 17.95 26.91 17.45
N SER A 149 19.14 26.76 16.90
CA SER A 149 20.33 27.37 17.48
C SER A 149 21.02 28.29 16.47
N GLY A 150 22.08 28.96 16.91
CA GLY A 150 22.81 29.85 16.04
C GLY A 150 24.31 29.77 16.24
N PRO A 151 25.07 29.94 15.14
CA PRO A 151 26.53 29.88 15.17
C PRO A 151 27.14 31.08 15.90
N SER A 152 28.47 31.13 15.94
CA SER A 152 29.17 32.21 16.61
C SER A 152 30.17 32.88 15.66
N SER A 153 30.82 33.93 16.15
CA SER A 153 31.80 34.66 15.34
C SER A 153 32.77 35.43 16.24
N GLY A 154 33.78 36.04 15.61
CA GLY A 154 34.76 36.79 16.37
C GLY A 154 35.14 38.09 15.68
N GLY A 1 -10.46 -35.48 -10.90
CA GLY A 1 -9.98 -36.51 -9.99
C GLY A 1 -10.07 -36.08 -8.54
N SER A 2 -9.04 -36.39 -7.77
CA SER A 2 -9.01 -36.04 -6.35
C SER A 2 -8.71 -34.55 -6.17
N SER A 3 -9.73 -33.80 -5.77
CA SER A 3 -9.58 -32.36 -5.55
C SER A 3 -10.71 -31.82 -4.68
N GLY A 4 -10.60 -30.56 -4.28
CA GLY A 4 -11.61 -29.94 -3.46
C GLY A 4 -11.05 -28.87 -2.55
N SER A 5 -11.92 -28.25 -1.76
CA SER A 5 -11.50 -27.20 -0.84
C SER A 5 -11.44 -27.72 0.60
N SER A 6 -10.25 -28.17 1.00
CA SER A 6 -10.06 -28.69 2.35
C SER A 6 -8.94 -27.94 3.07
N GLY A 7 -9.31 -27.17 4.09
CA GLY A 7 -8.33 -26.42 4.85
C GLY A 7 -7.96 -25.12 4.17
N MET A 8 -8.97 -24.37 3.73
CA MET A 8 -8.74 -23.09 3.06
C MET A 8 -10.06 -22.36 2.83
N SER A 9 -10.11 -21.10 3.27
CA SER A 9 -11.32 -20.29 3.12
C SER A 9 -11.53 -19.92 1.66
N ALA A 10 -10.61 -19.14 1.10
CA ALA A 10 -10.70 -18.71 -0.28
C ALA A 10 -9.55 -19.29 -1.12
N SER A 11 -9.64 -19.10 -2.44
CA SER A 11 -8.61 -19.61 -3.34
C SER A 11 -7.69 -18.48 -3.80
N VAL A 12 -6.39 -18.70 -3.69
CA VAL A 12 -5.40 -17.71 -4.09
C VAL A 12 -5.84 -17.00 -5.37
N LYS A 13 -6.45 -17.76 -6.27
CA LYS A 13 -6.91 -17.21 -7.55
C LYS A 13 -7.67 -15.91 -7.33
N GLU A 14 -8.87 -16.01 -6.74
CA GLU A 14 -9.69 -14.84 -6.48
C GLU A 14 -8.86 -13.72 -5.85
N SER A 15 -8.08 -14.06 -4.84
CA SER A 15 -7.23 -13.08 -4.16
C SER A 15 -6.41 -12.28 -5.17
N LEU A 16 -5.44 -12.95 -5.79
CA LEU A 16 -4.58 -12.30 -6.77
C LEU A 16 -5.38 -11.35 -7.66
N GLN A 17 -6.52 -11.82 -8.14
CA GLN A 17 -7.37 -11.01 -9.00
C GLN A 17 -7.56 -9.61 -8.42
N LEU A 18 -7.99 -9.55 -7.17
CA LEU A 18 -8.21 -8.28 -6.49
C LEU A 18 -6.92 -7.44 -6.46
N GLN A 19 -5.78 -8.13 -6.45
CA GLN A 19 -4.49 -7.46 -6.43
C GLN A 19 -4.16 -6.87 -7.80
N LEU A 20 -4.89 -7.31 -8.82
CA LEU A 20 -4.68 -6.83 -10.17
C LEU A 20 -5.57 -5.63 -10.48
N LEU A 21 -6.87 -5.78 -10.24
CA LEU A 21 -7.82 -4.71 -10.48
C LEU A 21 -7.51 -3.50 -9.62
N GLU A 22 -6.94 -3.74 -8.45
CA GLU A 22 -6.59 -2.65 -7.53
C GLU A 22 -5.40 -1.86 -8.06
N MET A 23 -4.54 -2.54 -8.82
CA MET A 23 -3.36 -1.90 -9.39
C MET A 23 -3.76 -0.89 -10.47
N GLU A 24 -4.69 -1.29 -11.32
CA GLU A 24 -5.16 -0.42 -12.40
C GLU A 24 -5.85 0.82 -11.85
N MET A 25 -6.42 0.68 -10.65
CA MET A 25 -7.11 1.79 -10.01
C MET A 25 -6.12 2.74 -9.35
N LEU A 26 -4.97 2.21 -8.94
CA LEU A 26 -3.94 3.02 -8.30
C LEU A 26 -3.21 3.88 -9.31
N PHE A 27 -2.80 3.26 -10.41
CA PHE A 27 -2.08 3.97 -11.47
C PHE A 27 -2.81 5.27 -11.84
N SER A 28 -4.08 5.14 -12.20
CA SER A 28 -4.89 6.29 -12.58
C SER A 28 -4.82 7.37 -11.52
N MET A 29 -4.81 6.97 -10.26
CA MET A 29 -4.74 7.91 -9.14
C MET A 29 -3.38 8.60 -9.10
N PHE A 30 -2.34 7.87 -9.49
CA PHE A 30 -0.98 8.42 -9.49
C PHE A 30 -0.40 8.45 -10.91
N PRO A 31 -0.79 9.47 -11.68
CA PRO A 31 -0.34 9.63 -13.06
C PRO A 31 1.14 10.00 -13.14
N ASN A 32 1.60 10.80 -12.18
CA ASN A 32 2.99 11.23 -12.14
C ASN A 32 3.92 10.03 -11.96
N GLN A 33 4.44 9.52 -13.08
CA GLN A 33 5.34 8.37 -13.04
C GLN A 33 6.36 8.52 -11.92
N GLY A 34 6.85 7.38 -11.42
CA GLY A 34 7.82 7.41 -10.34
C GLY A 34 7.21 7.09 -8.99
N GLU A 35 6.04 7.68 -8.73
CA GLU A 35 5.35 7.45 -7.46
C GLU A 35 5.31 5.97 -7.11
N VAL A 36 4.56 5.20 -7.89
CA VAL A 36 4.45 3.77 -7.67
C VAL A 36 5.64 3.02 -8.25
N LYS A 37 6.52 2.55 -7.37
CA LYS A 37 7.70 1.81 -7.80
C LYS A 37 7.46 0.30 -7.76
N LEU A 38 7.27 -0.29 -8.93
CA LEU A 38 7.03 -1.73 -9.02
C LEU A 38 8.33 -2.49 -9.26
N GLU A 39 8.64 -3.41 -8.36
CA GLU A 39 9.85 -4.21 -8.47
C GLU A 39 9.96 -4.85 -9.85
N ASP A 40 8.82 -5.27 -10.38
CA ASP A 40 8.78 -5.90 -11.69
C ASP A 40 7.45 -5.64 -12.39
N VAL A 41 7.53 -5.13 -13.62
CA VAL A 41 6.33 -4.82 -14.39
C VAL A 41 5.62 -6.09 -14.83
N ASN A 42 6.30 -7.22 -14.71
CA ASN A 42 5.74 -8.50 -15.10
C ASN A 42 5.01 -9.15 -13.92
N ALA A 43 4.99 -8.46 -12.79
CA ALA A 43 4.33 -8.96 -11.60
C ALA A 43 2.83 -9.15 -11.83
N LEU A 44 2.21 -8.18 -12.50
CA LEU A 44 0.79 -8.24 -12.78
C LEU A 44 0.48 -9.29 -13.85
N THR A 45 1.28 -9.30 -14.91
CA THR A 45 1.10 -10.26 -15.99
C THR A 45 1.23 -11.69 -15.48
N ASN A 46 2.42 -12.05 -15.01
CA ASN A 46 2.67 -13.38 -14.50
C ASN A 46 1.45 -13.93 -13.77
N ILE A 47 0.85 -13.10 -12.94
CA ILE A 47 -0.35 -13.50 -12.19
C ILE A 47 -1.47 -13.93 -13.12
N LYS A 48 -1.86 -13.03 -14.02
CA LYS A 48 -2.93 -13.32 -14.97
C LYS A 48 -2.83 -14.75 -15.49
N ARG A 49 -1.59 -15.24 -15.63
CA ARG A 49 -1.35 -16.59 -16.11
C ARG A 49 -1.71 -17.62 -15.04
N TYR A 50 -1.29 -17.36 -13.81
CA TYR A 50 -1.57 -18.26 -12.70
C TYR A 50 -3.07 -18.46 -12.51
N LEU A 51 -3.83 -17.41 -12.82
CA LEU A 51 -5.28 -17.46 -12.68
C LEU A 51 -5.88 -18.49 -13.63
N GLU A 52 -5.27 -18.65 -14.80
CA GLU A 52 -5.74 -19.61 -15.79
C GLU A 52 -5.39 -21.03 -15.38
N GLY A 53 -4.32 -21.18 -14.63
CA GLY A 53 -3.89 -22.50 -14.18
C GLY A 53 -2.73 -23.04 -14.98
N THR A 54 -1.88 -22.15 -15.47
CA THR A 54 -0.72 -22.54 -16.27
C THR A 54 0.58 -22.26 -15.52
N ARG A 55 0.49 -22.17 -14.20
CA ARG A 55 1.66 -21.91 -13.37
C ARG A 55 1.59 -22.68 -12.06
N GLU A 56 2.60 -23.51 -11.81
CA GLU A 56 2.65 -24.30 -10.59
C GLU A 56 3.35 -23.55 -9.47
N ALA A 57 4.33 -22.73 -9.85
CA ALA A 57 5.09 -21.95 -8.88
C ALA A 57 4.39 -20.63 -8.58
N LEU A 58 4.05 -20.42 -7.31
CA LEU A 58 3.37 -19.20 -6.89
C LEU A 58 4.07 -17.97 -7.46
N PRO A 59 3.28 -17.10 -8.10
CA PRO A 59 3.81 -15.86 -8.69
C PRO A 59 4.25 -14.85 -7.65
N PRO A 60 5.11 -13.91 -8.07
CA PRO A 60 5.63 -12.86 -7.18
C PRO A 60 4.56 -11.85 -6.78
N LYS A 61 4.18 -11.86 -5.51
CA LYS A 61 3.17 -10.94 -5.01
C LYS A 61 3.39 -9.54 -5.55
N ILE A 62 2.39 -8.67 -5.38
CA ILE A 62 2.48 -7.30 -5.86
C ILE A 62 2.97 -6.37 -4.75
N GLU A 63 4.27 -6.07 -4.77
CA GLU A 63 4.86 -5.18 -3.78
C GLU A 63 5.49 -3.96 -4.43
N PHE A 64 5.11 -2.78 -3.95
CA PHE A 64 5.63 -1.54 -4.49
C PHE A 64 5.62 -0.43 -3.43
N VAL A 65 6.04 0.76 -3.82
CA VAL A 65 6.08 1.90 -2.91
C VAL A 65 5.32 3.09 -3.49
N ILE A 66 4.43 3.66 -2.69
CA ILE A 66 3.64 4.80 -3.12
C ILE A 66 4.06 6.07 -2.39
N THR A 67 4.35 7.12 -3.16
CA THR A 67 4.78 8.39 -2.59
C THR A 67 3.58 9.26 -2.22
N LEU A 68 3.36 9.45 -0.92
CA LEU A 68 2.25 10.26 -0.45
C LEU A 68 2.58 11.74 -0.51
N GLN A 69 2.13 12.41 -1.57
CA GLN A 69 2.39 13.83 -1.75
C GLN A 69 1.43 14.67 -0.89
N ILE A 70 1.64 14.61 0.43
CA ILE A 70 0.80 15.36 1.36
C ILE A 70 0.64 16.82 0.91
N GLU A 71 -0.58 17.19 0.56
CA GLU A 71 -0.86 18.56 0.10
C GLU A 71 -0.39 19.57 1.14
N GLU A 72 -0.93 19.47 2.35
CA GLU A 72 -0.57 20.38 3.43
C GLU A 72 -0.49 19.64 4.77
N PRO A 73 0.69 19.70 5.41
CA PRO A 73 1.84 20.44 4.87
C PRO A 73 2.43 19.77 3.64
N LYS A 74 3.14 20.55 2.84
CA LYS A 74 3.77 20.03 1.62
C LYS A 74 5.05 19.26 1.96
N VAL A 75 4.92 17.95 2.09
CA VAL A 75 6.07 17.09 2.41
C VAL A 75 5.99 15.77 1.64
N LYS A 76 7.11 15.06 1.61
CA LYS A 76 7.17 13.77 0.92
C LYS A 76 7.30 12.62 1.91
N ILE A 77 6.48 11.60 1.74
CA ILE A 77 6.50 10.44 2.62
C ILE A 77 6.42 9.14 1.83
N ASP A 78 7.46 8.33 1.92
CA ASP A 78 7.51 7.05 1.21
C ASP A 78 6.69 5.99 1.95
N LEU A 79 5.66 5.48 1.29
CA LEU A 79 4.79 4.47 1.88
C LEU A 79 5.03 3.11 1.23
N GLN A 80 5.67 2.21 1.97
CA GLN A 80 5.96 0.88 1.46
C GLN A 80 4.75 -0.05 1.65
N VAL A 81 4.11 -0.40 0.54
CA VAL A 81 2.95 -1.28 0.58
C VAL A 81 3.31 -2.69 0.13
N THR A 82 2.93 -3.68 0.93
CA THR A 82 3.22 -5.07 0.61
C THR A 82 1.95 -5.92 0.69
N MET A 83 1.44 -6.31 -0.47
CA MET A 83 0.23 -7.13 -0.55
C MET A 83 0.59 -8.60 -0.72
N PRO A 84 0.12 -9.44 0.22
CA PRO A 84 0.38 -10.88 0.20
C PRO A 84 -0.38 -11.58 -0.93
N HIS A 85 -0.48 -12.90 -0.83
CA HIS A 85 -1.17 -13.69 -1.84
C HIS A 85 -2.67 -13.79 -1.53
N SER A 86 -2.99 -13.72 -0.24
CA SER A 86 -4.38 -13.81 0.20
C SER A 86 -5.11 -12.50 -0.04
N TYR A 87 -4.46 -11.40 0.32
CA TYR A 87 -5.05 -10.07 0.14
C TYR A 87 -5.96 -10.04 -1.09
N PRO A 88 -7.05 -9.27 -1.00
CA PRO A 88 -7.38 -8.51 0.20
C PRO A 88 -7.80 -9.40 1.37
N TYR A 89 -7.68 -10.72 1.16
CA TYR A 89 -8.05 -11.68 2.20
C TYR A 89 -6.93 -11.83 3.21
N LEU A 90 -6.11 -10.80 3.35
CA LEU A 90 -5.00 -10.81 4.29
C LEU A 90 -4.72 -9.42 4.83
N ALA A 91 -4.02 -9.35 5.96
CA ALA A 91 -3.70 -8.08 6.59
C ALA A 91 -2.40 -7.51 6.01
N LEU A 92 -2.48 -6.96 4.80
CA LEU A 92 -1.32 -6.37 4.14
C LEU A 92 -0.47 -5.57 5.14
N GLN A 93 0.77 -5.29 4.75
CA GLN A 93 1.68 -4.53 5.62
C GLN A 93 1.99 -3.17 4.99
N LEU A 94 1.74 -2.11 5.75
CA LEU A 94 2.00 -0.75 5.27
C LEU A 94 2.95 -0.03 6.21
N PHE A 95 4.07 0.44 5.67
CA PHE A 95 5.07 1.16 6.46
C PHE A 95 5.47 2.47 5.77
N GLY A 96 5.11 3.59 6.40
CA GLY A 96 5.44 4.89 5.83
C GLY A 96 6.61 5.54 6.54
N ARG A 97 7.70 5.76 5.81
CA ARG A 97 8.89 6.37 6.37
C ARG A 97 9.26 7.64 5.59
N SER A 98 9.56 8.71 6.32
CA SER A 98 9.93 9.98 5.70
C SER A 98 11.07 10.64 6.48
N SER A 99 12.02 11.23 5.73
CA SER A 99 13.16 11.88 6.35
C SER A 99 12.70 12.96 7.33
N GLU A 100 11.61 13.64 6.99
CA GLU A 100 11.07 14.70 7.85
C GLU A 100 10.70 14.15 9.21
N LEU A 101 9.70 13.27 9.23
CA LEU A 101 9.24 12.66 10.48
C LEU A 101 10.37 11.94 11.19
N ASP A 102 10.45 12.13 12.50
CA ASP A 102 11.50 11.50 13.30
C ASP A 102 11.02 10.16 13.86
N ARG A 103 11.96 9.34 14.32
CA ARG A 103 11.64 8.03 14.88
C ARG A 103 10.30 8.08 15.62
N HIS A 104 10.21 8.97 16.60
CA HIS A 104 8.99 9.11 17.39
C HIS A 104 7.78 9.29 16.48
N GLN A 105 7.83 10.31 15.62
CA GLN A 105 6.73 10.58 14.70
C GLN A 105 6.40 9.35 13.86
N GLN A 106 7.33 8.96 13.00
CA GLN A 106 7.14 7.80 12.14
C GLN A 106 6.40 6.70 12.88
N LEU A 107 6.79 6.45 14.12
CA LEU A 107 6.17 5.41 14.95
C LEU A 107 4.70 5.76 15.22
N LEU A 108 4.48 6.95 15.76
CA LEU A 108 3.13 7.40 16.08
C LEU A 108 2.22 7.30 14.86
N LEU A 109 2.71 7.77 13.72
CA LEU A 109 1.95 7.74 12.48
C LEU A 109 1.61 6.30 12.09
N ASN A 110 2.65 5.49 11.93
CA ASN A 110 2.46 4.09 11.56
C ASN A 110 1.47 3.40 12.49
N LYS A 111 1.75 3.46 13.79
CA LYS A 111 0.89 2.83 14.78
C LYS A 111 -0.59 3.08 14.45
N GLY A 112 -0.91 4.32 14.10
CA GLY A 112 -2.28 4.65 13.77
C GLY A 112 -2.74 3.99 12.48
N LEU A 113 -1.91 4.05 11.45
CA LEU A 113 -2.24 3.45 10.16
C LEU A 113 -2.33 1.93 10.28
N THR A 114 -1.21 1.30 10.64
CA THR A 114 -1.18 -0.15 10.78
C THR A 114 -2.47 -0.67 11.38
N SER A 115 -2.85 -0.13 12.54
CA SER A 115 -4.08 -0.54 13.21
C SER A 115 -5.31 -0.14 12.41
N TYR A 116 -5.23 1.02 11.77
CA TYR A 116 -6.35 1.53 10.97
C TYR A 116 -6.68 0.57 9.83
N ILE A 117 -5.71 -0.25 9.45
CA ILE A 117 -5.89 -1.22 8.38
C ILE A 117 -6.34 -2.57 8.92
N GLY A 118 -5.84 -2.92 10.11
CA GLY A 118 -6.19 -4.19 10.73
C GLY A 118 -7.68 -4.32 10.95
N THR A 119 -8.39 -3.20 10.87
CA THR A 119 -9.83 -3.19 11.07
C THR A 119 -10.57 -3.70 9.84
N PHE A 120 -10.16 -3.21 8.67
CA PHE A 120 -10.77 -3.61 7.41
C PHE A 120 -11.03 -5.11 7.39
N ASP A 121 -12.16 -5.51 6.82
CA ASP A 121 -12.52 -6.92 6.73
C ASP A 121 -11.98 -7.55 5.45
N PRO A 122 -11.86 -8.88 5.45
CA PRO A 122 -11.34 -9.63 4.30
C PRO A 122 -12.32 -9.62 3.12
N GLY A 123 -11.80 -9.31 1.94
CA GLY A 123 -12.64 -9.27 0.76
C GLY A 123 -12.52 -7.95 0.01
N GLU A 124 -12.60 -6.85 0.75
CA GLU A 124 -12.51 -5.52 0.15
C GLU A 124 -11.08 -4.99 0.22
N LEU A 125 -10.79 -4.01 -0.63
CA LEU A 125 -9.45 -3.41 -0.67
C LEU A 125 -9.18 -2.62 0.61
N CYS A 126 -7.90 -2.45 0.92
CA CYS A 126 -7.50 -1.71 2.12
C CYS A 126 -6.53 -0.60 1.76
N VAL A 127 -5.54 -0.92 0.93
CA VAL A 127 -4.54 0.06 0.51
C VAL A 127 -5.19 1.33 0.00
N CYS A 128 -6.27 1.17 -0.77
CA CYS A 128 -6.99 2.31 -1.33
C CYS A 128 -7.45 3.25 -0.23
N ALA A 129 -7.63 2.70 0.98
CA ALA A 129 -8.07 3.50 2.11
C ALA A 129 -6.88 4.14 2.84
N ALA A 130 -5.81 3.36 3.01
CA ALA A 130 -4.61 3.86 3.67
C ALA A 130 -4.20 5.21 3.12
N ILE A 131 -4.04 5.29 1.80
CA ILE A 131 -3.64 6.53 1.16
C ILE A 131 -4.45 7.71 1.67
N GLN A 132 -5.77 7.67 1.44
CA GLN A 132 -6.66 8.73 1.89
C GLN A 132 -6.49 8.99 3.38
N TRP A 133 -6.49 7.91 4.17
CA TRP A 133 -6.34 8.03 5.61
C TRP A 133 -5.11 8.86 5.97
N LEU A 134 -3.94 8.36 5.63
CA LEU A 134 -2.69 9.06 5.91
C LEU A 134 -2.83 10.56 5.65
N GLN A 135 -3.12 10.91 4.39
CA GLN A 135 -3.29 12.31 4.02
C GLN A 135 -3.95 13.10 5.14
N ASP A 136 -5.05 12.57 5.67
CA ASP A 136 -5.78 13.23 6.75
C ASP A 136 -5.01 13.13 8.06
N ASN A 137 -4.51 11.94 8.37
CA ASN A 137 -3.76 11.71 9.59
C ASN A 137 -2.27 11.96 9.36
N SER A 138 -1.95 13.06 8.70
CA SER A 138 -0.56 13.41 8.42
C SER A 138 -0.18 14.73 9.10
N ALA A 139 -0.99 15.76 8.86
CA ALA A 139 -0.74 17.07 9.46
C ALA A 139 -0.75 17.00 10.98
N SER A 140 -1.80 16.38 11.52
CA SER A 140 -1.94 16.24 12.97
C SER A 140 -0.58 16.00 13.63
N TYR A 141 0.28 15.26 12.95
CA TYR A 141 1.60 14.96 13.47
C TYR A 141 2.60 16.06 13.09
N PHE A 142 2.58 16.46 11.83
CA PHE A 142 3.48 17.49 11.34
C PHE A 142 3.14 18.84 11.96
N LEU A 143 1.97 19.39 11.59
CA LEU A 143 1.53 20.67 12.10
C LEU A 143 2.68 21.67 12.14
N ASN A 144 3.47 21.69 11.07
CA ASN A 144 4.61 22.61 10.98
C ASN A 144 4.31 23.74 10.02
N ARG A 145 4.45 24.97 10.50
CA ARG A 145 4.20 26.15 9.67
C ARG A 145 5.50 26.71 9.11
N LYS A 146 5.60 26.74 7.78
CA LYS A 146 6.79 27.25 7.11
C LYS A 146 6.42 28.23 6.01
N LEU A 147 6.96 29.44 6.09
CA LEU A 147 6.69 30.47 5.10
C LEU A 147 7.96 30.88 4.36
N VAL A 148 8.21 30.22 3.24
CA VAL A 148 9.39 30.52 2.44
C VAL A 148 9.02 31.22 1.13
N SER A 149 7.95 30.74 0.50
CA SER A 149 7.49 31.31 -0.76
C SER A 149 7.47 32.84 -0.68
N GLY A 150 7.91 33.49 -1.76
CA GLY A 150 7.94 34.94 -1.79
C GLY A 150 7.51 35.49 -3.14
N PRO A 151 7.03 36.74 -3.14
CA PRO A 151 6.58 37.41 -4.35
C PRO A 151 7.73 37.75 -5.31
N SER A 152 7.39 38.25 -6.49
CA SER A 152 8.39 38.60 -7.48
C SER A 152 9.17 37.36 -7.93
N SER A 153 8.45 36.26 -8.11
CA SER A 153 9.08 35.01 -8.53
C SER A 153 9.89 35.22 -9.81
N GLY A 154 9.25 35.73 -10.85
CA GLY A 154 9.93 35.97 -12.11
C GLY A 154 10.21 37.44 -12.34
#